data_9FU0
#
_entry.id   9FU0
#
_cell.length_a   1.00
_cell.length_b   1.00
_cell.length_c   1.00
_cell.angle_alpha   90.00
_cell.angle_beta   90.00
_cell.angle_gamma   90.00
#
_symmetry.space_group_name_H-M   'P 1'
#
loop_
_entity.id
_entity.type
_entity.pdbx_description
1 polymer 'Cytochrome bc1 complex cytochrome c subunit'
2 polymer 'Cytochrome bc1 complex cytochrome c subunit'
3 polymer 'Cytochrome bc1 complex cytochrome b subunit'
4 polymer 'Transmembrane protein'
5 polymer 'Probable cytochrome c oxidase subunit 3'
6 polymer 'Cytochrome c oxidase polypeptide 4'
7 polymer 'Cytochrome c oxidase subunit 1'
8 polymer 'cytochrome-c oxidase'
9 polymer 'Cytochrome c oxidase subunit'
10 polymer 'Uncharacterized protein MSMEG_4692/MSMEI_4575'
11 polymer 'LpqE protein'
12 polymer 'Superoxide dismutase [Cu-Zn]'
13 non-polymer 'acyl-phosphatidyl-myo-inositol dimannoside (AcPIM2)'
14 non-polymer 'HEME C'
15 non-polymer MENAQUINONE-9
16 non-polymer CARDIOLIPIN
17 non-polymer 'FE2/S2 (INORGANIC) CLUSTER'
18 non-polymer '(2R)-2-(hexadecanoyloxy)-3-{[(S)-hydroxy{[(1R,2R,3R,4R,5R,6S)-2,3,4,5,6-pentahydroxycyclohexyl]oxy}phosphoryl]oxy}propyl (9S)-9-methyloctadecanoate'
19 non-polymer '(1R)-2-(dodecanoyloxy)-1-[(phosphonooxy)methyl]ethyl tetradecanoate'
20 non-polymer '[(2~{R})-3-[[(1~{S},2~{R},3~{S},4~{S},5~{R},6~{R})-2-[(2~{R},3~{S},4~{S},5~{S},6~{R})-6-[[(2~{S},3~{S},4~{S},5~{S},6~{R})-6-[[(2~{S},3~{S},4~{S},5~{S},6~{R})-6-(hydroxymethyl)-3-[(2~{R},3~{S},4~{S},5~{S},6~{R})-6-(hydroxymethyl)-3,4,5-tris(oxidanyl)oxan-2-yl]oxy-4,5-bis(oxidanyl)oxan-2-yl]oxymethyl]-3,4,5-tris(oxidanyl)oxan-2-yl]oxymethyl]-3,4,5-tris(oxidanyl)oxan-2-yl]oxy-3,4,5-tris(oxidanyl)-6-[(2~{R},3~{S},4~{S},5~{S},6~{R})-3,4,5-tris(oxidanyl)-6-(undecanoyloxymethyl)oxan-2-yl]oxy-cyclohexyl]oxy-oxidanyl-phosphoryl]oxy-2-undecanoyloxy-propyl] (10~{R})-10-methyldodecanoate'
21 non-polymer 'PROTOPORPHYRIN IX CONTAINING FE'
22 non-polymer TRIDECANE
23 non-polymer 1,2-Distearoyl-sn-glycerophosphoethanolamine
24 non-polymer HEME-A
25 non-polymer 'COPPER (II) ION'
26 non-polymer 'CALCIUM ION'
27 non-polymer 'MAGNESIUM ION'
28 non-polymer '(2S)-1-(hexadecanoyloxy)propan-2-yl (10S)-10-methyloctadecanoate'
29 non-polymer 'PALMITIC ACID'
30 water water
#
loop_
_entity_poly.entity_id
_entity_poly.type
_entity_poly.pdbx_seq_one_letter_code
_entity_poly.pdbx_strand_id
1 'polypeptide(L)'
;MHHHHHHMGSMTSKSRRRLRRRLSAGLLLLIGLAVAGGVAATLTPQPQVAVADESQSALLRTGKQLFETSCVSCHGANLQ
GVPDRGPSLIGTGEAAVYFQVSTGRMPAMRGEAQAPSKPPHFDESQIDALGAYVQANGGGPTVPRDDHGAVAQESLIGGD
VARGGDLFRLNCASCHNFTGKGGALSSGKYAPDLGDANPAQIYTAMLTGPQNMPKFSDRQLTPDEKRDIVAYVRESAETP
SYGGYGLGGFGPAPEGMAMWIIGMVAAIGVAMWIGSRA
;
O
2 'polypeptide(L)'
;MDRIASMSQDSPDIKGTDAPGQTGVPGQPTDAELAEMSREELVKLGGKIDGVETIFKEPRWPVPGTKAEKRTERLVAYWL
MLGGLSGLALLLVFLFWPWEYQPFGSEGEFLYSLATPLYGLTFGLSILSIGIGAVLFQKKFIPEEISVQDRHDGRSPEVH
RKTVAANLTDALEGSTLKRRKVIGLSLGIGLGAFGAGTLVAFIGGLIKNPWKPVVPTAEGKKAVLWTSGWTPRFKGETIY
LARATGRPGESPFVKMRPEDIDAGGMETVFPWRESDGDGTTVESEHKLTEIAMGVRNPVMLIRIKPADMHRVIKRKGQES
FNFGELFAYTKVCSHLGCPSSLYEQQTYRILCPCHQSQFDALEFAKPIFGPAARALAQLPITIDEDGYLVANGDFVEPVG
PAFWERKS
;
M,G
3 'polypeptide(L)'
;MSPDFAKLAAAQGDAIDSRYHPSAAVRRQLNKVFPTHWSFLLGEIALYSFIILLLTGVWLTLFFDPSMAHVTYDGVYQPL
RGVQMSRAYETALDISFEVRGGLFVRQVHHWAALMFAASIMVHLARIFFTGAFRRPREANWVIGSLLLILAMFEGFFGYS
LPDDLLSGTGIRAALSGITMGIPVIGTWMHWALFGGDFPGEILIPRLYALHILLIPGIILALIGAHLALVWFQKHTQFPG
PGRTETNVVGVRVMPVFAVKSGAFFAMITGVLGLMGGLLTINPIWNLGPYKPSQVSAGSQPDFYMMWTDGLIRLWPAWEF
YPFGHTIPQGVWVAVGMGLVFALLIAYPFIEKKVTGDDAHHNLLQRPRDVPVRTAIGSMAIALYLLLTFACMNDIIALKF
HISLNATTWIGRIGMVVLPAIVYFVAYRWAISLQRSDREVLEHGVETGIIKRLPHGAYVELHQPLGPVDEHGHPIPLEYA
GAPLPKRMNKLGSGGAPGTGSFLFPDPAVEHEALTEAAHASEHKSLTALKEHQDRIHGNGETNGHHKLDYKDDDDK
;
N,H
4 'polypeptide(L)'
;MSSTQDRSQLDPEEQPVANTEVERHTGVDVEDVPSAEWGWSHMPIGVMHIGGLLSAAFLLVMMRGNHVGHVEDWFLIGFA
AVIVALVGRNWWLRRRGWIR
;
P
5 'polypeptide(L)'
;MTSAVGTSGTAITSRVHSLNRPNMVSVGTIVWLSSELMFFAGLFAMYFTARAQAGGAWPPEPTELNLALAVPVTLVLIAS
SFTCQMGVFAAERGDVFGLRRWYVITFLMGLFFVLGQGYEYIHLVEHGTTIPGSAYGSVFYLATGFHGLHVIGGLVAFVL
LLARTKMSKFTPAQATAAIVVSYYWHFVDIVWIALFATIYFVR
;
S
6 'polypeptide(L)'
;MHIEARLFEILTAFFALAAVVYAVLTAMFATGGVEWAGTTALVLTTGLTLITGTFFRFVARRLDTRPEDYEDAEISDGAG
ELGFFAPHSWWPILISLSFSTAAVGAALWLPWLIAAGVAFVITSVCGLVFEYYWGPEKH
;
T
7 'polypeptide(L)'
;MVAEAPPIGELEARRPFPERMGPKGNLIYKLITTTDHKLIGIMYCVVCFAFFLVGGLMALFMRTELAMPGLQFLSNEQFN
QLFTMHGTVMLLFYATPIVFGFANLVLPLQIGAPDVAFPRLNALSFWLFLFGALIAIAGFITPGGAADFGWTAYSPLTDA
IHSPGAGGDLWIMGLAVGGLGTILGGVNMITTVVCMRAPGMTMFRMPIFTWNILVTSILVLIAFPILTAALFGLAADRHL
GAHIYDPANGGVLLWQHLFWFFGHPEVYIIALPFFGIVSEIFPVFSRKPIFGYTTLIYATLAIAALSVAVWAHHMYATGA
VLLPFFSFMTFLIAVPTGIKFFNWIGTMWKGQLTFETPMLFSVGFLITFLLGGLSGVLLASPPLDFHVTDSYFVIAHFHY
VLFGTIVFATYAGIYFWFPKMTGRLLDERLGKLHFWLTFIGFHTTFLVQHWLGDEGMPRRYADYLPTDGFTTLNVISTVG
AFILGVSMLPFVWNVFKSWRYGEPVTVDDPWGYGNSLEWATSCPPPRHNFTELPRIRSERPAFELHYPHMVERMRAEAHV
GRAHHPELETADKSS
;
R
8 'polypeptide(L)'
;MTPRGFRVVALSIVLGGSALLLSGCSWSDALALGWPTGITPEAKLNRELWIGSVIASFAVGAIVWGLIFWTSAFHRKKAT
DTELPRQFGYNMPLELTLTVIPFLIISVLFYFTVVVQERMMHKDPNPEVVIDVTAFQWNWKFGYQKIAFADGSFDYDGAD
PERKEAMTSRPEGKDEHGIEKVGPIRGMTPEDRTYLNFDKIETLGTSSEIPVLVLPAGKRIEFVLNSADVIHGFWVPEFL
FKRDVLPEPKANNSDNVFQVSEIQQTGAFVGRCTEMCGTFHAMMNFEVRVVEPNDFKAYIDQRNAGKTNAEALAAINQPP
LAITTEPFESRRGELVPQASK
;
Q
9 'polypeptide(L)' MSTALTHGLIGGVPLVLFAVLALIFLTRKGPHPDTYKMSDPWTHAPILWAAEEPREHGHGGHGHDSHGVVIGGGASGKW U
10 'polypeptide(L)'
;MASGDIATVANAELDLPYGSALTSSGRISAVTEPGELSVHYPFPTMDLVVLDDALKYGSRAAKARFAVYIGPLGADTAAT
AREILANVPTPENAVLLAVSPDQRAIEVVYGADVKGRGIESAAPLGVSAAAASFKEGNLIDGLISAVRVMSAGVSPA
;
V
11 'polypeptide(L)'
;MNRFSSRAGLAVCGLATAVALTACSAGQISQTTTQEPAVNGVNAQAGQVSLRNVHLRAPQQTDYVEPGTTVELLFVAAND
STEGSNKLKSITSDVGEVTLTGDSTVPADGVLIVGEPDGQIQAVENAEAADAVTAEVELTKPITNGLLYDFTFTFEDGET
TVAVPISAGEQPRRPVPPAGPGSSEH
;
W
12 'polypeptide(L)'
;MLKPVSVAVLFATPVLALSACSPPGETASSEPGTTPAIWTGSPSPAAPSGEDHGGGHGAGAAGAGETLTAELKTADGTSV
ATADFQFADGFATVTIETTTPGRLTPGFHGVHIHSVGKCEANSVAPTGGAPGDFNSAGGHFQVSGHSGHPASGDLSSLQV
RADGSGKLVTTTDAFTAEDLLDGAKTAIIIHEKADNFANIPPERYQQVNGAPGPDQTTMATGDAGSRVACGVISAG
;
Y,c
#
loop_
_chem_comp.id
_chem_comp.type
_chem_comp.name
_chem_comp.formula
3PE non-polymer 1,2-Distearoyl-sn-glycerophosphoethanolamine 'C41 H82 N O8 P'
7PH non-polymer '(1R)-2-(dodecanoyloxy)-1-[(phosphonooxy)methyl]ethyl tetradecanoate' 'C29 H57 O8 P'
9XX non-polymer '(2S)-1-(hexadecanoyloxy)propan-2-yl (10S)-10-methyloctadecanoate' 'C38 H74 O4'
9YF non-polymer '(2R)-2-(hexadecanoyloxy)-3-{[(S)-hydroxy{[(1R,2R,3R,4R,5R,6S)-2,3,4,5,6-pentahydroxycyclohexyl]oxy}phosphoryl]oxy}propyl (9S)-9-methyloctadecanoate' 'C44 H85 O13 P'
CA non-polymer 'CALCIUM ION' 'Ca 2'
CDL non-polymer CARDIOLIPIN 'C81 H156 O17 P2 -2'
CU non-polymer 'COPPER (II) ION' 'Cu 2'
FES non-polymer 'FE2/S2 (INORGANIC) CLUSTER' 'Fe2 S2'
HEA non-polymer HEME-A 'C49 H56 Fe N4 O6'
HEC non-polymer 'HEME C' 'C34 H34 Fe N4 O4'
HEM non-polymer 'PROTOPORPHYRIN IX CONTAINING FE' 'C34 H32 Fe N4 O4'
IZL non-polymer '[(2~{R})-3-[[(1~{S},2~{R},3~{S},4~{S},5~{R},6~{R})-2-[(2~{R},3~{S},4~{S},5~{S},6~{R})-6-[[(2~{S},3~{S},4~{S},5~{S},6~{R})-6-[[(2~{S},3~{S},4~{S},5~{S},6~{R})-6-(hydroxymethyl)-3-[(2~{R},3~{S},4~{S},5~{S},6~{R})-6-(hydroxymethyl)-3,4,5-tris(oxidanyl)oxan-2-yl]oxy-4,5-bis(oxidanyl)oxan-2-yl]oxymethyl]-3,4,5-tris(oxidanyl)oxan-2-yl]oxymethyl]-3,4,5-tris(oxidanyl)oxan-2-yl]oxy-3,4,5-tris(oxidanyl)-6-[(2~{R},3~{S},4~{S},5~{S},6~{R})-3,4,5-tris(oxidanyl)-6-(undecanoyloxymethyl)oxan-2-yl]oxy-cyclohexyl]oxy-oxidanyl-phosphoryl]oxy-2-undecanoyloxy-propyl] (10~{R})-10-methyldodecanoate' 'C74 H133 O39 P'
MG non-polymer 'MAGNESIUM ION' 'Mg 2'
MQ9 non-polymer MENAQUINONE-9 'C56 H80 O2'
PLM non-polymer 'PALMITIC ACID' 'C16 H32 O2'
TRD non-polymer TRIDECANE 'C13 H28'
WUO non-polymer 'acyl-phosphatidyl-myo-inositol dimannoside (AcPIM2)' 'C72 H135 O24 P'
#
# COMPACT_ATOMS: atom_id res chain seq x y z
N GLN A 56 21.49 45.99 -20.88
CA GLN A 56 22.76 46.11 -20.19
C GLN A 56 23.79 45.14 -20.77
N SER A 57 24.83 45.68 -21.41
CA SER A 57 25.83 44.83 -22.06
C SER A 57 26.56 43.95 -21.06
N ALA A 58 26.68 44.40 -19.80
CA ALA A 58 27.32 43.58 -18.79
C ALA A 58 26.53 42.31 -18.52
N LEU A 59 25.19 42.42 -18.50
CA LEU A 59 24.36 41.24 -18.23
C LEU A 59 24.46 40.21 -19.35
N LEU A 60 24.45 40.66 -20.61
CA LEU A 60 24.57 39.73 -21.73
C LEU A 60 25.94 39.06 -21.75
N ARG A 61 27.01 39.82 -21.49
CA ARG A 61 28.34 39.24 -21.49
C ARG A 61 28.51 38.25 -20.35
N THR A 62 27.96 38.56 -19.17
CA THR A 62 28.04 37.64 -18.04
C THR A 62 27.30 36.35 -18.33
N GLY A 63 26.12 36.44 -18.97
CA GLY A 63 25.36 35.25 -19.28
C GLY A 63 26.08 34.34 -20.26
N LYS A 64 26.66 34.94 -21.31
CA LYS A 64 27.47 34.15 -22.24
C LYS A 64 28.69 33.55 -21.55
N GLN A 65 29.22 34.25 -20.54
CA GLN A 65 30.39 33.74 -19.82
C GLN A 65 30.02 32.52 -18.98
N LEU A 66 28.81 32.49 -18.42
CA LEU A 66 28.33 31.29 -17.75
C LEU A 66 28.02 30.19 -18.77
N PHE A 67 27.44 30.56 -19.91
CA PHE A 67 27.08 29.58 -20.93
C PHE A 67 28.31 28.86 -21.47
N GLU A 68 29.39 29.61 -21.69
CA GLU A 68 30.60 29.02 -22.28
C GLU A 68 31.18 27.91 -21.41
N THR A 69 31.02 28.02 -20.09
CA THR A 69 31.55 27.02 -19.17
C THR A 69 30.49 26.05 -18.65
N SER A 70 29.23 26.27 -18.97
CA SER A 70 28.26 25.33 -18.39
C SER A 70 27.41 24.60 -19.44
N CYS A 71 27.08 25.23 -20.56
CA CYS A 71 26.04 24.74 -21.44
C CYS A 71 26.52 24.37 -22.84
N VAL A 72 27.77 24.69 -23.20
CA VAL A 72 28.22 24.46 -24.57
C VAL A 72 28.37 22.97 -24.85
N SER A 73 28.50 22.15 -23.82
CA SER A 73 28.69 20.72 -24.02
C SER A 73 27.49 20.06 -24.68
N CYS A 74 26.28 20.50 -24.32
CA CYS A 74 25.06 19.92 -24.87
C CYS A 74 24.28 20.87 -25.78
N HIS A 75 24.57 22.17 -25.72
CA HIS A 75 23.82 23.14 -26.54
C HIS A 75 24.70 23.81 -27.58
N GLY A 76 26.03 23.67 -27.51
CA GLY A 76 26.93 24.31 -28.45
C GLY A 76 27.25 25.75 -28.06
N ALA A 77 28.21 26.32 -28.80
CA ALA A 77 28.64 27.68 -28.51
C ALA A 77 27.65 28.73 -28.99
N ASN A 78 26.97 28.47 -30.11
CA ASN A 78 26.04 29.43 -30.70
C ASN A 78 24.57 29.05 -30.44
N LEU A 79 24.33 28.23 -29.42
CA LEU A 79 22.99 27.83 -28.99
C LEU A 79 22.23 27.04 -30.06
N GLN A 80 22.95 26.42 -31.00
CA GLN A 80 22.26 25.65 -32.04
C GLN A 80 21.85 24.26 -31.57
N GLY A 81 22.41 23.78 -30.46
CA GLY A 81 22.09 22.46 -29.96
C GLY A 81 22.98 21.38 -30.54
N VAL A 82 23.49 20.50 -29.69
CA VAL A 82 24.32 19.37 -30.10
C VAL A 82 23.39 18.19 -30.40
N PRO A 83 23.43 17.63 -31.61
CA PRO A 83 22.51 16.54 -31.95
C PRO A 83 22.66 15.35 -31.00
N ASP A 84 21.52 14.76 -30.63
CA ASP A 84 21.45 13.60 -29.73
C ASP A 84 22.04 13.90 -28.36
N ARG A 85 22.29 15.17 -28.04
CA ARG A 85 22.84 15.55 -26.75
C ARG A 85 22.03 16.67 -26.13
N GLY A 86 21.44 17.53 -26.96
CA GLY A 86 20.67 18.65 -26.50
C GLY A 86 20.04 19.43 -27.63
N PRO A 87 18.85 19.96 -27.42
CA PRO A 87 18.14 20.70 -28.46
C PRO A 87 18.69 22.12 -28.58
N SER A 88 18.08 22.88 -29.49
CA SER A 88 18.46 24.27 -29.69
C SER A 88 17.78 25.15 -28.66
N LEU A 89 18.50 26.18 -28.21
CA LEU A 89 17.98 27.14 -27.26
C LEU A 89 17.51 28.43 -27.93
N ILE A 90 17.46 28.45 -29.27
CA ILE A 90 17.02 29.63 -30.00
C ILE A 90 15.49 29.71 -29.94
N GLY A 91 14.98 30.84 -29.45
CA GLY A 91 13.56 31.05 -29.32
C GLY A 91 12.94 30.54 -28.05
N THR A 92 13.71 29.87 -27.19
CA THR A 92 13.17 29.38 -25.92
C THR A 92 12.78 30.55 -25.02
N GLY A 93 13.58 31.61 -24.99
CA GLY A 93 13.27 32.79 -24.21
C GLY A 93 13.86 32.73 -22.82
N GLU A 94 13.73 33.88 -22.12
CA GLU A 94 14.25 33.98 -20.76
C GLU A 94 13.45 33.13 -19.78
N ALA A 95 12.14 32.97 -20.03
CA ALA A 95 11.29 32.22 -19.10
C ALA A 95 11.73 30.77 -19.02
N ALA A 96 12.08 30.16 -20.14
CA ALA A 96 12.54 28.77 -20.12
C ALA A 96 13.83 28.63 -19.32
N VAL A 97 14.80 29.51 -19.58
CA VAL A 97 16.06 29.44 -18.85
C VAL A 97 15.85 29.70 -17.38
N TYR A 98 15.04 30.71 -17.05
CA TYR A 98 14.80 31.04 -15.64
C TYR A 98 14.21 29.85 -14.89
N PHE A 99 13.17 29.23 -15.45
CA PHE A 99 12.56 28.07 -14.80
C PHE A 99 13.56 26.92 -14.69
N GLN A 100 14.24 26.61 -15.80
CA GLN A 100 15.11 25.44 -15.83
C GLN A 100 16.30 25.59 -14.89
N VAL A 101 16.72 26.82 -14.61
CA VAL A 101 17.86 27.01 -13.71
C VAL A 101 17.41 27.21 -12.27
N SER A 102 16.34 27.97 -12.03
CA SER A 102 15.86 28.17 -10.67
C SER A 102 15.38 26.87 -10.06
N THR A 103 14.67 26.05 -10.84
CA THR A 103 14.30 24.73 -10.35
C THR A 103 15.50 23.80 -10.21
N GLY A 104 16.65 24.19 -10.74
CA GLY A 104 17.86 23.39 -10.63
C GLY A 104 17.99 22.28 -11.65
N ARG A 105 16.97 22.12 -12.48
CA ARG A 105 16.93 21.08 -13.54
C ARG A 105 18.19 21.15 -14.40
N MET A 106 18.64 22.35 -14.78
CA MET A 106 19.81 22.51 -15.61
C MET A 106 20.97 23.11 -14.81
N PRO A 107 22.22 22.76 -15.14
CA PRO A 107 22.60 21.89 -16.25
C PRO A 107 22.33 20.41 -15.97
N ALA A 108 21.93 19.67 -17.01
CA ALA A 108 21.73 18.25 -16.88
C ALA A 108 23.08 17.55 -16.73
N MET A 109 23.02 16.27 -16.35
CA MET A 109 24.23 15.48 -16.14
C MET A 109 24.27 14.20 -16.95
N ARG A 110 23.11 13.66 -17.34
CA ARG A 110 23.08 12.44 -18.12
C ARG A 110 21.75 12.34 -18.85
N GLY A 111 21.71 11.47 -19.86
CA GLY A 111 20.50 11.23 -20.62
C GLY A 111 19.68 10.07 -20.11
N GLU A 112 18.44 10.34 -19.70
CA GLU A 112 17.53 9.32 -19.18
C GLU A 112 16.11 9.71 -19.56
N ALA A 113 15.13 9.14 -18.85
CA ALA A 113 13.72 9.41 -19.15
C ALA A 113 13.34 10.86 -18.90
N GLN A 114 13.73 11.37 -17.73
CA GLN A 114 13.63 12.78 -17.34
C GLN A 114 14.85 13.13 -16.51
N ALA A 115 15.39 14.31 -16.73
CA ALA A 115 16.32 14.89 -15.77
C ALA A 115 15.53 15.33 -14.55
N PRO A 116 15.84 14.83 -13.35
CA PRO A 116 15.07 15.22 -12.16
C PRO A 116 15.54 16.55 -11.59
N SER A 117 14.74 17.06 -10.66
CA SER A 117 15.04 18.32 -9.99
C SER A 117 16.18 18.12 -9.00
N LYS A 118 16.91 19.21 -8.76
CA LYS A 118 18.07 19.19 -7.87
C LYS A 118 18.34 20.63 -7.43
N PRO A 119 19.17 20.82 -6.42
CA PRO A 119 19.47 22.19 -5.96
C PRO A 119 20.02 23.04 -7.08
N PRO A 120 19.66 24.33 -7.12
CA PRO A 120 20.10 25.19 -8.23
C PRO A 120 21.61 25.30 -8.30
N HIS A 121 22.13 25.38 -9.53
CA HIS A 121 23.61 25.48 -9.73
C HIS A 121 24.05 26.95 -9.75
N PHE A 122 23.13 27.87 -10.07
CA PHE A 122 23.47 29.32 -10.16
C PHE A 122 22.54 30.13 -9.24
N ASP A 123 23.02 31.27 -8.76
CA ASP A 123 22.25 32.17 -7.90
C ASP A 123 21.34 33.06 -8.75
N GLU A 124 20.50 33.86 -8.08
CA GLU A 124 19.48 34.63 -8.77
C GLU A 124 20.09 35.61 -9.78
N SER A 125 21.22 36.23 -9.42
CA SER A 125 21.87 37.15 -10.35
C SER A 125 22.35 36.42 -11.60
N GLN A 126 22.88 35.21 -11.44
CA GLN A 126 23.39 34.47 -12.59
C GLN A 126 22.28 33.95 -13.48
N ILE A 127 21.11 33.63 -12.91
CA ILE A 127 19.99 33.18 -13.73
C ILE A 127 19.52 34.29 -14.65
N ASP A 128 19.45 35.53 -14.14
CA ASP A 128 19.03 36.65 -14.97
C ASP A 128 20.01 36.88 -16.11
N ALA A 129 21.32 36.79 -15.83
CA ALA A 129 22.32 36.93 -16.89
C ALA A 129 22.20 35.81 -17.91
N LEU A 130 22.01 34.57 -17.44
CA LEU A 130 21.87 33.45 -18.36
C LEU A 130 20.61 33.57 -19.19
N GLY A 131 19.51 34.01 -18.57
CA GLY A 131 18.27 34.18 -19.32
C GLY A 131 18.36 35.28 -20.35
N ALA A 132 19.04 36.38 -20.01
CA ALA A 132 19.17 37.49 -20.95
C ALA A 132 19.98 37.09 -22.18
N TYR A 133 21.05 36.32 -21.98
CA TYR A 133 21.87 35.89 -23.11
C TYR A 133 21.08 35.01 -24.06
N VAL A 134 20.30 34.07 -23.53
CA VAL A 134 19.46 33.22 -24.37
C VAL A 134 18.33 34.04 -25.00
N GLN A 135 17.78 34.98 -24.23
CA GLN A 135 16.73 35.85 -24.76
C GLN A 135 17.25 36.69 -25.92
N ALA A 136 18.50 37.14 -25.84
CA ALA A 136 19.09 37.94 -26.91
C ALA A 136 19.25 37.15 -28.20
N ASN A 137 19.17 35.83 -28.15
CA ASN A 137 19.32 34.97 -29.32
C ASN A 137 17.97 34.30 -29.60
N GLY A 138 17.21 34.87 -30.53
CA GLY A 138 15.95 34.31 -30.95
C GLY A 138 14.74 34.80 -30.18
N GLY A 139 14.92 35.56 -29.10
CA GLY A 139 13.79 36.06 -28.35
C GLY A 139 13.05 34.94 -27.62
N GLY A 140 11.78 35.21 -27.35
CA GLY A 140 10.92 34.26 -26.68
C GLY A 140 10.21 34.85 -25.48
N PRO A 141 9.49 34.02 -24.75
CA PRO A 141 8.78 34.51 -23.55
C PRO A 141 9.74 34.95 -22.47
N THR A 142 9.30 35.91 -21.67
CA THR A 142 10.09 36.47 -20.58
C THR A 142 9.36 36.27 -19.25
N VAL A 143 10.14 36.07 -18.20
CA VAL A 143 9.56 35.87 -16.86
C VAL A 143 8.90 37.16 -16.41
N PRO A 144 7.71 37.10 -15.80
CA PRO A 144 7.09 38.33 -15.28
C PRO A 144 7.93 38.95 -14.17
N ARG A 145 7.90 40.28 -14.10
CA ARG A 145 8.67 41.03 -13.13
C ARG A 145 7.78 42.07 -12.47
N ASP A 146 8.17 42.47 -11.25
CA ASP A 146 7.44 43.46 -10.49
C ASP A 146 7.96 44.86 -10.82
N ASP A 147 7.55 45.86 -10.05
CA ASP A 147 7.98 47.22 -10.30
C ASP A 147 9.47 47.40 -10.05
N HIS A 148 10.01 46.73 -9.03
CA HIS A 148 11.42 46.85 -8.68
C HIS A 148 12.34 46.17 -9.68
N GLY A 149 11.81 45.40 -10.63
CA GLY A 149 12.62 44.70 -11.60
C GLY A 149 13.02 43.29 -11.20
N ALA A 150 12.70 42.87 -9.98
CA ALA A 150 12.98 41.51 -9.55
C ALA A 150 11.91 40.56 -10.11
N VAL A 151 12.10 39.27 -9.85
CA VAL A 151 11.14 38.27 -10.31
C VAL A 151 9.88 38.37 -9.48
N ALA A 152 8.73 38.47 -10.15
CA ALA A 152 7.46 38.65 -9.46
C ALA A 152 7.02 37.35 -8.80
N GLN A 153 6.81 37.40 -7.48
CA GLN A 153 6.36 36.25 -6.72
C GLN A 153 4.97 36.45 -6.12
N GLU A 154 4.78 37.51 -5.34
CA GLU A 154 3.49 37.71 -4.67
C GLU A 154 2.44 38.23 -5.64
N SER A 155 2.84 39.08 -6.59
CA SER A 155 1.89 39.68 -7.53
C SER A 155 1.29 38.67 -8.49
N LEU A 156 1.86 37.47 -8.60
CA LEU A 156 1.34 36.46 -9.50
C LEU A 156 0.22 35.63 -8.89
N ILE A 157 -0.12 35.86 -7.62
CA ILE A 157 -1.18 35.10 -6.97
C ILE A 157 -2.53 35.65 -7.41
N GLY A 158 -3.37 34.78 -7.96
CA GLY A 158 -4.70 35.21 -8.37
C GLY A 158 -5.65 35.37 -7.21
N GLY A 159 -6.70 36.16 -7.45
CA GLY A 159 -7.68 36.44 -6.41
C GLY A 159 -8.91 35.57 -6.49
N ASP A 160 -9.02 34.76 -7.54
CA ASP A 160 -10.17 33.88 -7.77
C ASP A 160 -9.64 32.45 -7.83
N VAL A 161 -9.66 31.77 -6.67
CA VAL A 161 -9.13 30.41 -6.60
C VAL A 161 -10.14 29.41 -7.17
N ALA A 162 -11.43 29.70 -7.08
CA ALA A 162 -12.45 28.77 -7.57
C ALA A 162 -12.29 28.52 -9.07
N ARG A 163 -12.02 29.58 -9.84
CA ARG A 163 -11.74 29.40 -11.26
C ARG A 163 -10.44 28.64 -11.47
N GLY A 164 -9.43 28.93 -10.64
CA GLY A 164 -8.17 28.21 -10.76
C GLY A 164 -8.27 26.73 -10.49
N GLY A 165 -9.14 26.35 -9.54
CA GLY A 165 -9.33 24.94 -9.25
C GLY A 165 -9.92 24.18 -10.41
N ASP A 166 -10.95 24.75 -11.05
CA ASP A 166 -11.54 24.11 -12.22
C ASP A 166 -10.55 24.05 -13.37
N LEU A 167 -9.80 25.12 -13.59
CA LEU A 167 -8.77 25.13 -14.63
C LEU A 167 -7.69 24.10 -14.33
N PHE A 168 -7.28 23.98 -13.07
CA PHE A 168 -6.29 22.97 -12.70
C PHE A 168 -6.83 21.57 -12.95
N ARG A 169 -8.10 21.32 -12.60
CA ARG A 169 -8.67 20.00 -12.80
C ARG A 169 -8.78 19.67 -14.29
N LEU A 170 -9.11 20.68 -15.11
CA LEU A 170 -9.28 20.41 -16.54
C LEU A 170 -7.94 20.22 -17.25
N ASN A 171 -6.94 21.05 -16.92
CA ASN A 171 -5.70 21.09 -17.68
C ASN A 171 -4.48 20.56 -16.93
N CYS A 172 -4.48 20.59 -15.60
CA CYS A 172 -3.30 20.27 -14.83
C CYS A 172 -3.42 18.98 -14.01
N ALA A 173 -4.60 18.68 -13.49
CA ALA A 173 -4.78 17.53 -12.61
C ALA A 173 -4.80 16.20 -13.35
N SER A 174 -4.46 16.18 -14.64
CA SER A 174 -4.37 14.92 -15.37
C SER A 174 -3.06 14.20 -15.11
N CYS A 175 -1.92 14.87 -15.34
CA CYS A 175 -0.62 14.30 -15.05
C CYS A 175 -0.34 14.29 -13.55
N HIS A 176 -0.57 15.42 -12.88
CA HIS A 176 -0.54 15.46 -11.42
C HIS A 176 -1.87 14.95 -10.88
N ASN A 177 -2.05 15.04 -9.57
CA ASN A 177 -3.33 14.72 -8.97
C ASN A 177 -4.07 16.00 -8.58
N PHE A 178 -5.22 15.82 -7.97
CA PHE A 178 -6.05 16.98 -7.54
C PHE A 178 -5.22 17.91 -6.67
N THR A 179 -4.58 17.40 -5.63
CA THR A 179 -3.84 18.25 -4.70
C THR A 179 -2.44 18.52 -5.23
N GLY A 180 -2.18 18.12 -6.47
CA GLY A 180 -0.89 18.37 -7.10
C GLY A 180 0.26 17.64 -6.45
N LYS A 181 0.09 16.35 -6.21
CA LYS A 181 1.15 15.54 -5.60
C LYS A 181 2.07 14.89 -6.61
N GLY A 182 1.67 14.81 -7.87
CA GLY A 182 2.47 14.20 -8.91
C GLY A 182 1.79 12.99 -9.52
N GLY A 183 2.45 12.44 -10.53
CA GLY A 183 1.93 11.27 -11.21
C GLY A 183 3.01 10.68 -12.09
N ALA A 184 2.72 9.49 -12.60
CA ALA A 184 3.65 8.76 -13.45
C ALA A 184 3.26 8.86 -14.91
N LEU A 185 4.24 9.16 -15.76
CA LEU A 185 4.02 9.25 -17.19
C LEU A 185 4.28 7.90 -17.86
N SER A 186 4.39 7.91 -19.19
CA SER A 186 4.40 6.68 -19.99
C SER A 186 5.46 5.68 -19.55
N SER A 187 6.74 5.99 -19.75
CA SER A 187 7.81 5.01 -19.51
C SER A 187 8.99 5.72 -18.85
N GLY A 188 9.11 5.54 -17.54
CA GLY A 188 10.19 6.16 -16.80
C GLY A 188 9.91 7.59 -16.35
N LYS A 189 9.19 8.33 -17.19
CA LYS A 189 8.87 9.72 -16.91
C LYS A 189 7.80 9.83 -15.82
N TYR A 190 7.77 10.97 -15.13
CA TYR A 190 6.83 11.17 -14.04
C TYR A 190 6.65 12.66 -13.80
N ALA A 191 5.44 13.05 -13.43
CA ALA A 191 5.18 14.44 -13.08
C ALA A 191 5.59 14.70 -11.64
N PRO A 192 6.43 15.71 -11.38
CA PRO A 192 6.91 15.96 -10.02
C PRO A 192 5.89 16.66 -9.14
N ASP A 193 6.21 16.69 -7.84
CA ASP A 193 5.35 17.36 -6.87
C ASP A 193 5.40 18.87 -7.06
N LEU A 194 4.27 19.52 -6.81
CA LEU A 194 4.14 20.96 -6.99
C LEU A 194 4.23 21.74 -5.68
N GLY A 195 4.58 21.08 -4.59
CA GLY A 195 4.60 21.73 -3.29
C GLY A 195 5.82 22.59 -3.01
N ASP A 196 6.83 22.55 -3.88
CA ASP A 196 8.05 23.32 -3.69
C ASP A 196 8.25 24.41 -4.72
N ALA A 197 7.37 24.53 -5.72
CA ALA A 197 7.54 25.50 -6.78
C ALA A 197 6.91 26.84 -6.39
N ASN A 198 7.69 27.92 -6.51
CA ASN A 198 7.16 29.24 -6.27
C ASN A 198 6.27 29.68 -7.43
N PRO A 199 5.42 30.69 -7.23
CA PRO A 199 4.46 31.06 -8.29
C PRO A 199 5.12 31.40 -9.61
N ALA A 200 6.29 32.04 -9.59
CA ALA A 200 6.97 32.37 -10.83
C ALA A 200 7.40 31.11 -11.56
N GLN A 201 7.86 30.09 -10.82
CA GLN A 201 8.23 28.83 -11.45
C GLN A 201 7.03 28.17 -12.13
N ILE A 202 5.88 28.18 -11.47
CA ILE A 202 4.67 27.62 -12.07
C ILE A 202 4.28 28.39 -13.32
N TYR A 203 4.35 29.72 -13.25
CA TYR A 203 4.01 30.55 -14.40
C TYR A 203 4.93 30.25 -15.58
N THR A 204 6.23 30.16 -15.32
CA THR A 204 7.18 29.87 -16.40
C THR A 204 7.01 28.45 -16.93
N ALA A 205 6.68 27.50 -16.07
CA ALA A 205 6.41 26.14 -16.53
C ALA A 205 5.21 26.11 -17.46
N MET A 206 4.16 26.86 -17.12
CA MET A 206 3.01 26.95 -18.02
C MET A 206 3.39 27.63 -19.34
N LEU A 207 4.18 28.70 -19.27
CA LEU A 207 4.58 29.39 -20.49
C LEU A 207 5.43 28.52 -21.40
N THR A 208 6.36 27.76 -20.83
CA THR A 208 7.43 27.13 -21.61
C THR A 208 7.17 25.66 -21.90
N GLY A 209 6.43 24.95 -21.05
CA GLY A 209 6.12 23.57 -21.34
C GLY A 209 7.33 22.66 -21.24
N PRO A 210 7.78 22.38 -20.02
CA PRO A 210 8.95 21.51 -19.83
C PRO A 210 8.74 20.15 -20.47
N GLN A 211 9.78 19.29 -20.39
CA GLN A 211 10.04 18.21 -21.34
C GLN A 211 8.80 17.61 -21.97
N ASN A 212 7.89 17.08 -21.17
CA ASN A 212 6.63 16.55 -21.67
C ASN A 212 5.52 17.22 -20.89
N MET A 213 5.15 18.41 -21.35
CA MET A 213 4.09 19.24 -20.79
C MET A 213 3.59 20.15 -21.89
N PRO A 214 2.34 20.00 -22.33
CA PRO A 214 1.83 20.85 -23.41
C PRO A 214 2.02 22.33 -23.11
N LYS A 215 2.64 23.05 -24.04
CA LYS A 215 2.89 24.47 -23.83
C LYS A 215 1.58 25.23 -23.76
N PHE A 216 1.42 26.04 -22.71
CA PHE A 216 0.23 26.86 -22.52
C PHE A 216 0.59 28.30 -22.86
N SER A 217 0.23 28.72 -24.07
CA SER A 217 0.56 30.06 -24.52
C SER A 217 -0.27 31.10 -23.78
N ASP A 218 0.14 32.36 -23.92
CA ASP A 218 -0.63 33.45 -23.33
C ASP A 218 -1.99 33.63 -24.01
N ARG A 219 -2.18 33.03 -25.17
CA ARG A 219 -3.47 33.04 -25.84
C ARG A 219 -4.36 31.87 -25.42
N GLN A 220 -3.79 30.67 -25.32
CA GLN A 220 -4.55 29.54 -24.81
C GLN A 220 -4.92 29.74 -23.35
N LEU A 221 -3.99 30.23 -22.55
CA LEU A 221 -4.23 30.55 -21.14
C LEU A 221 -3.76 31.98 -20.91
N THR A 222 -4.71 32.89 -20.70
CA THR A 222 -4.38 34.29 -20.48
C THR A 222 -3.65 34.46 -19.17
N PRO A 223 -2.87 35.54 -19.01
CA PRO A 223 -2.18 35.77 -17.73
C PRO A 223 -3.11 35.78 -16.53
N ASP A 224 -4.33 36.28 -16.69
CA ASP A 224 -5.30 36.21 -15.60
C ASP A 224 -5.62 34.77 -15.23
N GLU A 225 -5.83 33.92 -16.25
CA GLU A 225 -6.06 32.49 -15.98
C GLU A 225 -4.84 31.83 -15.36
N LYS A 226 -3.65 32.17 -15.86
CA LYS A 226 -2.42 31.62 -15.29
C LYS A 226 -2.24 32.08 -13.85
N ARG A 227 -2.56 33.35 -13.56
CA ARG A 227 -2.47 33.84 -12.19
C ARG A 227 -3.45 33.13 -11.29
N ASP A 228 -4.64 32.80 -11.80
CA ASP A 228 -5.61 32.06 -11.01
C ASP A 228 -5.19 30.61 -10.81
N ILE A 229 -4.52 30.01 -11.80
CA ILE A 229 -4.09 28.63 -11.69
C ILE A 229 -3.04 28.47 -10.59
N VAL A 230 -2.04 29.36 -10.58
CA VAL A 230 -1.01 29.28 -9.55
C VAL A 230 -1.58 29.59 -8.17
N ALA A 231 -2.65 30.39 -8.12
CA ALA A 231 -3.30 30.65 -6.84
C ALA A 231 -3.83 29.37 -6.22
N TYR A 232 -4.45 28.51 -7.04
CA TYR A 232 -4.91 27.22 -6.54
C TYR A 232 -3.73 26.33 -6.15
N VAL A 233 -2.67 26.34 -6.96
CA VAL A 233 -1.51 25.50 -6.67
C VAL A 233 -0.85 25.94 -5.38
N ARG A 234 -0.64 27.24 -5.21
CA ARG A 234 0.02 27.74 -3.99
C ARG A 234 -0.87 27.55 -2.77
N GLU A 235 -2.18 27.76 -2.92
CA GLU A 235 -3.07 27.60 -1.77
C GLU A 235 -3.15 26.14 -1.34
N SER A 236 -3.39 25.23 -2.29
CA SER A 236 -3.59 23.83 -1.96
C SER A 236 -2.35 23.19 -1.33
N ALA A 237 -1.17 23.79 -1.51
CA ALA A 237 0.04 23.23 -0.94
C ALA A 237 0.13 23.47 0.56
N GLU A 238 -0.31 24.64 1.04
CA GLU A 238 -0.15 25.01 2.44
C GLU A 238 -1.46 24.99 3.23
N THR A 239 -2.55 24.46 2.67
CA THR A 239 -3.75 24.26 3.45
C THR A 239 -3.62 22.98 4.28
N PRO A 240 -3.69 23.04 5.60
CA PRO A 240 -3.60 21.82 6.40
C PRO A 240 -4.80 20.91 6.18
N SER A 241 -4.56 19.61 6.32
CA SER A 241 -5.64 18.65 6.18
C SER A 241 -6.63 18.80 7.34
N TYR A 242 -7.91 18.71 7.02
CA TYR A 242 -8.96 18.96 8.01
C TYR A 242 -9.34 17.74 8.81
N GLY A 243 -9.12 16.54 8.30
CA GLY A 243 -9.52 15.33 8.99
C GLY A 243 -8.39 14.62 9.71
N GLY A 244 -7.27 15.31 9.91
CA GLY A 244 -6.11 14.75 10.57
C GLY A 244 -4.90 14.72 9.65
N TYR A 245 -4.10 13.65 9.75
CA TYR A 245 -2.94 13.51 8.90
C TYR A 245 -3.38 13.29 7.45
N GLY A 246 -2.71 13.97 6.53
CA GLY A 246 -3.10 13.93 5.13
C GLY A 246 -2.81 12.61 4.45
N LEU A 247 -1.91 11.80 5.00
CA LEU A 247 -1.54 10.50 4.44
C LEU A 247 -1.02 10.64 3.01
N GLY A 248 -0.30 11.74 2.75
CA GLY A 248 0.30 11.97 1.45
C GLY A 248 -0.61 12.53 0.40
N GLY A 249 -1.92 12.59 0.65
CA GLY A 249 -2.85 13.17 -0.31
C GLY A 249 -2.89 12.45 -1.64
N PHE A 250 -2.85 11.12 -1.62
CA PHE A 250 -2.87 10.33 -2.85
C PHE A 250 -4.17 9.57 -3.07
N GLY A 251 -5.00 9.41 -2.04
CA GLY A 251 -6.26 8.74 -2.19
C GLY A 251 -6.31 7.40 -1.47
N PRO A 252 -7.01 6.43 -2.05
CA PRO A 252 -7.17 5.13 -1.37
C PRO A 252 -5.87 4.38 -1.16
N ALA A 253 -4.84 4.62 -1.98
CA ALA A 253 -3.62 3.82 -1.88
C ALA A 253 -2.92 3.97 -0.54
N PRO A 254 -2.66 5.18 -0.01
CA PRO A 254 -2.12 5.25 1.35
C PRO A 254 -3.14 4.91 2.42
N GLU A 255 -4.43 5.11 2.13
CA GLU A 255 -5.47 4.81 3.12
C GLU A 255 -5.51 3.32 3.44
N GLY A 256 -5.45 2.48 2.41
CA GLY A 256 -5.44 1.05 2.64
C GLY A 256 -4.18 0.57 3.33
N MET A 257 -3.03 1.11 2.93
CA MET A 257 -1.78 0.72 3.56
C MET A 257 -1.75 1.13 5.02
N ALA A 258 -2.18 2.36 5.32
CA ALA A 258 -2.26 2.81 6.71
C ALA A 258 -3.24 1.96 7.50
N MET A 259 -4.37 1.60 6.88
CA MET A 259 -5.35 0.74 7.53
C MET A 259 -4.73 -0.59 7.95
N TRP A 260 -4.10 -1.29 7.00
CA TRP A 260 -3.57 -2.61 7.29
C TRP A 260 -2.45 -2.57 8.32
N ILE A 261 -1.68 -1.49 8.36
CA ILE A 261 -0.53 -1.43 9.24
C ILE A 261 -0.86 -0.83 10.61
N ILE A 262 -1.99 -0.14 10.75
CA ILE A 262 -2.38 0.48 12.01
C ILE A 262 -3.62 -0.19 12.60
N GLY A 263 -4.75 -0.11 11.90
CA GLY A 263 -5.98 -0.62 12.48
C GLY A 263 -5.98 -2.13 12.65
N MET A 264 -5.53 -2.85 11.63
CA MET A 264 -5.53 -4.31 11.71
C MET A 264 -4.41 -4.82 12.61
N VAL A 265 -3.26 -4.15 12.62
CA VAL A 265 -2.18 -4.53 13.54
C VAL A 265 -2.64 -4.33 14.98
N ALA A 266 -3.28 -3.20 15.27
CA ALA A 266 -3.81 -2.97 16.61
C ALA A 266 -4.93 -3.96 16.94
N ALA A 267 -5.82 -4.21 15.98
CA ALA A 267 -6.94 -5.13 16.25
C ALA A 267 -6.45 -6.54 16.49
N ILE A 268 -5.50 -7.01 15.68
CA ILE A 268 -4.95 -8.35 15.88
C ILE A 268 -4.13 -8.40 17.16
N GLY A 269 -3.30 -7.39 17.39
CA GLY A 269 -2.49 -7.36 18.60
C GLY A 269 -3.32 -7.34 19.87
N VAL A 270 -4.45 -6.63 19.83
CA VAL A 270 -5.39 -6.64 20.95
C VAL A 270 -6.01 -8.01 21.11
N ALA A 271 -6.34 -8.66 19.99
CA ALA A 271 -6.98 -9.99 20.04
C ALA A 271 -6.08 -11.01 20.72
N MET A 272 -4.78 -10.99 20.40
CA MET A 272 -3.87 -11.93 21.03
C MET A 272 -3.69 -11.62 22.51
N TRP A 273 -3.82 -10.35 22.90
CA TRP A 273 -3.79 -10.00 24.31
C TRP A 273 -5.01 -10.57 25.03
N ILE A 274 -6.20 -10.38 24.45
CA ILE A 274 -7.41 -10.91 25.06
C ILE A 274 -7.45 -12.43 24.94
N GLY A 275 -7.13 -12.96 23.76
CA GLY A 275 -7.21 -14.38 23.50
C GLY A 275 -6.02 -15.15 24.05
N SER A 276 -6.00 -16.44 23.74
CA SER A 276 -4.96 -17.35 24.19
C SER A 276 -4.30 -18.03 23.00
N ARG A 277 -3.13 -18.60 23.24
CA ARG A 277 -2.37 -19.27 22.20
C ARG A 277 -2.71 -20.76 22.19
N ALA A 278 -1.98 -21.52 21.38
CA ALA A 278 -2.19 -22.97 21.24
C ALA A 278 -3.62 -23.30 20.86
N GLN B 28 -32.35 -35.79 39.16
CA GLN B 28 -33.54 -34.96 39.24
C GLN B 28 -33.91 -34.67 40.68
N PRO B 29 -33.32 -33.62 41.25
CA PRO B 29 -33.61 -33.28 42.65
C PRO B 29 -35.03 -32.77 42.82
N THR B 30 -35.57 -32.98 44.01
CA THR B 30 -36.91 -32.55 44.34
C THR B 30 -36.90 -31.09 44.83
N ASP B 31 -38.09 -30.56 45.09
CA ASP B 31 -38.19 -29.19 45.60
C ASP B 31 -37.52 -29.06 46.97
N ALA B 32 -37.75 -30.03 47.85
CA ALA B 32 -37.10 -30.03 49.15
C ALA B 32 -35.60 -30.26 49.05
N GLU B 33 -35.14 -30.95 48.02
CA GLU B 33 -33.72 -31.17 47.80
C GLU B 33 -33.01 -29.97 47.19
N LEU B 34 -33.75 -29.12 46.47
CA LEU B 34 -33.17 -27.93 45.85
C LEU B 34 -33.13 -26.73 46.77
N ALA B 35 -33.71 -26.83 47.97
CA ALA B 35 -33.69 -25.74 48.93
C ALA B 35 -32.53 -25.81 49.89
N GLU B 36 -31.93 -26.98 50.06
CA GLU B 36 -30.79 -27.17 50.95
C GLU B 36 -29.46 -27.15 50.22
N MET B 37 -29.46 -26.87 48.92
CA MET B 37 -28.25 -26.83 48.12
C MET B 37 -27.66 -25.43 48.13
N SER B 38 -26.33 -25.36 48.13
CA SER B 38 -25.62 -24.10 48.09
C SER B 38 -25.53 -23.58 46.66
N ARG B 39 -24.99 -22.36 46.51
CA ARG B 39 -24.84 -21.77 45.19
C ARG B 39 -23.86 -22.57 44.33
N GLU B 40 -22.77 -23.06 44.94
CA GLU B 40 -21.79 -23.83 44.19
C GLU B 40 -22.38 -25.12 43.66
N GLU B 41 -23.17 -25.81 44.48
CA GLU B 41 -23.79 -27.06 44.03
C GLU B 41 -24.83 -26.80 42.94
N LEU B 42 -25.59 -25.71 43.06
CA LEU B 42 -26.61 -25.41 42.06
C LEU B 42 -25.98 -25.09 40.71
N VAL B 43 -24.87 -24.36 40.70
CA VAL B 43 -24.17 -24.05 39.46
C VAL B 43 -23.67 -25.34 38.80
N LYS B 44 -23.09 -26.23 39.59
CA LYS B 44 -22.62 -27.51 39.04
C LYS B 44 -23.79 -28.33 38.50
N LEU B 45 -24.92 -28.34 39.22
CA LEU B 45 -26.09 -29.06 38.74
C LEU B 45 -26.60 -28.48 37.42
N GLY B 46 -26.64 -27.14 37.32
CA GLY B 46 -27.06 -26.53 36.08
C GLY B 46 -26.14 -26.84 34.93
N GLY B 47 -24.82 -26.83 35.19
CA GLY B 47 -23.87 -27.21 34.15
C GLY B 47 -24.04 -28.66 33.72
N LYS B 48 -24.27 -29.56 34.68
CA LYS B 48 -24.49 -30.96 34.35
C LYS B 48 -25.76 -31.12 33.51
N ILE B 49 -26.82 -30.37 33.84
CA ILE B 49 -28.04 -30.41 33.04
C ILE B 49 -27.75 -29.91 31.62
N ASP B 50 -26.99 -28.83 31.49
CA ASP B 50 -26.61 -28.31 30.20
C ASP B 50 -25.46 -29.09 29.55
N GLY B 51 -24.87 -30.05 30.26
CA GLY B 51 -23.76 -30.80 29.72
C GLY B 51 -22.43 -30.09 29.77
N VAL B 52 -22.24 -29.20 30.73
CA VAL B 52 -21.03 -28.40 30.85
C VAL B 52 -20.40 -28.70 32.21
N GLU B 53 -19.12 -29.07 32.21
CA GLU B 53 -18.39 -29.36 33.44
C GLU B 53 -17.22 -28.38 33.56
N THR B 54 -17.13 -27.72 34.71
CA THR B 54 -16.05 -26.79 34.99
C THR B 54 -14.97 -27.55 35.76
N ILE B 55 -13.88 -27.89 35.08
CA ILE B 55 -12.83 -28.69 35.71
C ILE B 55 -11.86 -27.84 36.52
N PHE B 56 -11.86 -26.52 36.33
CA PHE B 56 -10.95 -25.64 37.06
C PHE B 56 -11.65 -24.34 37.34
N LYS B 57 -11.65 -23.92 38.61
CA LYS B 57 -12.29 -22.67 39.02
C LYS B 57 -11.66 -22.23 40.32
N GLU B 58 -10.84 -21.17 40.26
CA GLU B 58 -10.16 -20.67 41.49
C GLU B 58 -10.17 -19.13 41.50
N PRO B 59 -10.21 -18.47 42.69
CA PRO B 59 -10.23 -17.02 42.77
C PRO B 59 -8.84 -16.46 42.37
N ARG B 60 -8.81 -15.27 41.78
CA ARG B 60 -7.55 -14.66 41.36
C ARG B 60 -6.67 -14.29 42.54
N TRP B 61 -7.26 -14.01 43.70
CA TRP B 61 -6.52 -13.58 44.89
C TRP B 61 -6.91 -14.45 46.07
N PRO B 62 -6.41 -15.69 46.13
CA PRO B 62 -6.70 -16.54 47.29
C PRO B 62 -6.17 -15.99 48.60
N VAL B 63 -5.04 -15.28 48.56
CA VAL B 63 -4.42 -14.71 49.76
C VAL B 63 -4.95 -13.28 49.91
N PRO B 64 -5.69 -12.99 50.97
CA PRO B 64 -6.23 -11.63 51.15
C PRO B 64 -5.23 -10.71 51.85
N GLY B 65 -5.54 -9.42 51.81
CA GLY B 65 -4.72 -8.42 52.49
C GLY B 65 -3.32 -8.28 51.93
N THR B 66 -3.19 -8.27 50.61
CA THR B 66 -1.91 -8.12 49.94
C THR B 66 -1.85 -6.77 49.23
N LYS B 67 -0.66 -6.16 49.24
CA LYS B 67 -0.50 -4.87 48.59
C LYS B 67 -0.64 -4.99 47.07
N ALA B 68 -0.30 -6.15 46.50
CA ALA B 68 -0.44 -6.34 45.06
C ALA B 68 -1.89 -6.30 44.63
N GLU B 69 -2.79 -6.88 45.42
CA GLU B 69 -4.21 -6.86 45.09
C GLU B 69 -4.74 -5.43 45.09
N LYS B 70 -4.36 -4.63 46.09
CA LYS B 70 -4.77 -3.23 46.11
C LYS B 70 -4.16 -2.46 44.94
N ARG B 71 -2.91 -2.76 44.59
CA ARG B 71 -2.29 -2.11 43.44
C ARG B 71 -3.01 -2.46 42.15
N THR B 72 -3.41 -3.73 41.99
CA THR B 72 -4.14 -4.12 40.79
C THR B 72 -5.53 -3.49 40.75
N GLU B 73 -6.15 -3.30 41.92
CA GLU B 73 -7.44 -2.62 41.96
C GLU B 73 -7.33 -1.19 41.45
N ARG B 74 -6.26 -0.49 41.84
CA ARG B 74 -6.06 0.88 41.39
C ARG B 74 -5.73 0.95 39.90
N LEU B 75 -4.99 -0.04 39.39
CA LEU B 75 -4.63 -0.03 37.97
C LEU B 75 -5.86 -0.12 37.08
N VAL B 76 -6.81 -0.99 37.43
CA VAL B 76 -8.04 -1.10 36.67
C VAL B 76 -8.85 0.19 36.80
N ALA B 77 -8.90 0.77 38.00
CA ALA B 77 -9.64 2.00 38.21
C ALA B 77 -9.03 3.16 37.41
N TYR B 78 -7.70 3.22 37.33
CA TYR B 78 -7.04 4.32 36.64
C TYR B 78 -7.44 4.35 35.16
N TRP B 79 -7.50 3.20 34.51
CA TRP B 79 -7.92 3.14 33.12
C TRP B 79 -9.37 3.58 32.97
N LEU B 80 -10.23 3.17 33.91
CA LEU B 80 -11.63 3.60 33.86
C LEU B 80 -11.76 5.10 34.10
N MET B 81 -10.96 5.65 35.02
CA MET B 81 -10.98 7.08 35.26
C MET B 81 -10.50 7.85 34.02
N LEU B 82 -9.49 7.33 33.34
CA LEU B 82 -9.02 7.97 32.12
C LEU B 82 -10.10 7.99 31.05
N GLY B 83 -10.84 6.89 30.92
CA GLY B 83 -11.93 6.86 29.96
C GLY B 83 -13.02 7.87 30.28
N GLY B 84 -13.36 8.00 31.56
CA GLY B 84 -14.34 8.99 31.95
C GLY B 84 -13.86 10.42 31.71
N LEU B 85 -12.59 10.68 32.00
CA LEU B 85 -12.03 12.01 31.76
C LEU B 85 -12.03 12.34 30.27
N SER B 86 -11.65 11.37 29.44
CA SER B 86 -11.66 11.59 28.00
C SER B 86 -13.07 11.78 27.47
N GLY B 87 -14.04 11.02 27.99
CA GLY B 87 -15.42 11.21 27.59
C GLY B 87 -15.95 12.58 28.00
N LEU B 88 -15.57 13.05 29.19
CA LEU B 88 -15.92 14.41 29.58
C LEU B 88 -15.25 15.44 28.69
N ALA B 89 -13.99 15.18 28.29
CA ALA B 89 -13.30 16.07 27.37
C ALA B 89 -14.00 16.13 26.03
N LEU B 90 -14.51 15.00 25.55
CA LEU B 90 -15.25 14.98 24.29
C LEU B 90 -16.50 15.84 24.38
N LEU B 91 -17.20 15.79 25.51
CA LEU B 91 -18.37 16.64 25.70
C LEU B 91 -17.99 18.12 25.67
N LEU B 92 -16.88 18.48 26.31
CA LEU B 92 -16.48 19.88 26.36
C LEU B 92 -15.91 20.34 25.02
N VAL B 93 -15.11 19.50 24.38
CA VAL B 93 -14.51 19.89 23.10
C VAL B 93 -15.57 20.05 22.02
N PHE B 94 -16.53 19.12 21.97
CA PHE B 94 -17.58 19.21 20.95
C PHE B 94 -18.47 20.42 21.11
N LEU B 95 -18.54 21.00 22.31
CA LEU B 95 -19.45 22.11 22.57
C LEU B 95 -18.79 23.48 22.49
N PHE B 96 -17.48 23.58 22.77
CA PHE B 96 -16.83 24.88 22.88
C PHE B 96 -15.65 25.08 21.94
N TRP B 97 -15.08 24.02 21.37
CA TRP B 97 -13.97 24.20 20.46
C TRP B 97 -14.46 24.83 19.15
N PRO B 98 -13.70 25.75 18.56
CA PRO B 98 -14.10 26.35 17.28
C PRO B 98 -14.11 25.30 16.18
N TRP B 99 -15.31 25.02 15.64
CA TRP B 99 -15.49 23.98 14.65
C TRP B 99 -15.73 24.51 13.23
N GLU B 100 -16.16 25.77 13.09
CA GLU B 100 -16.53 26.30 11.79
C GLU B 100 -15.32 26.37 10.87
N TYR B 101 -15.55 26.12 9.58
CA TYR B 101 -14.47 26.15 8.60
C TYR B 101 -13.91 27.56 8.46
N GLN B 102 -12.59 27.66 8.38
CA GLN B 102 -11.92 28.92 8.19
C GLN B 102 -11.16 28.92 6.86
N PRO B 103 -11.26 29.98 6.08
CA PRO B 103 -10.58 30.01 4.77
C PRO B 103 -9.07 30.05 4.93
N PHE B 104 -8.39 29.70 3.84
CA PHE B 104 -6.93 29.65 3.84
C PHE B 104 -6.33 31.01 4.15
N GLY B 105 -5.31 31.02 5.00
CA GLY B 105 -4.65 32.25 5.38
C GLY B 105 -5.30 33.00 6.52
N SER B 106 -6.34 32.45 7.14
CA SER B 106 -7.02 33.12 8.23
C SER B 106 -6.35 32.80 9.56
N GLU B 107 -6.65 33.63 10.56
CA GLU B 107 -6.08 33.43 11.90
C GLU B 107 -6.58 32.15 12.54
N GLY B 108 -7.86 31.83 12.35
CA GLY B 108 -8.48 30.67 12.95
C GLY B 108 -8.35 29.38 12.17
N GLU B 109 -7.56 29.37 11.09
CA GLU B 109 -7.41 28.16 10.30
C GLU B 109 -6.75 27.04 11.10
N PHE B 110 -5.72 27.38 11.88
CA PHE B 110 -5.02 26.36 12.65
C PHE B 110 -5.93 25.73 13.70
N LEU B 111 -6.72 26.55 14.40
CA LEU B 111 -7.62 26.02 15.41
C LEU B 111 -8.69 25.12 14.79
N TYR B 112 -9.24 25.52 13.65
CA TYR B 112 -10.25 24.70 12.98
C TYR B 112 -9.66 23.40 12.47
N SER B 113 -8.38 23.41 12.05
CA SER B 113 -7.75 22.20 11.56
C SER B 113 -7.63 21.13 12.65
N LEU B 114 -7.69 21.52 13.92
CA LEU B 114 -7.63 20.59 15.03
C LEU B 114 -9.00 20.23 15.59
N ALA B 115 -10.09 20.77 15.00
CA ALA B 115 -11.42 20.47 15.51
C ALA B 115 -11.75 18.99 15.36
N THR B 116 -11.78 18.49 14.12
CA THR B 116 -12.02 17.07 13.91
C THR B 116 -10.96 16.18 14.56
N PRO B 117 -9.65 16.47 14.47
CA PRO B 117 -8.69 15.61 15.19
C PRO B 117 -8.94 15.53 16.69
N LEU B 118 -9.39 16.62 17.31
CA LEU B 118 -9.69 16.56 18.75
C LEU B 118 -10.93 15.73 19.02
N TYR B 119 -11.88 15.70 18.10
CA TYR B 119 -13.09 14.89 18.29
C TYR B 119 -12.75 13.41 18.38
N GLY B 120 -11.87 12.93 17.49
CA GLY B 120 -11.51 11.52 17.50
C GLY B 120 -10.57 11.16 18.64
N LEU B 121 -9.69 12.09 19.03
CA LEU B 121 -8.76 11.81 20.11
C LEU B 121 -9.50 11.62 21.43
N THR B 122 -10.47 12.48 21.73
CA THR B 122 -11.21 12.36 22.98
C THR B 122 -12.19 11.20 22.94
N PHE B 123 -12.91 11.04 21.83
CA PHE B 123 -13.86 9.93 21.71
C PHE B 123 -13.13 8.59 21.64
N GLY B 124 -12.06 8.51 20.86
CA GLY B 124 -11.35 7.26 20.73
C GLY B 124 -10.69 6.81 22.02
N LEU B 125 -10.05 7.74 22.73
CA LEU B 125 -9.35 7.39 23.97
C LEU B 125 -10.31 7.04 25.08
N SER B 126 -11.53 7.58 25.04
CA SER B 126 -12.49 7.34 26.13
C SER B 126 -12.95 5.89 26.14
N ILE B 127 -13.52 5.42 25.03
CA ILE B 127 -14.03 4.06 24.97
C ILE B 127 -12.89 3.05 24.97
N LEU B 128 -11.74 3.41 24.40
CA LEU B 128 -10.60 2.49 24.43
C LEU B 128 -10.09 2.27 25.84
N SER B 129 -10.04 3.33 26.65
CA SER B 129 -9.61 3.19 28.04
C SER B 129 -10.60 2.35 28.84
N ILE B 130 -11.90 2.51 28.58
CA ILE B 130 -12.89 1.67 29.25
C ILE B 130 -12.71 0.21 28.86
N GLY B 131 -12.45 -0.05 27.58
CA GLY B 131 -12.21 -1.41 27.15
C GLY B 131 -10.96 -2.01 27.77
N ILE B 132 -9.91 -1.21 27.91
CA ILE B 132 -8.68 -1.69 28.55
C ILE B 132 -8.95 -2.06 30.00
N GLY B 133 -9.69 -1.21 30.71
CA GLY B 133 -10.02 -1.52 32.09
C GLY B 133 -10.88 -2.76 32.23
N ALA B 134 -11.82 -2.95 31.30
CA ALA B 134 -12.66 -4.14 31.32
C ALA B 134 -11.84 -5.40 31.07
N VAL B 135 -10.88 -5.34 30.15
CA VAL B 135 -10.01 -6.49 29.90
C VAL B 135 -9.17 -6.80 31.13
N LEU B 136 -8.63 -5.76 31.76
CA LEU B 136 -7.80 -5.97 32.95
C LEU B 136 -8.61 -6.57 34.09
N PHE B 137 -9.86 -6.13 34.26
CA PHE B 137 -10.70 -6.69 35.30
C PHE B 137 -10.95 -8.18 35.09
N GLN B 138 -11.20 -8.58 33.84
CA GLN B 138 -11.40 -9.99 33.55
C GLN B 138 -10.14 -10.80 33.80
N LYS B 139 -8.98 -10.26 33.41
CA LYS B 139 -7.73 -11.00 33.51
C LYS B 139 -7.08 -10.95 34.89
N LYS B 140 -7.58 -10.09 35.78
CA LYS B 140 -6.99 -9.94 37.10
C LYS B 140 -7.94 -10.14 38.26
N PHE B 141 -9.24 -10.08 38.04
CA PHE B 141 -10.20 -10.24 39.13
C PHE B 141 -11.25 -11.31 38.86
N ILE B 142 -11.71 -11.44 37.62
CA ILE B 142 -12.66 -12.51 37.31
C ILE B 142 -11.94 -13.86 37.41
N PRO B 143 -12.49 -14.83 38.14
CA PRO B 143 -11.77 -16.09 38.34
C PRO B 143 -11.50 -16.81 37.03
N GLU B 144 -10.31 -17.41 36.94
CA GLU B 144 -9.94 -18.19 35.77
C GLU B 144 -10.67 -19.53 35.80
N GLU B 145 -11.29 -19.89 34.68
CA GLU B 145 -12.08 -21.10 34.60
C GLU B 145 -11.78 -21.85 33.31
N ILE B 146 -11.91 -23.18 33.38
CA ILE B 146 -11.84 -24.05 32.22
C ILE B 146 -13.09 -24.92 32.23
N SER B 147 -13.88 -24.83 31.16
CA SER B 147 -15.14 -25.54 31.06
C SER B 147 -15.14 -26.44 29.83
N VAL B 148 -15.68 -27.65 30.00
CA VAL B 148 -15.79 -28.62 28.92
C VAL B 148 -17.26 -28.91 28.69
N GLN B 149 -17.72 -28.74 27.46
CA GLN B 149 -19.12 -28.95 27.10
C GLN B 149 -19.20 -30.05 26.04
N ASP B 150 -20.07 -31.03 26.27
CA ASP B 150 -20.27 -32.10 25.30
C ASP B 150 -20.92 -31.52 24.04
N ARG B 151 -20.37 -31.89 22.89
CA ARG B 151 -20.87 -31.33 21.64
C ARG B 151 -22.26 -31.86 21.29
N HIS B 152 -22.45 -33.18 21.38
CA HIS B 152 -23.70 -33.82 21.01
C HIS B 152 -24.09 -33.46 19.58
N ASP B 153 -23.09 -33.35 18.71
CA ASP B 153 -23.30 -32.93 17.33
C ASP B 153 -23.53 -34.15 16.45
N GLY B 154 -23.49 -33.95 15.14
CA GLY B 154 -23.73 -35.04 14.21
C GLY B 154 -25.22 -35.32 14.04
N ARG B 155 -25.54 -36.57 13.71
CA ARG B 155 -26.91 -36.97 13.52
C ARG B 155 -27.68 -36.92 14.84
N SER B 156 -28.92 -36.46 14.77
CA SER B 156 -29.78 -36.42 15.94
C SER B 156 -30.19 -37.83 16.34
N PRO B 157 -30.64 -38.02 17.58
CA PRO B 157 -31.06 -39.36 18.01
C PRO B 157 -32.16 -39.92 17.14
N GLU B 158 -32.15 -41.25 16.98
CA GLU B 158 -33.07 -41.91 16.07
C GLU B 158 -34.53 -41.68 16.45
N VAL B 159 -34.79 -41.44 17.73
CA VAL B 159 -36.16 -41.16 18.16
C VAL B 159 -36.65 -39.85 17.53
N HIS B 160 -35.76 -38.85 17.45
CA HIS B 160 -36.14 -37.59 16.82
C HIS B 160 -36.17 -37.70 15.30
N ARG B 161 -35.27 -38.51 14.75
CA ARG B 161 -35.16 -38.69 13.28
C ARG B 161 -36.42 -39.35 12.71
N LYS B 162 -36.96 -40.36 13.39
CA LYS B 162 -38.13 -41.08 12.91
C LYS B 162 -39.40 -40.25 13.11
N THR B 163 -39.53 -39.58 14.25
CA THR B 163 -40.75 -38.82 14.54
C THR B 163 -40.88 -37.63 13.59
N VAL B 164 -39.79 -36.90 13.34
CA VAL B 164 -39.87 -35.76 12.44
C VAL B 164 -40.12 -36.21 11.00
N ALA B 165 -39.56 -37.35 10.61
CA ALA B 165 -39.81 -37.86 9.26
C ALA B 165 -41.25 -38.34 9.11
N ALA B 166 -41.78 -38.99 10.15
CA ALA B 166 -43.17 -39.45 10.11
C ALA B 166 -44.14 -38.29 10.02
N ASN B 167 -43.88 -37.21 10.77
CA ASN B 167 -44.77 -36.07 10.76
C ASN B 167 -44.85 -35.44 9.37
N LEU B 168 -43.70 -35.29 8.71
CA LEU B 168 -43.71 -34.75 7.34
C LEU B 168 -44.33 -35.74 6.36
N THR B 169 -43.98 -37.03 6.49
CA THR B 169 -44.53 -38.02 5.56
C THR B 169 -46.03 -38.18 5.74
N ASP B 170 -46.52 -38.21 6.98
CA ASP B 170 -47.95 -38.33 7.21
C ASP B 170 -48.70 -37.11 6.70
N ALA B 171 -48.11 -35.92 6.85
CA ALA B 171 -48.75 -34.71 6.32
C ALA B 171 -48.90 -34.77 4.82
N LEU B 172 -47.86 -35.21 4.11
CA LEU B 172 -47.94 -35.27 2.65
C LEU B 172 -48.82 -36.42 2.19
N GLU B 173 -48.66 -37.60 2.79
CA GLU B 173 -49.45 -38.75 2.38
C GLU B 173 -50.89 -38.66 2.85
N GLY B 174 -51.12 -38.14 4.07
CA GLY B 174 -52.47 -38.03 4.58
C GLY B 174 -53.29 -36.92 3.95
N SER B 175 -52.64 -35.94 3.33
CA SER B 175 -53.36 -34.84 2.69
C SER B 175 -53.94 -35.22 1.34
N THR B 176 -53.62 -36.40 0.82
CA THR B 176 -54.11 -36.87 -0.47
C THR B 176 -53.79 -35.87 -1.59
N LEU B 177 -52.49 -35.74 -1.84
CA LEU B 177 -51.99 -34.88 -2.89
C LEU B 177 -51.29 -35.61 -4.03
N LYS B 178 -50.60 -36.71 -3.74
CA LYS B 178 -49.88 -37.43 -4.79
C LYS B 178 -50.82 -38.04 -5.80
N ARG B 179 -51.94 -38.60 -5.35
CA ARG B 179 -52.85 -39.33 -6.22
C ARG B 179 -53.87 -38.44 -6.92
N ARG B 180 -53.76 -37.13 -6.76
CA ARG B 180 -54.53 -36.16 -7.54
C ARG B 180 -53.58 -35.49 -8.52
N LYS B 181 -53.40 -36.13 -9.68
CA LYS B 181 -52.49 -35.60 -10.69
C LYS B 181 -52.97 -34.28 -11.25
N VAL B 182 -54.28 -34.16 -11.49
CA VAL B 182 -54.83 -32.93 -12.05
C VAL B 182 -54.63 -31.76 -11.09
N ILE B 183 -54.84 -32.00 -9.80
CA ILE B 183 -54.62 -30.95 -8.81
C ILE B 183 -53.15 -30.59 -8.72
N GLY B 184 -52.28 -31.61 -8.69
CA GLY B 184 -50.85 -31.34 -8.56
C GLY B 184 -50.27 -30.60 -9.76
N LEU B 185 -50.63 -31.01 -10.98
CA LEU B 185 -50.14 -30.33 -12.16
C LEU B 185 -50.67 -28.90 -12.24
N SER B 186 -51.93 -28.69 -11.87
CA SER B 186 -52.50 -27.35 -11.91
C SER B 186 -51.79 -26.42 -10.93
N LEU B 187 -51.46 -26.92 -9.74
CA LEU B 187 -50.75 -26.08 -8.77
C LEU B 187 -49.37 -25.71 -9.28
N GLY B 188 -48.66 -26.67 -9.87
CA GLY B 188 -47.33 -26.37 -10.40
C GLY B 188 -47.39 -25.41 -11.57
N ILE B 189 -48.32 -25.62 -12.51
CA ILE B 189 -48.46 -24.71 -13.63
C ILE B 189 -48.94 -23.34 -13.15
N GLY B 190 -49.91 -23.32 -12.24
CA GLY B 190 -50.43 -22.05 -11.76
C GLY B 190 -49.38 -21.23 -11.03
N LEU B 191 -48.62 -21.87 -10.14
CA LEU B 191 -47.56 -21.17 -9.43
C LEU B 191 -46.44 -20.73 -10.38
N GLY B 192 -46.09 -21.59 -11.33
CA GLY B 192 -45.05 -21.24 -12.28
C GLY B 192 -45.45 -20.10 -13.20
N ALA B 193 -46.69 -20.14 -13.71
CA ALA B 193 -47.16 -19.06 -14.56
C ALA B 193 -47.26 -17.74 -13.79
N PHE B 194 -47.77 -17.79 -12.57
CA PHE B 194 -47.89 -16.57 -11.76
C PHE B 194 -46.52 -16.00 -11.43
N GLY B 195 -45.57 -16.88 -11.08
CA GLY B 195 -44.22 -16.40 -10.80
C GLY B 195 -43.54 -15.77 -11.99
N ALA B 196 -43.68 -16.40 -13.16
CA ALA B 196 -43.13 -15.82 -14.38
C ALA B 196 -43.79 -14.48 -14.71
N GLY B 197 -45.11 -14.39 -14.53
CA GLY B 197 -45.80 -13.15 -14.82
C GLY B 197 -45.38 -12.02 -13.88
N THR B 198 -45.29 -12.31 -12.58
CA THR B 198 -44.91 -11.28 -11.62
C THR B 198 -43.43 -10.95 -11.67
N LEU B 199 -42.59 -11.86 -12.17
CA LEU B 199 -41.17 -11.54 -12.31
C LEU B 199 -40.93 -10.60 -13.48
N VAL B 200 -41.63 -10.84 -14.60
CA VAL B 200 -41.48 -9.97 -15.77
C VAL B 200 -41.98 -8.57 -15.46
N ALA B 201 -43.13 -8.47 -14.79
CA ALA B 201 -43.69 -7.17 -14.46
C ALA B 201 -42.80 -6.40 -13.49
N PHE B 202 -42.14 -7.12 -12.56
CA PHE B 202 -41.30 -6.46 -11.57
C PHE B 202 -40.10 -5.79 -12.23
N ILE B 203 -39.47 -6.45 -13.20
CA ILE B 203 -38.28 -5.92 -13.85
C ILE B 203 -38.56 -5.34 -15.22
N GLY B 204 -39.82 -5.34 -15.67
CA GLY B 204 -40.13 -4.82 -16.98
C GLY B 204 -39.86 -3.33 -17.11
N GLY B 205 -40.12 -2.59 -16.04
CA GLY B 205 -39.87 -1.15 -16.06
C GLY B 205 -38.41 -0.79 -16.23
N LEU B 206 -37.51 -1.60 -15.65
CA LEU B 206 -36.09 -1.30 -15.73
C LEU B 206 -35.54 -1.52 -17.14
N ILE B 207 -36.11 -2.47 -17.89
CA ILE B 207 -35.61 -2.79 -19.21
C ILE B 207 -35.85 -1.61 -20.15
N LYS B 208 -34.81 -1.23 -20.89
CA LYS B 208 -34.89 -0.16 -21.88
C LYS B 208 -34.18 -0.61 -23.14
N ASN B 209 -34.68 -0.14 -24.29
CA ASN B 209 -34.08 -0.50 -25.56
C ASN B 209 -32.84 0.35 -25.81
N PRO B 210 -31.65 -0.26 -25.91
CA PRO B 210 -30.45 0.55 -26.15
C PRO B 210 -30.45 1.30 -27.47
N TRP B 211 -31.07 0.71 -28.49
CA TRP B 211 -31.02 1.21 -29.87
C TRP B 211 -32.26 1.97 -30.32
N LYS B 212 -33.03 2.53 -29.39
CA LYS B 212 -34.20 3.31 -29.77
C LYS B 212 -33.77 4.67 -30.28
N PRO B 213 -34.12 5.04 -31.52
CA PRO B 213 -33.69 6.35 -32.04
C PRO B 213 -34.37 7.51 -31.34
N VAL B 214 -33.59 8.28 -30.57
CA VAL B 214 -34.15 9.38 -29.79
C VAL B 214 -33.34 10.65 -30.01
N VAL B 215 -32.16 10.52 -30.61
CA VAL B 215 -31.25 11.64 -30.82
C VAL B 215 -31.52 12.22 -32.20
N PRO B 216 -31.92 13.49 -32.30
CA PRO B 216 -32.07 14.11 -33.62
C PRO B 216 -30.74 14.18 -34.35
N THR B 217 -30.79 13.97 -35.67
CA THR B 217 -29.60 13.97 -36.50
C THR B 217 -30.00 14.41 -37.90
N ALA B 218 -29.00 14.86 -38.67
CA ALA B 218 -29.24 15.32 -40.03
C ALA B 218 -29.84 14.24 -40.92
N GLU B 219 -29.66 12.97 -40.57
CA GLU B 219 -30.17 11.84 -41.35
C GLU B 219 -31.14 11.00 -40.52
N GLY B 220 -32.06 11.67 -39.82
CA GLY B 220 -33.07 10.99 -39.04
C GLY B 220 -32.62 10.69 -37.63
N LYS B 221 -33.58 10.26 -36.82
CA LYS B 221 -33.30 9.93 -35.43
C LYS B 221 -32.34 8.76 -35.33
N LYS B 222 -31.39 8.86 -34.40
CA LYS B 222 -30.42 7.76 -34.22
C LYS B 222 -30.33 7.43 -32.73
N ALA B 223 -29.69 6.31 -32.42
CA ALA B 223 -29.47 5.87 -31.05
C ALA B 223 -28.43 6.74 -30.36
N VAL B 224 -28.45 6.71 -29.03
CA VAL B 224 -27.55 7.56 -28.25
C VAL B 224 -26.10 7.16 -28.47
N LEU B 225 -25.82 5.86 -28.48
CA LEU B 225 -24.44 5.40 -28.58
C LEU B 225 -23.81 5.75 -29.92
N TRP B 226 -24.61 5.88 -30.97
CA TRP B 226 -24.08 6.21 -32.29
C TRP B 226 -23.83 7.71 -32.46
N THR B 227 -24.30 8.54 -31.54
CA THR B 227 -24.19 9.99 -31.66
C THR B 227 -23.40 10.55 -30.49
N SER B 228 -23.14 11.85 -30.57
CA SER B 228 -22.42 12.60 -29.54
C SER B 228 -22.73 14.08 -29.72
N GLY B 229 -21.99 14.92 -29.00
CA GLY B 229 -22.19 16.36 -29.14
C GLY B 229 -21.69 16.93 -30.45
N TRP B 230 -20.80 16.21 -31.13
CA TRP B 230 -20.26 16.64 -32.42
C TRP B 230 -21.10 16.17 -33.60
N THR B 231 -22.16 15.40 -33.36
CA THR B 231 -23.02 14.94 -34.44
C THR B 231 -23.88 16.09 -34.93
N PRO B 232 -23.83 16.44 -36.21
CA PRO B 232 -24.64 17.56 -36.70
C PRO B 232 -26.12 17.25 -36.65
N ARG B 233 -26.90 18.22 -36.16
CA ARG B 233 -28.35 18.08 -36.12
C ARG B 233 -29.00 18.39 -37.46
N PHE B 234 -28.28 19.02 -38.37
CA PHE B 234 -28.76 19.28 -39.72
C PHE B 234 -27.56 19.45 -40.63
N LYS B 235 -27.81 19.34 -41.93
CA LYS B 235 -26.74 19.44 -42.91
C LYS B 235 -26.08 20.81 -42.84
N GLY B 236 -24.75 20.83 -42.81
CA GLY B 236 -24.00 22.07 -42.80
C GLY B 236 -23.98 22.80 -41.47
N GLU B 237 -24.36 22.15 -40.37
CA GLU B 237 -24.35 22.81 -39.07
C GLU B 237 -22.92 23.12 -38.65
N THR B 238 -22.71 24.33 -38.14
CA THR B 238 -21.39 24.77 -37.71
C THR B 238 -21.20 24.48 -36.24
N ILE B 239 -20.21 23.66 -35.91
CA ILE B 239 -19.87 23.30 -34.54
C ILE B 239 -18.48 23.84 -34.25
N TYR B 240 -18.39 24.76 -33.29
CA TYR B 240 -17.13 25.41 -32.96
C TYR B 240 -16.35 24.60 -31.93
N LEU B 241 -15.02 24.64 -32.05
CA LEU B 241 -14.13 24.00 -31.08
C LEU B 241 -13.90 24.98 -29.94
N ALA B 242 -14.89 25.06 -29.06
CA ALA B 242 -14.87 26.01 -27.96
C ALA B 242 -14.05 25.47 -26.79
N ARG B 243 -13.37 26.39 -26.12
CA ARG B 243 -12.57 26.07 -24.94
C ARG B 243 -13.32 26.46 -23.67
N ALA B 244 -13.04 25.74 -22.59
CA ALA B 244 -13.67 26.03 -21.31
C ALA B 244 -12.89 27.12 -20.59
N THR B 245 -13.56 28.24 -20.29
CA THR B 245 -12.91 29.35 -19.64
C THR B 245 -12.62 29.09 -18.17
N GLY B 246 -13.23 28.06 -17.58
CA GLY B 246 -13.00 27.73 -16.19
C GLY B 246 -13.87 28.47 -15.20
N ARG B 247 -14.72 29.39 -15.65
CA ARG B 247 -15.60 30.11 -14.75
C ARG B 247 -17.05 29.71 -14.97
N PRO B 248 -17.85 29.63 -13.91
CA PRO B 248 -19.26 29.23 -14.08
C PRO B 248 -20.08 30.35 -14.70
N GLY B 249 -20.81 30.00 -15.76
CA GLY B 249 -21.60 31.01 -16.44
C GLY B 249 -20.71 32.00 -17.18
N GLU B 250 -21.33 33.14 -17.49
CA GLU B 250 -20.67 34.27 -18.18
C GLU B 250 -19.73 33.79 -19.28
N SER B 251 -20.32 33.10 -20.26
CA SER B 251 -19.62 32.51 -21.40
C SER B 251 -18.59 31.49 -20.95
N PRO B 252 -19.02 30.35 -20.40
CA PRO B 252 -18.03 29.31 -20.04
C PRO B 252 -17.30 28.76 -21.25
N PHE B 253 -17.91 28.76 -22.43
CA PHE B 253 -17.28 28.31 -23.66
C PHE B 253 -17.16 29.48 -24.63
N VAL B 254 -15.98 29.67 -25.18
CA VAL B 254 -15.71 30.75 -26.13
C VAL B 254 -15.03 30.19 -27.36
N LYS B 255 -15.12 30.94 -28.45
CA LYS B 255 -14.55 30.50 -29.72
C LYS B 255 -13.03 30.48 -29.65
N MET B 256 -12.43 29.68 -30.51
CA MET B 256 -10.99 29.47 -30.52
C MET B 256 -10.44 29.64 -31.93
N ARG B 257 -9.25 30.24 -32.03
CA ARG B 257 -8.54 30.46 -33.31
C ARG B 257 -7.30 29.56 -33.35
N PRO B 258 -6.83 29.12 -34.54
CA PRO B 258 -5.65 28.23 -34.62
C PRO B 258 -4.39 28.80 -33.97
N GLU B 259 -4.21 30.12 -34.01
CA GLU B 259 -3.04 30.77 -33.44
C GLU B 259 -3.03 30.79 -31.92
N ASP B 260 -4.15 30.43 -31.28
CA ASP B 260 -4.24 30.49 -29.82
C ASP B 260 -3.41 29.41 -29.13
N ILE B 261 -2.93 28.41 -29.86
CA ILE B 261 -2.19 27.30 -29.28
C ILE B 261 -0.85 27.18 -29.99
N ASP B 262 0.23 27.08 -29.21
CA ASP B 262 1.56 26.93 -29.77
C ASP B 262 1.83 25.46 -30.12
N ALA B 263 2.94 25.23 -30.80
CA ALA B 263 3.33 23.88 -31.16
C ALA B 263 3.65 23.07 -29.91
N GLY B 264 3.21 21.82 -29.90
CA GLY B 264 3.40 20.95 -28.76
C GLY B 264 2.40 21.14 -27.64
N GLY B 265 1.36 21.96 -27.85
CA GLY B 265 0.36 22.20 -26.83
C GLY B 265 -0.87 21.33 -27.02
N MET B 266 -1.63 21.20 -25.94
CA MET B 266 -2.87 20.42 -25.94
C MET B 266 -3.92 21.17 -25.13
N GLU B 267 -5.15 21.16 -25.61
CA GLU B 267 -6.24 21.80 -24.89
C GLU B 267 -7.55 21.11 -25.23
N THR B 268 -8.34 20.82 -24.21
CA THR B 268 -9.64 20.17 -24.41
C THR B 268 -10.62 21.16 -25.02
N VAL B 269 -11.35 20.70 -26.04
CA VAL B 269 -12.37 21.51 -26.69
C VAL B 269 -13.70 20.79 -26.59
N PHE B 270 -14.77 21.56 -26.74
CA PHE B 270 -16.13 21.04 -26.58
C PHE B 270 -16.98 21.46 -27.78
N PRO B 271 -17.98 20.65 -28.13
CA PRO B 271 -18.87 21.02 -29.23
C PRO B 271 -19.82 22.15 -28.85
N TRP B 272 -19.64 23.31 -29.46
CA TRP B 272 -20.45 24.49 -29.14
C TRP B 272 -21.05 25.04 -30.42
N ARG B 273 -22.29 25.53 -30.31
CA ARG B 273 -23.01 26.11 -31.43
C ARG B 273 -23.48 27.50 -31.06
N GLU B 274 -23.84 28.28 -32.09
CA GLU B 274 -24.34 29.63 -31.85
C GLU B 274 -25.64 29.61 -31.07
N SER B 275 -26.52 28.66 -31.38
CA SER B 275 -27.79 28.56 -30.67
C SER B 275 -27.63 28.20 -29.20
N ASP B 276 -26.48 27.62 -28.82
CA ASP B 276 -26.28 27.26 -27.42
C ASP B 276 -26.27 28.49 -26.52
N GLY B 277 -25.64 29.58 -26.97
CA GLY B 277 -25.62 30.81 -26.22
C GLY B 277 -24.46 30.90 -25.25
N ASP B 278 -24.43 32.02 -24.53
CA ASP B 278 -23.37 32.32 -23.58
C ASP B 278 -23.69 31.87 -22.16
N GLY B 279 -24.86 31.28 -21.93
CA GLY B 279 -25.20 30.78 -20.61
C GLY B 279 -25.76 31.80 -19.64
N THR B 280 -25.93 33.05 -20.07
CA THR B 280 -26.52 34.04 -19.18
C THR B 280 -27.97 33.73 -18.85
N THR B 281 -28.74 33.27 -19.82
CA THR B 281 -30.13 32.90 -19.60
C THR B 281 -30.23 31.48 -19.05
N VAL B 282 -31.39 31.17 -18.48
CA VAL B 282 -31.61 29.84 -17.91
C VAL B 282 -31.58 28.78 -19.00
N GLU B 283 -32.22 29.05 -20.14
CA GLU B 283 -32.27 28.07 -21.22
C GLU B 283 -30.86 27.82 -21.78
N SER B 284 -30.08 28.87 -21.95
CA SER B 284 -28.72 28.71 -22.49
C SER B 284 -27.85 27.91 -21.54
N GLU B 285 -27.97 28.15 -20.23
CA GLU B 285 -27.15 27.42 -19.27
C GLU B 285 -27.47 25.93 -19.28
N HIS B 286 -28.75 25.58 -19.41
CA HIS B 286 -29.13 24.18 -19.49
C HIS B 286 -28.53 23.52 -20.73
N LYS B 287 -28.54 24.26 -21.84
CA LYS B 287 -27.99 23.77 -23.13
C LYS B 287 -26.48 23.52 -22.97
N LEU B 288 -25.78 24.45 -22.30
CA LEU B 288 -24.35 24.31 -22.08
C LEU B 288 -24.01 23.25 -21.05
N THR B 289 -24.98 22.84 -20.23
CA THR B 289 -24.72 21.81 -19.22
C THR B 289 -24.45 20.45 -19.87
N GLU B 290 -25.27 20.08 -20.87
CA GLU B 290 -25.06 18.80 -21.54
C GLU B 290 -23.74 18.77 -22.29
N ILE B 291 -23.28 19.93 -22.77
CA ILE B 291 -21.97 19.99 -23.43
C ILE B 291 -20.87 19.64 -22.44
N ALA B 292 -20.93 20.20 -21.23
CA ALA B 292 -19.95 19.87 -20.20
C ALA B 292 -20.15 18.45 -19.69
N MET B 293 -21.40 18.01 -19.58
CA MET B 293 -21.72 16.68 -19.08
C MET B 293 -21.71 15.61 -20.16
N GLY B 294 -21.46 15.97 -21.40
CA GLY B 294 -21.40 15.00 -22.48
C GLY B 294 -20.28 14.00 -22.29
N VAL B 295 -20.62 12.71 -22.29
CA VAL B 295 -19.60 11.69 -22.07
C VAL B 295 -18.65 11.58 -23.26
N ARG B 296 -19.16 11.75 -24.48
CA ARG B 296 -18.36 11.63 -25.69
C ARG B 296 -17.99 12.99 -26.29
N ASN B 297 -18.23 14.07 -25.55
CA ASN B 297 -18.02 15.43 -26.06
C ASN B 297 -16.55 15.88 -26.04
N PRO B 298 -15.79 15.70 -24.96
CA PRO B 298 -14.44 16.28 -24.91
C PRO B 298 -13.55 15.75 -26.04
N VAL B 299 -12.76 16.67 -26.60
CA VAL B 299 -11.84 16.36 -27.69
C VAL B 299 -10.52 17.07 -27.41
N MET B 300 -9.42 16.36 -27.60
CA MET B 300 -8.08 16.94 -27.44
C MET B 300 -7.63 17.56 -28.75
N LEU B 301 -7.21 18.82 -28.69
CA LEU B 301 -6.64 19.52 -29.84
C LEU B 301 -5.15 19.69 -29.59
N ILE B 302 -4.33 19.00 -30.38
CA ILE B 302 -2.88 19.04 -30.23
C ILE B 302 -2.27 19.66 -31.48
N ARG B 303 -1.16 20.36 -31.29
CA ARG B 303 -0.42 20.98 -32.38
C ARG B 303 0.93 20.28 -32.50
N ILE B 304 1.04 19.41 -33.51
CA ILE B 304 2.29 18.70 -33.74
C ILE B 304 3.36 19.68 -34.18
N LYS B 305 4.56 19.51 -33.68
CA LYS B 305 5.67 20.40 -34.05
C LYS B 305 5.95 20.24 -35.55
N PRO B 306 6.18 21.35 -36.26
CA PRO B 306 6.43 21.25 -37.71
C PRO B 306 7.63 20.40 -38.07
N ALA B 307 8.65 20.36 -37.21
CA ALA B 307 9.83 19.53 -37.49
C ALA B 307 9.51 18.04 -37.40
N ASP B 308 8.45 17.67 -36.68
CA ASP B 308 8.05 16.27 -36.54
C ASP B 308 6.90 15.88 -37.45
N MET B 309 6.50 16.77 -38.37
CA MET B 309 5.37 16.48 -39.24
C MET B 309 5.67 15.37 -40.24
N HIS B 310 6.94 15.10 -40.52
CA HIS B 310 7.28 14.04 -41.46
C HIS B 310 7.11 12.65 -40.86
N ARG B 311 6.98 12.53 -39.54
CA ARG B 311 6.78 11.26 -38.88
C ARG B 311 5.31 10.90 -38.70
N VAL B 312 4.40 11.74 -39.16
CA VAL B 312 2.97 11.49 -38.97
C VAL B 312 2.50 10.46 -39.98
N ILE B 313 1.82 9.43 -39.49
CA ILE B 313 1.23 8.39 -40.33
C ILE B 313 -0.28 8.57 -40.31
N LYS B 314 -0.88 8.66 -41.49
CA LYS B 314 -2.30 8.91 -41.63
C LYS B 314 -3.08 7.60 -41.65
N ARG B 315 -4.26 7.61 -41.03
CA ARG B 315 -5.16 6.48 -41.05
C ARG B 315 -6.04 6.53 -42.29
N LYS B 316 -6.41 5.36 -42.79
CA LYS B 316 -7.26 5.30 -43.98
C LYS B 316 -8.62 5.94 -43.70
N GLY B 317 -9.04 6.82 -44.61
CA GLY B 317 -10.26 7.56 -44.44
C GLY B 317 -10.17 8.77 -43.54
N GLN B 318 -8.99 9.05 -42.98
CA GLN B 318 -8.80 10.19 -42.08
C GLN B 318 -7.57 11.00 -42.46
N GLU B 319 -7.12 10.92 -43.71
CA GLU B 319 -5.92 11.64 -44.12
C GLU B 319 -6.12 13.15 -44.07
N SER B 320 -7.30 13.63 -44.48
CA SER B 320 -7.60 15.05 -44.52
C SER B 320 -8.32 15.53 -43.26
N PHE B 321 -8.18 14.81 -42.15
CA PHE B 321 -8.87 15.18 -40.92
C PHE B 321 -8.11 16.21 -40.09
N ASN B 322 -6.93 16.62 -40.52
CA ASN B 322 -6.12 17.58 -39.80
C ASN B 322 -6.07 18.91 -40.55
N PHE B 323 -5.98 19.99 -39.79
CA PHE B 323 -5.78 21.33 -40.36
C PHE B 323 -4.30 21.69 -40.23
N GLY B 324 -3.52 21.18 -41.17
CA GLY B 324 -2.08 21.40 -41.15
C GLY B 324 -1.39 20.63 -40.05
N GLU B 325 -0.88 21.34 -39.04
CA GLU B 325 -0.21 20.73 -37.90
C GLU B 325 -1.12 20.58 -36.69
N LEU B 326 -2.41 20.84 -36.84
CA LEU B 326 -3.37 20.72 -35.75
C LEU B 326 -4.13 19.41 -35.90
N PHE B 327 -4.12 18.60 -34.85
CA PHE B 327 -4.79 17.32 -34.82
C PHE B 327 -5.83 17.31 -33.71
N ALA B 328 -7.00 16.74 -34.00
CA ALA B 328 -8.09 16.65 -33.03
C ALA B 328 -8.39 15.18 -32.77
N TYR B 329 -8.20 14.76 -31.53
CA TYR B 329 -8.48 13.39 -31.11
C TYR B 329 -9.44 13.40 -29.93
N THR B 330 -10.30 12.39 -29.86
CA THR B 330 -11.26 12.31 -28.77
C THR B 330 -10.54 12.12 -27.44
N LYS B 331 -11.07 12.76 -26.40
CA LYS B 331 -10.49 12.66 -25.07
C LYS B 331 -10.90 11.38 -24.35
N VAL B 332 -11.92 10.67 -24.85
CA VAL B 332 -12.41 9.46 -24.22
C VAL B 332 -11.55 8.28 -24.66
N CYS B 333 -10.98 7.57 -23.69
CA CYS B 333 -10.17 6.40 -24.00
C CYS B 333 -11.06 5.30 -24.58
N SER B 334 -10.53 4.62 -25.61
CA SER B 334 -11.28 3.56 -26.28
C SER B 334 -11.41 2.30 -25.43
N HIS B 335 -10.71 2.21 -24.30
CA HIS B 335 -10.74 0.98 -23.52
C HIS B 335 -11.97 0.93 -22.61
N LEU B 336 -12.09 1.87 -21.68
CA LEU B 336 -13.18 1.86 -20.72
C LEU B 336 -13.86 3.21 -20.52
N GLY B 337 -13.44 4.24 -21.26
CA GLY B 337 -14.13 5.52 -21.23
C GLY B 337 -13.50 6.59 -20.39
N CYS B 338 -12.37 6.32 -19.73
CA CYS B 338 -11.71 7.35 -18.95
C CYS B 338 -11.16 8.45 -19.87
N PRO B 339 -11.10 9.68 -19.39
CA PRO B 339 -10.43 10.75 -20.15
C PRO B 339 -8.93 10.50 -20.17
N SER B 340 -8.38 10.31 -21.37
CA SER B 340 -6.95 10.09 -21.55
C SER B 340 -6.34 11.40 -22.04
N SER B 341 -5.89 12.23 -21.09
CA SER B 341 -5.39 13.56 -21.40
C SER B 341 -3.97 13.78 -20.88
N LEU B 342 -3.18 12.74 -20.75
CA LEU B 342 -1.77 12.87 -20.37
C LEU B 342 -0.91 12.87 -21.63
N TYR B 343 -1.04 13.95 -22.40
CA TYR B 343 -0.38 14.07 -23.68
C TYR B 343 1.05 14.58 -23.47
N GLU B 344 2.03 13.75 -23.84
CA GLU B 344 3.43 14.14 -23.78
C GLU B 344 3.82 14.76 -25.11
N GLN B 345 4.36 15.99 -25.06
CA GLN B 345 4.55 16.76 -26.29
C GLN B 345 5.72 16.23 -27.12
N GLN B 346 6.78 15.73 -26.46
CA GLN B 346 7.95 15.29 -27.21
C GLN B 346 7.79 13.86 -27.73
N THR B 347 7.35 12.95 -26.87
CA THR B 347 7.15 11.57 -27.29
C THR B 347 5.85 11.38 -28.06
N TYR B 348 4.98 12.38 -28.08
CA TYR B 348 3.69 12.30 -28.78
C TYR B 348 2.88 11.09 -28.30
N ARG B 349 2.94 10.84 -26.99
CA ARG B 349 2.23 9.69 -26.38
C ARG B 349 1.11 10.18 -25.46
N ILE B 350 -0.13 9.72 -25.72
CA ILE B 350 -1.30 10.08 -24.93
C ILE B 350 -1.54 8.94 -23.93
N LEU B 351 -1.41 9.25 -22.64
CA LEU B 351 -1.48 8.26 -21.59
C LEU B 351 -2.82 8.36 -20.87
N CYS B 352 -3.48 7.22 -20.69
CA CYS B 352 -4.71 7.17 -19.91
C CYS B 352 -4.38 6.89 -18.45
N PRO B 353 -4.78 7.75 -17.51
CA PRO B 353 -4.37 7.57 -16.11
C PRO B 353 -5.10 6.46 -15.38
N CYS B 354 -6.19 5.98 -15.97
CA CYS B 354 -6.95 4.89 -15.31
C CYS B 354 -6.18 3.60 -15.43
N HIS B 355 -5.98 3.06 -16.64
CA HIS B 355 -5.27 1.76 -16.74
C HIS B 355 -4.03 1.85 -17.61
N GLN B 356 -3.35 3.00 -17.60
CA GLN B 356 -2.04 3.21 -18.27
C GLN B 356 -2.01 2.81 -19.75
N SER B 357 -3.01 3.19 -20.52
CA SER B 357 -3.00 2.99 -21.96
C SER B 357 -2.29 4.14 -22.65
N GLN B 358 -1.40 3.81 -23.58
CA GLN B 358 -0.60 4.79 -24.30
C GLN B 358 -0.96 4.76 -25.78
N PHE B 359 -1.19 5.94 -26.36
CA PHE B 359 -1.54 6.08 -27.75
C PHE B 359 -0.51 6.96 -28.45
N ASP B 360 -0.09 6.53 -29.64
CA ASP B 360 0.89 7.27 -30.43
C ASP B 360 0.17 8.32 -31.26
N ALA B 361 0.27 9.58 -30.85
CA ALA B 361 -0.47 10.65 -31.52
C ALA B 361 -0.04 10.81 -32.97
N LEU B 362 1.23 10.52 -33.28
CA LEU B 362 1.68 10.62 -34.67
C LEU B 362 1.01 9.58 -35.54
N GLU B 363 0.83 8.36 -35.04
CA GLU B 363 0.22 7.28 -35.80
C GLU B 363 -1.26 7.16 -35.44
N PHE B 364 -2.01 8.20 -35.83
CA PHE B 364 -3.45 8.31 -35.64
C PHE B 364 -3.94 7.79 -34.29
N ALA B 365 -3.21 8.11 -33.22
CA ALA B 365 -3.57 7.71 -31.86
C ALA B 365 -3.70 6.20 -31.72
N LYS B 366 -2.84 5.47 -32.43
CA LYS B 366 -2.85 4.02 -32.34
C LYS B 366 -2.35 3.59 -30.96
N PRO B 367 -3.03 2.67 -30.28
CA PRO B 367 -2.56 2.23 -28.98
C PRO B 367 -1.24 1.48 -29.09
N ILE B 368 -0.32 1.77 -28.17
CA ILE B 368 0.99 1.14 -28.14
C ILE B 368 1.32 0.53 -26.79
N PHE B 369 0.45 0.67 -25.79
CA PHE B 369 0.68 0.07 -24.48
C PHE B 369 -0.65 -0.01 -23.76
N GLY B 370 -0.69 -0.86 -22.73
CA GLY B 370 -1.87 -1.00 -21.91
C GLY B 370 -2.90 -1.92 -22.51
N PRO B 371 -4.09 -1.97 -21.90
CA PRO B 371 -5.15 -2.86 -22.39
C PRO B 371 -5.96 -2.28 -23.54
N ALA B 372 -5.69 -1.05 -23.97
CA ALA B 372 -6.40 -0.49 -25.12
C ALA B 372 -5.99 -1.21 -26.40
N ALA B 373 -6.97 -1.52 -27.24
CA ALA B 373 -6.72 -2.21 -28.50
C ALA B 373 -7.21 -1.48 -29.73
N ARG B 374 -7.90 -0.35 -29.57
CA ARG B 374 -8.40 0.42 -30.69
C ARG B 374 -7.94 1.87 -30.57
N ALA B 375 -7.66 2.49 -31.71
CA ALA B 375 -7.17 3.86 -31.71
C ALA B 375 -8.29 4.84 -31.37
N LEU B 376 -7.91 5.98 -30.81
CA LEU B 376 -8.87 7.03 -30.51
C LEU B 376 -9.43 7.61 -31.80
N ALA B 377 -10.72 7.91 -31.80
CA ALA B 377 -11.36 8.48 -32.98
C ALA B 377 -10.83 9.88 -33.24
N GLN B 378 -10.65 10.20 -34.53
CA GLN B 378 -10.13 11.48 -34.96
C GLN B 378 -11.26 12.35 -35.47
N LEU B 379 -11.32 13.59 -34.99
CA LEU B 379 -12.35 14.53 -35.41
C LEU B 379 -11.81 15.43 -36.52
N PRO B 380 -12.41 15.44 -37.71
CA PRO B 380 -11.96 16.37 -38.74
C PRO B 380 -12.22 17.81 -38.31
N ILE B 381 -11.26 18.69 -38.62
CA ILE B 381 -11.33 20.08 -38.21
C ILE B 381 -10.95 20.97 -39.39
N THR B 382 -11.39 22.22 -39.31
CA THR B 382 -11.11 23.24 -40.31
C THR B 382 -11.38 24.60 -39.67
N ILE B 383 -11.39 25.65 -40.49
CA ILE B 383 -11.70 27.00 -40.03
C ILE B 383 -12.80 27.57 -40.92
N ASP B 384 -13.60 28.46 -40.33
CA ASP B 384 -14.68 29.12 -41.04
C ASP B 384 -14.15 30.41 -41.67
N GLU B 385 -15.05 31.26 -42.17
CA GLU B 385 -14.64 32.51 -42.78
C GLU B 385 -14.02 33.46 -41.76
N ASP B 386 -14.44 33.37 -40.50
CA ASP B 386 -13.95 34.27 -39.46
C ASP B 386 -12.64 33.79 -38.83
N GLY B 387 -12.11 32.65 -39.25
CA GLY B 387 -10.86 32.15 -38.72
C GLY B 387 -10.98 31.34 -37.45
N TYR B 388 -12.20 30.97 -37.04
CA TYR B 388 -12.40 30.16 -35.85
C TYR B 388 -12.39 28.68 -36.21
N LEU B 389 -11.75 27.87 -35.36
CA LEU B 389 -11.68 26.44 -35.61
C LEU B 389 -13.06 25.81 -35.44
N VAL B 390 -13.48 25.06 -36.47
CA VAL B 390 -14.77 24.38 -36.47
C VAL B 390 -14.56 22.94 -36.92
N ALA B 391 -15.55 22.11 -36.59
CA ALA B 391 -15.49 20.71 -37.01
C ALA B 391 -15.79 20.59 -38.49
N ASN B 392 -15.10 19.65 -39.14
CA ASN B 392 -15.29 19.36 -40.56
C ASN B 392 -16.16 18.13 -40.77
N GLY B 393 -17.13 17.89 -39.88
CA GLY B 393 -18.01 16.76 -39.98
C GLY B 393 -18.06 16.03 -38.65
N ASP B 394 -18.54 14.79 -38.70
CA ASP B 394 -18.67 13.93 -37.54
C ASP B 394 -17.61 12.83 -37.57
N PHE B 395 -17.49 12.14 -36.45
CA PHE B 395 -16.57 11.01 -36.37
C PHE B 395 -16.99 9.91 -37.34
N VAL B 396 -16.00 9.27 -37.97
CA VAL B 396 -16.29 8.17 -38.88
C VAL B 396 -16.48 6.84 -38.15
N GLU B 397 -16.18 6.79 -36.86
CA GLU B 397 -16.33 5.59 -36.06
C GLU B 397 -16.91 5.98 -34.71
N PRO B 398 -17.55 5.03 -34.01
CA PRO B 398 -18.10 5.34 -32.69
C PRO B 398 -17.01 5.75 -31.71
N VAL B 399 -17.38 6.63 -30.78
CA VAL B 399 -16.45 7.21 -29.83
C VAL B 399 -16.70 6.59 -28.46
N GLY B 400 -15.62 6.18 -27.80
CA GLY B 400 -15.71 5.64 -26.46
C GLY B 400 -15.43 4.15 -26.41
N PRO B 401 -15.81 3.51 -25.31
CA PRO B 401 -15.60 2.07 -25.18
C PRO B 401 -16.39 1.28 -26.21
N ALA B 402 -15.84 0.15 -26.60
CA ALA B 402 -16.49 -0.72 -27.57
C ALA B 402 -17.60 -1.53 -26.89
N PHE B 403 -18.53 -2.00 -27.72
CA PHE B 403 -19.63 -2.84 -27.25
C PHE B 403 -19.80 -3.98 -28.24
N TRP B 404 -20.77 -4.86 -27.96
CA TRP B 404 -20.97 -6.04 -28.79
C TRP B 404 -21.41 -5.65 -30.21
N GLU B 405 -22.20 -4.58 -30.33
CA GLU B 405 -22.77 -4.15 -31.63
C GLU B 405 -21.89 -3.11 -32.34
N ARG B 406 -20.65 -2.90 -31.88
CA ARG B 406 -19.77 -1.94 -32.53
C ARG B 406 -19.12 -2.53 -33.76
N LYS B 407 -18.97 -1.70 -34.79
CA LYS B 407 -18.33 -2.06 -36.06
C LYS B 407 -18.77 -3.42 -36.60
N ASP C 4 -32.99 -3.79 49.23
CA ASP C 4 -33.23 -2.73 48.26
C ASP C 4 -32.96 -3.22 46.84
N PHE C 5 -31.72 -3.08 46.39
CA PHE C 5 -31.35 -3.53 45.05
C PHE C 5 -31.46 -5.03 44.92
N ALA C 6 -31.07 -5.77 45.97
CA ALA C 6 -31.19 -7.22 45.93
C ALA C 6 -32.64 -7.67 45.81
N LYS C 7 -33.54 -7.00 46.53
CA LYS C 7 -34.96 -7.34 46.44
C LYS C 7 -35.50 -7.04 45.05
N LEU C 8 -35.08 -5.92 44.46
CA LEU C 8 -35.56 -5.56 43.12
C LEU C 8 -35.13 -6.59 42.08
N ALA C 9 -33.88 -7.07 42.22
CA ALA C 9 -33.32 -8.06 41.28
C ALA C 9 -34.20 -9.33 41.27
N ALA C 10 -34.62 -9.78 42.45
CA ALA C 10 -35.47 -10.99 42.57
C ALA C 10 -36.91 -10.65 42.17
N ALA C 11 -37.33 -9.40 42.42
CA ALA C 11 -38.70 -8.96 42.08
C ALA C 11 -38.90 -9.01 40.56
N GLN C 12 -37.97 -8.41 39.81
CA GLN C 12 -38.05 -8.39 38.31
C GLN C 12 -37.78 -9.79 37.78
N GLY C 13 -36.85 -10.53 38.39
CA GLY C 13 -36.51 -11.87 37.96
C GLY C 13 -37.70 -12.81 38.02
N ASP C 14 -38.45 -12.78 39.12
CA ASP C 14 -39.66 -13.58 39.23
C ASP C 14 -40.73 -13.09 38.27
N ALA C 15 -40.80 -11.78 38.03
CA ALA C 15 -41.80 -11.23 37.11
C ALA C 15 -41.59 -11.74 35.69
N ILE C 16 -40.33 -11.76 35.23
CA ILE C 16 -40.05 -12.27 33.89
C ILE C 16 -40.30 -13.76 33.81
N ASP C 17 -39.89 -14.50 34.83
CA ASP C 17 -40.07 -15.96 34.81
C ASP C 17 -41.54 -16.34 34.85
N SER C 18 -42.35 -15.59 35.61
CA SER C 18 -43.77 -15.92 35.73
C SER C 18 -44.53 -15.70 34.43
N ARG C 19 -43.94 -15.00 33.46
CA ARG C 19 -44.61 -14.68 32.21
C ARG C 19 -44.06 -15.43 31.01
N TYR C 20 -42.73 -15.54 30.89
CA TYR C 20 -42.11 -16.19 29.73
C TYR C 20 -41.36 -17.46 30.08
N HIS C 21 -41.22 -17.79 31.35
CA HIS C 21 -40.39 -18.88 31.87
C HIS C 21 -39.08 -19.03 31.09
N PRO C 22 -38.25 -17.97 31.01
CA PRO C 22 -36.97 -18.04 30.29
C PRO C 22 -35.82 -18.48 31.18
N SER C 23 -36.01 -19.58 31.90
CA SER C 23 -34.99 -20.08 32.82
C SER C 23 -34.11 -21.16 32.19
N ALA C 24 -34.72 -22.20 31.61
CA ALA C 24 -33.93 -23.24 30.96
C ALA C 24 -33.23 -22.71 29.72
N ALA C 25 -33.91 -21.86 28.95
CA ALA C 25 -33.33 -21.33 27.72
C ALA C 25 -32.15 -20.41 28.01
N VAL C 26 -32.31 -19.49 28.96
CA VAL C 26 -31.23 -18.56 29.28
C VAL C 26 -30.05 -19.30 29.88
N ARG C 27 -30.30 -20.24 30.80
CA ARG C 27 -29.22 -20.98 31.43
C ARG C 27 -28.42 -21.77 30.42
N ARG C 28 -29.10 -22.24 29.36
CA ARG C 28 -28.44 -23.03 28.29
C ARG C 28 -27.63 -22.09 27.39
N GLN C 29 -27.86 -20.78 27.52
CA GLN C 29 -27.14 -19.76 26.71
C GLN C 29 -26.03 -19.13 27.54
N LEU C 30 -26.16 -19.19 28.88
CA LEU C 30 -25.14 -18.61 29.80
C LEU C 30 -24.18 -19.71 30.25
N ASN C 31 -24.32 -20.92 29.68
CA ASN C 31 -23.44 -22.07 30.03
C ASN C 31 -22.67 -22.53 28.79
N LYS C 32 -22.97 -21.94 27.63
CA LYS C 32 -22.30 -22.31 26.39
C LYS C 32 -20.81 -21.99 26.49
N VAL C 33 -19.99 -22.92 26.00
CA VAL C 33 -18.54 -22.83 26.13
C VAL C 33 -17.95 -22.42 24.79
N PHE C 34 -17.10 -21.40 24.80
CA PHE C 34 -16.40 -20.93 23.61
C PHE C 34 -14.90 -21.01 23.84
N PRO C 35 -14.12 -21.52 22.89
CA PRO C 35 -12.66 -21.55 23.06
C PRO C 35 -12.09 -20.14 23.11
N THR C 36 -10.97 -20.00 23.83
CA THR C 36 -10.37 -18.71 24.10
C THR C 36 -9.18 -18.40 23.19
N HIS C 37 -9.08 -19.07 22.04
CA HIS C 37 -7.97 -18.81 21.14
C HIS C 37 -8.05 -17.40 20.57
N TRP C 38 -6.89 -16.80 20.35
CA TRP C 38 -6.83 -15.42 19.89
C TRP C 38 -7.41 -15.29 18.48
N SER C 39 -7.16 -16.27 17.61
CA SER C 39 -7.63 -16.19 16.24
C SER C 39 -9.15 -16.28 16.13
N PHE C 40 -9.83 -16.73 17.20
CA PHE C 40 -11.28 -16.84 17.17
C PHE C 40 -11.96 -15.49 17.39
N LEU C 41 -11.21 -14.45 17.72
CA LEU C 41 -11.76 -13.11 17.83
C LEU C 41 -11.68 -12.33 16.52
N LEU C 42 -11.09 -12.92 15.48
CA LEU C 42 -10.96 -12.22 14.20
C LEU C 42 -12.32 -11.93 13.58
N GLY C 43 -13.25 -12.89 13.68
CA GLY C 43 -14.57 -12.68 13.14
C GLY C 43 -15.39 -11.65 13.89
N GLU C 44 -15.07 -11.42 15.16
CA GLU C 44 -15.79 -10.39 15.92
C GLU C 44 -15.44 -8.99 15.43
N ILE C 45 -14.23 -8.80 14.93
CA ILE C 45 -13.84 -7.48 14.41
C ILE C 45 -14.71 -7.09 13.23
N ALA C 46 -14.97 -8.03 12.33
CA ALA C 46 -15.87 -7.75 11.21
C ALA C 46 -17.28 -7.47 11.71
N LEU C 47 -17.75 -8.23 12.70
CA LEU C 47 -19.08 -7.98 13.25
C LEU C 47 -19.15 -6.63 13.95
N TYR C 48 -18.11 -6.29 14.72
CA TYR C 48 -18.10 -5.00 15.40
C TYR C 48 -18.02 -3.84 14.42
N SER C 49 -17.25 -4.00 13.34
CA SER C 49 -17.14 -2.95 12.34
C SER C 49 -18.47 -2.72 11.64
N PHE C 50 -19.23 -3.79 11.39
CA PHE C 50 -20.53 -3.65 10.76
C PHE C 50 -21.49 -2.86 11.65
N ILE C 51 -21.46 -3.11 12.96
CA ILE C 51 -22.32 -2.39 13.88
C ILE C 51 -21.97 -0.90 13.87
N ILE C 52 -20.67 -0.58 13.88
CA ILE C 52 -20.25 0.82 13.81
C ILE C 52 -20.69 1.44 12.49
N LEU C 53 -20.64 0.67 11.40
CA LEU C 53 -21.14 1.15 10.12
C LEU C 53 -22.63 1.43 10.18
N LEU C 54 -23.38 0.57 10.87
CA LEU C 54 -24.82 0.80 11.01
C LEU C 54 -25.10 2.09 11.77
N LEU C 55 -24.38 2.34 12.86
CA LEU C 55 -24.62 3.52 13.68
C LEU C 55 -24.22 4.79 12.94
N THR C 56 -23.03 4.80 12.35
CA THR C 56 -22.58 5.99 11.61
C THR C 56 -23.35 6.17 10.31
N GLY C 57 -23.76 5.07 9.68
CA GLY C 57 -24.51 5.18 8.44
C GLY C 57 -25.88 5.83 8.63
N VAL C 58 -26.55 5.50 9.75
CA VAL C 58 -27.83 6.12 10.04
C VAL C 58 -27.69 7.63 10.21
N TRP C 59 -26.62 8.06 10.88
CA TRP C 59 -26.38 9.48 11.08
C TRP C 59 -26.16 10.19 9.74
N LEU C 60 -25.45 9.55 8.81
CA LEU C 60 -25.17 10.20 7.53
C LEU C 60 -26.42 10.35 6.68
N THR C 61 -27.39 9.45 6.84
CA THR C 61 -28.61 9.51 6.03
C THR C 61 -29.48 10.71 6.38
N LEU C 62 -29.23 11.37 7.51
CA LEU C 62 -30.03 12.52 7.92
C LEU C 62 -29.59 13.82 7.27
N PHE C 63 -28.47 13.82 6.54
CA PHE C 63 -27.96 15.02 5.91
C PHE C 63 -27.60 14.86 4.44
N PHE C 64 -27.73 13.66 3.88
CA PHE C 64 -27.31 13.38 2.52
C PHE C 64 -28.49 13.46 1.58
N ASP C 65 -28.31 14.18 0.47
CA ASP C 65 -29.32 14.27 -0.59
C ASP C 65 -28.80 13.57 -1.83
N PRO C 66 -29.26 12.35 -2.13
CA PRO C 66 -28.75 11.59 -3.29
C PRO C 66 -29.38 11.99 -4.62
N SER C 67 -28.91 13.09 -5.18
CA SER C 67 -29.44 13.60 -6.44
C SER C 67 -28.29 13.97 -7.37
N MET C 68 -28.55 13.85 -8.67
CA MET C 68 -27.59 14.23 -9.70
C MET C 68 -27.95 15.55 -10.35
N ALA C 69 -28.95 16.26 -9.84
CA ALA C 69 -29.31 17.55 -10.39
C ALA C 69 -28.23 18.58 -10.11
N HIS C 70 -27.82 19.31 -11.14
CA HIS C 70 -26.74 20.27 -11.00
C HIS C 70 -27.21 21.50 -10.25
N VAL C 71 -26.40 21.95 -9.28
CA VAL C 71 -26.67 23.15 -8.50
C VAL C 71 -25.38 23.95 -8.40
N THR C 72 -25.50 25.18 -7.92
CA THR C 72 -24.37 26.09 -7.75
C THR C 72 -24.03 26.17 -6.27
N TYR C 73 -22.74 25.96 -5.96
CA TYR C 73 -22.31 25.93 -4.58
C TYR C 73 -22.34 27.32 -3.96
N ASP C 74 -22.92 27.41 -2.76
CA ASP C 74 -22.92 28.65 -1.99
C ASP C 74 -22.60 28.40 -0.52
N GLY C 75 -21.76 27.41 -0.25
CA GLY C 75 -21.41 27.03 1.10
C GLY C 75 -20.23 27.81 1.64
N VAL C 76 -19.65 27.29 2.72
CA VAL C 76 -18.53 27.98 3.36
C VAL C 76 -17.21 27.70 2.66
N TYR C 77 -17.10 26.62 1.88
CA TYR C 77 -15.85 26.25 1.25
C TYR C 77 -15.51 27.24 0.14
N GLN C 78 -14.54 28.11 0.40
CA GLN C 78 -14.15 29.12 -0.58
C GLN C 78 -13.64 28.54 -1.89
N PRO C 79 -12.75 27.52 -1.92
CA PRO C 79 -12.20 27.07 -3.20
C PRO C 79 -13.22 26.43 -4.13
N LEU C 80 -14.49 26.34 -3.71
CA LEU C 80 -15.50 25.76 -4.58
C LEU C 80 -16.73 26.65 -4.75
N ARG C 81 -16.65 27.94 -4.44
CA ARG C 81 -17.79 28.82 -4.58
C ARG C 81 -18.15 29.00 -6.05
N GLY C 82 -19.43 28.82 -6.37
CA GLY C 82 -19.92 28.97 -7.72
C GLY C 82 -19.73 27.78 -8.63
N VAL C 83 -18.97 26.78 -8.21
CA VAL C 83 -18.71 25.62 -9.06
C VAL C 83 -19.98 24.78 -9.16
N GLN C 84 -20.36 24.45 -10.40
CA GLN C 84 -21.53 23.62 -10.62
C GLN C 84 -21.28 22.20 -10.15
N MET C 85 -22.25 21.63 -9.43
CA MET C 85 -22.12 20.30 -8.88
C MET C 85 -23.51 19.73 -8.62
N SER C 86 -23.55 18.41 -8.43
CA SER C 86 -24.80 17.73 -8.13
C SER C 86 -25.16 17.89 -6.65
N ARG C 87 -26.42 17.61 -6.33
CA ARG C 87 -26.86 17.67 -4.94
C ARG C 87 -26.17 16.64 -4.08
N ALA C 88 -25.75 15.51 -4.66
CA ALA C 88 -25.01 14.52 -3.90
C ALA C 88 -23.67 15.07 -3.41
N TYR C 89 -23.01 15.84 -4.27
CA TYR C 89 -21.70 16.46 -3.92
C TYR C 89 -21.94 17.73 -3.09
N GLU C 90 -23.14 18.33 -3.23
CA GLU C 90 -23.51 19.56 -2.50
C GLU C 90 -23.69 19.23 -1.00
N THR C 91 -24.44 18.19 -0.70
CA THR C 91 -24.67 17.79 0.69
C THR C 91 -23.49 17.06 1.29
N ALA C 92 -22.68 16.39 0.46
CA ALA C 92 -21.48 15.74 0.97
C ALA C 92 -20.50 16.77 1.54
N LEU C 93 -20.38 17.93 0.89
CA LEU C 93 -19.59 19.02 1.45
C LEU C 93 -20.27 19.61 2.68
N ASP C 94 -21.61 19.66 2.69
CA ASP C 94 -22.33 20.19 3.84
C ASP C 94 -22.07 19.34 5.08
N ILE C 95 -22.03 18.02 4.92
CA ILE C 95 -21.79 17.13 6.06
C ILE C 95 -20.42 17.42 6.67
N SER C 96 -19.39 17.56 5.82
CA SER C 96 -18.03 17.75 6.31
C SER C 96 -17.72 19.19 6.72
N PHE C 97 -18.55 20.15 6.33
CA PHE C 97 -18.27 21.55 6.64
C PHE C 97 -19.37 22.25 7.41
N GLU C 98 -20.64 22.02 7.04
CA GLU C 98 -21.74 22.76 7.64
C GLU C 98 -22.38 22.06 8.82
N VAL C 99 -21.97 20.83 9.14
CA VAL C 99 -22.54 20.07 10.25
C VAL C 99 -21.42 19.80 11.25
N ARG C 100 -21.69 20.15 12.52
CA ARG C 100 -20.71 19.94 13.62
C ARG C 100 -20.51 18.43 13.82
N GLY C 101 -19.28 17.96 13.67
CA GLY C 101 -18.99 16.55 13.81
C GLY C 101 -19.27 15.70 12.59
N GLY C 102 -19.77 16.30 11.51
CA GLY C 102 -20.07 15.52 10.32
C GLY C 102 -18.84 14.94 9.66
N LEU C 103 -17.75 15.71 9.62
CA LEU C 103 -16.50 15.20 9.06
C LEU C 103 -15.98 14.04 9.89
N PHE C 104 -16.07 14.15 11.22
CA PHE C 104 -15.62 13.06 12.10
C PHE C 104 -16.44 11.80 11.87
N VAL C 105 -17.77 11.95 11.74
CA VAL C 105 -18.62 10.79 11.48
C VAL C 105 -18.34 10.23 10.09
N ARG C 106 -18.16 11.11 9.11
CA ARG C 106 -17.87 10.65 7.75
C ARG C 106 -16.54 9.89 7.69
N GLN C 107 -15.52 10.39 8.40
CA GLN C 107 -14.23 9.73 8.38
C GLN C 107 -14.25 8.41 9.14
N VAL C 108 -14.94 8.37 10.28
CA VAL C 108 -15.06 7.12 11.03
C VAL C 108 -15.82 6.09 10.21
N HIS C 109 -16.89 6.48 9.52
CA HIS C 109 -17.68 5.55 8.68
C HIS C 109 -16.80 4.98 7.58
N HIS C 110 -15.98 5.79 6.93
CA HIS C 110 -15.14 5.27 5.85
C HIS C 110 -14.05 4.36 6.40
N TRP C 111 -13.46 4.72 7.54
CA TRP C 111 -12.47 3.85 8.17
C TRP C 111 -13.11 2.55 8.65
N ALA C 112 -14.35 2.64 9.16
CA ALA C 112 -15.06 1.44 9.60
C ALA C 112 -15.29 0.48 8.44
N ALA C 113 -15.59 1.02 7.25
CA ALA C 113 -15.76 0.17 6.08
C ALA C 113 -14.45 -0.54 5.72
N LEU C 114 -13.33 0.17 5.82
CA LEU C 114 -12.04 -0.44 5.53
C LEU C 114 -11.71 -1.54 6.54
N MET C 115 -12.00 -1.30 7.82
CA MET C 115 -11.81 -2.35 8.81
C MET C 115 -12.72 -3.54 8.55
N PHE C 116 -13.96 -3.27 8.14
CA PHE C 116 -14.90 -4.34 7.83
C PHE C 116 -14.41 -5.20 6.69
N ALA C 117 -13.89 -4.57 5.62
CA ALA C 117 -13.39 -5.33 4.49
C ALA C 117 -12.10 -6.06 4.85
N ALA C 118 -11.21 -5.41 5.60
CA ALA C 118 -9.94 -6.05 5.96
C ALA C 118 -10.15 -7.19 6.94
N SER C 119 -11.08 -7.04 7.89
CA SER C 119 -11.32 -8.08 8.87
C SER C 119 -11.85 -9.35 8.23
N ILE C 120 -12.71 -9.21 7.21
CA ILE C 120 -13.24 -10.37 6.51
C ILE C 120 -12.12 -11.15 5.83
N MET C 121 -11.19 -10.44 5.19
CA MET C 121 -10.08 -11.11 4.52
C MET C 121 -9.20 -11.86 5.52
N VAL C 122 -8.88 -11.23 6.65
CA VAL C 122 -8.08 -11.90 7.67
C VAL C 122 -8.85 -13.08 8.27
N HIS C 123 -10.13 -12.85 8.55
CA HIS C 123 -11.01 -13.92 9.09
C HIS C 123 -11.16 -15.05 8.07
N LEU C 124 -11.21 -14.73 6.78
CA LEU C 124 -11.28 -15.75 5.73
C LEU C 124 -10.00 -16.59 5.71
N ALA C 125 -8.85 -15.96 5.98
CA ALA C 125 -7.60 -16.70 6.00
C ALA C 125 -7.60 -17.76 7.09
N ARG C 126 -8.07 -17.41 8.28
CA ARG C 126 -8.09 -18.38 9.37
C ARG C 126 -9.02 -19.55 9.07
N ILE C 127 -10.19 -19.27 8.49
CA ILE C 127 -11.12 -20.33 8.14
C ILE C 127 -10.51 -21.25 7.10
N PHE C 128 -9.85 -20.68 6.10
CA PHE C 128 -9.28 -21.48 5.01
C PHE C 128 -8.11 -22.34 5.51
N PHE C 129 -7.18 -21.72 6.24
CA PHE C 129 -5.95 -22.42 6.59
C PHE C 129 -6.14 -23.43 7.72
N THR C 130 -7.10 -23.18 8.62
CA THR C 130 -7.35 -24.09 9.73
C THR C 130 -8.36 -25.17 9.39
N GLY C 131 -8.95 -25.14 8.20
CA GLY C 131 -9.89 -26.17 7.81
C GLY C 131 -11.25 -26.08 8.46
N ALA C 132 -11.64 -24.89 8.93
CA ALA C 132 -12.95 -24.73 9.56
C ALA C 132 -14.10 -24.84 8.58
N PHE C 133 -13.83 -24.82 7.28
CA PHE C 133 -14.87 -24.90 6.26
C PHE C 133 -15.34 -26.33 6.03
N ARG C 134 -14.69 -27.33 6.62
CA ARG C 134 -15.00 -28.72 6.32
C ARG C 134 -16.34 -29.11 6.93
N ARG C 135 -16.70 -30.38 6.76
CA ARG C 135 -17.95 -30.89 7.28
C ARG C 135 -17.97 -30.76 8.80
N PRO C 136 -19.08 -30.29 9.40
CA PRO C 136 -20.34 -29.93 8.75
C PRO C 136 -20.54 -28.43 8.58
N ARG C 137 -19.52 -27.72 8.10
CA ARG C 137 -19.59 -26.27 7.94
C ARG C 137 -19.37 -25.85 6.49
N GLU C 138 -19.78 -26.70 5.53
CA GLU C 138 -19.67 -26.34 4.13
C GLU C 138 -20.59 -25.16 3.80
N ALA C 139 -21.84 -25.22 4.27
CA ALA C 139 -22.77 -24.13 4.03
C ALA C 139 -22.37 -22.88 4.79
N ASN C 140 -21.71 -23.05 5.95
CA ASN C 140 -21.24 -21.90 6.72
C ASN C 140 -20.17 -21.13 5.95
N TRP C 141 -19.29 -21.85 5.25
CA TRP C 141 -18.30 -21.19 4.39
C TRP C 141 -18.99 -20.47 3.23
N VAL C 142 -20.02 -21.08 2.64
CA VAL C 142 -20.70 -20.48 1.50
C VAL C 142 -21.37 -19.17 1.90
N ILE C 143 -22.03 -19.17 3.07
CA ILE C 143 -22.68 -17.95 3.55
C ILE C 143 -21.66 -16.84 3.79
N GLY C 144 -20.52 -17.19 4.41
CA GLY C 144 -19.48 -16.19 4.61
C GLY C 144 -18.91 -15.67 3.31
N SER C 145 -18.76 -16.53 2.31
CA SER C 145 -18.23 -16.11 1.02
C SER C 145 -19.14 -15.07 0.36
N LEU C 146 -20.46 -15.28 0.45
CA LEU C 146 -21.39 -14.29 -0.08
C LEU C 146 -21.29 -12.97 0.66
N LEU C 147 -21.02 -13.02 1.97
CA LEU C 147 -20.85 -11.80 2.75
C LEU C 147 -19.64 -10.99 2.26
N LEU C 148 -18.54 -11.68 1.93
CA LEU C 148 -17.37 -10.98 1.42
C LEU C 148 -17.67 -10.31 0.08
N ILE C 149 -18.38 -11.00 -0.81
CA ILE C 149 -18.74 -10.42 -2.10
C ILE C 149 -19.67 -9.23 -1.91
N LEU C 150 -20.66 -9.37 -1.02
CA LEU C 150 -21.61 -8.29 -0.79
C LEU C 150 -20.92 -7.08 -0.15
N ALA C 151 -19.95 -7.33 0.73
CA ALA C 151 -19.27 -6.23 1.40
C ALA C 151 -18.49 -5.36 0.41
N MET C 152 -17.83 -5.99 -0.55
CA MET C 152 -17.04 -5.23 -1.52
C MET C 152 -17.93 -4.33 -2.38
N PHE C 153 -19.05 -4.87 -2.86
CA PHE C 153 -19.95 -4.07 -3.70
C PHE C 153 -20.65 -3.00 -2.88
N GLU C 154 -21.01 -3.31 -1.63
CA GLU C 154 -21.61 -2.31 -0.75
C GLU C 154 -20.66 -1.14 -0.52
N GLY C 155 -19.38 -1.44 -0.23
CA GLY C 155 -18.42 -0.37 -0.06
C GLY C 155 -18.15 0.39 -1.34
N PHE C 156 -18.14 -0.32 -2.48
CA PHE C 156 -17.94 0.34 -3.77
C PHE C 156 -19.06 1.33 -4.05
N PHE C 157 -20.30 0.96 -3.74
CA PHE C 157 -21.41 1.90 -3.84
C PHE C 157 -21.35 2.96 -2.75
N GLY C 158 -20.52 2.76 -1.72
CA GLY C 158 -20.46 3.71 -0.63
C GLY C 158 -19.79 5.02 -1.01
N TYR C 159 -18.57 4.94 -1.55
CA TYR C 159 -17.83 6.15 -1.90
C TYR C 159 -18.22 6.71 -3.26
N SER C 160 -19.09 6.02 -4.01
CA SER C 160 -19.63 6.58 -5.23
C SER C 160 -20.81 7.51 -4.97
N LEU C 161 -21.39 7.46 -3.78
CA LEU C 161 -22.50 8.35 -3.45
C LEU C 161 -22.14 9.83 -3.47
N PRO C 162 -21.02 10.29 -2.89
CA PRO C 162 -20.75 11.73 -2.88
C PRO C 162 -20.63 12.35 -4.27
N ASP C 163 -20.49 11.54 -5.32
CA ASP C 163 -20.37 12.04 -6.69
C ASP C 163 -19.18 13.01 -6.77
N ASP C 164 -17.99 12.45 -6.56
CA ASP C 164 -16.75 13.18 -6.70
C ASP C 164 -16.02 12.73 -7.96
N LEU C 165 -15.02 13.52 -8.36
CA LEU C 165 -14.33 13.24 -9.61
C LEU C 165 -13.47 11.98 -9.51
N LEU C 166 -12.95 11.67 -8.33
CA LEU C 166 -12.15 10.47 -8.15
C LEU C 166 -12.99 9.21 -8.31
N SER C 167 -14.11 9.12 -7.58
CA SER C 167 -14.96 7.94 -7.66
C SER C 167 -15.83 7.95 -8.91
N GLY C 168 -16.22 9.12 -9.39
CA GLY C 168 -16.96 9.19 -10.64
C GLY C 168 -16.17 8.62 -11.81
N THR C 169 -14.85 8.87 -11.82
CA THR C 169 -13.99 8.22 -12.80
C THR C 169 -13.99 6.71 -12.62
N GLY C 170 -13.96 6.25 -11.37
CA GLY C 170 -14.05 4.82 -11.11
C GLY C 170 -15.39 4.24 -11.53
N ILE C 171 -16.47 4.98 -11.29
CA ILE C 171 -17.79 4.55 -11.74
C ILE C 171 -17.83 4.47 -13.26
N ARG C 172 -17.32 5.51 -13.92
CA ARG C 172 -17.37 5.57 -15.39
C ARG C 172 -16.64 4.40 -16.02
N ALA C 173 -15.46 4.06 -15.51
CA ALA C 173 -14.74 2.94 -16.06
C ALA C 173 -15.40 1.63 -15.65
N ALA C 174 -15.36 1.32 -14.35
CA ALA C 174 -15.74 -0.01 -13.88
C ALA C 174 -17.21 -0.31 -14.13
N LEU C 175 -18.11 0.58 -13.69
CA LEU C 175 -19.53 0.27 -13.75
C LEU C 175 -20.09 0.38 -15.16
N SER C 176 -19.51 1.24 -16.00
CA SER C 176 -20.07 1.51 -17.32
C SER C 176 -19.34 0.75 -18.44
N GLY C 177 -18.02 0.96 -18.58
CA GLY C 177 -17.32 0.42 -19.73
C GLY C 177 -17.28 -1.10 -19.74
N ILE C 178 -17.08 -1.71 -18.56
CA ILE C 178 -17.09 -3.15 -18.47
C ILE C 178 -18.48 -3.70 -18.74
N THR C 179 -19.52 -3.04 -18.20
CA THR C 179 -20.88 -3.51 -18.38
C THR C 179 -21.31 -3.42 -19.84
N MET C 180 -20.95 -2.34 -20.53
CA MET C 180 -21.32 -2.19 -21.92
C MET C 180 -20.49 -3.05 -22.85
N GLY C 181 -19.32 -3.51 -22.40
CA GLY C 181 -18.46 -4.38 -23.18
C GLY C 181 -18.83 -5.85 -23.14
N ILE C 182 -19.85 -6.20 -22.37
CA ILE C 182 -20.28 -7.63 -22.23
C ILE C 182 -20.92 -8.07 -23.55
N PRO C 183 -20.73 -9.33 -24.02
CA PRO C 183 -21.32 -9.78 -25.28
C PRO C 183 -22.85 -9.84 -25.25
N VAL C 184 -23.45 -9.76 -26.45
CA VAL C 184 -24.93 -9.77 -26.72
C VAL C 184 -25.72 -8.88 -25.75
N ILE C 185 -25.85 -9.27 -24.48
CA ILE C 185 -26.66 -8.48 -23.50
C ILE C 185 -25.74 -7.66 -22.59
N GLY C 186 -24.88 -6.80 -23.16
CA GLY C 186 -24.03 -5.93 -22.34
C GLY C 186 -24.55 -4.52 -22.25
N THR C 187 -25.07 -3.96 -23.35
CA THR C 187 -25.60 -2.58 -23.34
C THR C 187 -27.03 -2.57 -22.84
N TRP C 188 -27.66 -3.73 -22.73
CA TRP C 188 -29.03 -3.81 -22.20
C TRP C 188 -28.94 -3.66 -20.69
N MET C 189 -27.93 -4.27 -20.07
CA MET C 189 -27.79 -4.14 -18.60
C MET C 189 -27.38 -2.72 -18.29
N HIS C 190 -26.45 -2.18 -19.04
CA HIS C 190 -26.02 -0.81 -18.77
C HIS C 190 -27.20 0.16 -18.86
N TRP C 191 -27.99 0.02 -19.92
CA TRP C 191 -29.18 0.88 -20.15
C TRP C 191 -30.18 0.68 -19.02
N ALA C 192 -30.34 -0.55 -18.56
CA ALA C 192 -31.31 -0.83 -17.50
C ALA C 192 -30.83 -0.30 -16.16
N LEU C 193 -29.54 -0.44 -15.85
CA LEU C 193 -29.03 -0.02 -14.56
C LEU C 193 -28.92 1.51 -14.46
N PHE C 194 -28.43 2.15 -15.51
CA PHE C 194 -28.23 3.60 -15.49
C PHE C 194 -29.47 4.37 -15.90
N GLY C 195 -30.54 3.69 -16.33
CA GLY C 195 -31.72 4.39 -16.80
C GLY C 195 -31.50 5.25 -18.02
N GLY C 196 -30.48 4.94 -18.80
CA GLY C 196 -30.09 5.74 -19.94
C GLY C 196 -28.58 5.65 -20.14
N ASP C 197 -28.04 6.65 -20.81
CA ASP C 197 -26.61 6.71 -21.05
C ASP C 197 -25.90 7.32 -19.84
N PHE C 198 -24.60 7.03 -19.74
CA PHE C 198 -23.81 7.56 -18.65
C PHE C 198 -23.73 9.08 -18.76
N PRO C 199 -23.85 9.82 -17.64
CA PRO C 199 -24.10 9.27 -16.31
C PRO C 199 -25.59 9.12 -15.97
N GLY C 200 -26.45 9.66 -16.82
CA GLY C 200 -27.88 9.59 -16.55
C GLY C 200 -28.29 10.52 -15.41
N GLU C 201 -29.47 10.23 -14.86
CA GLU C 201 -29.99 10.99 -13.72
C GLU C 201 -30.50 10.11 -12.60
N ILE C 202 -30.41 8.78 -12.72
CA ILE C 202 -30.97 7.86 -11.73
C ILE C 202 -29.92 6.99 -11.07
N LEU C 203 -28.66 7.06 -11.48
CA LEU C 203 -27.64 6.16 -10.94
C LEU C 203 -27.45 6.39 -9.44
N ILE C 204 -27.21 7.65 -9.05
CA ILE C 204 -26.93 7.93 -7.64
C ILE C 204 -28.12 7.58 -6.73
N PRO C 205 -29.35 7.99 -7.02
CA PRO C 205 -30.47 7.55 -6.14
C PRO C 205 -30.62 6.04 -6.08
N ARG C 206 -30.45 5.36 -7.20
CA ARG C 206 -30.52 3.89 -7.20
C ARG C 206 -29.37 3.30 -6.39
N LEU C 207 -28.16 3.82 -6.56
CA LEU C 207 -27.03 3.35 -5.77
C LEU C 207 -27.24 3.66 -4.29
N TYR C 208 -27.80 4.84 -3.98
CA TYR C 208 -28.07 5.19 -2.59
C TYR C 208 -29.06 4.22 -1.96
N ALA C 209 -30.12 3.89 -2.68
CA ALA C 209 -31.10 2.94 -2.16
C ALA C 209 -30.47 1.57 -1.95
N LEU C 210 -29.76 1.07 -2.98
CA LEU C 210 -29.12 -0.24 -2.87
C LEU C 210 -28.10 -0.28 -1.75
N HIS C 211 -27.47 0.87 -1.43
CA HIS C 211 -26.39 0.94 -0.40
C HIS C 211 -26.92 1.21 1.00
N ILE C 212 -28.11 1.77 1.15
CA ILE C 212 -28.57 2.03 2.50
C ILE C 212 -29.64 1.04 2.94
N LEU C 213 -30.36 0.43 2.00
CA LEU C 213 -31.45 -0.46 2.36
C LEU C 213 -31.25 -1.90 1.89
N LEU C 214 -31.00 -2.10 0.60
CA LEU C 214 -31.05 -3.45 0.03
C LEU C 214 -29.84 -4.29 0.44
N ILE C 215 -28.64 -3.87 0.02
CA ILE C 215 -27.45 -4.66 0.29
C ILE C 215 -27.17 -4.79 1.79
N PRO C 216 -27.20 -3.71 2.59
CA PRO C 216 -27.04 -3.91 4.04
C PRO C 216 -28.12 -4.78 4.65
N GLY C 217 -29.34 -4.73 4.11
CA GLY C 217 -30.38 -5.61 4.61
C GLY C 217 -30.07 -7.08 4.36
N ILE C 218 -29.54 -7.39 3.18
CA ILE C 218 -29.13 -8.76 2.88
C ILE C 218 -27.94 -9.16 3.75
N ILE C 219 -27.00 -8.23 3.96
CA ILE C 219 -25.83 -8.53 4.77
C ILE C 219 -26.23 -8.84 6.20
N LEU C 220 -27.13 -8.04 6.77
CA LEU C 220 -27.59 -8.29 8.14
C LEU C 220 -28.31 -9.62 8.24
N ALA C 221 -29.14 -9.95 7.23
CA ALA C 221 -29.81 -11.25 7.22
C ALA C 221 -28.80 -12.38 7.11
N LEU C 222 -27.80 -12.22 6.25
CA LEU C 222 -26.76 -13.25 6.11
C LEU C 222 -25.91 -13.33 7.38
N ILE C 223 -25.59 -12.19 7.99
CA ILE C 223 -24.83 -12.20 9.23
C ILE C 223 -25.61 -12.90 10.33
N GLY C 224 -26.91 -12.62 10.43
CA GLY C 224 -27.72 -13.27 11.43
C GLY C 224 -27.77 -14.78 11.26
N ALA C 225 -27.95 -15.25 10.03
CA ALA C 225 -27.86 -16.68 9.76
C ALA C 225 -26.46 -17.20 10.03
N HIS C 226 -25.43 -16.44 9.68
CA HIS C 226 -24.02 -16.84 9.92
C HIS C 226 -23.79 -16.95 11.43
N LEU C 227 -24.15 -15.95 12.21
CA LEU C 227 -23.92 -16.01 13.66
C LEU C 227 -24.77 -17.10 14.30
N ALA C 228 -26.02 -17.25 13.86
CA ALA C 228 -26.87 -18.30 14.41
C ALA C 228 -26.28 -19.68 14.13
N LEU C 229 -25.76 -19.88 12.92
CA LEU C 229 -25.16 -21.16 12.58
C LEU C 229 -23.91 -21.43 13.42
N VAL C 230 -23.07 -20.41 13.60
CA VAL C 230 -21.88 -20.60 14.44
C VAL C 230 -22.28 -20.90 15.87
N TRP C 231 -23.29 -20.19 16.39
CA TRP C 231 -23.69 -20.36 17.78
C TRP C 231 -24.33 -21.72 18.02
N PHE C 232 -25.16 -22.19 17.10
CA PHE C 232 -25.90 -23.47 17.32
C PHE C 232 -25.19 -24.69 16.74
N GLN C 233 -24.30 -24.51 15.78
CA GLN C 233 -23.58 -25.66 15.20
C GLN C 233 -22.24 -25.86 15.91
N LYS C 234 -21.98 -25.03 16.91
CA LYS C 234 -20.82 -25.01 17.84
C LYS C 234 -19.56 -24.49 17.14
N HIS C 235 -18.55 -24.18 17.91
CA HIS C 235 -17.28 -23.59 17.50
C HIS C 235 -16.17 -24.62 17.58
N THR C 236 -15.39 -24.73 16.49
CA THR C 236 -14.24 -25.68 16.42
C THR C 236 -13.12 -25.18 17.33
N GLN C 237 -12.27 -26.08 17.80
CA GLN C 237 -11.16 -25.77 18.74
C GLN C 237 -9.90 -26.50 18.25
N PHE C 238 -8.74 -25.89 18.45
CA PHE C 238 -7.47 -26.49 18.08
C PHE C 238 -7.19 -27.71 18.94
N PRO C 239 -6.48 -28.71 18.40
CA PRO C 239 -6.12 -29.86 19.22
C PRO C 239 -5.20 -29.46 20.36
N GLY C 240 -5.35 -30.16 21.49
CA GLY C 240 -4.59 -29.88 22.67
C GLY C 240 -4.95 -30.79 23.83
N PRO C 241 -4.44 -30.47 25.01
CA PRO C 241 -4.76 -31.29 26.21
C PRO C 241 -6.23 -31.17 26.56
N GLY C 242 -6.93 -32.30 26.56
CA GLY C 242 -8.34 -32.35 26.88
C GLY C 242 -9.27 -31.99 25.75
N ARG C 243 -8.71 -31.70 24.57
CA ARG C 243 -9.52 -31.34 23.38
C ARG C 243 -9.77 -32.58 22.53
N THR C 244 -11.05 -32.91 22.28
CA THR C 244 -11.42 -34.10 21.46
C THR C 244 -12.25 -33.62 20.26
N GLU C 245 -13.12 -34.50 19.74
CA GLU C 245 -13.97 -34.16 18.57
C GLU C 245 -15.45 -34.29 18.97
N THR C 246 -15.71 -34.40 20.28
CA THR C 246 -17.10 -34.52 20.80
C THR C 246 -17.26 -33.68 22.06
N ASN C 247 -16.46 -32.62 22.19
CA ASN C 247 -16.53 -31.72 23.38
C ASN C 247 -15.79 -30.41 23.08
N VAL C 248 -16.24 -29.32 23.70
CA VAL C 248 -15.62 -27.97 23.50
C VAL C 248 -14.88 -27.58 24.79
N VAL C 249 -13.66 -27.07 24.67
CA VAL C 249 -12.86 -26.68 25.83
C VAL C 249 -12.62 -25.18 25.76
N GLY C 250 -12.97 -24.48 26.84
CA GLY C 250 -12.81 -23.04 26.90
C GLY C 250 -13.42 -22.45 28.15
N VAL C 251 -14.18 -21.36 27.99
CA VAL C 251 -14.85 -20.72 29.11
C VAL C 251 -16.32 -20.56 28.77
N ARG C 252 -17.15 -20.52 29.80
CA ARG C 252 -18.57 -20.29 29.60
C ARG C 252 -18.83 -18.84 29.20
N VAL C 253 -20.03 -18.58 28.68
CA VAL C 253 -20.37 -17.22 28.27
C VAL C 253 -20.35 -16.28 29.48
N MET C 254 -21.21 -16.55 30.45
CA MET C 254 -21.29 -15.71 31.64
C MET C 254 -20.24 -16.17 32.65
N PRO C 255 -19.36 -15.29 33.12
CA PRO C 255 -19.24 -13.90 32.67
C PRO C 255 -17.99 -13.63 31.84
N VAL C 256 -17.15 -14.65 31.66
CA VAL C 256 -15.84 -14.45 31.05
C VAL C 256 -15.97 -14.03 29.59
N PHE C 257 -16.79 -14.76 28.83
CA PHE C 257 -16.89 -14.47 27.40
C PHE C 257 -17.67 -13.19 27.14
N ALA C 258 -18.71 -12.93 27.93
CA ALA C 258 -19.48 -11.70 27.76
C ALA C 258 -18.62 -10.47 28.03
N VAL C 259 -17.82 -10.50 29.10
CA VAL C 259 -16.93 -9.39 29.40
C VAL C 259 -15.87 -9.24 28.31
N LYS C 260 -15.27 -10.36 27.89
CA LYS C 260 -14.23 -10.29 26.86
C LYS C 260 -14.79 -9.78 25.54
N SER C 261 -15.97 -10.26 25.13
CA SER C 261 -16.58 -9.80 23.89
C SER C 261 -16.99 -8.34 24.00
N GLY C 262 -17.57 -7.94 25.13
CA GLY C 262 -17.95 -6.55 25.30
C GLY C 262 -16.76 -5.61 25.35
N ALA C 263 -15.70 -6.02 26.05
CA ALA C 263 -14.49 -5.20 26.10
C ALA C 263 -13.83 -5.09 24.74
N PHE C 264 -13.83 -6.18 23.97
CA PHE C 264 -13.24 -6.13 22.63
C PHE C 264 -14.00 -5.17 21.72
N PHE C 265 -15.32 -5.09 21.88
CA PHE C 265 -16.10 -4.11 21.13
C PHE C 265 -15.69 -2.68 21.46
N ALA C 266 -15.47 -2.40 22.75
CA ALA C 266 -15.06 -1.06 23.15
C ALA C 266 -13.71 -0.69 22.54
N MET C 267 -12.77 -1.63 22.51
CA MET C 267 -11.43 -1.32 22.03
C MET C 267 -11.40 -1.20 20.51
N ILE C 268 -12.21 -2.00 19.81
CA ILE C 268 -12.34 -1.83 18.35
C ILE C 268 -12.93 -0.47 18.02
N THR C 269 -13.96 -0.06 18.78
CA THR C 269 -14.54 1.26 18.55
C THR C 269 -13.52 2.36 18.81
N GLY C 270 -12.69 2.21 19.85
CA GLY C 270 -11.66 3.19 20.12
C GLY C 270 -10.63 3.28 19.01
N VAL C 271 -10.21 2.13 18.47
CA VAL C 271 -9.24 2.13 17.37
C VAL C 271 -9.83 2.82 16.15
N LEU C 272 -11.08 2.49 15.81
CA LEU C 272 -11.73 3.15 14.68
C LEU C 272 -12.00 4.62 14.98
N GLY C 273 -12.39 4.92 16.23
CA GLY C 273 -12.63 6.32 16.59
C GLY C 273 -11.37 7.16 16.54
N LEU C 274 -10.24 6.60 16.98
CA LEU C 274 -8.98 7.33 16.92
C LEU C 274 -8.55 7.58 15.48
N MET C 275 -8.66 6.57 14.62
CA MET C 275 -8.21 6.72 13.24
C MET C 275 -9.08 7.70 12.47
N GLY C 276 -10.39 7.69 12.73
CA GLY C 276 -11.28 8.68 12.14
C GLY C 276 -11.01 10.09 12.59
N GLY C 277 -10.33 10.26 13.72
CA GLY C 277 -9.97 11.58 14.20
C GLY C 277 -8.48 11.80 14.26
N LEU C 278 -7.71 11.03 13.49
CA LEU C 278 -6.27 11.26 13.38
C LEU C 278 -5.73 11.15 11.97
N LEU C 279 -6.47 10.56 11.03
CA LEU C 279 -6.02 10.39 9.65
C LEU C 279 -7.11 10.87 8.71
N THR C 280 -6.74 11.72 7.76
CA THR C 280 -7.70 12.19 6.77
C THR C 280 -7.99 11.10 5.75
N ILE C 281 -9.28 10.81 5.54
CA ILE C 281 -9.70 9.79 4.60
C ILE C 281 -10.75 10.39 3.66
N ASN C 282 -10.57 10.17 2.36
CA ASN C 282 -11.45 10.66 1.31
C ASN C 282 -11.73 12.15 1.44
N PRO C 283 -10.75 13.02 1.18
CA PRO C 283 -10.99 14.47 1.22
C PRO C 283 -11.70 14.95 -0.05
N ILE C 284 -13.02 14.80 -0.06
CA ILE C 284 -13.81 15.05 -1.26
C ILE C 284 -13.73 16.50 -1.71
N TRP C 285 -13.62 17.44 -0.76
CA TRP C 285 -13.52 18.84 -1.13
C TRP C 285 -12.28 19.12 -1.97
N ASN C 286 -11.16 18.46 -1.65
CA ASN C 286 -9.97 18.55 -2.47
C ASN C 286 -10.12 17.84 -3.81
N LEU C 287 -11.15 17.00 -3.96
CA LEU C 287 -11.31 16.20 -5.16
C LEU C 287 -12.14 16.88 -6.24
N GLY C 288 -13.16 17.65 -5.86
CA GLY C 288 -13.96 18.37 -6.81
C GLY C 288 -15.12 17.56 -7.35
N PRO C 289 -16.12 18.22 -7.90
CA PRO C 289 -17.27 17.51 -8.48
C PRO C 289 -16.85 16.75 -9.73
N TYR C 290 -17.61 15.69 -10.02
CA TYR C 290 -17.30 14.84 -11.16
C TYR C 290 -17.70 15.52 -12.46
N LYS C 291 -16.77 15.56 -13.42
CA LYS C 291 -17.03 16.03 -14.76
C LYS C 291 -16.45 15.01 -15.74
N PRO C 292 -17.17 14.65 -16.80
CA PRO C 292 -16.62 13.68 -17.77
C PRO C 292 -15.40 14.19 -18.50
N SER C 293 -15.16 15.50 -18.51
CA SER C 293 -14.01 16.08 -19.19
C SER C 293 -12.78 16.19 -18.29
N GLN C 294 -12.87 15.77 -17.03
CA GLN C 294 -11.78 15.88 -16.08
C GLN C 294 -11.41 14.50 -15.54
N VAL C 295 -10.12 14.31 -15.29
CA VAL C 295 -9.61 13.02 -14.83
C VAL C 295 -8.36 13.30 -14.00
N SER C 296 -7.89 12.27 -13.27
CA SER C 296 -6.68 12.39 -12.47
C SER C 296 -5.87 11.11 -12.58
N ALA C 297 -4.56 11.26 -12.34
CA ALA C 297 -3.71 10.10 -12.13
C ALA C 297 -3.95 9.52 -10.74
N GLY C 298 -3.66 8.23 -10.60
CA GLY C 298 -3.93 7.56 -9.35
C GLY C 298 -5.40 7.43 -9.02
N SER C 299 -6.22 7.05 -10.00
CA SER C 299 -7.65 6.85 -9.79
C SER C 299 -7.95 5.43 -9.32
N GLN C 300 -7.27 5.02 -8.24
CA GLN C 300 -7.48 3.69 -7.70
C GLN C 300 -8.77 3.61 -6.89
N PRO C 301 -9.43 2.46 -6.90
CA PRO C 301 -10.54 2.25 -5.96
C PRO C 301 -10.02 1.88 -4.58
N ASP C 302 -10.92 1.52 -3.67
CA ASP C 302 -10.51 1.13 -2.33
C ASP C 302 -9.74 -0.20 -2.38
N PHE C 303 -9.03 -0.49 -1.30
CA PHE C 303 -8.05 -1.57 -1.30
C PHE C 303 -8.68 -2.92 -1.58
N TYR C 304 -9.86 -3.20 -1.00
CA TYR C 304 -10.60 -4.42 -1.27
C TYR C 304 -11.12 -4.52 -2.70
N MET C 305 -11.13 -3.43 -3.46
CA MET C 305 -11.48 -3.47 -4.87
C MET C 305 -10.30 -3.21 -5.78
N MET C 306 -9.10 -3.07 -5.23
CA MET C 306 -7.92 -2.79 -6.05
C MET C 306 -7.55 -3.98 -6.92
N TRP C 307 -7.75 -5.21 -6.42
CA TRP C 307 -7.42 -6.38 -7.22
C TRP C 307 -8.29 -6.46 -8.47
N THR C 308 -9.53 -5.96 -8.40
CA THR C 308 -10.36 -5.89 -9.60
C THR C 308 -9.77 -4.93 -10.62
N ASP C 309 -9.33 -3.75 -10.18
CA ASP C 309 -8.72 -2.79 -11.09
C ASP C 309 -7.34 -3.26 -11.55
N GLY C 310 -6.60 -3.94 -10.67
CA GLY C 310 -5.31 -4.47 -11.06
C GLY C 310 -5.38 -5.50 -12.16
N LEU C 311 -6.44 -6.31 -12.16
CA LEU C 311 -6.63 -7.28 -13.24
C LEU C 311 -6.86 -6.59 -14.57
N ILE C 312 -7.57 -5.47 -14.57
CA ILE C 312 -7.81 -4.72 -15.79
C ILE C 312 -6.50 -4.19 -16.36
N ARG C 313 -5.65 -3.63 -15.50
CA ARG C 313 -4.39 -3.07 -15.96
C ARG C 313 -3.45 -4.14 -16.50
N LEU C 314 -3.38 -5.28 -15.82
CA LEU C 314 -2.39 -6.29 -16.18
C LEU C 314 -2.77 -7.07 -17.42
N TRP C 315 -4.06 -7.38 -17.53
CA TRP C 315 -4.56 -8.20 -18.66
C TRP C 315 -4.19 -7.53 -19.98
N PRO C 316 -3.70 -8.27 -20.98
CA PRO C 316 -3.31 -7.67 -22.25
C PRO C 316 -4.48 -7.19 -23.12
N ALA C 317 -4.19 -6.45 -24.18
CA ALA C 317 -5.25 -5.96 -25.09
C ALA C 317 -5.68 -7.09 -26.02
N TRP C 318 -6.45 -8.05 -25.51
CA TRP C 318 -6.89 -9.20 -26.32
C TRP C 318 -8.37 -9.07 -26.63
N GLU C 319 -8.71 -8.63 -27.84
CA GLU C 319 -10.12 -8.51 -28.24
C GLU C 319 -10.35 -9.39 -29.46
N PHE C 320 -11.59 -9.81 -29.67
CA PHE C 320 -11.94 -10.63 -30.84
C PHE C 320 -13.05 -9.88 -31.57
N TYR C 321 -13.04 -9.84 -32.89
CA TYR C 321 -14.08 -9.08 -33.63
C TYR C 321 -14.85 -10.04 -34.54
N PRO C 322 -15.69 -10.94 -33.99
CA PRO C 322 -16.38 -11.94 -34.81
C PRO C 322 -17.60 -11.52 -35.62
N PHE C 323 -17.45 -11.42 -36.93
CA PHE C 323 -18.53 -11.10 -37.89
C PHE C 323 -19.21 -9.77 -37.58
N GLY C 324 -18.46 -8.68 -37.59
CA GLY C 324 -19.05 -7.34 -37.40
C GLY C 324 -19.32 -6.98 -35.96
N HIS C 325 -18.95 -7.83 -35.01
CA HIS C 325 -19.21 -7.56 -33.57
C HIS C 325 -17.90 -7.27 -32.86
N THR C 326 -17.92 -7.06 -31.56
CA THR C 326 -16.66 -6.71 -30.84
C THR C 326 -16.71 -7.29 -29.43
N ILE C 327 -15.64 -7.93 -28.99
CA ILE C 327 -15.56 -8.43 -27.59
C ILE C 327 -14.40 -7.68 -26.96
N PRO C 328 -14.60 -6.58 -26.23
CA PRO C 328 -13.49 -5.84 -25.64
C PRO C 328 -12.65 -6.50 -24.54
N GLN C 329 -11.62 -5.81 -24.07
CA GLN C 329 -10.73 -6.38 -23.03
C GLN C 329 -11.47 -6.45 -21.68
N GLY C 330 -12.65 -5.86 -21.54
CA GLY C 330 -13.40 -5.96 -20.29
C GLY C 330 -14.08 -7.29 -20.07
N VAL C 331 -14.32 -8.05 -21.15
CA VAL C 331 -14.93 -9.36 -21.01
C VAL C 331 -14.01 -10.29 -20.24
N TRP C 332 -12.69 -10.17 -20.47
CA TRP C 332 -11.74 -11.01 -19.74
C TRP C 332 -11.81 -10.74 -18.24
N VAL C 333 -11.91 -9.47 -17.85
CA VAL C 333 -12.00 -9.13 -16.43
C VAL C 333 -13.33 -9.58 -15.86
N ALA C 334 -14.42 -9.39 -16.60
CA ALA C 334 -15.73 -9.78 -16.10
C ALA C 334 -15.83 -11.29 -15.89
N VAL C 335 -15.30 -12.07 -16.84
CA VAL C 335 -15.33 -13.53 -16.70
C VAL C 335 -14.38 -13.97 -15.61
N GLY C 336 -13.18 -13.40 -15.56
CA GLY C 336 -12.22 -13.77 -14.52
C GLY C 336 -12.71 -13.42 -13.13
N MET C 337 -13.43 -12.30 -12.99
CA MET C 337 -13.98 -11.93 -11.70
C MET C 337 -15.00 -12.95 -11.21
N GLY C 338 -15.88 -13.40 -12.10
CA GLY C 338 -16.85 -14.41 -11.73
C GLY C 338 -16.20 -15.74 -11.42
N LEU C 339 -15.13 -16.07 -12.13
CA LEU C 339 -14.42 -17.32 -11.88
C LEU C 339 -13.81 -17.35 -10.48
N VAL C 340 -13.26 -16.23 -10.04
CA VAL C 340 -12.68 -16.16 -8.69
C VAL C 340 -13.75 -16.38 -7.64
N PHE C 341 -14.90 -15.71 -7.80
CA PHE C 341 -15.99 -15.88 -6.84
C PHE C 341 -16.52 -17.31 -6.85
N ALA C 342 -16.64 -17.92 -8.02
CA ALA C 342 -17.12 -19.30 -8.10
C ALA C 342 -16.14 -20.26 -7.43
N LEU C 343 -14.84 -20.06 -7.64
CA LEU C 343 -13.85 -20.92 -7.01
C LEU C 343 -13.82 -20.73 -5.50
N LEU C 344 -13.96 -19.49 -5.03
CA LEU C 344 -13.94 -19.23 -3.60
C LEU C 344 -15.12 -19.86 -2.89
N ILE C 345 -16.32 -19.77 -3.49
CA ILE C 345 -17.52 -20.30 -2.85
C ILE C 345 -17.48 -21.82 -2.80
N ALA C 346 -17.04 -22.46 -3.88
CA ALA C 346 -17.13 -23.91 -4.03
C ALA C 346 -15.85 -24.63 -3.62
N TYR C 347 -14.96 -23.96 -2.90
CA TYR C 347 -13.71 -24.60 -2.51
C TYR C 347 -13.89 -25.83 -1.62
N PRO C 348 -14.72 -25.80 -0.56
CA PRO C 348 -14.83 -27.00 0.29
C PRO C 348 -15.26 -28.25 -0.48
N PHE C 349 -16.20 -28.09 -1.42
CA PHE C 349 -16.63 -29.24 -2.21
C PHE C 349 -15.51 -29.73 -3.12
N ILE C 350 -14.73 -28.79 -3.69
CA ILE C 350 -13.61 -29.18 -4.54
C ILE C 350 -12.59 -29.98 -3.72
N GLU C 351 -12.31 -29.49 -2.51
CA GLU C 351 -11.34 -30.13 -1.59
C GLU C 351 -11.82 -31.53 -1.19
N LYS C 352 -13.12 -31.66 -0.88
CA LYS C 352 -13.65 -32.95 -0.47
C LYS C 352 -13.76 -33.92 -1.63
N LYS C 353 -13.87 -33.40 -2.86
CA LYS C 353 -13.85 -34.28 -4.03
C LYS C 353 -12.44 -34.73 -4.35
N VAL C 354 -11.45 -33.84 -4.20
CA VAL C 354 -10.06 -34.18 -4.52
C VAL C 354 -9.45 -35.05 -3.43
N THR C 355 -9.54 -34.61 -2.18
CA THR C 355 -8.93 -35.38 -1.09
C THR C 355 -9.76 -36.63 -0.75
N GLY C 356 -11.06 -36.58 -1.00
CA GLY C 356 -11.92 -37.70 -0.65
C GLY C 356 -12.32 -37.77 0.80
N ASP C 357 -11.97 -36.77 1.59
CA ASP C 357 -12.29 -36.75 3.02
C ASP C 357 -13.67 -36.14 3.22
N ASP C 358 -14.62 -36.97 3.62
CA ASP C 358 -16.01 -36.55 3.86
C ASP C 358 -16.47 -36.99 5.24
N ALA C 359 -15.63 -36.78 6.24
CA ALA C 359 -15.91 -37.18 7.61
C ALA C 359 -16.20 -35.96 8.47
N HIS C 360 -16.87 -36.21 9.60
CA HIS C 360 -17.15 -35.16 10.55
C HIS C 360 -15.87 -34.61 11.14
N HIS C 361 -15.75 -33.29 11.18
CA HIS C 361 -14.54 -32.63 11.67
C HIS C 361 -14.92 -31.55 12.66
N ASN C 362 -14.35 -31.62 13.86
CA ASN C 362 -14.54 -30.59 14.88
C ASN C 362 -13.23 -30.00 15.38
N LEU C 363 -12.10 -30.64 15.11
CA LEU C 363 -10.79 -30.14 15.52
C LEU C 363 -10.10 -29.50 14.32
N LEU C 364 -9.59 -28.29 14.51
CA LEU C 364 -8.92 -27.58 13.43
C LEU C 364 -7.58 -28.22 13.11
N GLN C 365 -7.10 -27.95 11.90
CA GLN C 365 -5.79 -28.40 11.44
C GLN C 365 -4.83 -27.23 11.44
N ARG C 366 -3.65 -27.44 11.99
CA ARG C 366 -2.62 -26.42 11.92
C ARG C 366 -2.20 -26.23 10.46
N PRO C 367 -1.95 -25.00 10.03
CA PRO C 367 -1.57 -24.79 8.62
C PRO C 367 -0.32 -25.54 8.19
N ARG C 368 0.62 -25.77 9.11
CA ARG C 368 1.81 -26.54 8.77
C ARG C 368 1.50 -28.02 8.54
N ASP C 369 0.40 -28.52 9.11
CA ASP C 369 0.05 -29.93 8.97
C ASP C 369 -0.65 -30.24 7.65
N VAL C 370 -1.05 -29.23 6.89
CA VAL C 370 -1.69 -29.43 5.59
C VAL C 370 -0.90 -28.61 4.57
N PRO C 371 0.25 -29.10 4.11
CA PRO C 371 1.10 -28.28 3.23
C PRO C 371 0.44 -27.88 1.92
N VAL C 372 -0.40 -28.74 1.34
CA VAL C 372 -0.97 -28.44 0.03
C VAL C 372 -1.95 -27.27 0.12
N ARG C 373 -2.84 -27.31 1.10
CA ARG C 373 -3.81 -26.22 1.26
C ARG C 373 -3.10 -24.94 1.68
N THR C 374 -2.10 -25.04 2.55
CA THR C 374 -1.32 -23.85 2.94
C THR C 374 -0.61 -23.24 1.74
N ALA C 375 -0.03 -24.09 0.88
CA ALA C 375 0.63 -23.59 -0.32
C ALA C 375 -0.38 -22.96 -1.27
N ILE C 376 -1.54 -23.59 -1.43
CA ILE C 376 -2.57 -23.04 -2.31
C ILE C 376 -3.07 -21.71 -1.78
N GLY C 377 -3.31 -21.62 -0.47
CA GLY C 377 -3.75 -20.37 0.11
C GLY C 377 -2.70 -19.28 0.03
N SER C 378 -1.43 -19.64 0.26
CA SER C 378 -0.35 -18.68 0.10
C SER C 378 -0.23 -18.23 -1.36
N MET C 379 -0.46 -19.15 -2.29
CA MET C 379 -0.46 -18.79 -3.70
C MET C 379 -1.57 -17.80 -4.01
N ALA C 380 -2.78 -18.05 -3.47
CA ALA C 380 -3.89 -17.14 -3.70
C ALA C 380 -3.63 -15.77 -3.06
N ILE C 381 -3.05 -15.76 -1.85
CA ILE C 381 -2.75 -14.49 -1.19
C ILE C 381 -1.70 -13.72 -1.98
N ALA C 382 -0.69 -14.43 -2.50
CA ALA C 382 0.33 -13.76 -3.32
C ALA C 382 -0.28 -13.18 -4.59
N LEU C 383 -1.16 -13.93 -5.24
CA LEU C 383 -1.81 -13.41 -6.44
C LEU C 383 -2.67 -12.20 -6.12
N TYR C 384 -3.40 -12.24 -5.02
CA TYR C 384 -4.22 -11.10 -4.62
C TYR C 384 -3.36 -9.88 -4.32
N LEU C 385 -2.24 -10.08 -3.63
CA LEU C 385 -1.34 -8.97 -3.32
C LEU C 385 -0.74 -8.38 -4.59
N LEU C 386 -0.34 -9.23 -5.53
CA LEU C 386 0.21 -8.73 -6.78
C LEU C 386 -0.84 -7.95 -7.57
N LEU C 387 -2.08 -8.44 -7.60
CA LEU C 387 -3.15 -7.71 -8.29
C LEU C 387 -3.42 -6.38 -7.61
N THR C 388 -3.42 -6.36 -6.27
CA THR C 388 -3.68 -5.12 -5.55
C THR C 388 -2.57 -4.10 -5.79
N PHE C 389 -1.31 -4.53 -5.75
CA PHE C 389 -0.21 -3.60 -5.99
C PHE C 389 -0.08 -3.21 -7.45
N ALA C 390 -0.61 -4.03 -8.37
CA ALA C 390 -0.63 -3.63 -9.78
C ALA C 390 -1.57 -2.45 -10.00
N CYS C 391 -2.68 -2.40 -9.25
CA CYS C 391 -3.57 -1.24 -9.33
C CYS C 391 -2.87 0.03 -8.88
N MET C 392 -1.90 -0.08 -7.98
CA MET C 392 -1.18 1.07 -7.45
C MET C 392 0.17 1.24 -8.12
N ASN C 393 0.33 0.72 -9.34
CA ASN C 393 1.64 0.75 -10.00
C ASN C 393 2.08 2.17 -10.33
N ASP C 394 1.14 3.02 -10.75
CA ASP C 394 1.52 4.38 -11.14
C ASP C 394 2.05 5.18 -9.96
N ILE C 395 1.43 5.06 -8.79
CA ILE C 395 1.94 5.75 -7.62
C ILE C 395 3.26 5.11 -7.16
N ILE C 396 3.34 3.78 -7.21
CA ILE C 396 4.59 3.11 -6.90
C ILE C 396 5.69 3.55 -7.87
N ALA C 397 5.34 3.70 -9.14
CA ALA C 397 6.31 4.17 -10.13
C ALA C 397 6.82 5.56 -9.79
N LEU C 398 5.92 6.46 -9.37
CA LEU C 398 6.31 7.83 -9.08
C LEU C 398 7.10 7.92 -7.78
N LYS C 399 6.63 7.24 -6.72
CA LYS C 399 7.29 7.34 -5.43
C LYS C 399 8.61 6.57 -5.40
N PHE C 400 8.63 5.36 -5.96
CA PHE C 400 9.77 4.48 -5.84
C PHE C 400 10.70 4.54 -7.05
N HIS C 401 10.45 5.47 -7.98
CA HIS C 401 11.31 5.70 -9.15
C HIS C 401 11.47 4.41 -9.97
N ILE C 402 10.36 3.95 -10.52
CA ILE C 402 10.31 2.78 -11.38
C ILE C 402 9.57 3.16 -12.66
N SER C 403 10.02 2.61 -13.79
CA SER C 403 9.34 2.87 -15.04
C SER C 403 7.93 2.29 -15.01
N LEU C 404 6.98 3.07 -15.54
CA LEU C 404 5.59 2.62 -15.55
C LEU C 404 5.40 1.38 -16.42
N ASN C 405 6.10 1.33 -17.56
CA ASN C 405 6.07 0.12 -18.38
C ASN C 405 6.66 -1.07 -17.63
N ALA C 406 7.70 -0.82 -16.83
CA ALA C 406 8.29 -1.90 -16.03
C ALA C 406 7.29 -2.43 -15.01
N THR C 407 6.56 -1.54 -14.33
CA THR C 407 5.61 -1.98 -13.31
C THR C 407 4.51 -2.83 -13.92
N THR C 408 4.00 -2.43 -15.10
CA THR C 408 2.97 -3.22 -15.76
C THR C 408 3.48 -4.59 -16.15
N TRP C 409 4.70 -4.66 -16.69
CA TRP C 409 5.25 -5.94 -17.13
C TRP C 409 5.75 -6.77 -15.95
N ILE C 410 6.19 -6.14 -14.86
CA ILE C 410 6.55 -6.88 -13.66
C ILE C 410 5.31 -7.58 -13.10
N GLY C 411 4.20 -6.86 -13.02
CA GLY C 411 2.95 -7.49 -12.60
C GLY C 411 2.44 -8.50 -13.62
N ARG C 412 2.66 -8.24 -14.91
CA ARG C 412 2.21 -9.16 -15.94
C ARG C 412 2.96 -10.49 -15.86
N ILE C 413 4.30 -10.44 -15.82
CA ILE C 413 5.07 -11.66 -15.69
C ILE C 413 4.91 -12.25 -14.30
N GLY C 414 4.88 -11.39 -13.27
CA GLY C 414 4.70 -11.87 -11.91
C GLY C 414 3.32 -12.43 -11.62
N MET C 415 2.35 -12.14 -12.47
CA MET C 415 1.00 -12.68 -12.27
C MET C 415 0.98 -14.20 -12.35
N VAL C 416 1.92 -14.80 -13.08
CA VAL C 416 2.02 -16.25 -13.17
C VAL C 416 3.29 -16.79 -12.50
N VAL C 417 4.40 -16.06 -12.54
CA VAL C 417 5.65 -16.55 -11.96
C VAL C 417 5.59 -16.52 -10.44
N LEU C 418 5.18 -15.40 -9.87
CA LEU C 418 5.15 -15.27 -8.42
C LEU C 418 4.24 -16.28 -7.73
N PRO C 419 3.01 -16.54 -8.19
CA PRO C 419 2.21 -17.59 -7.54
C PRO C 419 2.88 -18.95 -7.56
N ALA C 420 3.60 -19.28 -8.63
CA ALA C 420 4.31 -20.54 -8.68
C ALA C 420 5.45 -20.58 -7.65
N ILE C 421 6.19 -19.48 -7.52
CA ILE C 421 7.29 -19.43 -6.56
C ILE C 421 6.75 -19.54 -5.14
N VAL C 422 5.67 -18.82 -4.84
CA VAL C 422 5.11 -18.82 -3.49
C VAL C 422 4.57 -20.18 -3.13
N TYR C 423 3.96 -20.88 -4.10
CA TYR C 423 3.46 -22.23 -3.84
C TYR C 423 4.60 -23.16 -3.45
N PHE C 424 5.71 -23.10 -4.16
CA PHE C 424 6.84 -23.97 -3.83
C PHE C 424 7.43 -23.63 -2.47
N VAL C 425 7.58 -22.34 -2.16
CA VAL C 425 8.15 -21.95 -0.88
C VAL C 425 7.22 -22.35 0.26
N ALA C 426 5.91 -22.09 0.10
CA ALA C 426 4.96 -22.40 1.15
C ALA C 426 4.86 -23.90 1.38
N TYR C 427 4.91 -24.69 0.31
CA TYR C 427 4.86 -26.14 0.46
C TYR C 427 6.06 -26.67 1.24
N ARG C 428 7.25 -26.15 0.93
CA ARG C 428 8.45 -26.56 1.66
C ARG C 428 8.45 -26.00 3.07
N TRP C 429 7.99 -24.75 3.23
CA TRP C 429 7.96 -24.14 4.56
C TRP C 429 7.02 -24.89 5.49
N ALA C 430 5.84 -25.28 4.99
CA ALA C 430 4.88 -26.00 5.83
C ALA C 430 5.42 -27.35 6.27
N ILE C 431 6.06 -28.05 5.33
CA ILE C 431 6.65 -29.40 5.61
C ILE C 431 7.88 -29.20 6.51
N SER C 432 8.60 -28.09 6.32
CA SER C 432 9.81 -27.79 7.14
C SER C 432 9.40 -27.56 8.60
N LEU C 433 8.24 -26.93 8.81
CA LEU C 433 7.74 -26.66 10.19
C LEU C 433 7.45 -27.99 10.89
N GLN C 434 6.91 -28.96 10.15
CA GLN C 434 6.58 -30.30 10.72
C GLN C 434 7.88 -30.96 11.21
N ARG C 435 8.96 -30.84 10.45
CA ARG C 435 10.27 -31.42 10.83
C ARG C 435 10.77 -30.74 12.11
N SER C 436 10.57 -29.43 12.23
CA SER C 436 11.01 -28.66 13.41
C SER C 436 10.28 -29.18 14.66
N ASP C 437 9.02 -29.57 14.51
CA ASP C 437 8.22 -30.13 15.61
C ASP C 437 8.71 -31.54 15.91
N ARG C 438 9.09 -32.29 14.88
CA ARG C 438 9.55 -33.67 15.12
C ARG C 438 10.85 -33.63 15.91
N GLU C 439 11.67 -32.60 15.75
CA GLU C 439 12.94 -32.52 16.46
C GLU C 439 12.71 -32.36 17.96
N VAL C 440 11.75 -31.53 18.35
CA VAL C 440 11.47 -31.33 19.78
C VAL C 440 10.91 -32.60 20.39
N LEU C 441 10.09 -33.35 19.64
CA LEU C 441 9.46 -34.55 20.18
C LEU C 441 10.50 -35.61 20.52
N GLU C 442 11.48 -35.82 19.64
CA GLU C 442 12.46 -36.88 19.82
C GLU C 442 13.73 -36.44 20.52
N HIS C 443 13.89 -35.15 20.81
CA HIS C 443 15.09 -34.66 21.46
C HIS C 443 14.83 -33.69 22.60
N GLY C 444 13.61 -33.21 22.79
CA GLY C 444 13.32 -32.27 23.84
C GLY C 444 13.59 -30.84 23.42
N VAL C 445 13.32 -29.93 24.34
CA VAL C 445 13.51 -28.50 24.10
C VAL C 445 14.97 -28.15 24.31
N GLU C 446 15.57 -27.50 23.32
CA GLU C 446 16.96 -27.06 23.44
C GLU C 446 17.04 -25.89 24.40
N THR C 447 17.72 -26.10 25.55
CA THR C 447 17.82 -25.05 26.55
C THR C 447 18.78 -23.94 26.13
N GLY C 448 19.63 -24.19 25.14
CA GLY C 448 20.62 -23.21 24.73
C GLY C 448 21.87 -23.18 25.58
N ILE C 449 21.99 -24.06 26.56
CA ILE C 449 23.16 -24.10 27.44
C ILE C 449 24.13 -25.14 26.89
N ILE C 450 25.35 -24.70 26.58
CA ILE C 450 26.39 -25.57 26.05
C ILE C 450 27.31 -25.96 27.19
N LYS C 451 27.53 -27.27 27.36
CA LYS C 451 28.37 -27.81 28.40
C LYS C 451 29.53 -28.58 27.77
N ARG C 452 30.73 -28.33 28.27
CA ARG C 452 31.94 -29.02 27.76
C ARG C 452 32.21 -30.23 28.66
N LEU C 453 32.22 -31.44 28.07
CA LEU C 453 32.50 -32.66 28.81
C LEU C 453 34.00 -32.75 29.14
N PRO C 454 34.36 -33.54 30.14
CA PRO C 454 35.79 -33.64 30.51
C PRO C 454 36.70 -34.07 29.37
N HIS C 455 36.21 -34.87 28.43
CA HIS C 455 37.02 -35.29 27.29
C HIS C 455 36.97 -34.29 26.14
N GLY C 456 36.26 -33.18 26.30
CA GLY C 456 36.20 -32.15 25.29
C GLY C 456 34.94 -32.14 24.44
N ALA C 457 33.99 -33.02 24.72
CA ALA C 457 32.75 -33.03 23.95
C ALA C 457 31.90 -31.82 24.29
N TYR C 458 31.35 -31.20 23.26
CA TYR C 458 30.43 -30.08 23.41
C TYR C 458 29.01 -30.58 23.19
N VAL C 459 28.17 -30.47 24.23
CA VAL C 459 26.80 -30.93 24.16
C VAL C 459 25.88 -29.80 24.64
N GLU C 460 24.64 -29.84 24.18
CA GLU C 460 23.62 -28.87 24.55
C GLU C 460 22.61 -29.54 25.46
N LEU C 461 22.31 -28.90 26.59
CA LEU C 461 21.34 -29.47 27.53
C LEU C 461 19.95 -29.42 26.92
N HIS C 462 19.25 -30.55 26.96
CA HIS C 462 17.91 -30.68 26.42
C HIS C 462 16.92 -30.97 27.54
N GLN C 463 15.75 -30.35 27.45
CA GLN C 463 14.71 -30.57 28.45
C GLN C 463 13.68 -31.54 27.88
N PRO C 464 13.62 -32.77 28.37
CA PRO C 464 12.62 -33.72 27.85
C PRO C 464 11.21 -33.25 28.13
N LEU C 465 10.32 -33.51 27.17
CA LEU C 465 8.90 -33.17 27.31
C LEU C 465 8.09 -34.30 27.91
N GLY C 466 8.70 -35.46 28.17
CA GLY C 466 7.99 -36.60 28.70
C GLY C 466 8.90 -37.51 29.49
N PRO C 467 8.59 -38.81 29.51
CA PRO C 467 9.42 -39.76 30.25
C PRO C 467 10.76 -40.00 29.57
N VAL C 468 11.72 -40.45 30.37
CA VAL C 468 13.10 -40.66 29.91
C VAL C 468 13.41 -42.16 29.97
N ASP C 469 14.26 -42.63 29.06
CA ASP C 469 14.66 -44.03 29.02
C ASP C 469 15.81 -44.26 30.01
N GLU C 470 16.48 -45.40 29.87
CA GLU C 470 17.56 -45.80 30.78
C GLU C 470 18.53 -44.65 31.09
N HIS C 471 19.15 -44.08 30.07
CA HIS C 471 20.06 -42.95 30.27
C HIS C 471 19.41 -41.63 29.90
N GLY C 472 20.21 -40.56 29.82
CA GLY C 472 19.72 -39.20 29.67
C GLY C 472 18.71 -38.94 28.56
N HIS C 473 18.90 -39.59 27.40
CA HIS C 473 18.03 -39.36 26.25
C HIS C 473 16.60 -39.77 26.55
N PRO C 474 15.61 -38.97 26.16
CA PRO C 474 14.22 -39.32 26.47
C PRO C 474 13.59 -40.24 25.44
N ILE C 475 12.41 -40.77 25.73
CA ILE C 475 11.66 -41.56 24.75
C ILE C 475 10.86 -40.61 23.89
N PRO C 476 10.90 -40.76 22.56
CA PRO C 476 10.21 -39.80 21.68
C PRO C 476 8.70 -39.86 21.83
N LEU C 477 8.07 -38.69 21.92
CA LEU C 477 6.62 -38.62 22.00
C LEU C 477 6.01 -38.61 20.61
N GLU C 478 4.70 -38.77 20.56
CA GLU C 478 3.96 -38.78 19.30
C GLU C 478 3.27 -37.44 19.09
N TYR C 479 3.28 -36.98 17.84
CA TYR C 479 2.64 -35.72 17.51
C TYR C 479 1.13 -35.83 17.71
N ALA C 480 0.54 -34.80 18.34
CA ALA C 480 -0.88 -34.78 18.63
C ALA C 480 -1.61 -33.63 17.96
N GLY C 481 -0.99 -32.95 17.00
CA GLY C 481 -1.62 -31.83 16.35
C GLY C 481 -1.63 -30.54 17.14
N ALA C 482 -0.94 -30.49 18.27
CA ALA C 482 -0.90 -29.32 19.13
C ALA C 482 0.48 -28.67 19.07
N PRO C 483 0.57 -27.35 19.27
CA PRO C 483 1.87 -26.69 19.28
C PRO C 483 2.77 -27.24 20.37
N LEU C 484 4.06 -27.34 20.07
CA LEU C 484 5.05 -27.85 21.00
C LEU C 484 5.97 -26.73 21.44
N PRO C 485 6.21 -26.56 22.75
CA PRO C 485 7.10 -25.49 23.20
C PRO C 485 8.51 -25.66 22.66
N LYS C 486 9.16 -24.51 22.37
CA LYS C 486 10.54 -24.52 21.83
C LYS C 486 11.40 -23.52 22.63
N ARG C 487 10.78 -22.69 23.46
CA ARG C 487 11.52 -21.68 24.27
C ARG C 487 11.42 -22.09 25.74
N MET C 488 12.56 -22.19 26.45
CA MET C 488 12.52 -22.60 27.84
C MET C 488 11.84 -21.57 28.72
N ASN C 489 11.85 -20.30 28.31
CA ASN C 489 11.18 -19.27 29.09
C ASN C 489 9.67 -19.48 29.13
N LYS C 490 9.10 -20.10 28.09
CA LYS C 490 7.67 -20.37 28.08
C LYS C 490 7.27 -21.49 29.02
N LEU C 491 8.23 -22.27 29.50
CA LEU C 491 7.95 -23.37 30.43
C LEU C 491 8.09 -22.95 31.88
N GLY C 492 8.35 -21.68 32.17
CA GLY C 492 8.48 -21.20 33.52
C GLY C 492 9.88 -21.24 34.08
N SER C 493 10.89 -21.55 33.27
CA SER C 493 12.27 -21.60 33.75
C SER C 493 12.79 -20.22 34.15
N GLY C 494 12.16 -19.15 33.66
CA GLY C 494 12.60 -17.80 34.00
C GLY C 494 12.19 -17.33 35.37
N GLY C 495 11.28 -18.03 36.04
CA GLY C 495 10.84 -17.62 37.36
C GLY C 495 10.01 -16.34 37.32
N ALA C 496 10.00 -15.64 38.45
CA ALA C 496 9.27 -14.40 38.60
C ALA C 496 10.18 -13.30 39.13
N PRO C 497 10.05 -12.08 38.61
CA PRO C 497 10.92 -11.00 39.08
C PRO C 497 10.80 -10.68 40.56
N GLY C 498 9.61 -10.82 41.12
CA GLY C 498 9.39 -10.47 42.51
C GLY C 498 8.16 -9.62 42.71
N THR C 499 7.32 -9.99 43.69
CA THR C 499 6.09 -9.26 43.93
C THR C 499 6.39 -7.87 44.47
N GLY C 500 5.76 -6.86 43.88
CA GLY C 500 5.94 -5.49 44.32
C GLY C 500 5.66 -4.53 43.19
N SER C 501 5.74 -3.25 43.51
CA SER C 501 5.55 -2.21 42.51
C SER C 501 6.78 -2.13 41.60
N PHE C 502 6.68 -1.30 40.56
CA PHE C 502 7.80 -1.15 39.63
C PHE C 502 9.01 -0.50 40.27
N LEU C 503 8.84 0.22 41.38
CA LEU C 503 9.95 0.89 42.04
C LEU C 503 10.23 0.40 43.45
N PHE C 504 9.25 -0.19 44.14
CA PHE C 504 9.46 -0.62 45.52
C PHE C 504 8.98 -2.05 45.70
N PRO C 505 9.70 -2.85 46.48
CA PRO C 505 9.32 -4.25 46.67
C PRO C 505 8.28 -4.43 47.76
N ASP C 506 7.42 -5.42 47.56
CA ASP C 506 6.45 -5.81 48.56
C ASP C 506 7.12 -6.61 49.67
N PRO C 507 6.48 -6.73 50.84
CA PRO C 507 7.05 -7.53 51.91
C PRO C 507 7.29 -8.97 51.48
N ALA C 508 8.35 -9.57 52.04
CA ALA C 508 8.77 -10.90 51.62
C ALA C 508 7.69 -11.94 51.88
N VAL C 509 6.97 -11.81 53.00
CA VAL C 509 5.90 -12.76 53.30
C VAL C 509 4.80 -12.68 52.25
N GLU C 510 4.43 -11.47 51.84
CA GLU C 510 3.43 -11.32 50.80
C GLU C 510 3.90 -11.91 49.49
N HIS C 511 5.17 -11.68 49.14
CA HIS C 511 5.71 -12.21 47.89
C HIS C 511 5.71 -13.73 47.88
N GLU C 512 6.16 -14.34 48.98
CA GLU C 512 6.20 -15.80 49.03
C GLU C 512 4.80 -16.39 49.03
N ALA C 513 3.86 -15.77 49.73
CA ALA C 513 2.48 -16.25 49.71
C ALA C 513 1.90 -16.18 48.31
N LEU C 514 2.11 -15.05 47.62
CA LEU C 514 1.58 -14.91 46.26
C LEU C 514 2.21 -15.88 45.30
N THR C 515 3.53 -16.10 45.39
CA THR C 515 4.17 -17.02 44.47
C THR C 515 3.79 -18.47 44.77
N GLU C 516 3.54 -18.81 46.04
CA GLU C 516 3.04 -20.14 46.36
C GLU C 516 1.63 -20.34 45.84
N ALA C 517 0.79 -19.30 45.96
CA ALA C 517 -0.57 -19.40 45.44
C ALA C 517 -0.57 -19.55 43.92
N ALA C 518 0.28 -18.78 43.23
CA ALA C 518 0.36 -18.88 41.78
C ALA C 518 0.91 -20.24 41.35
N HIS C 519 1.94 -20.73 42.05
CA HIS C 519 2.50 -22.04 41.72
C HIS C 519 1.50 -23.15 41.99
N ALA C 520 0.75 -23.05 43.08
CA ALA C 520 -0.28 -24.06 43.37
C ALA C 520 -1.41 -24.01 42.36
N SER C 521 -1.79 -22.81 41.91
CA SER C 521 -2.88 -22.68 40.96
C SER C 521 -2.54 -23.35 39.62
N GLU C 522 -1.32 -23.15 39.13
CA GLU C 522 -0.91 -23.76 37.87
C GLU C 522 -0.71 -25.26 38.01
N HIS C 523 -0.43 -25.76 39.22
CA HIS C 523 -0.28 -27.19 39.43
C HIS C 523 -1.60 -27.93 39.23
N LYS C 524 -2.68 -27.40 39.78
CA LYS C 524 -3.98 -28.05 39.67
C LYS C 524 -4.69 -27.70 38.37
N SER C 525 -4.41 -26.53 37.79
CA SER C 525 -4.99 -26.19 36.50
C SER C 525 -4.51 -27.14 35.42
N LEU C 526 -3.22 -27.48 35.43
CA LEU C 526 -2.70 -28.48 34.50
C LEU C 526 -3.16 -29.88 34.87
N THR C 527 -3.25 -30.19 36.17
CA THR C 527 -3.69 -31.50 36.60
C THR C 527 -5.12 -31.77 36.19
N ALA C 528 -5.99 -30.76 36.29
CA ALA C 528 -7.39 -30.94 35.94
C ALA C 528 -7.56 -31.33 34.48
N LEU C 529 -6.79 -30.69 33.59
CA LEU C 529 -6.83 -31.07 32.18
C LEU C 529 -6.32 -32.48 31.96
N LYS C 530 -5.23 -32.84 32.64
CA LYS C 530 -4.69 -34.20 32.53
C LYS C 530 -5.66 -35.23 33.08
N GLU C 531 -6.30 -34.93 34.22
CA GLU C 531 -7.27 -35.86 34.79
C GLU C 531 -8.46 -36.06 33.86
N HIS C 532 -8.96 -34.95 33.28
CA HIS C 532 -10.06 -35.06 32.33
C HIS C 532 -9.64 -35.80 31.08
N GLN C 533 -8.43 -35.52 30.57
CA GLN C 533 -7.95 -36.19 29.35
C GLN C 533 -7.79 -37.69 29.58
N ASP C 534 -7.25 -38.08 30.73
CA ASP C 534 -7.07 -39.49 31.03
C ASP C 534 -8.42 -40.21 31.14
N ARG C 535 -9.41 -39.54 31.73
CA ARG C 535 -10.73 -40.16 31.89
C ARG C 535 -11.36 -40.47 30.53
N ILE C 536 -11.26 -39.52 29.59
CA ILE C 536 -11.83 -39.72 28.26
C ILE C 536 -10.79 -40.28 27.31
N VAL D 28 2.52 -39.55 -0.63
CA VAL D 28 3.62 -39.30 0.30
C VAL D 28 3.46 -40.16 1.54
N ASP D 29 4.54 -40.33 2.30
CA ASP D 29 4.52 -41.12 3.52
C ASP D 29 5.08 -40.25 4.65
N VAL D 30 5.26 -40.86 5.83
CA VAL D 30 5.57 -40.11 7.04
C VAL D 30 6.93 -39.44 6.93
N GLU D 31 7.93 -40.16 6.42
CA GLU D 31 9.30 -39.62 6.40
C GLU D 31 9.42 -38.39 5.52
N ASP D 32 8.62 -38.30 4.45
CA ASP D 32 8.65 -37.13 3.60
C ASP D 32 7.82 -35.99 4.20
N VAL D 33 6.57 -36.26 4.50
CA VAL D 33 5.69 -35.32 5.19
C VAL D 33 5.30 -35.93 6.52
N PRO D 34 5.88 -35.44 7.63
CA PRO D 34 5.55 -36.02 8.94
C PRO D 34 4.08 -36.00 9.29
N SER D 35 3.37 -34.93 8.93
CA SER D 35 1.92 -34.85 9.15
C SER D 35 1.16 -35.29 7.90
N ALA D 36 1.48 -36.49 7.40
CA ALA D 36 0.83 -36.99 6.19
C ALA D 36 -0.63 -37.35 6.45
N GLU D 37 -0.92 -37.94 7.60
CA GLU D 37 -2.27 -38.36 7.94
C GLU D 37 -3.09 -37.26 8.60
N TRP D 38 -2.49 -36.09 8.84
CA TRP D 38 -3.19 -34.99 9.49
C TRP D 38 -3.84 -34.02 8.50
N GLY D 39 -3.66 -34.23 7.21
CA GLY D 39 -4.27 -33.34 6.24
C GLY D 39 -3.76 -33.63 4.84
N TRP D 40 -4.22 -32.80 3.91
CA TRP D 40 -3.86 -32.92 2.50
C TRP D 40 -2.38 -32.58 2.35
N SER D 41 -1.57 -33.58 1.96
CA SER D 41 -0.13 -33.40 1.87
C SER D 41 0.47 -33.86 0.55
N HIS D 42 -0.35 -34.32 -0.40
CA HIS D 42 0.15 -34.82 -1.67
C HIS D 42 -0.54 -34.11 -2.82
N MET D 43 0.24 -33.62 -3.77
CA MET D 43 -0.24 -33.03 -5.00
C MET D 43 0.34 -33.80 -6.18
N PRO D 44 -0.49 -34.30 -7.10
CA PRO D 44 0.04 -35.08 -8.22
C PRO D 44 1.04 -34.28 -9.05
N ILE D 45 2.11 -34.97 -9.47
CA ILE D 45 3.16 -34.30 -10.24
C ILE D 45 2.68 -33.93 -11.63
N GLY D 46 1.66 -34.62 -12.16
CA GLY D 46 1.15 -34.28 -13.47
C GLY D 46 0.53 -32.90 -13.51
N VAL D 47 -0.15 -32.51 -12.45
CA VAL D 47 -0.76 -31.18 -12.38
C VAL D 47 0.32 -30.10 -12.42
N MET D 48 1.38 -30.28 -11.65
CA MET D 48 2.45 -29.29 -11.61
C MET D 48 3.26 -29.27 -12.90
N HIS D 49 3.45 -30.43 -13.54
CA HIS D 49 4.17 -30.46 -14.80
C HIS D 49 3.36 -29.82 -15.92
N ILE D 50 2.08 -30.18 -16.02
CA ILE D 50 1.21 -29.57 -17.03
C ILE D 50 1.03 -28.08 -16.75
N GLY D 51 0.86 -27.72 -15.47
CA GLY D 51 0.75 -26.32 -15.11
C GLY D 51 1.99 -25.53 -15.47
N GLY D 52 3.16 -26.15 -15.35
CA GLY D 52 4.39 -25.50 -15.75
C GLY D 52 4.44 -25.22 -17.24
N LEU D 53 4.01 -26.20 -18.05
CA LEU D 53 3.96 -25.99 -19.50
C LEU D 53 2.95 -24.91 -19.86
N LEU D 54 1.80 -24.90 -19.19
CA LEU D 54 0.81 -23.86 -19.43
C LEU D 54 1.31 -22.50 -18.94
N SER D 55 2.12 -22.49 -17.88
CA SER D 55 2.70 -21.24 -17.41
C SER D 55 3.63 -20.63 -18.46
N ALA D 56 4.46 -21.46 -19.10
CA ALA D 56 5.32 -20.96 -20.16
C ALA D 56 4.54 -20.62 -21.41
N ALA D 57 3.47 -21.37 -21.71
CA ALA D 57 2.64 -21.06 -22.86
C ALA D 57 1.96 -19.71 -22.70
N PHE D 58 1.49 -19.40 -21.48
CA PHE D 58 0.87 -18.10 -21.24
C PHE D 58 1.89 -16.97 -21.34
N LEU D 59 3.14 -17.22 -20.93
CA LEU D 59 4.18 -16.20 -21.09
C LEU D 59 4.46 -15.92 -22.55
N LEU D 60 4.49 -16.95 -23.39
CA LEU D 60 4.83 -16.77 -24.79
C LEU D 60 3.72 -16.08 -25.56
N VAL D 61 2.46 -16.44 -25.28
CA VAL D 61 1.35 -15.87 -26.03
C VAL D 61 1.18 -14.38 -25.74
N MET D 62 1.65 -13.91 -24.59
CA MET D 62 1.54 -12.50 -24.24
C MET D 62 2.40 -11.60 -25.10
N MET D 63 3.31 -12.16 -25.90
CA MET D 63 4.05 -11.36 -26.86
C MET D 63 3.13 -10.80 -27.95
N ARG D 64 1.95 -11.38 -28.13
CA ARG D 64 0.94 -10.87 -29.05
C ARG D 64 0.21 -9.74 -28.37
N GLY D 65 0.69 -8.51 -28.60
CA GLY D 65 0.10 -7.34 -27.98
C GLY D 65 0.35 -6.07 -28.76
N ASN D 66 0.01 -4.93 -28.18
CA ASN D 66 0.19 -3.64 -28.82
C ASN D 66 1.52 -2.97 -28.50
N HIS D 67 2.34 -3.60 -27.65
CA HIS D 67 3.62 -3.01 -27.30
C HIS D 67 4.56 -3.03 -28.50
N VAL D 68 5.31 -1.93 -28.66
CA VAL D 68 6.22 -1.79 -29.79
C VAL D 68 7.62 -2.23 -29.40
N GLY D 69 7.95 -2.11 -28.11
CA GLY D 69 9.26 -2.51 -27.63
C GLY D 69 9.41 -4.01 -27.58
N HIS D 70 10.67 -4.45 -27.59
CA HIS D 70 11.01 -5.86 -27.53
C HIS D 70 11.79 -6.24 -26.28
N VAL D 71 12.06 -5.28 -25.39
CA VAL D 71 12.74 -5.61 -24.13
C VAL D 71 11.87 -6.54 -23.30
N GLU D 72 10.57 -6.24 -23.21
CA GLU D 72 9.66 -7.10 -22.48
C GLU D 72 9.49 -8.46 -23.15
N ASP D 73 9.59 -8.49 -24.48
CA ASP D 73 9.45 -9.77 -25.20
C ASP D 73 10.58 -10.73 -24.82
N TRP D 74 11.80 -10.21 -24.70
CA TRP D 74 12.92 -11.07 -24.31
C TRP D 74 12.79 -11.54 -22.87
N PHE D 75 12.23 -10.72 -21.99
CA PHE D 75 11.99 -11.15 -20.61
C PHE D 75 10.98 -12.29 -20.56
N LEU D 76 9.93 -12.22 -21.37
CA LEU D 76 8.96 -13.31 -21.43
C LEU D 76 9.61 -14.59 -21.94
N ILE D 77 10.44 -14.46 -22.99
CA ILE D 77 11.10 -15.63 -23.56
C ILE D 77 12.03 -16.28 -22.54
N GLY D 78 12.78 -15.47 -21.80
CA GLY D 78 13.70 -16.02 -20.82
C GLY D 78 12.99 -16.76 -19.70
N PHE D 79 11.93 -16.15 -19.16
CA PHE D 79 11.16 -16.80 -18.10
C PHE D 79 10.49 -18.08 -18.59
N ALA D 80 9.93 -18.05 -19.80
CA ALA D 80 9.31 -19.24 -20.36
C ALA D 80 10.35 -20.35 -20.55
N ALA D 81 11.53 -19.99 -21.05
CA ALA D 81 12.59 -20.98 -21.23
C ALA D 81 13.03 -21.56 -19.89
N VAL D 82 13.15 -20.72 -18.86
CA VAL D 82 13.55 -21.21 -17.55
C VAL D 82 12.50 -22.18 -17.00
N ILE D 83 11.23 -21.83 -17.13
CA ILE D 83 10.17 -22.71 -16.63
C ILE D 83 10.15 -24.03 -17.40
N VAL D 84 10.31 -23.96 -18.73
CA VAL D 84 10.34 -25.18 -19.54
C VAL D 84 11.52 -26.05 -19.14
N ALA D 85 12.69 -25.44 -18.93
CA ALA D 85 13.87 -26.19 -18.52
C ALA D 85 13.67 -26.86 -17.17
N LEU D 86 13.07 -26.14 -16.21
CA LEU D 86 12.80 -26.75 -14.90
C LEU D 86 11.84 -27.92 -15.02
N VAL D 87 10.77 -27.76 -15.80
CA VAL D 87 9.80 -28.83 -15.97
C VAL D 87 10.47 -30.04 -16.62
N GLY D 88 11.27 -29.80 -17.66
CA GLY D 88 11.93 -30.90 -18.35
C GLY D 88 12.92 -31.62 -17.46
N ARG D 89 13.66 -30.82 -16.66
CA ARG D 89 14.68 -31.38 -15.73
C ARG D 89 13.98 -32.28 -14.69
N ASN D 90 12.86 -31.82 -14.13
CA ASN D 90 12.11 -32.60 -13.15
C ASN D 90 11.53 -33.86 -13.78
N TRP D 91 10.96 -33.73 -14.98
CA TRP D 91 10.38 -34.90 -15.65
C TRP D 91 11.45 -35.94 -15.96
N TRP D 92 12.61 -35.51 -16.46
CA TRP D 92 13.68 -36.44 -16.78
C TRP D 92 14.21 -37.12 -15.52
N LEU D 93 14.40 -36.36 -14.45
CA LEU D 93 14.90 -36.96 -13.21
C LEU D 93 13.90 -37.96 -12.63
N ARG D 94 12.61 -37.64 -12.77
CA ARG D 94 11.53 -38.53 -12.27
C ARG D 94 11.48 -39.80 -13.11
N ARG D 95 11.67 -39.67 -14.43
CA ARG D 95 11.65 -40.82 -15.33
C ARG D 95 12.85 -41.74 -15.10
N ARG D 96 14.04 -41.15 -14.91
CA ARG D 96 15.24 -41.95 -14.68
C ARG D 96 15.29 -42.53 -13.27
N GLY D 97 14.40 -42.12 -12.38
CA GLY D 97 14.37 -42.67 -11.04
C GLY D 97 15.30 -42.02 -10.04
N TRP D 98 15.98 -40.93 -10.43
CA TRP D 98 16.86 -40.25 -9.49
C TRP D 98 16.08 -39.61 -8.36
N ILE D 99 14.90 -39.07 -8.66
CA ILE D 99 14.03 -38.48 -7.64
C ILE D 99 12.64 -39.10 -7.78
N ARG D 100 11.91 -39.12 -6.68
CA ARG D 100 10.56 -39.68 -6.66
C ARG D 100 9.57 -38.70 -6.05
N ASN E 20 39.10 -16.58 36.66
CA ASN E 20 37.65 -16.48 36.77
C ASN E 20 36.98 -16.68 35.42
N ARG E 21 36.38 -15.60 34.89
CA ARG E 21 35.70 -15.67 33.60
C ARG E 21 35.59 -14.27 33.02
N PRO E 22 35.90 -14.08 31.74
CA PRO E 22 35.67 -12.77 31.12
C PRO E 22 34.22 -12.62 30.67
N ASN E 23 33.61 -11.47 30.97
CA ASN E 23 32.21 -11.24 30.60
C ASN E 23 32.11 -11.10 29.09
N MET E 24 31.52 -12.11 28.44
CA MET E 24 31.42 -12.10 26.98
C MET E 24 30.59 -10.93 26.47
N VAL E 25 29.45 -10.66 27.13
CA VAL E 25 28.59 -9.56 26.70
C VAL E 25 29.30 -8.22 26.91
N SER E 26 29.99 -8.07 28.04
CA SER E 26 30.73 -6.83 28.30
C SER E 26 31.85 -6.64 27.29
N VAL E 27 32.56 -7.73 26.95
CA VAL E 27 33.63 -7.64 25.95
C VAL E 27 33.05 -7.24 24.60
N GLY E 28 31.93 -7.85 24.21
CA GLY E 28 31.31 -7.48 22.94
C GLY E 28 30.84 -6.05 22.89
N THR E 29 30.24 -5.57 23.99
CA THR E 29 29.76 -4.19 24.04
C THR E 29 30.92 -3.20 24.00
N ILE E 30 31.98 -3.47 24.77
CA ILE E 30 33.13 -2.56 24.79
C ILE E 30 33.80 -2.52 23.42
N VAL E 31 33.96 -3.69 22.78
CA VAL E 31 34.57 -3.73 21.46
C VAL E 31 33.74 -2.96 20.45
N TRP E 32 32.40 -3.14 20.49
CA TRP E 32 31.54 -2.39 19.59
C TRP E 32 31.54 -0.90 19.93
N LEU E 33 31.63 -0.54 21.21
CA LEU E 33 31.64 0.86 21.60
C LEU E 33 32.85 1.58 21.02
N SER E 34 34.00 0.90 20.99
CA SER E 34 35.19 1.51 20.40
C SER E 34 35.00 1.78 18.92
N SER E 35 34.30 0.89 18.22
CA SER E 35 34.01 1.11 16.80
C SER E 35 33.13 2.34 16.60
N GLU E 36 32.18 2.51 17.52
CA GLU E 36 31.23 3.67 17.46
C GLU E 36 32.04 4.97 17.49
N LEU E 37 33.16 4.99 18.22
CA LEU E 37 33.99 6.19 18.30
C LEU E 37 34.50 6.61 16.93
N MET E 38 34.77 5.65 16.05
CA MET E 38 35.20 5.98 14.70
C MET E 38 34.06 6.60 13.89
N PHE E 39 32.82 6.28 14.21
CA PHE E 39 31.69 6.93 13.55
C PHE E 39 31.67 8.42 13.86
N PHE E 40 31.92 8.78 15.12
CA PHE E 40 32.00 10.19 15.48
C PHE E 40 33.27 10.84 14.96
N ALA E 41 34.29 10.05 14.62
CA ALA E 41 35.51 10.61 14.04
C ALA E 41 35.21 11.27 12.70
N GLY E 42 34.35 10.66 11.89
CA GLY E 42 33.95 11.29 10.65
C GLY E 42 33.22 12.60 10.86
N LEU E 43 32.30 12.63 11.84
CA LEU E 43 31.56 13.85 12.13
C LEU E 43 32.48 14.96 12.63
N PHE E 44 33.45 14.60 13.49
CA PHE E 44 34.42 15.59 13.95
C PHE E 44 35.26 16.13 12.81
N ALA E 45 35.59 15.27 11.84
CA ALA E 45 36.41 15.71 10.71
C ALA E 45 35.68 16.77 9.88
N MET E 46 34.38 16.60 9.67
CA MET E 46 33.61 17.59 8.92
C MET E 46 33.60 18.93 9.63
N TYR E 47 33.40 18.92 10.95
CA TYR E 47 33.39 20.17 11.70
C TYR E 47 34.75 20.87 11.67
N PHE E 48 35.82 20.10 11.84
CA PHE E 48 37.16 20.69 11.87
C PHE E 48 37.58 21.19 10.48
N THR E 49 37.20 20.45 9.42
CA THR E 49 37.53 20.89 8.07
C THR E 49 36.81 22.20 7.74
N ALA E 50 35.53 22.30 8.10
CA ALA E 50 34.80 23.54 7.86
C ALA E 50 35.32 24.67 8.74
N ARG E 51 35.76 24.35 9.96
CA ARG E 51 36.30 25.38 10.84
C ARG E 51 37.56 26.01 10.27
N ALA E 52 38.44 25.20 9.67
CA ALA E 52 39.67 25.72 9.09
C ALA E 52 39.42 26.62 7.89
N GLN E 53 38.27 26.48 7.23
CA GLN E 53 37.93 27.28 6.07
C GLN E 53 37.02 28.46 6.43
N ALA E 54 36.80 28.71 7.72
CA ALA E 54 35.92 29.81 8.13
C ALA E 54 36.49 31.16 7.70
N GLY E 55 37.79 31.36 7.84
CA GLY E 55 38.42 32.62 7.49
C GLY E 55 38.41 33.67 8.58
N GLY E 56 37.89 33.35 9.76
CA GLY E 56 37.89 34.29 10.86
C GLY E 56 36.61 34.31 11.67
N ALA E 57 35.50 33.92 11.05
CA ALA E 57 34.20 33.92 11.70
C ALA E 57 33.78 32.48 11.95
N TRP E 58 33.83 32.06 13.20
CA TRP E 58 33.43 30.70 13.60
C TRP E 58 32.95 30.76 15.04
N PRO E 59 31.64 30.71 15.28
CA PRO E 59 30.60 30.62 14.25
C PRO E 59 30.30 31.98 13.60
N PRO E 60 29.94 31.98 12.33
CA PRO E 60 29.62 33.22 11.64
C PRO E 60 28.22 33.71 11.99
N GLU E 61 27.95 34.95 11.59
CA GLU E 61 26.63 35.53 11.79
C GLU E 61 25.60 34.81 10.92
N PRO E 62 24.33 34.75 11.37
CA PRO E 62 23.82 35.31 12.62
C PRO E 62 23.79 34.31 13.77
N THR E 63 24.57 33.23 13.64
CA THR E 63 24.59 32.21 14.68
C THR E 63 25.21 32.78 15.96
N GLU E 64 24.50 32.61 17.09
CA GLU E 64 24.94 33.11 18.38
C GLU E 64 24.67 32.04 19.42
N LEU E 65 25.66 31.20 19.69
CA LEU E 65 25.53 30.17 20.71
C LEU E 65 25.45 30.81 22.09
N ASN E 66 24.61 30.24 22.95
CA ASN E 66 24.45 30.71 24.32
C ASN E 66 24.80 29.60 25.29
N LEU E 67 25.52 29.97 26.35
CA LEU E 67 25.87 29.03 27.41
C LEU E 67 24.85 29.00 28.54
N ALA E 68 23.84 29.87 28.49
CA ALA E 68 22.81 29.86 29.51
C ALA E 68 21.90 28.66 29.40
N LEU E 69 21.87 28.00 28.25
CA LEU E 69 21.03 26.82 28.04
C LEU E 69 21.84 25.55 27.83
N ALA E 70 22.97 25.63 27.12
CA ALA E 70 23.78 24.44 26.88
C ALA E 70 24.38 23.90 28.18
N VAL E 71 24.88 24.79 29.05
CA VAL E 71 25.53 24.34 30.27
C VAL E 71 24.57 23.59 31.19
N PRO E 72 23.37 24.11 31.52
CA PRO E 72 22.46 23.31 32.37
C PRO E 72 22.06 22.00 31.75
N VAL E 73 21.89 21.94 30.43
CA VAL E 73 21.54 20.69 29.77
C VAL E 73 22.72 19.73 29.79
N THR E 74 23.93 20.24 29.58
CA THR E 74 25.13 19.41 29.64
C THR E 74 25.33 18.83 31.04
N LEU E 75 25.10 19.65 32.08
CA LEU E 75 25.24 19.17 33.44
C LEU E 75 24.24 18.07 33.76
N VAL E 76 23.03 18.16 33.21
CA VAL E 76 22.04 17.11 33.43
C VAL E 76 22.52 15.79 32.84
N LEU E 77 23.07 15.82 31.64
CA LEU E 77 23.58 14.59 31.03
C LEU E 77 24.75 14.03 31.81
N ILE E 78 25.63 14.89 32.32
CA ILE E 78 26.74 14.43 33.15
C ILE E 78 26.21 13.80 34.43
N ALA E 79 25.21 14.43 35.05
CA ALA E 79 24.60 13.87 36.25
C ALA E 79 23.89 12.55 35.97
N SER E 80 23.46 12.31 34.73
CA SER E 80 22.83 11.04 34.38
C SER E 80 23.82 9.88 34.47
N SER E 81 25.10 10.15 34.23
CA SER E 81 26.11 9.09 34.36
C SER E 81 26.23 8.63 35.80
N PHE E 82 26.17 9.55 36.76
CA PHE E 82 26.27 9.16 38.16
C PHE E 82 25.09 8.30 38.59
N THR E 83 23.87 8.66 38.16
CA THR E 83 22.70 7.85 38.50
C THR E 83 22.74 6.52 37.78
N CYS E 84 23.24 6.50 36.54
CA CYS E 84 23.38 5.24 35.82
C CYS E 84 24.37 4.31 36.52
N GLN E 85 25.47 4.87 37.02
CA GLN E 85 26.44 4.06 37.75
C GLN E 85 25.87 3.55 39.07
N MET E 86 24.99 4.33 39.71
CA MET E 86 24.35 3.86 40.93
C MET E 86 23.48 2.65 40.66
N GLY E 87 22.78 2.62 39.52
CA GLY E 87 22.01 1.46 39.15
C GLY E 87 22.87 0.23 38.90
N VAL E 88 24.10 0.43 38.41
CA VAL E 88 25.01 -0.69 38.20
C VAL E 88 25.36 -1.34 39.53
N PHE E 89 25.60 -0.54 40.56
CA PHE E 89 25.90 -1.09 41.88
C PHE E 89 24.72 -1.90 42.41
N ALA E 90 23.49 -1.39 42.21
CA ALA E 90 22.32 -2.15 42.61
C ALA E 90 22.18 -3.43 41.79
N ALA E 91 22.50 -3.37 40.49
CA ALA E 91 22.41 -4.55 39.65
C ALA E 91 23.39 -5.64 40.09
N GLU E 92 24.62 -5.24 40.42
CA GLU E 92 25.59 -6.22 40.91
C GLU E 92 25.21 -6.75 42.28
N ARG E 93 24.48 -5.97 43.07
CA ARG E 93 24.04 -6.38 44.40
C ARG E 93 22.83 -7.31 44.34
N GLY E 94 22.19 -7.44 43.18
CA GLY E 94 21.00 -8.26 43.06
C GLY E 94 19.71 -7.55 43.37
N ASP E 95 19.74 -6.24 43.62
CA ASP E 95 18.54 -5.46 43.93
C ASP E 95 17.94 -4.97 42.61
N VAL E 96 16.96 -5.71 42.10
CA VAL E 96 16.33 -5.34 40.84
C VAL E 96 15.52 -4.06 40.99
N PHE E 97 14.85 -3.90 42.14
CA PHE E 97 14.05 -2.70 42.36
C PHE E 97 14.91 -1.45 42.45
N GLY E 98 16.08 -1.56 43.09
CA GLY E 98 17.01 -0.45 43.11
C GLY E 98 17.55 -0.11 41.74
N LEU E 99 17.76 -1.13 40.90
CA LEU E 99 18.19 -0.88 39.51
C LEU E 99 17.12 -0.12 38.75
N ARG E 100 15.85 -0.49 38.93
CA ARG E 100 14.76 0.19 38.22
C ARG E 100 14.64 1.64 38.65
N ARG E 101 14.78 1.90 39.95
CA ARG E 101 14.62 3.27 40.45
C ARG E 101 15.68 4.19 39.86
N TRP E 102 16.93 3.75 39.83
CA TRP E 102 18.00 4.60 39.33
C TRP E 102 17.97 4.76 37.82
N TYR E 103 17.54 3.73 37.10
CA TYR E 103 17.48 3.81 35.64
C TYR E 103 16.28 4.64 35.17
N VAL E 104 15.19 4.63 35.93
CA VAL E 104 14.06 5.49 35.60
C VAL E 104 14.44 6.96 35.75
N ILE E 105 15.16 7.28 36.83
CA ILE E 105 15.66 8.65 37.01
C ILE E 105 16.63 9.01 35.90
N THR E 106 17.52 8.08 35.54
CA THR E 106 18.45 8.33 34.45
C THR E 106 17.73 8.55 33.13
N PHE E 107 16.66 7.76 32.89
CA PHE E 107 15.87 7.95 31.68
C PHE E 107 15.23 9.32 31.64
N LEU E 108 14.68 9.78 32.76
CA LEU E 108 14.01 11.07 32.79
C LEU E 108 14.99 12.21 32.52
N MET E 109 16.16 12.17 33.17
CA MET E 109 17.16 13.20 32.91
C MET E 109 17.79 13.06 31.53
N GLY E 110 17.92 11.82 31.04
CA GLY E 110 18.34 11.64 29.66
C GLY E 110 17.33 12.18 28.66
N LEU E 111 16.04 12.02 28.98
CA LEU E 111 15.00 12.60 28.14
C LEU E 111 15.06 14.12 28.16
N PHE E 112 15.37 14.71 29.32
CA PHE E 112 15.50 16.16 29.41
C PHE E 112 16.61 16.69 28.51
N PHE E 113 17.66 15.90 28.30
CA PHE E 113 18.72 16.31 27.38
C PHE E 113 18.20 16.45 25.96
N VAL E 114 17.37 15.51 25.52
CA VAL E 114 16.80 15.57 24.17
C VAL E 114 15.88 16.78 24.06
N LEU E 115 15.02 16.99 25.05
CA LEU E 115 14.12 18.14 25.03
C LEU E 115 14.91 19.44 25.12
N GLY E 116 15.95 19.48 25.95
CA GLY E 116 16.79 20.66 26.02
C GLY E 116 17.50 20.95 24.71
N GLN E 117 18.04 19.90 24.08
CA GLN E 117 18.67 20.07 22.76
C GLN E 117 17.65 20.48 21.71
N GLY E 118 16.45 19.89 21.75
CA GLY E 118 15.42 20.25 20.80
C GLY E 118 14.95 21.68 20.97
N TYR E 119 14.87 22.15 22.22
CA TYR E 119 14.50 23.53 22.47
C TYR E 119 15.54 24.50 21.91
N GLU E 120 16.82 24.15 22.07
CA GLU E 120 17.88 24.99 21.51
C GLU E 120 17.85 24.98 19.99
N TYR E 121 17.46 23.86 19.38
CA TYR E 121 17.36 23.79 17.92
C TYR E 121 16.31 24.76 17.39
N ILE E 122 15.19 24.89 18.09
CA ILE E 122 14.10 25.74 17.61
C ILE E 122 14.55 27.19 17.56
N HIS E 123 15.24 27.66 18.62
CA HIS E 123 15.68 29.04 18.66
C HIS E 123 16.77 29.31 17.62
N LEU E 124 17.67 28.34 17.41
CA LEU E 124 18.72 28.52 16.42
C LEU E 124 18.14 28.61 15.01
N VAL E 125 17.14 27.78 14.71
CA VAL E 125 16.50 27.83 13.40
C VAL E 125 15.79 29.17 13.20
N GLU E 126 15.09 29.63 14.23
CA GLU E 126 14.37 30.90 14.13
C GLU E 126 15.32 32.09 13.94
N HIS E 127 16.57 31.97 14.35
CA HIS E 127 17.54 33.04 14.21
C HIS E 127 18.34 32.95 12.92
N GLY E 128 18.03 32.00 12.05
CA GLY E 128 18.70 31.88 10.77
C GLY E 128 19.78 30.83 10.67
N THR E 129 19.96 30.01 11.70
CA THR E 129 20.96 28.94 11.69
C THR E 129 20.26 27.64 11.34
N THR E 130 20.42 27.19 10.10
CA THR E 130 19.79 25.98 9.59
C THR E 130 20.83 25.15 8.83
N ILE E 131 20.46 23.90 8.55
CA ILE E 131 21.36 23.02 7.80
C ILE E 131 21.67 23.57 6.41
N PRO E 132 20.69 23.99 5.60
CA PRO E 132 21.05 24.57 4.30
C PRO E 132 21.46 26.04 4.38
N GLY E 133 21.14 26.72 5.48
CA GLY E 133 21.42 28.14 5.56
C GLY E 133 22.90 28.46 5.56
N SER E 134 23.70 27.70 6.31
CA SER E 134 25.11 27.98 6.47
C SER E 134 25.90 26.69 6.55
N ALA E 135 27.19 26.79 6.21
CA ALA E 135 28.08 25.65 6.35
C ALA E 135 28.29 25.30 7.82
N TYR E 136 28.32 26.31 8.69
CA TYR E 136 28.39 26.04 10.12
C TYR E 136 27.16 25.30 10.61
N GLY E 137 25.99 25.65 10.07
CA GLY E 137 24.78 24.96 10.45
C GLY E 137 24.82 23.49 10.11
N SER E 138 25.45 23.14 8.98
CA SER E 138 25.56 21.74 8.60
C SER E 138 26.43 20.96 9.58
N VAL E 139 27.64 21.46 9.86
CA VAL E 139 28.54 20.73 10.74
C VAL E 139 27.99 20.70 12.17
N PHE E 140 27.34 21.77 12.60
CA PHE E 140 26.81 21.83 13.96
C PHE E 140 25.65 20.86 14.13
N TYR E 141 24.71 20.84 13.19
CA TYR E 141 23.49 20.05 13.37
C TYR E 141 23.75 18.56 13.22
N LEU E 142 24.51 18.16 12.19
CA LEU E 142 24.80 16.73 12.02
C LEU E 142 25.65 16.19 13.15
N ALA E 143 26.61 16.96 13.65
CA ALA E 143 27.43 16.49 14.76
C ALA E 143 26.60 16.31 16.02
N THR E 144 25.83 17.33 16.39
CA THR E 144 25.01 17.24 17.59
C THR E 144 23.76 16.39 17.36
N GLY E 145 23.18 16.46 16.16
CA GLY E 145 21.97 15.69 15.89
C GLY E 145 22.21 14.20 15.90
N PHE E 146 23.33 13.75 15.33
CA PHE E 146 23.64 12.32 15.36
C PHE E 146 23.92 11.86 16.79
N HIS E 147 24.53 12.71 17.60
CA HIS E 147 24.67 12.40 19.02
C HIS E 147 23.31 12.35 19.69
N GLY E 148 22.40 13.26 19.33
CA GLY E 148 21.06 13.23 19.87
C GLY E 148 20.32 11.96 19.49
N LEU E 149 20.56 11.46 18.28
CA LEU E 149 20.00 10.16 17.90
C LEU E 149 20.56 9.05 18.77
N HIS E 150 21.84 9.14 19.14
CA HIS E 150 22.43 8.16 20.04
C HIS E 150 21.80 8.23 21.42
N VAL E 151 21.51 9.44 21.90
CA VAL E 151 20.82 9.58 23.18
C VAL E 151 19.43 8.97 23.09
N ILE E 152 18.72 9.22 21.98
CA ILE E 152 17.40 8.63 21.79
C ILE E 152 17.51 7.11 21.74
N GLY E 153 18.51 6.59 21.03
CA GLY E 153 18.73 5.16 21.01
C GLY E 153 19.07 4.61 22.39
N GLY E 154 19.81 5.38 23.19
CA GLY E 154 20.08 4.97 24.55
C GLY E 154 18.84 4.94 25.41
N LEU E 155 17.93 5.90 25.20
CA LEU E 155 16.68 5.90 25.94
C LEU E 155 15.83 4.69 25.60
N VAL E 156 15.85 4.27 24.33
CA VAL E 156 15.15 3.05 23.93
C VAL E 156 15.75 1.84 24.63
N ALA E 157 17.08 1.82 24.76
CA ALA E 157 17.73 0.72 25.46
C ALA E 157 17.32 0.66 26.93
N PHE E 158 17.17 1.83 27.56
CA PHE E 158 16.73 1.87 28.95
C PHE E 158 15.33 1.28 29.10
N VAL E 159 14.41 1.64 28.20
CA VAL E 159 13.05 1.12 28.28
C VAL E 159 13.03 -0.37 28.03
N LEU E 160 13.77 -0.84 27.02
CA LEU E 160 13.79 -2.25 26.70
C LEU E 160 14.37 -3.08 27.85
N LEU E 161 15.45 -2.60 28.45
CA LEU E 161 16.05 -3.32 29.58
C LEU E 161 15.11 -3.32 30.78
N LEU E 162 14.46 -2.18 31.06
CA LEU E 162 13.55 -2.11 32.19
C LEU E 162 12.35 -3.02 31.99
N ALA E 163 11.87 -3.13 30.74
CA ALA E 163 10.77 -4.05 30.46
C ALA E 163 11.18 -5.50 30.67
N ARG E 164 12.45 -5.83 30.43
CA ARG E 164 12.91 -7.20 30.62
C ARG E 164 13.03 -7.56 32.10
N THR E 165 13.19 -6.56 32.97
CA THR E 165 13.34 -6.84 34.40
C THR E 165 12.08 -7.36 35.05
N LYS E 166 10.92 -7.06 34.43
CA LYS E 166 9.60 -7.49 34.99
C LYS E 166 9.14 -8.80 34.34
N MET E 167 9.92 -9.32 33.39
CA MET E 167 9.56 -10.57 32.71
C MET E 167 10.05 -11.82 33.43
N SER E 168 11.21 -11.76 34.08
CA SER E 168 11.77 -12.93 34.75
C SER E 168 12.53 -12.48 35.98
N LYS E 169 13.00 -13.46 36.75
CA LYS E 169 13.75 -13.17 37.96
C LYS E 169 15.10 -12.55 37.63
N PHE E 170 15.63 -11.79 38.57
CA PHE E 170 16.90 -11.10 38.38
C PHE E 170 18.03 -12.11 38.42
N THR E 171 18.55 -12.46 37.25
CA THR E 171 19.64 -13.40 37.07
C THR E 171 20.94 -12.67 36.78
N PRO E 172 22.08 -13.31 37.00
CA PRO E 172 23.36 -12.65 36.64
C PRO E 172 23.44 -12.26 35.18
N ALA E 173 22.82 -13.01 34.28
CA ALA E 173 22.74 -12.59 32.88
C ALA E 173 21.93 -11.32 32.74
N GLN E 174 20.84 -11.20 33.51
CA GLN E 174 20.04 -9.98 33.50
C GLN E 174 20.85 -8.80 34.04
N ALA E 175 21.62 -9.03 35.10
CA ALA E 175 22.46 -7.97 35.64
C ALA E 175 23.56 -7.56 34.67
N THR E 176 24.07 -8.51 33.87
CA THR E 176 25.07 -8.17 32.88
C THR E 176 24.50 -7.22 31.82
N ALA E 177 23.26 -7.44 31.40
CA ALA E 177 22.63 -6.56 30.44
C ALA E 177 22.49 -5.14 30.98
N ALA E 178 22.25 -4.99 32.28
CA ALA E 178 22.19 -3.66 32.87
C ALA E 178 23.55 -2.97 32.82
N ILE E 179 24.63 -3.73 33.05
CA ILE E 179 25.97 -3.15 33.05
C ILE E 179 26.36 -2.66 31.67
N VAL E 180 26.12 -3.49 30.64
CA VAL E 180 26.54 -3.13 29.29
C VAL E 180 25.72 -1.95 28.76
N VAL E 181 24.47 -1.81 29.19
CA VAL E 181 23.69 -0.65 28.81
C VAL E 181 24.31 0.62 29.38
N SER E 182 24.76 0.57 30.64
CA SER E 182 25.41 1.72 31.24
C SER E 182 26.72 2.05 30.53
N TYR E 183 27.39 1.05 29.96
CA TYR E 183 28.59 1.32 29.17
C TYR E 183 28.28 2.21 27.98
N TYR E 184 27.18 1.93 27.28
CA TYR E 184 26.77 2.78 26.17
C TYR E 184 26.41 4.18 26.65
N TRP E 185 25.71 4.28 27.78
CA TRP E 185 25.34 5.59 28.30
C TRP E 185 26.58 6.40 28.71
N HIS E 186 27.55 5.74 29.34
CA HIS E 186 28.79 6.42 29.69
C HIS E 186 29.54 6.88 28.46
N PHE E 187 29.56 6.06 27.40
CA PHE E 187 30.20 6.45 26.15
C PHE E 187 29.51 7.65 25.53
N VAL E 188 28.17 7.67 25.57
CA VAL E 188 27.41 8.78 25.00
C VAL E 188 27.71 10.06 25.76
N ASP E 189 27.73 9.98 27.10
CA ASP E 189 28.01 11.17 27.90
C ASP E 189 29.42 11.69 27.66
N ILE E 190 30.40 10.79 27.52
CA ILE E 190 31.77 11.21 27.26
C ILE E 190 31.87 11.90 25.90
N VAL E 191 31.17 11.37 24.90
CA VAL E 191 31.22 11.96 23.57
C VAL E 191 30.66 13.37 23.58
N TRP E 192 29.56 13.59 24.32
CA TRP E 192 28.97 14.92 24.39
C TRP E 192 29.93 15.92 25.03
N ILE E 193 30.68 15.50 26.04
CA ILE E 193 31.65 16.38 26.67
C ILE E 193 32.68 16.86 25.65
N ALA E 194 33.14 15.96 24.79
CA ALA E 194 34.04 16.37 23.72
C ALA E 194 33.35 17.31 22.74
N LEU E 195 32.10 17.00 22.38
CA LEU E 195 31.36 17.88 21.48
C LEU E 195 31.05 19.22 22.13
N PHE E 196 30.67 19.21 23.40
CA PHE E 196 30.33 20.46 24.09
C PHE E 196 31.55 21.36 24.21
N ALA E 197 32.71 20.79 24.54
CA ALA E 197 33.93 21.61 24.66
C ALA E 197 34.41 22.09 23.29
N THR E 198 34.28 21.24 22.26
CA THR E 198 34.77 21.61 20.94
C THR E 198 33.93 22.72 20.31
N ILE E 199 32.61 22.67 20.52
CA ILE E 199 31.71 23.59 19.83
C ILE E 199 31.53 24.89 20.62
N TYR E 200 31.19 24.79 21.90
CA TYR E 200 30.84 25.97 22.69
C TYR E 200 32.03 26.65 23.34
N PHE E 201 33.21 26.05 23.30
CA PHE E 201 34.41 26.68 23.86
C PHE E 201 35.52 26.90 22.84
N VAL E 202 35.79 25.91 21.99
CA VAL E 202 36.84 26.05 20.97
C VAL E 202 36.16 26.62 19.73
N ARG E 203 36.04 27.95 19.71
CA ARG E 203 35.41 28.64 18.60
C ARG E 203 36.45 29.23 17.66
N MET F 1 44.47 -13.18 30.28
CA MET F 1 44.39 -12.66 28.92
C MET F 1 45.40 -11.52 28.71
N HIS F 2 46.63 -11.76 29.16
CA HIS F 2 47.69 -10.77 29.03
C HIS F 2 48.01 -10.48 27.56
N ILE F 3 48.07 -11.52 26.73
CA ILE F 3 48.44 -11.34 25.33
C ILE F 3 47.36 -10.56 24.58
N GLU F 4 46.09 -10.79 24.94
CA GLU F 4 44.99 -10.12 24.25
C GLU F 4 45.08 -8.61 24.40
N ALA F 5 45.40 -8.14 25.60
CA ALA F 5 45.55 -6.71 25.83
C ALA F 5 46.85 -6.17 25.24
N ARG F 6 47.89 -6.98 25.19
CA ARG F 6 49.16 -6.54 24.62
C ARG F 6 49.04 -6.25 23.13
N LEU F 7 48.17 -6.97 22.43
CA LEU F 7 47.97 -6.73 21.01
C LEU F 7 47.41 -5.32 20.77
N PHE F 8 46.44 -4.91 21.59
CA PHE F 8 45.84 -3.59 21.39
C PHE F 8 46.77 -2.47 21.84
N GLU F 9 47.58 -2.71 22.88
CA GLU F 9 48.55 -1.70 23.31
C GLU F 9 49.61 -1.47 22.24
N ILE F 10 50.05 -2.53 21.56
CA ILE F 10 51.02 -2.38 20.48
C ILE F 10 50.45 -1.54 19.37
N LEU F 11 49.19 -1.79 19.00
CA LEU F 11 48.51 -0.95 18.03
C LEU F 11 48.28 0.47 18.56
N THR F 12 48.01 0.60 19.86
CA THR F 12 47.79 1.91 20.44
C THR F 12 49.03 2.80 20.34
N ALA F 13 50.21 2.22 20.63
CA ALA F 13 51.43 3.00 20.57
C ALA F 13 51.73 3.49 19.15
N PHE F 14 51.58 2.59 18.17
CA PHE F 14 51.85 2.98 16.79
C PHE F 14 50.85 4.03 16.30
N PHE F 15 49.58 3.86 16.63
CA PHE F 15 48.57 4.83 16.21
C PHE F 15 48.81 6.18 16.86
N ALA F 16 49.18 6.19 18.14
CA ALA F 16 49.48 7.44 18.83
C ALA F 16 50.69 8.13 18.22
N LEU F 17 51.74 7.36 17.92
CA LEU F 17 52.94 7.94 17.32
C LEU F 17 52.63 8.51 15.93
N ALA F 18 51.87 7.76 15.12
CA ALA F 18 51.53 8.23 13.78
C ALA F 18 50.68 9.49 13.82
N ALA F 19 49.70 9.52 14.74
CA ALA F 19 48.83 10.70 14.84
C ALA F 19 49.61 11.94 15.25
N VAL F 20 50.51 11.79 16.23
CA VAL F 20 51.28 12.94 16.71
C VAL F 20 52.27 13.39 15.65
N VAL F 21 52.97 12.44 15.02
CA VAL F 21 53.98 12.80 14.03
C VAL F 21 53.33 13.44 12.80
N TYR F 22 52.24 12.87 12.32
CA TYR F 22 51.62 13.37 11.10
C TYR F 22 50.97 14.73 11.33
N ALA F 23 50.42 14.96 12.53
CA ALA F 23 49.86 16.26 12.85
C ALA F 23 50.93 17.33 12.86
N VAL F 24 52.07 17.03 13.48
CA VAL F 24 53.19 17.99 13.62
C VAL F 24 53.95 18.09 12.30
N LEU F 25 53.74 17.15 11.39
CA LEU F 25 54.46 17.14 10.10
C LEU F 25 53.61 17.84 9.05
N THR F 26 52.35 18.14 9.35
CA THR F 26 51.47 18.80 8.34
C THR F 26 51.27 20.23 8.78
N ALA F 27 51.43 20.49 10.07
CA ALA F 27 51.29 21.84 10.64
C ALA F 27 52.41 22.73 10.10
N MET F 28 53.58 22.18 9.84
CA MET F 28 54.72 22.98 9.34
C MET F 28 55.08 22.62 7.90
N PHE F 29 54.46 21.62 7.29
CA PHE F 29 54.93 21.28 5.92
C PHE F 29 53.78 21.12 4.93
N ALA F 30 52.60 20.73 5.39
CA ALA F 30 51.49 20.55 4.45
C ALA F 30 50.97 21.94 4.07
N THR F 31 50.45 22.08 2.86
CA THR F 31 49.94 23.40 2.42
C THR F 31 48.60 23.66 3.09
N GLY F 32 48.49 24.73 3.88
CA GLY F 32 47.20 25.03 4.51
C GLY F 32 47.20 24.70 5.99
N GLY F 33 48.32 24.21 6.51
CA GLY F 33 48.39 23.90 7.95
C GLY F 33 48.03 22.47 8.24
N VAL F 34 47.54 22.20 9.44
CA VAL F 34 47.19 20.83 9.89
C VAL F 34 46.13 20.22 8.97
N GLU F 35 46.30 18.95 8.62
CA GLU F 35 45.29 18.19 7.83
C GLU F 35 44.28 17.71 8.86
N TRP F 36 43.11 18.34 8.93
CA TRP F 36 42.11 18.09 10.00
C TRP F 36 41.30 16.81 9.82
N ALA F 37 40.64 16.65 8.69
CA ALA F 37 39.81 15.45 8.45
C ALA F 37 40.66 14.24 8.67
N GLY F 38 41.89 14.37 8.22
CA GLY F 38 42.92 13.32 8.16
C GLY F 38 43.53 13.04 9.51
N THR F 39 43.78 14.11 10.30
CA THR F 39 44.40 13.96 11.64
C THR F 39 43.34 13.45 12.65
N THR F 40 42.15 14.04 12.63
CA THR F 40 41.08 13.66 13.54
C THR F 40 40.86 12.15 13.51
N ALA F 41 40.87 11.56 12.32
CA ALA F 41 40.69 10.12 12.21
C ALA F 41 41.82 9.36 12.90
N LEU F 42 43.06 9.81 12.71
CA LEU F 42 44.19 9.12 13.33
C LEU F 42 44.16 9.24 14.84
N VAL F 43 43.80 10.41 15.37
CA VAL F 43 43.75 10.60 16.82
C VAL F 43 42.69 9.70 17.43
N LEU F 44 41.50 9.64 16.82
CA LEU F 44 40.43 8.81 17.35
C LEU F 44 40.61 7.34 16.97
N THR F 45 41.48 7.03 16.01
CA THR F 45 41.86 5.64 15.77
C THR F 45 42.60 5.07 16.98
N THR F 46 43.46 5.90 17.59
CA THR F 46 44.12 5.49 18.82
C THR F 46 43.11 5.22 19.92
N GLY F 47 42.04 6.03 20.00
CA GLY F 47 41.04 5.83 21.03
C GLY F 47 40.32 4.50 20.90
N LEU F 48 40.12 4.02 19.66
CA LEU F 48 39.49 2.72 19.47
C LEU F 48 40.30 1.61 20.13
N THR F 49 41.61 1.61 19.92
CA THR F 49 42.47 0.63 20.57
C THR F 49 42.69 0.96 22.04
N LEU F 50 42.66 2.24 22.40
CA LEU F 50 42.85 2.63 23.79
C LEU F 50 41.71 2.15 24.67
N ILE F 51 40.47 2.29 24.19
CA ILE F 51 39.31 1.87 24.98
C ILE F 51 39.31 0.36 25.14
N THR F 52 39.50 -0.38 24.04
CA THR F 52 39.53 -1.84 24.12
C THR F 52 40.75 -2.32 24.89
N GLY F 53 41.90 -1.69 24.68
CA GLY F 53 43.11 -2.11 25.39
C GLY F 53 43.03 -1.86 26.88
N THR F 54 42.52 -0.70 27.29
CA THR F 54 42.40 -0.40 28.71
C THR F 54 41.43 -1.34 29.40
N PHE F 55 40.29 -1.62 28.76
CA PHE F 55 39.31 -2.54 29.34
C PHE F 55 39.90 -3.94 29.49
N PHE F 56 40.65 -4.39 28.47
CA PHE F 56 41.26 -5.71 28.55
C PHE F 56 42.33 -5.76 29.64
N ARG F 57 43.05 -4.66 29.85
CA ARG F 57 44.01 -4.59 30.94
C ARG F 57 43.33 -4.76 32.30
N PHE F 58 42.22 -4.03 32.50
CA PHE F 58 41.51 -4.12 33.77
C PHE F 58 40.91 -5.51 33.96
N VAL F 59 40.38 -6.12 32.90
CA VAL F 59 39.81 -7.45 33.01
C VAL F 59 40.90 -8.48 33.33
N ALA F 60 42.06 -8.35 32.71
CA ALA F 60 43.14 -9.33 32.91
C ALA F 60 43.63 -9.32 34.35
N ARG F 61 43.76 -8.14 34.95
CA ARG F 61 44.27 -8.05 36.31
C ARG F 61 43.27 -8.52 37.37
N ARG F 62 42.02 -8.75 36.99
CA ARG F 62 41.01 -9.25 37.93
C ARG F 62 40.98 -10.78 37.96
N LEU F 63 40.93 -11.41 36.80
CA LEU F 63 40.82 -12.85 36.69
C LEU F 63 42.18 -13.52 36.59
N ASP F 64 42.30 -14.70 37.18
CA ASP F 64 43.55 -15.45 37.19
C ASP F 64 43.73 -16.17 35.86
N THR F 65 44.70 -17.08 35.80
CA THR F 65 45.00 -17.77 34.56
C THR F 65 43.83 -18.65 34.14
N ARG F 66 43.31 -18.40 32.94
CA ARG F 66 42.24 -19.20 32.38
C ARG F 66 42.79 -20.49 31.79
N PRO F 67 41.94 -21.52 31.63
CA PRO F 67 42.41 -22.75 30.98
C PRO F 67 42.97 -22.52 29.58
N GLU F 68 42.41 -21.58 28.82
CA GLU F 68 42.94 -21.26 27.51
C GLU F 68 44.16 -20.35 27.57
N ASP F 69 44.43 -19.73 28.72
CA ASP F 69 45.60 -18.89 28.90
C ASP F 69 46.76 -19.63 29.55
N TYR F 70 46.57 -20.93 29.80
CA TYR F 70 47.63 -21.78 30.43
C TYR F 70 48.45 -22.46 29.34
N GLU F 71 49.78 -22.29 29.39
CA GLU F 71 50.69 -22.91 28.40
C GLU F 71 50.42 -24.41 28.31
N ASP F 72 50.48 -25.11 29.45
CA ASP F 72 50.23 -26.58 29.51
C ASP F 72 48.92 -26.83 30.27
N ALA F 73 47.78 -26.63 29.62
CA ALA F 73 46.45 -26.84 30.25
C ALA F 73 45.84 -28.15 29.75
N GLU F 74 45.08 -28.83 30.60
CA GLU F 74 44.43 -30.12 30.24
C GLU F 74 43.00 -29.84 29.74
N ILE F 75 42.49 -30.71 28.86
CA ILE F 75 41.15 -30.56 28.32
C ILE F 75 40.11 -30.60 29.44
N SER F 76 40.28 -31.51 30.40
CA SER F 76 39.34 -31.65 31.50
C SER F 76 39.32 -30.44 32.42
N ASP F 77 40.30 -29.54 32.32
CA ASP F 77 40.30 -28.35 33.16
C ASP F 77 39.13 -27.42 32.83
N GLY F 78 38.70 -27.40 31.57
CA GLY F 78 37.62 -26.55 31.12
C GLY F 78 36.25 -27.19 31.16
N ALA F 79 36.09 -28.34 31.82
CA ALA F 79 34.80 -29.00 31.87
C ALA F 79 33.80 -28.17 32.66
N GLY F 80 32.56 -28.16 32.19
CA GLY F 80 31.49 -27.41 32.82
C GLY F 80 30.68 -26.64 31.79
N GLU F 81 29.63 -25.99 32.28
CA GLU F 81 28.76 -25.21 31.42
C GLU F 81 29.47 -23.94 30.98
N LEU F 82 29.39 -23.64 29.68
CA LEU F 82 30.01 -22.45 29.12
C LEU F 82 29.11 -21.22 29.24
N GLY F 83 27.83 -21.36 28.93
CA GLY F 83 26.92 -20.23 28.97
C GLY F 83 25.68 -20.54 28.13
N PHE F 84 24.99 -19.47 27.78
CA PHE F 84 23.77 -19.56 26.97
C PHE F 84 24.07 -19.16 25.53
N PHE F 85 23.72 -20.02 24.59
CA PHE F 85 23.85 -19.74 23.17
C PHE F 85 22.51 -20.03 22.50
N ALA F 86 22.02 -19.08 21.72
CA ALA F 86 20.68 -19.19 21.15
C ALA F 86 20.63 -20.34 20.15
N PRO F 87 19.71 -21.30 20.30
CA PRO F 87 19.65 -22.40 19.33
C PRO F 87 19.09 -21.98 17.98
N HIS F 88 18.02 -21.20 17.97
CA HIS F 88 17.39 -20.77 16.73
C HIS F 88 16.61 -19.49 16.98
N SER F 89 16.49 -18.67 15.93
CA SER F 89 15.75 -17.43 16.02
C SER F 89 15.49 -16.85 14.63
N TRP F 90 14.23 -16.52 14.34
CA TRP F 90 13.87 -15.82 13.11
C TRP F 90 13.80 -14.32 13.30
N TRP F 91 14.06 -13.81 14.50
CA TRP F 91 14.09 -12.37 14.71
C TRP F 91 15.16 -11.65 13.91
N PRO F 92 16.41 -12.15 13.78
CA PRO F 92 17.42 -11.37 13.05
C PRO F 92 17.04 -11.03 11.61
N ILE F 93 16.35 -11.92 10.90
CA ILE F 93 15.95 -11.60 9.54
C ILE F 93 14.88 -10.51 9.54
N LEU F 94 14.05 -10.45 10.57
CA LEU F 94 13.04 -9.39 10.65
C LEU F 94 13.69 -8.04 10.95
N ILE F 95 14.75 -8.04 11.78
CA ILE F 95 15.46 -6.80 12.06
C ILE F 95 16.11 -6.26 10.80
N SER F 96 16.73 -7.13 10.01
CA SER F 96 17.35 -6.70 8.76
C SER F 96 16.31 -6.17 7.78
N LEU F 97 15.16 -6.83 7.69
CA LEU F 97 14.08 -6.32 6.85
C LEU F 97 13.57 -4.98 7.35
N SER F 98 13.44 -4.84 8.67
CA SER F 98 13.02 -3.57 9.24
C SER F 98 14.01 -2.46 8.96
N PHE F 99 15.31 -2.75 9.09
CA PHE F 99 16.33 -1.73 8.82
C PHE F 99 16.39 -1.41 7.34
N SER F 100 16.23 -2.41 6.48
CA SER F 100 16.24 -2.16 5.03
C SER F 100 15.05 -1.31 4.61
N THR F 101 13.90 -1.48 5.26
CA THR F 101 12.74 -0.66 4.93
C THR F 101 13.00 0.81 5.21
N ALA F 102 13.64 1.12 6.34
CA ALA F 102 13.99 2.50 6.66
C ALA F 102 15.03 3.03 5.68
N ALA F 103 16.00 2.20 5.29
CA ALA F 103 17.03 2.64 4.36
C ALA F 103 16.44 3.00 3.00
N VAL F 104 15.51 2.19 2.51
CA VAL F 104 14.86 2.51 1.24
C VAL F 104 14.07 3.80 1.36
N GLY F 105 13.38 3.99 2.49
CA GLY F 105 12.70 5.26 2.71
C GLY F 105 13.65 6.43 2.78
N ALA F 106 14.81 6.23 3.40
CA ALA F 106 15.81 7.30 3.46
C ALA F 106 16.41 7.57 2.10
N ALA F 107 16.65 6.52 1.30
CA ALA F 107 17.24 6.70 -0.02
C ALA F 107 16.31 7.47 -0.94
N LEU F 108 15.03 7.13 -0.94
CA LEU F 108 14.05 7.81 -1.77
C LEU F 108 13.43 9.02 -1.09
N TRP F 109 13.82 9.29 0.15
CA TRP F 109 13.29 10.40 0.95
C TRP F 109 11.76 10.34 1.04
N LEU F 110 11.29 9.26 1.67
CA LEU F 110 9.87 9.07 1.94
C LEU F 110 9.66 9.17 3.44
N PRO F 111 9.16 10.29 3.97
CA PRO F 111 9.02 10.43 5.43
C PRO F 111 8.12 9.37 6.05
N TRP F 112 7.06 8.96 5.34
CA TRP F 112 6.20 7.91 5.86
C TRP F 112 6.93 6.57 5.95
N LEU F 113 7.73 6.26 4.92
CA LEU F 113 8.44 4.99 4.92
C LEU F 113 9.57 4.97 5.95
N ILE F 114 10.20 6.12 6.19
CA ILE F 114 11.23 6.20 7.23
C ILE F 114 10.61 5.95 8.60
N ALA F 115 9.45 6.58 8.86
CA ALA F 115 8.79 6.39 10.15
C ALA F 115 8.36 4.94 10.35
N ALA F 116 7.85 4.30 9.30
CA ALA F 116 7.48 2.89 9.40
C ALA F 116 8.70 2.02 9.66
N GLY F 117 9.82 2.32 8.99
CA GLY F 117 11.03 1.55 9.21
C GLY F 117 11.56 1.68 10.63
N VAL F 118 11.53 2.89 11.18
CA VAL F 118 11.97 3.09 12.55
C VAL F 118 11.09 2.32 13.52
N ALA F 119 9.77 2.38 13.32
CA ALA F 119 8.85 1.63 14.16
C ALA F 119 9.06 0.13 14.00
N PHE F 120 9.30 -0.32 12.76
CA PHE F 120 9.58 -1.73 12.53
C PHE F 120 10.86 -2.17 13.22
N VAL F 121 11.90 -1.32 13.18
CA VAL F 121 13.17 -1.67 13.80
C VAL F 121 13.01 -1.83 15.30
N ILE F 122 12.30 -0.91 15.94
CA ILE F 122 12.07 -1.01 17.39
C ILE F 122 11.28 -2.26 17.72
N THR F 123 10.23 -2.53 16.95
CA THR F 123 9.43 -3.74 17.17
C THR F 123 10.26 -5.00 16.96
N SER F 124 11.07 -5.03 15.91
CA SER F 124 11.89 -6.21 15.63
C SER F 124 12.99 -6.38 16.67
N VAL F 125 13.62 -5.27 17.09
CA VAL F 125 14.65 -5.35 18.12
C VAL F 125 14.06 -5.79 19.45
N CYS F 126 12.84 -5.33 19.76
CA CYS F 126 12.19 -5.75 20.99
C CYS F 126 11.98 -7.26 21.03
N GLY F 127 11.58 -7.84 19.90
CA GLY F 127 11.42 -9.28 19.85
C GLY F 127 12.71 -10.03 20.08
N LEU F 128 13.81 -9.53 19.52
CA LEU F 128 15.11 -10.18 19.72
C LEU F 128 15.53 -10.13 21.19
N VAL F 129 15.34 -8.98 21.84
CA VAL F 129 15.77 -8.82 23.21
C VAL F 129 14.91 -9.65 24.15
N PHE F 130 13.59 -9.67 23.91
CA PHE F 130 12.65 -10.34 24.79
C PHE F 130 12.39 -11.79 24.40
N GLU F 131 13.09 -12.31 23.40
CA GLU F 131 12.79 -13.66 22.90
C GLU F 131 12.99 -14.71 23.98
N TYR F 132 14.09 -14.62 24.73
CA TYR F 132 14.42 -15.61 25.75
C TYR F 132 14.08 -15.13 27.15
N TYR F 133 13.13 -14.22 27.28
CA TYR F 133 12.70 -13.74 28.59
C TYR F 133 11.19 -13.65 28.76
N TRP F 134 10.40 -13.79 27.70
CA TRP F 134 8.95 -13.77 27.84
C TRP F 134 8.47 -14.93 28.72
N GLY F 135 7.64 -14.62 29.70
CA GLY F 135 7.13 -15.64 30.59
C GLY F 135 5.97 -16.39 29.97
N PRO F 136 5.56 -17.46 30.65
CA PRO F 136 4.40 -18.22 30.18
C PRO F 136 3.13 -17.38 30.24
N GLU F 137 2.21 -17.67 29.34
CA GLU F 137 0.97 -16.92 29.27
C GLU F 137 0.12 -17.17 30.52
N LYS F 138 -0.45 -16.10 31.06
CA LYS F 138 -1.23 -16.18 32.29
C LYS F 138 -2.68 -16.54 32.06
N HIS F 139 -3.15 -16.53 30.81
CA HIS F 139 -4.55 -16.81 30.47
C HIS F 139 -5.51 -15.90 31.25
N GLU G 10 34.46 -58.05 12.37
CA GLU G 10 34.40 -56.61 12.50
C GLU G 10 33.68 -55.98 11.31
N LEU G 11 32.39 -56.27 11.18
CA LEU G 11 31.58 -55.75 10.09
C LEU G 11 30.68 -54.64 10.62
N GLU G 12 30.75 -53.48 9.99
CA GLU G 12 29.92 -52.34 10.35
C GLU G 12 28.97 -52.02 9.20
N ALA G 13 27.71 -51.79 9.53
CA ALA G 13 26.70 -51.49 8.52
C ALA G 13 26.81 -50.04 8.07
N ARG G 14 26.89 -49.83 6.76
CA ARG G 14 26.99 -48.50 6.18
C ARG G 14 26.12 -48.43 4.93
N ARG G 15 25.70 -47.22 4.60
CA ARG G 15 24.96 -47.01 3.37
C ARG G 15 25.88 -47.18 2.17
N PRO G 16 25.35 -47.67 1.04
CA PRO G 16 26.17 -47.74 -0.19
C PRO G 16 26.66 -46.39 -0.63
N PHE G 17 25.87 -45.33 -0.43
CA PHE G 17 26.25 -43.96 -0.73
C PHE G 17 25.65 -43.06 0.34
N PRO G 18 26.32 -41.95 0.65
CA PRO G 18 25.70 -40.96 1.55
C PRO G 18 24.47 -40.35 0.91
N GLU G 19 23.55 -39.90 1.77
CA GLU G 19 22.31 -39.30 1.29
C GLU G 19 22.62 -38.07 0.43
N ARG G 20 22.04 -38.03 -0.77
CA ARG G 20 22.33 -36.95 -1.70
C ARG G 20 21.80 -35.62 -1.16
N MET G 21 20.55 -35.59 -0.74
CA MET G 21 19.94 -34.39 -0.21
C MET G 21 18.94 -34.77 0.88
N GLY G 22 18.68 -33.82 1.77
CA GLY G 22 17.72 -34.04 2.83
C GLY G 22 16.32 -34.14 2.29
N PRO G 23 15.38 -34.60 3.11
CA PRO G 23 13.99 -34.70 2.68
C PRO G 23 13.35 -33.33 2.46
N LYS G 24 12.10 -33.30 2.03
CA LYS G 24 11.41 -32.04 1.81
C LYS G 24 11.30 -31.26 3.11
N GLY G 25 11.59 -29.96 3.04
CA GLY G 25 11.55 -29.12 4.22
C GLY G 25 12.72 -29.30 5.16
N ASN G 26 13.89 -29.68 4.64
CA ASN G 26 15.07 -29.85 5.47
C ASN G 26 15.91 -28.59 5.57
N LEU G 27 15.65 -27.58 4.75
CA LEU G 27 16.53 -26.41 4.69
C LEU G 27 15.82 -25.08 4.82
N ILE G 28 14.59 -24.96 4.28
CA ILE G 28 13.99 -23.64 4.13
C ILE G 28 13.76 -22.97 5.48
N TYR G 29 13.27 -23.72 6.47
CA TYR G 29 13.09 -23.12 7.79
C TYR G 29 14.41 -22.96 8.51
N LYS G 30 15.40 -23.80 8.18
CA LYS G 30 16.72 -23.66 8.78
C LYS G 30 17.41 -22.39 8.28
N LEU G 31 17.20 -22.03 7.01
CA LEU G 31 17.91 -20.89 6.44
C LEU G 31 17.59 -19.59 7.18
N ILE G 32 16.31 -19.39 7.53
CA ILE G 32 15.90 -18.13 8.14
C ILE G 32 15.94 -18.17 9.67
N THR G 33 16.22 -19.32 10.28
CA THR G 33 16.24 -19.44 11.73
C THR G 33 17.55 -19.99 12.27
N THR G 34 18.57 -20.19 11.43
CA THR G 34 19.80 -20.82 11.88
C THR G 34 20.61 -19.86 12.75
N THR G 35 21.22 -20.42 13.80
CA THR G 35 22.26 -19.74 14.55
C THR G 35 23.59 -20.46 14.44
N ASP G 36 23.64 -21.57 13.71
CA ASP G 36 24.89 -22.32 13.52
C ASP G 36 25.76 -21.59 12.51
N HIS G 37 27.00 -21.30 12.92
CA HIS G 37 27.98 -20.57 12.06
C HIS G 37 28.28 -21.37 10.80
N LYS G 38 28.25 -22.71 10.89
CA LYS G 38 28.55 -23.54 9.72
C LYS G 38 27.53 -23.34 8.62
N LEU G 39 26.24 -23.37 8.97
CA LEU G 39 25.21 -23.11 7.97
C LEU G 39 25.25 -21.66 7.51
N ILE G 40 25.46 -20.72 8.43
CA ILE G 40 25.55 -19.31 8.06
C ILE G 40 26.75 -19.07 7.14
N GLY G 41 27.88 -19.69 7.46
CA GLY G 41 29.04 -19.60 6.57
C GLY G 41 28.76 -20.18 5.19
N ILE G 42 27.97 -21.25 5.13
CA ILE G 42 27.62 -21.85 3.85
C ILE G 42 26.73 -20.90 3.06
N MET G 43 25.74 -20.28 3.72
CA MET G 43 24.89 -19.33 3.01
C MET G 43 25.68 -18.13 2.51
N TYR G 44 26.77 -17.77 3.18
CA TYR G 44 27.63 -16.70 2.68
C TYR G 44 28.20 -17.05 1.32
N CYS G 45 28.80 -18.24 1.21
CA CYS G 45 29.51 -18.61 -0.02
C CYS G 45 28.57 -18.65 -1.22
N VAL G 46 27.36 -19.17 -1.04
CA VAL G 46 26.42 -19.23 -2.15
C VAL G 46 26.00 -17.84 -2.58
N VAL G 47 25.68 -16.96 -1.62
CA VAL G 47 25.31 -15.59 -1.95
C VAL G 47 26.51 -14.81 -2.47
N CYS G 48 27.68 -15.00 -1.87
CA CYS G 48 28.88 -14.33 -2.35
C CYS G 48 29.18 -14.72 -3.79
N PHE G 49 29.01 -16.00 -4.14
CA PHE G 49 29.26 -16.40 -5.51
C PHE G 49 28.15 -15.96 -6.46
N ALA G 50 26.92 -15.83 -5.95
CA ALA G 50 25.86 -15.24 -6.76
C ALA G 50 26.23 -13.81 -7.15
N PHE G 51 26.74 -13.03 -6.18
CA PHE G 51 27.17 -11.67 -6.49
C PHE G 51 28.43 -11.66 -7.33
N PHE G 52 29.30 -12.67 -7.16
CA PHE G 52 30.48 -12.80 -8.00
C PHE G 52 30.10 -12.98 -9.46
N LEU G 53 29.13 -13.86 -9.72
CA LEU G 53 28.65 -14.07 -11.09
C LEU G 53 27.92 -12.84 -11.61
N VAL G 54 27.11 -12.21 -10.76
CA VAL G 54 26.38 -11.01 -11.18
C VAL G 54 27.35 -9.88 -11.49
N GLY G 55 28.32 -9.65 -10.61
CA GLY G 55 29.31 -8.62 -10.86
C GLY G 55 30.24 -8.95 -12.01
N GLY G 56 30.54 -10.23 -12.22
CA GLY G 56 31.36 -10.62 -13.34
C GLY G 56 30.69 -10.35 -14.68
N LEU G 57 29.37 -10.52 -14.75
CA LEU G 57 28.64 -10.21 -15.96
C LEU G 57 28.71 -8.72 -16.29
N MET G 58 28.79 -7.87 -15.27
CA MET G 58 28.91 -6.44 -15.50
C MET G 58 30.22 -6.11 -16.22
N ALA G 59 31.31 -6.77 -15.83
CA ALA G 59 32.59 -6.55 -16.49
C ALA G 59 32.60 -7.09 -17.91
N LEU G 60 31.87 -8.17 -18.17
CA LEU G 60 31.82 -8.74 -19.51
C LEU G 60 31.18 -7.77 -20.50
N PHE G 61 30.11 -7.09 -20.08
CA PHE G 61 29.49 -6.09 -20.93
C PHE G 61 30.46 -4.95 -21.21
N MET G 62 31.18 -4.50 -20.18
CA MET G 62 32.20 -3.47 -20.35
C MET G 62 33.32 -3.95 -21.27
N ARG G 63 33.82 -5.15 -21.00
CA ARG G 63 34.96 -5.72 -21.77
C ARG G 63 34.60 -5.90 -23.24
N THR G 64 33.37 -6.32 -23.51
CA THR G 64 32.89 -6.56 -24.90
C THR G 64 32.60 -5.21 -25.58
N GLU G 65 32.49 -4.14 -24.82
CA GLU G 65 32.23 -2.82 -25.43
C GLU G 65 33.58 -2.18 -25.73
N LEU G 66 34.58 -2.51 -24.94
CA LEU G 66 35.93 -1.90 -25.12
C LEU G 66 36.75 -2.76 -26.08
N ALA G 67 36.08 -3.64 -26.83
CA ALA G 67 36.77 -4.53 -27.79
C ALA G 67 37.05 -3.76 -29.09
N MET G 68 36.06 -3.01 -29.58
CA MET G 68 36.21 -2.22 -30.83
C MET G 68 35.87 -0.75 -30.55
N PRO G 69 36.62 0.22 -31.10
CA PRO G 69 36.35 1.65 -30.87
C PRO G 69 34.92 2.03 -31.26
N GLY G 70 34.27 2.88 -30.45
CA GLY G 70 32.89 3.33 -30.72
C GLY G 70 31.88 2.59 -29.85
N LEU G 71 30.72 3.22 -29.61
CA LEU G 71 29.65 2.61 -28.77
C LEU G 71 28.76 1.74 -29.66
N GLN G 72 28.98 0.42 -29.63
CA GLN G 72 28.19 -0.51 -30.43
C GLN G 72 26.83 -0.79 -29.81
N PHE G 73 26.80 -1.15 -28.52
CA PHE G 73 25.56 -1.51 -27.87
C PHE G 73 25.37 -0.86 -26.50
N LEU G 74 26.36 -0.12 -25.99
CA LEU G 74 26.27 0.52 -24.69
C LEU G 74 26.45 2.02 -24.84
N SER G 75 25.71 2.78 -24.05
CA SER G 75 25.85 4.22 -24.00
C SER G 75 26.87 4.61 -22.94
N ASN G 76 27.20 5.90 -22.90
CA ASN G 76 28.14 6.39 -21.89
C ASN G 76 27.58 6.21 -20.49
N GLU G 77 26.29 6.51 -20.29
CA GLU G 77 25.68 6.38 -18.98
C GLU G 77 25.64 4.92 -18.53
N GLN G 78 25.28 4.01 -19.44
CA GLN G 78 25.24 2.59 -19.07
C GLN G 78 26.63 2.09 -18.70
N PHE G 79 27.64 2.46 -19.46
CA PHE G 79 29.01 2.06 -19.14
C PHE G 79 29.45 2.65 -17.80
N ASN G 80 29.10 3.90 -17.53
CA ASN G 80 29.45 4.52 -16.26
C ASN G 80 28.78 3.80 -15.10
N GLN G 81 27.52 3.42 -15.26
CA GLN G 81 26.85 2.62 -14.24
C GLN G 81 27.48 1.25 -14.10
N LEU G 82 28.06 0.72 -15.19
CA LEU G 82 28.55 -0.65 -15.18
C LEU G 82 29.74 -0.82 -14.23
N PHE G 83 30.76 0.03 -14.36
CA PHE G 83 31.93 -0.18 -13.51
C PHE G 83 31.67 0.25 -12.07
N THR G 84 30.81 1.25 -11.85
CA THR G 84 30.46 1.62 -10.49
C THR G 84 29.81 0.44 -9.77
N MET G 85 28.80 -0.15 -10.38
CA MET G 85 28.12 -1.29 -9.77
C MET G 85 29.02 -2.51 -9.75
N HIS G 86 29.83 -2.70 -10.80
CA HIS G 86 30.74 -3.85 -10.81
C HIS G 86 31.72 -3.77 -9.64
N GLY G 87 32.37 -2.62 -9.47
CA GLY G 87 33.30 -2.47 -8.35
C GLY G 87 32.61 -2.58 -7.00
N THR G 88 31.45 -1.94 -6.86
CA THR G 88 30.73 -1.99 -5.58
C THR G 88 30.32 -3.41 -5.24
N VAL G 89 29.81 -4.16 -6.21
CA VAL G 89 29.38 -5.52 -5.96
C VAL G 89 30.58 -6.42 -5.68
N MET G 90 31.68 -6.21 -6.38
CA MET G 90 32.74 -7.20 -6.35
C MET G 90 33.78 -6.92 -5.29
N LEU G 91 33.74 -5.73 -4.68
CA LEU G 91 34.56 -5.44 -3.50
C LEU G 91 33.77 -5.55 -2.21
N LEU G 92 32.58 -4.96 -2.17
CA LEU G 92 31.80 -4.89 -0.93
C LEU G 92 30.75 -5.97 -0.82
N PHE G 93 30.22 -6.48 -1.94
CA PHE G 93 29.18 -7.50 -1.89
C PHE G 93 29.70 -8.91 -2.14
N TYR G 94 30.96 -9.06 -2.55
CA TYR G 94 31.56 -10.37 -2.72
C TYR G 94 32.81 -10.56 -1.89
N ALA G 95 33.73 -9.60 -1.90
CA ALA G 95 35.02 -9.79 -1.23
C ALA G 95 34.90 -9.64 0.28
N THR G 96 34.29 -8.55 0.74
CA THR G 96 34.14 -8.34 2.19
C THR G 96 33.31 -9.42 2.86
N PRO G 97 32.12 -9.82 2.37
CA PRO G 97 31.36 -10.85 3.08
C PRO G 97 32.06 -12.19 3.16
N ILE G 98 32.78 -12.59 2.11
CA ILE G 98 33.40 -13.90 2.09
C ILE G 98 34.58 -13.96 3.06
N VAL G 99 35.06 -12.81 3.53
CA VAL G 99 36.01 -12.80 4.63
C VAL G 99 35.38 -13.39 5.88
N PHE G 100 34.15 -12.99 6.18
CA PHE G 100 33.38 -13.60 7.26
C PHE G 100 32.71 -14.89 6.82
N GLY G 101 32.62 -15.16 5.52
CA GLY G 101 32.11 -16.44 5.06
C GLY G 101 33.01 -17.59 5.48
N PHE G 102 34.32 -17.42 5.29
CA PHE G 102 35.26 -18.43 5.76
C PHE G 102 35.42 -18.40 7.27
N ALA G 103 35.24 -17.22 7.87
CA ALA G 103 35.43 -17.10 9.31
C ALA G 103 34.31 -17.81 10.08
N ASN G 104 33.06 -17.66 9.64
CA ASN G 104 31.98 -18.45 10.22
C ASN G 104 32.14 -19.94 9.96
N LEU G 105 33.01 -20.34 9.03
CA LEU G 105 33.17 -21.75 8.72
C LEU G 105 34.11 -22.43 9.72
N VAL G 106 35.37 -21.98 9.77
CA VAL G 106 36.41 -22.74 10.46
C VAL G 106 36.91 -22.08 11.73
N LEU G 107 36.71 -20.77 11.92
CA LEU G 107 37.28 -20.11 13.09
C LEU G 107 36.79 -20.70 14.41
N PRO G 108 35.50 -20.94 14.64
CA PRO G 108 35.11 -21.66 15.86
C PRO G 108 35.73 -23.05 15.95
N LEU G 109 35.91 -23.72 14.81
CA LEU G 109 36.56 -25.03 14.83
C LEU G 109 38.05 -24.90 15.15
N GLN G 110 38.70 -23.85 14.62
CA GLN G 110 40.14 -23.70 14.81
C GLN G 110 40.49 -23.48 16.27
N ILE G 111 39.69 -22.66 16.98
CA ILE G 111 39.95 -22.38 18.39
C ILE G 111 39.27 -23.38 19.32
N GLY G 112 38.67 -24.44 18.78
CA GLY G 112 37.99 -25.42 19.61
C GLY G 112 36.77 -24.89 20.32
N ALA G 113 35.95 -24.09 19.64
CA ALA G 113 34.75 -23.51 20.24
C ALA G 113 33.50 -24.19 19.69
N PRO G 114 32.43 -24.29 20.49
CA PRO G 114 31.19 -24.88 19.98
C PRO G 114 30.37 -23.95 19.11
N ASP G 115 30.55 -22.65 19.28
CA ASP G 115 29.80 -21.70 18.43
C ASP G 115 30.50 -20.35 18.47
N VAL G 116 29.86 -19.36 17.86
CA VAL G 116 30.36 -17.99 17.90
C VAL G 116 29.89 -17.34 19.19
N ALA G 117 30.45 -16.18 19.52
CA ALA G 117 30.11 -15.50 20.76
C ALA G 117 28.64 -15.09 20.78
N PHE G 118 28.12 -14.57 19.68
CA PHE G 118 26.75 -14.09 19.59
C PHE G 118 26.08 -14.77 18.40
N PRO G 119 25.47 -15.94 18.61
CA PRO G 119 24.86 -16.66 17.49
C PRO G 119 23.76 -15.88 16.78
N ARG G 120 22.96 -15.14 17.55
CA ARG G 120 21.84 -14.33 17.00
C ARG G 120 22.43 -13.17 16.18
N LEU G 121 23.41 -12.47 16.74
CA LEU G 121 24.05 -11.34 16.05
C LEU G 121 24.80 -11.80 14.82
N ASN G 122 25.35 -13.02 14.84
CA ASN G 122 26.01 -13.56 13.66
C ASN G 122 25.02 -13.77 12.52
N ALA G 123 23.82 -14.27 12.83
CA ALA G 123 22.79 -14.44 11.81
C ALA G 123 22.26 -13.10 11.34
N LEU G 124 22.20 -12.10 12.22
CA LEU G 124 21.74 -10.78 11.81
C LEU G 124 22.66 -10.15 10.78
N SER G 125 23.97 -10.42 10.88
CA SER G 125 24.91 -9.85 9.92
C SER G 125 24.65 -10.35 8.52
N PHE G 126 24.34 -11.64 8.37
CA PHE G 126 24.09 -12.20 7.04
C PHE G 126 22.88 -11.54 6.37
N TRP G 127 21.76 -11.48 7.08
CA TRP G 127 20.55 -10.91 6.48
C TRP G 127 20.68 -9.41 6.26
N LEU G 128 21.29 -8.70 7.21
CA LEU G 128 21.55 -7.28 7.01
C LEU G 128 22.40 -7.04 5.78
N PHE G 129 23.44 -7.84 5.60
CA PHE G 129 24.28 -7.70 4.41
C PHE G 129 23.51 -8.04 3.14
N LEU G 130 22.75 -9.13 3.15
CA LEU G 130 22.04 -9.56 1.96
C LEU G 130 21.01 -8.52 1.51
N PHE G 131 20.27 -7.95 2.45
CA PHE G 131 19.30 -6.93 2.09
C PHE G 131 19.96 -5.59 1.77
N GLY G 132 21.11 -5.30 2.38
CA GLY G 132 21.84 -4.11 2.02
C GLY G 132 22.43 -4.19 0.62
N ALA G 133 22.95 -5.36 0.24
CA ALA G 133 23.49 -5.53 -1.10
C ALA G 133 22.40 -5.43 -2.15
N LEU G 134 21.23 -5.98 -1.87
CA LEU G 134 20.14 -5.95 -2.85
C LEU G 134 19.64 -4.52 -3.08
N ILE G 135 19.67 -3.68 -2.05
CA ILE G 135 19.19 -2.30 -2.19
C ILE G 135 20.05 -1.55 -3.19
N ALA G 136 21.38 -1.68 -3.07
CA ALA G 136 22.28 -0.98 -3.98
C ALA G 136 22.13 -1.47 -5.42
N ILE G 137 22.00 -2.79 -5.61
CA ILE G 137 21.82 -3.35 -6.94
C ILE G 137 20.47 -2.93 -7.52
N ALA G 138 19.47 -2.71 -6.66
CA ALA G 138 18.13 -2.36 -7.09
C ALA G 138 18.07 -1.02 -7.82
N GLY G 139 19.16 -0.27 -7.90
CA GLY G 139 19.17 0.96 -8.66
C GLY G 139 19.09 0.74 -10.16
N PHE G 140 19.40 -0.46 -10.63
CA PHE G 140 19.34 -0.74 -12.06
C PHE G 140 17.91 -0.68 -12.59
N ILE G 141 16.93 -1.16 -11.81
CA ILE G 141 15.55 -1.16 -12.27
C ILE G 141 14.96 0.24 -12.35
N THR G 142 15.61 1.24 -11.74
CA THR G 142 15.14 2.61 -11.86
C THR G 142 15.38 3.13 -13.27
N PRO G 143 14.48 3.99 -13.77
CA PRO G 143 14.67 4.51 -15.14
C PRO G 143 15.97 5.27 -15.32
N GLY G 144 16.39 6.05 -14.32
CA GLY G 144 17.64 6.77 -14.42
C GLY G 144 18.84 5.84 -14.45
N GLY G 145 18.76 4.72 -13.74
CA GLY G 145 19.83 3.76 -13.65
C GLY G 145 20.45 3.75 -12.26
N ALA G 146 21.42 2.86 -12.10
CA ALA G 146 22.12 2.72 -10.83
C ALA G 146 23.20 3.81 -10.72
N ALA G 147 24.07 3.67 -9.73
CA ALA G 147 25.15 4.64 -9.56
C ALA G 147 26.09 4.61 -10.75
N ASP G 148 26.49 5.78 -11.23
CA ASP G 148 27.36 5.92 -12.39
C ASP G 148 28.58 6.78 -12.09
N PHE G 149 28.90 6.93 -10.81
CA PHE G 149 30.01 7.84 -10.41
C PHE G 149 31.24 7.10 -9.90
N GLY G 150 31.29 5.78 -10.00
CA GLY G 150 32.41 5.01 -9.48
C GLY G 150 32.27 4.71 -8.00
N TRP G 151 32.91 3.61 -7.64
CA TRP G 151 32.87 3.10 -6.25
C TRP G 151 33.66 4.03 -5.32
N THR G 152 34.49 4.90 -5.84
CA THR G 152 35.15 5.82 -4.90
C THR G 152 34.21 7.01 -4.64
N ALA G 153 33.13 7.10 -5.42
CA ALA G 153 32.07 8.14 -5.33
C ALA G 153 32.65 9.50 -4.98
N TYR G 154 33.58 10.02 -5.79
CA TYR G 154 34.21 11.31 -5.45
C TYR G 154 33.22 12.45 -5.45
N SER G 155 33.54 13.46 -4.66
CA SER G 155 32.74 14.66 -4.48
C SER G 155 33.33 15.82 -5.27
N PRO G 156 32.50 16.74 -5.79
CA PRO G 156 31.04 16.80 -5.67
C PRO G 156 30.30 16.11 -6.81
N LEU G 157 30.91 15.10 -7.43
CA LEU G 157 30.21 14.32 -8.43
C LEU G 157 29.02 13.58 -7.83
N THR G 158 29.18 13.10 -6.60
CA THR G 158 28.10 12.29 -5.99
C THR G 158 27.00 13.21 -5.45
N ASP G 159 27.17 14.51 -5.65
CA ASP G 159 26.27 15.61 -5.19
C ASP G 159 24.88 15.49 -5.83
N ALA G 160 23.85 16.07 -5.22
CA ALA G 160 22.51 16.03 -5.83
C ALA G 160 22.53 16.74 -7.18
N ILE G 161 23.26 17.85 -7.32
CA ILE G 161 23.37 18.61 -8.60
C ILE G 161 24.01 17.73 -9.68
N HIS G 162 25.01 16.94 -9.36
CA HIS G 162 25.71 16.14 -10.41
C HIS G 162 25.24 14.69 -10.42
N SER G 163 24.56 14.23 -9.36
CA SER G 163 24.02 12.87 -9.32
C SER G 163 22.60 12.92 -8.75
N PRO G 164 21.64 13.42 -9.53
CA PRO G 164 20.29 13.64 -8.99
C PRO G 164 19.42 12.39 -8.95
N GLY G 165 19.80 11.31 -9.60
CA GLY G 165 18.95 10.14 -9.66
C GLY G 165 18.88 9.39 -8.35
N ALA G 166 17.85 8.53 -8.26
CA ALA G 166 17.66 7.71 -7.06
C ALA G 166 18.61 6.52 -7.02
N GLY G 167 19.27 6.19 -8.13
CA GLY G 167 20.22 5.09 -8.12
C GLY G 167 21.41 5.37 -7.21
N GLY G 168 21.92 6.60 -7.24
CA GLY G 168 22.99 6.97 -6.34
C GLY G 168 22.56 6.98 -4.89
N ASP G 169 21.33 7.41 -4.63
CA ASP G 169 20.80 7.43 -3.26
C ASP G 169 20.67 6.01 -2.72
N LEU G 170 20.17 5.08 -3.54
CA LEU G 170 20.08 3.69 -3.11
C LEU G 170 21.47 3.08 -2.92
N TRP G 171 22.45 3.52 -3.71
CA TRP G 171 23.82 3.05 -3.54
C TRP G 171 24.37 3.45 -2.18
N ILE G 172 24.09 4.68 -1.74
CA ILE G 172 24.61 5.16 -0.46
C ILE G 172 23.97 4.38 0.70
N MET G 173 22.64 4.24 0.68
CA MET G 173 21.96 3.58 1.78
C MET G 173 22.19 2.07 1.76
N GLY G 174 22.39 1.49 0.58
CA GLY G 174 22.70 0.07 0.51
C GLY G 174 24.04 -0.26 1.15
N LEU G 175 25.02 0.64 1.00
CA LEU G 175 26.32 0.44 1.64
C LEU G 175 26.22 0.58 3.15
N ALA G 176 25.38 1.51 3.62
CA ALA G 176 25.25 1.72 5.07
C ALA G 176 24.67 0.48 5.75
N VAL G 177 23.66 -0.14 5.15
CA VAL G 177 23.08 -1.35 5.73
C VAL G 177 24.09 -2.49 5.72
N GLY G 178 24.78 -2.67 4.60
CA GLY G 178 25.81 -3.69 4.53
C GLY G 178 26.98 -3.40 5.45
N GLY G 179 27.33 -2.13 5.61
CA GLY G 179 28.41 -1.77 6.50
C GLY G 179 28.09 -2.08 7.95
N LEU G 180 26.83 -1.93 8.35
CA LEU G 180 26.43 -2.27 9.72
C LEU G 180 26.62 -3.76 9.98
N GLY G 181 26.26 -4.60 9.01
CA GLY G 181 26.47 -6.03 9.18
C GLY G 181 27.94 -6.40 9.30
N THR G 182 28.80 -5.72 8.54
CA THR G 182 30.23 -5.98 8.62
C THR G 182 30.78 -5.61 10.00
N ILE G 183 30.32 -4.49 10.56
CA ILE G 183 30.77 -4.08 11.89
C ILE G 183 30.35 -5.11 12.93
N LEU G 184 29.10 -5.58 12.86
CA LEU G 184 28.64 -6.59 13.81
C LEU G 184 29.39 -7.89 13.64
N GLY G 185 29.71 -8.27 12.41
CA GLY G 185 30.50 -9.47 12.19
C GLY G 185 31.90 -9.34 12.77
N GLY G 186 32.52 -8.17 12.60
CA GLY G 186 33.83 -7.95 13.18
C GLY G 186 33.79 -7.95 14.70
N VAL G 187 32.72 -7.42 15.29
CA VAL G 187 32.55 -7.46 16.74
C VAL G 187 32.44 -8.90 17.22
N ASN G 188 31.69 -9.72 16.50
CA ASN G 188 31.51 -11.11 16.89
C ASN G 188 32.84 -11.88 16.87
N MET G 189 33.68 -11.60 15.87
CA MET G 189 34.91 -12.36 15.72
C MET G 189 35.92 -12.04 16.81
N ILE G 190 36.02 -10.77 17.20
CA ILE G 190 36.94 -10.39 18.27
C ILE G 190 36.52 -11.04 19.58
N THR G 191 35.22 -11.01 19.88
CA THR G 191 34.73 -11.62 21.12
C THR G 191 34.92 -13.13 21.10
N THR G 192 34.69 -13.77 19.96
CA THR G 192 34.83 -15.22 19.86
C THR G 192 36.26 -15.65 20.10
N VAL G 193 37.23 -14.94 19.53
CA VAL G 193 38.63 -15.31 19.68
C VAL G 193 39.07 -15.13 21.14
N VAL G 194 38.65 -14.03 21.76
CA VAL G 194 39.10 -13.73 23.12
C VAL G 194 38.50 -14.69 24.14
N CYS G 195 37.21 -15.00 24.00
CA CYS G 195 36.48 -15.67 25.06
C CYS G 195 36.20 -17.14 24.83
N MET G 196 36.11 -17.59 23.57
CA MET G 196 35.64 -18.94 23.26
C MET G 196 36.77 -19.91 22.97
N ARG G 197 38.01 -19.56 23.31
CA ARG G 197 39.13 -20.46 23.05
C ARG G 197 39.05 -21.69 23.94
N ALA G 198 39.39 -22.85 23.36
CA ALA G 198 39.38 -24.10 24.10
C ALA G 198 40.55 -24.12 25.09
N PRO G 199 40.42 -24.91 26.16
CA PRO G 199 41.52 -25.03 27.12
C PRO G 199 42.78 -25.56 26.44
N GLY G 200 43.93 -24.98 26.82
CA GLY G 200 45.19 -25.32 26.20
C GLY G 200 45.49 -24.58 24.92
N MET G 201 44.57 -23.79 24.41
CA MET G 201 44.76 -23.01 23.18
C MET G 201 45.12 -21.59 23.57
N THR G 202 46.41 -21.30 23.67
CA THR G 202 46.87 -19.97 24.01
C THR G 202 46.78 -19.05 22.80
N MET G 203 47.09 -17.77 23.02
CA MET G 203 47.02 -16.79 21.94
C MET G 203 48.00 -17.14 20.82
N PHE G 204 49.22 -17.55 21.18
CA PHE G 204 50.26 -17.88 20.23
C PHE G 204 50.24 -19.35 19.80
N ARG G 205 49.06 -19.97 19.91
CA ARG G 205 48.87 -21.39 19.53
C ARG G 205 47.74 -21.52 18.50
N MET G 206 47.06 -20.41 18.18
CA MET G 206 45.97 -20.46 17.22
C MET G 206 46.53 -20.57 15.80
N PRO G 207 45.73 -21.07 14.86
CA PRO G 207 46.16 -21.07 13.45
C PRO G 207 46.31 -19.66 12.92
N ILE G 208 47.11 -19.54 11.86
CA ILE G 208 47.37 -18.24 11.26
C ILE G 208 46.08 -17.62 10.73
N PHE G 209 45.18 -18.44 10.18
CA PHE G 209 43.91 -17.91 9.67
C PHE G 209 43.11 -17.24 10.79
N THR G 210 43.06 -17.86 11.97
CA THR G 210 42.38 -17.25 13.10
C THR G 210 43.06 -15.95 13.51
N TRP G 211 44.39 -15.92 13.46
CA TRP G 211 45.12 -14.71 13.79
C TRP G 211 44.77 -13.58 12.83
N ASN G 212 44.68 -13.92 11.53
CA ASN G 212 44.39 -12.92 10.47
C ASN G 212 42.96 -12.36 10.63
N ILE G 213 42.00 -13.21 10.97
CA ILE G 213 40.61 -12.78 11.09
C ILE G 213 40.45 -11.84 12.29
N LEU G 214 41.09 -12.18 13.41
CA LEU G 214 41.05 -11.30 14.57
C LEU G 214 41.68 -9.95 14.25
N VAL G 215 42.81 -9.96 13.55
CA VAL G 215 43.45 -8.72 13.13
C VAL G 215 42.56 -7.97 12.14
N THR G 216 41.97 -8.69 11.19
CA THR G 216 41.12 -8.05 10.19
C THR G 216 39.89 -7.41 10.84
N SER G 217 39.30 -8.09 11.83
CA SER G 217 38.11 -7.56 12.49
C SER G 217 38.39 -6.22 13.16
N ILE G 218 39.61 -6.02 13.67
CA ILE G 218 39.98 -4.73 14.24
C ILE G 218 39.99 -3.66 13.14
N LEU G 219 40.51 -4.01 11.96
CA LEU G 219 40.53 -3.06 10.85
C LEU G 219 39.12 -2.68 10.42
N VAL G 220 38.17 -3.60 10.55
CA VAL G 220 36.78 -3.29 10.20
C VAL G 220 36.24 -2.19 11.10
N LEU G 221 36.49 -2.29 12.41
CA LEU G 221 35.99 -1.30 13.36
C LEU G 221 36.60 0.07 13.16
N ILE G 222 37.77 0.15 12.52
CA ILE G 222 38.40 1.44 12.27
C ILE G 222 37.91 2.06 10.97
N ALA G 223 37.61 1.23 9.97
CA ALA G 223 37.29 1.73 8.63
C ALA G 223 35.80 1.88 8.41
N PHE G 224 35.02 0.83 8.65
CA PHE G 224 33.60 0.86 8.30
C PHE G 224 32.80 1.93 9.02
N PRO G 225 32.97 2.18 10.33
CA PRO G 225 32.20 3.28 10.95
C PRO G 225 32.47 4.63 10.31
N ILE G 226 33.71 4.91 9.90
CA ILE G 226 33.99 6.21 9.28
C ILE G 226 33.35 6.27 7.89
N LEU G 227 33.26 5.14 7.19
CA LEU G 227 32.52 5.12 5.93
C LEU G 227 31.03 5.39 6.16
N THR G 228 30.47 4.80 7.21
CA THR G 228 29.06 5.03 7.53
C THR G 228 28.83 6.50 7.86
N ALA G 229 29.75 7.12 8.61
CA ALA G 229 29.64 8.54 8.92
C ALA G 229 29.73 9.38 7.66
N ALA G 230 30.66 9.06 6.77
CA ALA G 230 30.82 9.84 5.54
C ALA G 230 29.61 9.72 4.64
N LEU G 231 29.06 8.50 4.51
CA LEU G 231 27.89 8.30 3.67
C LEU G 231 26.67 9.04 4.22
N PHE G 232 26.51 9.03 5.54
CA PHE G 232 25.40 9.76 6.15
C PHE G 232 25.52 11.26 5.89
N GLY G 233 26.74 11.80 5.96
CA GLY G 233 26.94 13.19 5.59
C GLY G 233 26.67 13.43 4.12
N LEU G 234 27.03 12.47 3.27
CA LEU G 234 26.74 12.59 1.85
C LEU G 234 25.23 12.56 1.60
N ALA G 235 24.50 11.71 2.32
CA ALA G 235 23.05 11.68 2.19
C ALA G 235 22.41 12.98 2.65
N ALA G 236 23.00 13.64 3.65
CA ALA G 236 22.48 14.92 4.09
C ALA G 236 22.59 15.98 3.01
N ASP G 237 23.71 15.99 2.28
CA ASP G 237 23.88 16.97 1.21
C ASP G 237 22.83 16.79 0.12
N ARG G 238 22.54 15.55 -0.24
CA ARG G 238 21.62 15.29 -1.34
C ARG G 238 20.16 15.53 -0.95
N HIS G 239 19.81 15.31 0.31
CA HIS G 239 18.43 15.42 0.76
C HIS G 239 18.15 16.67 1.57
N LEU G 240 19.02 17.02 2.52
CA LEU G 240 18.82 18.20 3.35
C LEU G 240 19.48 19.45 2.78
N GLY G 241 20.18 19.34 1.66
CA GLY G 241 20.87 20.49 1.08
C GLY G 241 21.96 21.04 1.97
N ALA G 242 22.68 20.17 2.66
CA ALA G 242 23.75 20.59 3.55
C ALA G 242 25.01 20.95 2.74
N HIS G 243 25.97 21.57 3.43
CA HIS G 243 27.23 21.99 2.83
C HIS G 243 28.40 21.20 3.42
N ILE G 244 28.20 19.91 3.64
CA ILE G 244 29.25 19.07 4.21
C ILE G 244 30.40 18.91 3.22
N TYR G 245 30.09 18.64 1.96
CA TYR G 245 31.10 18.40 0.94
C TYR G 245 31.09 19.49 -0.13
N ASP G 246 30.79 20.72 0.25
CA ASP G 246 30.80 21.82 -0.69
C ASP G 246 32.23 22.17 -1.08
N PRO G 247 32.54 22.34 -2.36
CA PRO G 247 33.92 22.64 -2.76
C PRO G 247 34.47 23.92 -2.13
N ALA G 248 33.63 24.95 -1.98
CA ALA G 248 34.09 26.18 -1.35
C ALA G 248 34.34 25.98 0.14
N ASN G 249 33.63 25.05 0.76
CA ASN G 249 33.80 24.72 2.16
C ASN G 249 35.01 23.82 2.41
N GLY G 250 35.59 23.26 1.36
CA GLY G 250 36.69 22.33 1.51
C GLY G 250 36.30 20.88 1.54
N GLY G 251 35.08 20.55 1.13
CA GLY G 251 34.61 19.18 1.17
C GLY G 251 35.13 18.26 0.09
N VAL G 252 35.74 18.81 -0.96
CA VAL G 252 36.33 17.98 -2.00
C VAL G 252 37.47 17.14 -1.41
N LEU G 253 38.34 17.78 -0.63
CA LEU G 253 39.38 17.04 0.08
C LEU G 253 38.84 16.31 1.30
N LEU G 254 37.81 16.86 1.95
CA LEU G 254 37.26 16.23 3.14
C LEU G 254 36.68 14.86 2.83
N TRP G 255 35.92 14.75 1.74
CA TRP G 255 35.32 13.46 1.40
C TRP G 255 36.38 12.44 1.00
N GLN G 256 37.35 12.86 0.19
CA GLN G 256 38.38 11.93 -0.28
C GLN G 256 39.21 11.40 0.87
N HIS G 257 39.54 12.25 1.84
CA HIS G 257 40.34 11.83 2.98
C HIS G 257 39.63 10.74 3.78
N LEU G 258 38.36 10.97 4.11
CA LEU G 258 37.60 9.97 4.87
C LEU G 258 37.40 8.70 4.05
N PHE G 259 37.06 8.84 2.77
CA PHE G 259 36.79 7.66 1.96
C PHE G 259 38.04 6.80 1.82
N TRP G 260 39.20 7.42 1.65
CA TRP G 260 40.43 6.64 1.54
C TRP G 260 40.95 6.16 2.89
N PHE G 261 40.59 6.84 3.97
CA PHE G 261 40.84 6.30 5.30
C PHE G 261 40.04 5.02 5.52
N PHE G 262 38.86 4.94 4.91
CA PHE G 262 38.13 3.67 4.85
C PHE G 262 38.80 2.69 3.89
N GLY G 263 39.14 3.15 2.68
CA GLY G 263 39.38 2.24 1.58
C GLY G 263 40.61 1.37 1.74
N HIS G 264 41.73 1.95 2.16
CA HIS G 264 42.96 1.17 2.18
C HIS G 264 42.98 0.18 3.34
N PRO G 265 42.45 0.51 4.52
CA PRO G 265 42.18 -0.56 5.49
C PRO G 265 41.22 -1.61 4.95
N GLU G 266 40.29 -1.23 4.08
CA GLU G 266 39.31 -2.19 3.57
C GLU G 266 39.94 -3.20 2.62
N VAL G 267 40.91 -2.79 1.81
CA VAL G 267 41.52 -3.74 0.89
C VAL G 267 42.35 -4.77 1.66
N TYR G 268 42.92 -4.37 2.80
CA TYR G 268 43.59 -5.34 3.67
C TYR G 268 42.61 -6.14 4.52
N ILE G 269 41.36 -5.67 4.65
CA ILE G 269 40.32 -6.51 5.23
C ILE G 269 40.06 -7.70 4.34
N ILE G 270 40.15 -7.53 3.02
CA ILE G 270 39.97 -8.60 2.07
C ILE G 270 41.31 -9.14 1.56
N ALA G 271 42.39 -8.90 2.29
CA ALA G 271 43.71 -9.43 1.95
C ALA G 271 44.28 -10.34 3.02
N LEU G 272 44.31 -9.88 4.28
CA LEU G 272 44.89 -10.67 5.36
C LEU G 272 44.20 -12.02 5.58
N PRO G 273 42.87 -12.12 5.61
CA PRO G 273 42.26 -13.46 5.79
C PRO G 273 42.66 -14.44 4.71
N PHE G 274 42.79 -13.99 3.46
CA PHE G 274 43.23 -14.86 2.40
C PHE G 274 44.73 -15.12 2.42
N PHE G 275 45.50 -14.24 3.07
CA PHE G 275 46.88 -14.60 3.42
C PHE G 275 46.88 -15.74 4.42
N GLY G 276 45.93 -15.72 5.37
CA GLY G 276 45.80 -16.82 6.31
C GLY G 276 45.35 -18.12 5.66
N ILE G 277 44.48 -18.03 4.65
CA ILE G 277 43.96 -19.23 4.02
C ILE G 277 45.07 -20.05 3.37
N VAL G 278 45.93 -19.38 2.60
CA VAL G 278 47.06 -20.07 2.00
C VAL G 278 48.07 -20.50 3.08
N SER G 279 48.14 -19.74 4.18
CA SER G 279 49.02 -20.11 5.28
C SER G 279 48.57 -21.39 5.98
N GLU G 280 47.32 -21.81 5.79
CA GLU G 280 46.86 -23.10 6.30
C GLU G 280 46.99 -24.22 5.27
N ILE G 281 47.18 -23.89 4.00
CA ILE G 281 47.23 -24.89 2.95
C ILE G 281 48.66 -25.31 2.64
N PHE G 282 49.59 -24.36 2.67
CA PHE G 282 50.99 -24.69 2.40
C PHE G 282 51.55 -25.74 3.35
N PRO G 283 51.40 -25.63 4.67
CA PRO G 283 51.95 -26.69 5.54
C PRO G 283 51.31 -28.05 5.32
N VAL G 284 50.03 -28.10 4.96
CA VAL G 284 49.34 -29.38 4.84
C VAL G 284 49.89 -30.18 3.67
N PHE G 285 50.04 -29.53 2.51
CA PHE G 285 50.48 -30.22 1.30
C PHE G 285 52.00 -30.24 1.14
N SER G 286 52.74 -29.64 2.07
CA SER G 286 54.19 -29.71 2.07
C SER G 286 54.75 -30.67 3.11
N ARG G 287 53.89 -31.21 3.98
CA ARG G 287 54.30 -32.11 5.05
C ARG G 287 55.37 -31.45 5.93
N LYS G 288 55.22 -30.15 6.15
CA LYS G 288 56.17 -29.36 6.92
C LYS G 288 55.41 -28.36 7.77
N PRO G 289 55.98 -27.95 8.91
CA PRO G 289 55.35 -26.89 9.70
C PRO G 289 55.44 -25.55 8.99
N ILE G 290 54.54 -24.65 9.35
CA ILE G 290 54.55 -23.31 8.78
C ILE G 290 55.83 -22.59 9.17
N PHE G 291 56.51 -22.02 8.19
CA PHE G 291 57.78 -21.34 8.42
C PHE G 291 57.53 -19.97 9.02
N GLY G 292 58.26 -19.64 10.08
CA GLY G 292 58.14 -18.34 10.71
C GLY G 292 56.76 -18.06 11.26
N TYR G 293 56.22 -19.03 12.02
CA TYR G 293 54.88 -18.86 12.57
C TYR G 293 54.79 -17.63 13.47
N THR G 294 55.79 -17.43 14.33
CA THR G 294 55.81 -16.24 15.16
C THR G 294 56.04 -14.99 14.32
N THR G 295 56.89 -15.10 13.29
CA THR G 295 57.15 -13.95 12.43
C THR G 295 55.93 -13.55 11.61
N LEU G 296 55.12 -14.54 11.20
CA LEU G 296 53.93 -14.22 10.42
C LEU G 296 52.94 -13.39 11.22
N ILE G 297 52.79 -13.67 12.51
CA ILE G 297 51.91 -12.86 13.35
C ILE G 297 52.39 -11.43 13.43
N TYR G 298 53.70 -11.24 13.63
CA TYR G 298 54.25 -9.88 13.67
C TYR G 298 54.07 -9.18 12.34
N ALA G 299 54.26 -9.90 11.23
CA ALA G 299 54.04 -9.31 9.92
C ALA G 299 52.59 -8.89 9.73
N THR G 300 51.65 -9.72 10.18
CA THR G 300 50.23 -9.37 10.06
C THR G 300 49.89 -8.14 10.89
N LEU G 301 50.40 -8.07 12.13
CA LEU G 301 50.16 -6.90 12.96
C LEU G 301 50.78 -5.63 12.35
N ALA G 302 51.99 -5.76 11.79
CA ALA G 302 52.62 -4.61 11.14
C ALA G 302 51.82 -4.15 9.93
N ILE G 303 51.31 -5.10 9.14
CA ILE G 303 50.51 -4.75 7.97
C ILE G 303 49.23 -4.04 8.41
N ALA G 304 48.59 -4.55 9.46
CA ALA G 304 47.37 -3.91 9.95
C ALA G 304 47.65 -2.50 10.45
N ALA G 305 48.73 -2.32 11.21
CA ALA G 305 49.05 -1.00 11.74
C ALA G 305 49.45 -0.04 10.63
N LEU G 306 50.26 -0.50 9.67
CA LEU G 306 50.73 0.38 8.62
C LEU G 306 49.63 0.78 7.65
N SER G 307 48.59 -0.06 7.51
CA SER G 307 47.53 0.19 6.55
C SER G 307 46.64 1.37 6.93
N VAL G 308 46.75 1.88 8.15
CA VAL G 308 45.87 2.96 8.59
C VAL G 308 46.41 4.33 8.22
N ALA G 309 47.73 4.50 8.19
CA ALA G 309 48.36 5.80 7.96
C ALA G 309 48.96 5.92 6.56
N VAL G 310 48.39 5.24 5.58
CA VAL G 310 48.87 5.29 4.21
C VAL G 310 47.71 5.57 3.26
N TRP G 311 46.63 6.14 3.80
CA TRP G 311 45.40 6.29 3.03
C TRP G 311 45.54 7.26 1.87
N ALA G 312 46.51 8.18 1.91
CA ALA G 312 46.57 9.26 0.94
C ALA G 312 47.44 8.96 -0.27
N HIS G 313 48.00 7.76 -0.38
CA HIS G 313 48.77 7.46 -1.59
C HIS G 313 47.87 7.22 -2.80
N HIS G 314 46.56 7.11 -2.59
CA HIS G 314 45.59 7.14 -3.69
C HIS G 314 45.30 8.56 -4.15
N MET G 315 45.87 9.56 -3.48
CA MET G 315 45.55 10.96 -3.68
C MET G 315 46.77 11.74 -4.17
N TYR G 316 47.69 11.08 -4.86
CA TYR G 316 48.92 11.73 -5.29
C TYR G 316 48.65 12.83 -6.32
N ALA G 317 47.73 12.57 -7.26
CA ALA G 317 47.46 13.52 -8.31
C ALA G 317 46.67 14.74 -7.83
N THR G 318 46.10 14.70 -6.63
CA THR G 318 45.33 15.84 -6.14
C THR G 318 46.24 17.02 -5.80
N GLY G 319 47.50 16.76 -5.45
CA GLY G 319 48.41 17.83 -5.08
C GLY G 319 48.00 18.54 -3.81
N ALA G 320 47.44 17.81 -2.84
CA ALA G 320 46.98 18.43 -1.60
C ALA G 320 47.36 17.60 -0.38
N VAL G 321 48.32 16.67 -0.50
CA VAL G 321 48.73 15.81 0.60
C VAL G 321 50.24 15.86 0.72
N LEU G 322 50.73 15.52 1.91
CA LEU G 322 52.16 15.50 2.18
C LEU G 322 52.75 14.25 1.54
N LEU G 323 53.35 14.42 0.36
CA LEU G 323 53.90 13.27 -0.37
C LEU G 323 54.98 12.52 0.39
N PRO G 324 55.99 13.17 0.99
CA PRO G 324 57.05 12.39 1.65
C PRO G 324 56.55 11.49 2.77
N PHE G 325 55.54 11.92 3.52
CA PHE G 325 55.05 11.11 4.64
C PHE G 325 54.40 9.83 4.15
N PHE G 326 53.47 9.95 3.20
CA PHE G 326 52.72 8.78 2.75
C PHE G 326 53.54 7.87 1.84
N SER G 327 54.45 8.44 1.04
CA SER G 327 55.30 7.61 0.20
C SER G 327 56.21 6.72 1.04
N PHE G 328 56.82 7.29 2.10
CA PHE G 328 57.68 6.50 2.96
C PHE G 328 56.89 5.44 3.73
N MET G 329 55.72 5.81 4.25
CA MET G 329 54.90 4.86 5.02
C MET G 329 54.38 3.75 4.12
N THR G 330 54.02 4.08 2.87
CA THR G 330 53.57 3.05 1.94
C THR G 330 54.70 2.08 1.61
N PHE G 331 55.93 2.58 1.46
CA PHE G 331 57.07 1.71 1.22
C PHE G 331 57.31 0.75 2.39
N LEU G 332 56.94 1.18 3.61
CA LEU G 332 57.16 0.33 4.77
C LEU G 332 56.29 -0.92 4.74
N ILE G 333 55.12 -0.85 4.10
CA ILE G 333 54.23 -2.01 4.05
C ILE G 333 54.84 -3.12 3.20
N ALA G 334 55.71 -2.78 2.25
CA ALA G 334 56.30 -3.79 1.38
C ALA G 334 57.18 -4.77 2.13
N VAL G 335 57.68 -4.40 3.30
CA VAL G 335 58.59 -5.27 4.05
C VAL G 335 57.82 -6.43 4.69
N PRO G 336 56.81 -6.19 5.53
CA PRO G 336 56.08 -7.34 6.10
C PRO G 336 55.39 -8.20 5.06
N THR G 337 54.91 -7.61 3.97
CA THR G 337 54.31 -8.40 2.90
C THR G 337 55.36 -9.29 2.24
N GLY G 338 56.57 -8.76 2.05
CA GLY G 338 57.65 -9.58 1.51
C GLY G 338 58.06 -10.70 2.44
N ILE G 339 57.96 -10.48 3.76
CA ILE G 339 58.28 -11.51 4.73
C ILE G 339 57.33 -12.68 4.58
N LYS G 340 56.05 -12.39 4.27
CA LYS G 340 55.07 -13.47 4.12
C LYS G 340 55.42 -14.40 2.97
N PHE G 341 55.89 -13.85 1.85
CA PHE G 341 56.31 -14.69 0.74
C PHE G 341 57.48 -15.59 1.13
N PHE G 342 58.46 -15.02 1.84
CA PHE G 342 59.62 -15.81 2.23
C PHE G 342 59.26 -16.90 3.22
N ASN G 343 58.28 -16.64 4.08
CA ASN G 343 57.77 -17.69 4.97
C ASN G 343 57.02 -18.75 4.19
N TRP G 344 56.21 -18.33 3.22
CA TRP G 344 55.46 -19.29 2.40
C TRP G 344 56.39 -20.11 1.52
N ILE G 345 57.40 -19.46 0.93
CA ILE G 345 58.39 -20.19 0.14
C ILE G 345 59.19 -21.13 1.04
N GLY G 346 59.55 -20.67 2.23
CA GLY G 346 60.25 -21.53 3.17
C GLY G 346 59.43 -22.73 3.61
N THR G 347 58.12 -22.56 3.69
CA THR G 347 57.25 -23.69 4.04
C THR G 347 57.33 -24.79 2.98
N MET G 348 57.35 -24.41 1.70
CA MET G 348 57.48 -25.37 0.62
C MET G 348 58.91 -25.85 0.42
N TRP G 349 59.89 -25.19 1.02
CA TRP G 349 61.29 -25.54 0.81
C TRP G 349 61.62 -26.85 1.52
N LYS G 350 62.29 -27.75 0.79
CA LYS G 350 62.71 -29.05 1.33
C LYS G 350 61.53 -29.82 1.90
N GLY G 351 60.39 -29.76 1.21
CA GLY G 351 59.19 -30.46 1.58
C GLY G 351 58.87 -31.61 0.65
N GLN G 352 57.61 -32.04 0.70
CA GLN G 352 57.09 -33.09 -0.17
C GLN G 352 55.78 -32.57 -0.76
N LEU G 353 55.87 -31.89 -1.91
CA LEU G 353 54.73 -31.26 -2.54
C LEU G 353 54.03 -32.24 -3.48
N THR G 354 52.72 -32.36 -3.34
CA THR G 354 51.92 -33.19 -4.23
C THR G 354 51.05 -32.41 -5.18
N PHE G 355 50.80 -31.12 -4.91
CA PHE G 355 50.11 -30.20 -5.82
C PHE G 355 48.70 -30.69 -6.14
N GLU G 356 47.88 -30.77 -5.10
CA GLU G 356 46.45 -30.97 -5.29
C GLU G 356 45.78 -29.64 -5.62
N THR G 357 44.47 -29.70 -5.85
CA THR G 357 43.73 -28.50 -6.22
C THR G 357 43.81 -27.39 -5.17
N PRO G 358 43.63 -27.64 -3.87
CA PRO G 358 43.90 -26.56 -2.90
C PRO G 358 45.32 -26.07 -2.93
N MET G 359 46.29 -26.95 -3.18
CA MET G 359 47.68 -26.54 -3.27
C MET G 359 47.97 -25.84 -4.58
N LEU G 360 47.35 -26.31 -5.67
CA LEU G 360 47.60 -25.70 -6.98
C LEU G 360 47.13 -24.26 -7.03
N PHE G 361 45.96 -23.98 -6.44
CA PHE G 361 45.47 -22.61 -6.41
C PHE G 361 46.35 -21.71 -5.55
N SER G 362 46.86 -22.25 -4.45
CA SER G 362 47.74 -21.46 -3.58
C SER G 362 49.05 -21.11 -4.29
N VAL G 363 49.57 -22.03 -5.10
CA VAL G 363 50.78 -21.75 -5.88
C VAL G 363 50.51 -20.65 -6.89
N GLY G 364 49.35 -20.69 -7.55
CA GLY G 364 48.99 -19.63 -8.47
C GLY G 364 48.85 -18.28 -7.79
N PHE G 365 48.45 -18.28 -6.51
CA PHE G 365 48.41 -17.05 -5.74
C PHE G 365 49.80 -16.42 -5.64
N LEU G 366 50.83 -17.22 -5.38
CA LEU G 366 52.17 -16.68 -5.21
C LEU G 366 52.67 -16.03 -6.50
N ILE G 367 52.43 -16.66 -7.64
CA ILE G 367 52.86 -16.09 -8.92
C ILE G 367 52.03 -14.85 -9.25
N THR G 368 50.72 -14.92 -9.06
CA THR G 368 49.84 -13.82 -9.44
C THR G 368 50.04 -12.60 -8.54
N PHE G 369 50.07 -12.82 -7.22
CA PHE G 369 50.13 -11.70 -6.27
C PHE G 369 51.41 -10.89 -6.44
N LEU G 370 52.53 -11.57 -6.71
CA LEU G 370 53.82 -10.88 -6.73
C LEU G 370 53.87 -9.79 -7.78
N LEU G 371 53.35 -10.08 -8.99
CA LEU G 371 53.39 -9.09 -10.05
C LEU G 371 52.56 -7.86 -9.69
N GLY G 372 51.39 -8.07 -9.08
CA GLY G 372 50.61 -6.95 -8.59
C GLY G 372 51.30 -6.22 -7.44
N GLY G 373 51.99 -6.96 -6.58
CA GLY G 373 52.73 -6.34 -5.51
C GLY G 373 53.88 -5.48 -6.02
N LEU G 374 54.56 -5.95 -7.06
CA LEU G 374 55.63 -5.15 -7.65
C LEU G 374 55.09 -3.86 -8.25
N SER G 375 53.91 -3.93 -8.88
CA SER G 375 53.30 -2.72 -9.42
C SER G 375 52.89 -1.76 -8.30
N GLY G 376 52.58 -2.28 -7.12
CA GLY G 376 52.22 -1.41 -6.01
C GLY G 376 53.36 -0.53 -5.57
N VAL G 377 54.58 -1.08 -5.52
CA VAL G 377 55.75 -0.28 -5.15
C VAL G 377 56.02 0.79 -6.20
N LEU G 378 55.78 0.47 -7.47
CA LEU G 378 55.93 1.47 -8.53
C LEU G 378 54.95 2.62 -8.33
N LEU G 379 53.71 2.32 -7.99
CA LEU G 379 52.72 3.36 -7.77
C LEU G 379 52.95 4.10 -6.46
N ALA G 380 53.66 3.47 -5.51
CA ALA G 380 53.88 4.10 -4.21
C ALA G 380 54.73 5.35 -4.33
N SER G 381 55.62 5.41 -5.32
CA SER G 381 56.43 6.60 -5.53
C SER G 381 55.61 7.64 -6.29
N PRO G 382 55.44 8.84 -5.75
CA PRO G 382 54.65 9.87 -6.43
C PRO G 382 55.16 10.20 -7.83
N PRO G 383 56.48 10.30 -8.06
CA PRO G 383 56.93 10.60 -9.44
C PRO G 383 56.45 9.61 -10.47
N LEU G 384 56.45 8.31 -10.14
CA LEU G 384 55.92 7.33 -11.09
C LEU G 384 54.40 7.33 -11.12
N ASP G 385 53.76 7.60 -9.98
CA ASP G 385 52.31 7.68 -9.93
C ASP G 385 51.78 8.90 -10.66
N PHE G 386 52.60 9.92 -10.88
CA PHE G 386 52.14 11.13 -11.54
C PHE G 386 51.72 10.87 -12.99
N HIS G 387 52.16 9.77 -13.58
CA HIS G 387 51.83 9.45 -14.96
C HIS G 387 50.84 8.31 -15.12
N VAL G 388 50.81 7.35 -14.20
CA VAL G 388 50.00 6.15 -14.34
C VAL G 388 48.77 6.16 -13.44
N THR G 389 48.60 7.22 -12.67
CA THR G 389 47.41 7.35 -11.79
C THR G 389 46.17 7.55 -12.67
N ASP G 390 45.04 6.94 -12.30
CA ASP G 390 43.77 7.07 -13.04
C ASP G 390 43.95 6.54 -14.45
N SER G 391 44.75 5.51 -14.61
CA SER G 391 44.97 4.89 -15.91
C SER G 391 44.87 3.38 -15.76
N TYR G 392 44.92 2.67 -16.89
CA TYR G 392 44.78 1.22 -16.86
C TYR G 392 45.97 0.51 -16.23
N PHE G 393 47.07 1.21 -15.97
CA PHE G 393 48.14 0.59 -15.20
C PHE G 393 47.68 0.31 -13.77
N VAL G 394 46.81 1.16 -13.23
CA VAL G 394 46.23 0.91 -11.92
C VAL G 394 45.33 -0.32 -11.98
N ILE G 395 44.38 -0.28 -12.89
CA ILE G 395 43.43 -1.39 -13.10
C ILE G 395 44.21 -2.68 -13.29
N ALA G 396 45.35 -2.65 -13.95
CA ALA G 396 46.08 -3.91 -14.08
C ALA G 396 46.66 -4.25 -12.72
N HIS G 397 47.16 -3.27 -11.99
CA HIS G 397 47.77 -3.55 -10.66
C HIS G 397 46.72 -4.09 -9.69
N PHE G 398 45.53 -3.51 -9.62
CA PHE G 398 44.63 -3.98 -8.56
C PHE G 398 43.82 -5.19 -8.99
N HIS G 399 43.93 -5.65 -10.22
CA HIS G 399 43.23 -6.90 -10.58
C HIS G 399 44.25 -8.03 -10.54
N TYR G 400 45.46 -7.77 -10.07
CA TYR G 400 46.52 -8.79 -9.91
C TYR G 400 46.65 -9.04 -8.42
N VAL G 401 46.36 -8.03 -7.63
CA VAL G 401 46.45 -8.08 -6.16
C VAL G 401 45.09 -8.51 -5.59
N LEU G 402 43.97 -8.18 -6.23
CA LEU G 402 42.63 -8.59 -5.74
C LEU G 402 42.24 -9.91 -6.37
N PHE G 403 42.89 -10.30 -7.45
CA PHE G 403 42.54 -11.62 -8.03
C PHE G 403 43.52 -12.64 -7.49
N GLY G 404 44.63 -12.20 -6.93
CA GLY G 404 45.57 -13.15 -6.34
C GLY G 404 44.99 -13.66 -5.05
N THR G 405 44.22 -12.85 -4.35
CA THR G 405 43.64 -13.26 -3.05
C THR G 405 42.14 -13.62 -3.10
N ILE G 406 41.23 -12.67 -3.30
CA ILE G 406 39.79 -12.95 -3.19
C ILE G 406 39.34 -14.01 -4.19
N VAL G 407 40.22 -14.48 -5.07
CA VAL G 407 39.82 -15.51 -6.03
C VAL G 407 40.69 -16.75 -5.89
N PHE G 408 42.00 -16.61 -6.11
CA PHE G 408 42.89 -17.76 -6.00
C PHE G 408 42.85 -18.35 -4.59
N ALA G 409 43.03 -17.51 -3.57
CA ALA G 409 42.99 -18.00 -2.21
C ALA G 409 41.58 -18.43 -1.81
N THR G 410 40.55 -17.76 -2.34
CA THR G 410 39.19 -18.18 -2.08
C THR G 410 38.92 -19.57 -2.64
N TYR G 411 39.34 -19.81 -3.88
CA TYR G 411 39.17 -21.12 -4.48
C TYR G 411 39.99 -22.17 -3.75
N ALA G 412 41.21 -21.81 -3.32
CA ALA G 412 42.03 -22.74 -2.57
C ALA G 412 41.38 -23.13 -1.25
N GLY G 413 40.80 -22.13 -0.55
CA GLY G 413 40.11 -22.43 0.69
C GLY G 413 38.85 -23.25 0.48
N ILE G 414 38.13 -22.98 -0.61
CA ILE G 414 36.92 -23.75 -0.90
C ILE G 414 37.27 -25.21 -1.18
N TYR G 415 38.24 -25.45 -2.07
CA TYR G 415 38.68 -26.82 -2.33
C TYR G 415 39.27 -27.46 -1.09
N PHE G 416 39.87 -26.65 -0.20
CA PHE G 416 40.45 -27.18 1.03
C PHE G 416 39.37 -27.58 2.02
N TRP G 417 38.36 -26.73 2.20
CA TRP G 417 37.37 -26.92 3.25
C TRP G 417 36.04 -27.46 2.75
N PHE G 418 35.92 -27.77 1.46
CA PHE G 418 34.68 -28.38 0.97
C PHE G 418 34.42 -29.75 1.59
N PRO G 419 35.37 -30.69 1.62
CA PRO G 419 35.08 -31.97 2.29
C PRO G 419 34.78 -31.81 3.77
N LYS G 420 35.35 -30.80 4.43
CA LYS G 420 35.11 -30.61 5.85
C LYS G 420 33.65 -30.29 6.12
N MET G 421 33.05 -29.43 5.29
CA MET G 421 31.68 -28.96 5.53
C MET G 421 30.66 -29.71 4.69
N THR G 422 31.07 -30.73 3.96
CA THR G 422 30.15 -31.49 3.11
C THR G 422 30.22 -32.98 3.38
N GLY G 423 31.39 -33.51 3.69
CA GLY G 423 31.60 -34.94 3.68
C GLY G 423 31.87 -35.50 2.30
N ARG G 424 31.92 -34.62 1.30
CA ARG G 424 32.17 -35.02 -0.10
C ARG G 424 33.37 -34.25 -0.64
N LEU G 425 34.09 -34.87 -1.59
CA LEU G 425 35.28 -34.25 -2.19
C LEU G 425 34.95 -33.74 -3.58
N LEU G 426 35.36 -32.51 -3.88
CA LEU G 426 35.24 -31.98 -5.23
C LEU G 426 36.16 -32.74 -6.18
N ASP G 427 35.74 -32.81 -7.45
CA ASP G 427 36.51 -33.54 -8.45
C ASP G 427 37.85 -32.84 -8.69
N GLU G 428 38.93 -33.62 -8.61
CA GLU G 428 40.26 -33.06 -8.82
C GLU G 428 40.53 -32.78 -10.29
N ARG G 429 40.09 -33.68 -11.18
CA ARG G 429 40.28 -33.45 -12.61
C ARG G 429 39.53 -32.21 -13.08
N LEU G 430 38.29 -32.02 -12.60
CA LEU G 430 37.56 -30.82 -12.93
C LEU G 430 38.15 -29.60 -12.24
N GLY G 431 38.74 -29.77 -11.05
CA GLY G 431 39.39 -28.66 -10.39
C GLY G 431 40.62 -28.17 -11.12
N LYS G 432 41.43 -29.10 -11.64
CA LYS G 432 42.64 -28.71 -12.36
C LYS G 432 42.29 -27.96 -13.64
N LEU G 433 41.23 -28.38 -14.33
CA LEU G 433 40.77 -27.66 -15.52
C LEU G 433 40.37 -26.24 -15.16
N HIS G 434 39.62 -26.07 -14.07
CA HIS G 434 39.16 -24.75 -13.67
C HIS G 434 40.33 -23.84 -13.32
N PHE G 435 41.32 -24.36 -12.60
CA PHE G 435 42.47 -23.53 -12.21
C PHE G 435 43.24 -23.06 -13.42
N TRP G 436 43.52 -23.97 -14.36
CA TRP G 436 44.31 -23.59 -15.53
C TRP G 436 43.55 -22.64 -16.43
N LEU G 437 42.25 -22.87 -16.61
CA LEU G 437 41.43 -21.94 -17.39
C LEU G 437 41.43 -20.55 -16.76
N THR G 438 41.24 -20.49 -15.44
CA THR G 438 41.22 -19.21 -14.75
C THR G 438 42.58 -18.51 -14.86
N PHE G 439 43.67 -19.25 -14.66
CA PHE G 439 45.00 -18.67 -14.74
C PHE G 439 45.28 -18.09 -16.11
N ILE G 440 45.03 -18.88 -17.16
CA ILE G 440 45.30 -18.43 -18.53
C ILE G 440 44.44 -17.24 -18.87
N GLY G 441 43.14 -17.31 -18.55
CA GLY G 441 42.25 -16.21 -18.88
C GLY G 441 42.62 -14.92 -18.17
N PHE G 442 42.89 -15.00 -16.86
CA PHE G 442 43.25 -13.80 -16.11
C PHE G 442 44.54 -13.19 -16.63
N HIS G 443 45.55 -14.01 -16.87
CA HIS G 443 46.82 -13.48 -17.37
C HIS G 443 46.63 -12.85 -18.75
N THR G 444 45.89 -13.52 -19.63
CA THR G 444 45.67 -12.97 -20.97
C THR G 444 44.93 -11.64 -20.91
N THR G 445 43.93 -11.54 -20.04
CA THR G 445 43.10 -10.34 -20.02
C THR G 445 43.70 -9.20 -19.20
N PHE G 446 44.71 -9.46 -18.36
CA PHE G 446 45.24 -8.39 -17.53
C PHE G 446 46.73 -8.14 -17.67
N LEU G 447 47.45 -8.91 -18.50
CA LEU G 447 48.84 -8.59 -18.73
C LEU G 447 49.01 -7.42 -19.68
N VAL G 448 48.15 -7.34 -20.70
CA VAL G 448 48.29 -6.29 -21.71
C VAL G 448 47.81 -4.93 -21.19
N GLN G 449 47.01 -4.91 -20.12
CA GLN G 449 46.52 -3.65 -19.60
C GLN G 449 47.62 -2.82 -18.95
N HIS G 450 48.75 -3.44 -18.61
CA HIS G 450 49.89 -2.68 -18.14
C HIS G 450 50.40 -1.74 -19.23
N TRP G 451 50.45 -2.24 -20.48
CA TRP G 451 50.88 -1.42 -21.59
C TRP G 451 49.83 -0.38 -21.97
N LEU G 452 48.55 -0.72 -21.83
CA LEU G 452 47.48 0.20 -22.21
C LEU G 452 47.51 1.46 -21.35
N GLY G 453 47.64 1.30 -20.04
CA GLY G 453 47.69 2.45 -19.16
C GLY G 453 48.93 3.30 -19.39
N ASP G 454 50.06 2.65 -19.64
CA ASP G 454 51.29 3.38 -19.92
C ASP G 454 51.23 4.10 -21.26
N GLU G 455 50.54 3.52 -22.24
CA GLU G 455 50.43 4.13 -23.56
C GLU G 455 49.65 5.45 -23.51
N GLY G 456 48.81 5.64 -22.52
CA GLY G 456 48.05 6.86 -22.42
C GLY G 456 46.55 6.67 -22.43
N MET G 457 46.07 5.50 -21.96
CA MET G 457 44.60 5.20 -21.90
C MET G 457 44.10 5.29 -20.47
N PRO G 458 43.21 6.23 -20.11
CA PRO G 458 42.76 6.38 -18.74
C PRO G 458 41.72 5.34 -18.32
N ARG G 459 41.49 5.20 -17.02
CA ARG G 459 40.44 4.24 -16.59
C ARG G 459 39.10 4.97 -16.60
N ARG G 460 38.01 4.20 -16.64
CA ARG G 460 36.60 4.65 -16.68
C ARG G 460 36.29 5.26 -18.05
N TYR G 461 36.81 4.71 -19.13
CA TYR G 461 36.54 5.29 -20.47
C TYR G 461 35.60 4.38 -21.23
N ALA G 462 34.42 4.86 -21.62
CA ALA G 462 33.46 4.03 -22.35
C ALA G 462 33.87 3.81 -23.79
N ASP G 463 34.54 4.82 -24.37
CA ASP G 463 34.85 4.79 -25.82
C ASP G 463 36.21 5.43 -26.11
N TYR G 464 36.91 4.94 -27.15
CA TYR G 464 38.19 5.49 -27.56
C TYR G 464 38.22 5.56 -29.08
N LEU G 465 39.05 6.45 -29.59
CA LEU G 465 39.10 6.63 -31.04
C LEU G 465 39.97 5.57 -31.70
N PRO G 466 39.69 5.23 -32.96
CA PRO G 466 40.54 4.26 -33.66
C PRO G 466 41.99 4.73 -33.81
N THR G 467 42.23 6.03 -33.85
CA THR G 467 43.57 6.56 -33.98
C THR G 467 44.35 6.55 -32.67
N ASP G 468 43.71 6.21 -31.56
CA ASP G 468 44.41 6.17 -30.27
C ASP G 468 45.39 5.01 -30.19
N GLY G 469 45.20 3.98 -31.01
CA GLY G 469 46.10 2.84 -30.98
C GLY G 469 45.87 1.86 -29.86
N PHE G 470 44.71 1.88 -29.23
CA PHE G 470 44.39 0.98 -28.13
C PHE G 470 43.54 -0.21 -28.56
N THR G 471 43.30 -0.36 -29.87
CA THR G 471 42.39 -1.40 -30.33
C THR G 471 42.98 -2.79 -30.19
N THR G 472 44.25 -2.96 -30.58
CA THR G 472 44.85 -4.30 -30.60
C THR G 472 44.93 -4.88 -29.20
N LEU G 473 45.38 -4.08 -28.22
CA LEU G 473 45.51 -4.59 -26.85
C LEU G 473 44.16 -4.83 -26.20
N ASN G 474 43.15 -4.01 -26.53
CA ASN G 474 41.82 -4.20 -25.96
C ASN G 474 41.19 -5.50 -26.44
N VAL G 475 41.42 -5.86 -27.71
CA VAL G 475 40.89 -7.12 -28.23
C VAL G 475 41.52 -8.31 -27.52
N ILE G 476 42.84 -8.25 -27.31
CA ILE G 476 43.52 -9.33 -26.60
C ILE G 476 42.99 -9.45 -25.17
N SER G 477 42.80 -8.32 -24.49
CA SER G 477 42.22 -8.34 -23.15
C SER G 477 40.79 -8.85 -23.17
N THR G 478 40.05 -8.55 -24.24
CA THR G 478 38.67 -9.04 -24.35
C THR G 478 38.63 -10.56 -24.50
N VAL G 479 39.58 -11.12 -25.24
CA VAL G 479 39.63 -12.57 -25.43
C VAL G 479 39.87 -13.26 -24.09
N GLY G 480 40.82 -12.74 -23.31
CA GLY G 480 41.13 -13.36 -22.02
C GLY G 480 40.00 -13.27 -21.02
N ALA G 481 39.25 -12.16 -21.04
CA ALA G 481 38.17 -11.99 -20.08
C ALA G 481 37.07 -13.02 -20.31
N PHE G 482 36.76 -13.32 -21.57
CA PHE G 482 35.75 -14.34 -21.85
C PHE G 482 36.24 -15.73 -21.46
N ILE G 483 37.56 -15.96 -21.47
CA ILE G 483 38.09 -17.20 -20.93
C ILE G 483 37.82 -17.29 -19.44
N LEU G 484 37.92 -16.17 -18.72
CA LEU G 484 37.53 -16.15 -17.32
C LEU G 484 36.05 -16.44 -17.16
N GLY G 485 35.22 -15.95 -18.08
CA GLY G 485 33.80 -16.22 -18.01
C GLY G 485 33.47 -17.69 -18.21
N VAL G 486 34.09 -18.33 -19.21
CA VAL G 486 33.85 -19.74 -19.44
C VAL G 486 34.56 -20.62 -18.41
N SER G 487 35.50 -20.07 -17.64
CA SER G 487 36.13 -20.82 -16.57
C SER G 487 35.22 -20.99 -15.37
N MET G 488 34.11 -20.27 -15.32
CA MET G 488 33.16 -20.43 -14.21
C MET G 488 32.34 -21.69 -14.36
N LEU G 489 32.09 -22.13 -15.59
CA LEU G 489 31.27 -23.32 -15.82
C LEU G 489 31.87 -24.57 -15.18
N PRO G 490 33.16 -24.90 -15.34
CA PRO G 490 33.68 -26.09 -14.66
C PRO G 490 33.55 -26.03 -13.15
N PHE G 491 33.80 -24.86 -12.54
CA PHE G 491 33.70 -24.77 -11.08
C PHE G 491 32.26 -24.90 -10.60
N VAL G 492 31.33 -24.23 -11.27
CA VAL G 492 29.93 -24.33 -10.90
C VAL G 492 29.44 -25.77 -11.06
N TRP G 493 29.81 -26.42 -12.17
CA TRP G 493 29.44 -27.81 -12.36
C TRP G 493 30.03 -28.71 -11.29
N ASN G 494 31.30 -28.46 -10.92
CA ASN G 494 31.93 -29.27 -9.89
C ASN G 494 31.23 -29.12 -8.54
N VAL G 495 30.86 -27.89 -8.18
CA VAL G 495 30.16 -27.68 -6.92
C VAL G 495 28.78 -28.30 -6.96
N PHE G 496 28.09 -28.17 -8.10
CA PHE G 496 26.73 -28.69 -8.21
C PHE G 496 26.71 -30.21 -8.16
N LYS G 497 27.69 -30.86 -8.78
CA LYS G 497 27.69 -32.33 -8.83
C LYS G 497 28.32 -32.94 -7.59
N SER G 498 29.48 -32.43 -7.16
CA SER G 498 30.21 -33.01 -6.03
C SER G 498 29.51 -32.79 -4.71
N TRP G 499 28.59 -31.83 -4.61
CA TRP G 499 27.81 -31.68 -3.39
C TRP G 499 26.97 -32.91 -3.09
N ARG G 500 26.34 -33.49 -4.10
CA ARG G 500 25.42 -34.61 -3.96
C ARG G 500 26.01 -35.93 -4.41
N TYR G 501 26.83 -35.94 -5.45
CA TYR G 501 27.41 -37.17 -5.98
C TYR G 501 28.93 -37.19 -5.86
N GLY G 502 29.49 -36.41 -4.93
CA GLY G 502 30.93 -36.38 -4.74
C GLY G 502 31.45 -37.59 -3.99
N GLU G 503 32.77 -37.68 -3.94
CA GLU G 503 33.41 -38.80 -3.26
C GLU G 503 33.24 -38.65 -1.76
N PRO G 504 32.66 -39.64 -1.07
CA PRO G 504 32.40 -39.49 0.36
C PRO G 504 33.68 -39.40 1.17
N VAL G 505 33.59 -38.66 2.28
CA VAL G 505 34.70 -38.50 3.21
C VAL G 505 34.29 -39.15 4.53
N THR G 506 34.97 -40.23 4.88
CA THR G 506 34.70 -40.96 6.11
C THR G 506 35.78 -40.69 7.17
N VAL G 507 36.73 -39.81 6.87
CA VAL G 507 37.85 -39.56 7.76
C VAL G 507 37.80 -38.11 8.22
N ASP G 508 38.46 -37.84 9.35
CA ASP G 508 38.49 -36.48 9.90
C ASP G 508 39.28 -35.54 9.00
N ASP G 509 40.41 -36.01 8.46
CA ASP G 509 41.28 -35.18 7.63
C ASP G 509 41.45 -35.82 6.26
N PRO G 510 40.67 -35.40 5.26
CA PRO G 510 40.86 -35.96 3.91
C PRO G 510 42.20 -35.62 3.29
N TRP G 511 42.88 -34.57 3.77
CA TRP G 511 44.17 -34.17 3.25
C TRP G 511 45.34 -34.78 4.03
N GLY G 512 45.06 -35.56 5.07
CA GLY G 512 46.11 -36.30 5.76
C GLY G 512 46.97 -35.57 6.77
N TYR G 513 47.53 -34.43 6.39
CA TYR G 513 48.49 -33.71 7.22
C TYR G 513 47.96 -32.34 7.64
N GLY G 514 46.67 -32.30 8.00
CA GLY G 514 46.12 -31.07 8.53
C GLY G 514 46.68 -30.73 9.89
N ASN G 515 46.73 -29.43 10.18
CA ASN G 515 47.31 -28.93 11.41
C ASN G 515 46.31 -28.30 12.36
N SER G 516 45.34 -27.55 11.83
CA SER G 516 44.39 -26.86 12.67
C SER G 516 43.36 -27.83 13.24
N LEU G 517 42.58 -27.34 14.22
CA LEU G 517 41.72 -28.22 15.01
C LEU G 517 40.51 -28.75 14.24
N GLU G 518 40.13 -28.11 13.13
CA GLU G 518 38.96 -28.60 12.40
C GLU G 518 39.19 -29.98 11.80
N TRP G 519 40.45 -30.34 11.55
CA TRP G 519 40.77 -31.64 11.00
C TRP G 519 40.79 -32.74 12.05
N ALA G 520 40.52 -32.40 13.31
CA ALA G 520 40.40 -33.38 14.39
C ALA G 520 38.96 -33.80 14.62
N THR G 521 38.02 -33.30 13.84
CA THR G 521 36.61 -33.63 13.97
C THR G 521 36.09 -34.25 12.68
N SER G 522 34.89 -34.80 12.75
CA SER G 522 34.32 -35.53 11.62
C SER G 522 33.94 -34.57 10.49
N CYS G 523 33.71 -35.14 9.32
CA CYS G 523 33.30 -34.39 8.13
C CYS G 523 31.93 -34.86 7.68
N PRO G 524 30.87 -34.05 7.84
CA PRO G 524 30.88 -32.71 8.44
C PRO G 524 30.89 -32.74 9.96
N PRO G 525 31.34 -31.66 10.60
CA PRO G 525 31.36 -31.62 12.06
C PRO G 525 29.94 -31.65 12.61
N PRO G 526 29.76 -32.12 13.85
CA PRO G 526 28.42 -32.13 14.44
C PRO G 526 27.91 -30.73 14.73
N ARG G 527 26.72 -30.63 15.32
CA ARG G 527 26.11 -29.33 15.59
C ARG G 527 27.01 -28.46 16.48
N HIS G 528 27.72 -29.08 17.43
CA HIS G 528 28.60 -28.36 18.34
C HIS G 528 30.07 -28.55 18.00
N ASN G 529 30.35 -29.09 16.81
CA ASN G 529 31.66 -29.06 16.16
C ASN G 529 32.68 -30.01 16.78
N PHE G 530 32.37 -30.62 17.92
CA PHE G 530 33.37 -31.41 18.63
C PHE G 530 32.70 -32.41 19.54
N THR G 531 32.98 -33.70 19.31
CA THR G 531 32.65 -34.75 20.26
C THR G 531 33.83 -35.12 21.16
N GLU G 532 34.99 -34.52 20.92
CA GLU G 532 36.18 -34.75 21.73
C GLU G 532 37.18 -33.63 21.44
N LEU G 533 38.17 -33.52 22.31
CA LEU G 533 39.22 -32.51 22.15
C LEU G 533 40.56 -33.12 22.53
N PRO G 534 41.56 -33.03 21.65
CA PRO G 534 42.89 -33.54 22.00
C PRO G 534 43.69 -32.51 22.80
N ARG G 535 44.80 -32.98 23.34
CA ARG G 535 45.71 -32.09 24.06
C ARG G 535 46.35 -31.10 23.10
N ILE G 536 46.33 -29.82 23.44
CA ILE G 536 46.89 -28.77 22.61
C ILE G 536 48.22 -28.34 23.21
N ARG G 537 49.30 -28.57 22.48
CA ARG G 537 50.64 -28.23 22.93
C ARG G 537 51.42 -27.40 21.92
N SER G 538 50.88 -27.17 20.72
CA SER G 538 51.55 -26.39 19.69
C SER G 538 50.49 -25.84 18.75
N GLU G 539 50.93 -25.33 17.61
CA GLU G 539 50.02 -24.77 16.61
C GLU G 539 49.44 -25.83 15.68
N ARG G 540 49.83 -27.10 15.84
CA ARG G 540 49.34 -28.19 15.01
C ARG G 540 48.82 -29.32 15.89
N PRO G 541 47.72 -29.09 16.62
CA PRO G 541 47.18 -30.19 17.46
C PRO G 541 46.72 -31.39 16.65
N ALA G 542 46.14 -31.17 15.47
CA ALA G 542 45.67 -32.28 14.65
C ALA G 542 46.84 -33.13 14.16
N PHE G 543 47.93 -32.49 13.75
CA PHE G 543 49.11 -33.23 13.30
C PHE G 543 49.70 -34.05 14.44
N GLU G 544 49.76 -33.46 15.64
CA GLU G 544 50.26 -34.20 16.80
C GLU G 544 49.37 -35.37 17.14
N LEU G 545 48.04 -35.18 17.07
CA LEU G 545 47.12 -36.26 17.40
C LEU G 545 47.21 -37.40 16.38
N HIS G 546 47.21 -37.07 15.09
CA HIS G 546 47.20 -38.10 14.06
C HIS G 546 48.55 -38.79 13.93
N TYR G 547 49.64 -38.09 14.26
CA TYR G 547 51.00 -38.64 14.15
C TYR G 547 51.71 -38.45 15.49
N PRO G 548 51.40 -39.28 16.49
CA PRO G 548 52.07 -39.15 17.78
C PRO G 548 53.58 -39.37 17.71
N HIS G 549 54.04 -40.20 16.77
CA HIS G 549 55.47 -40.50 16.69
C HIS G 549 56.30 -39.33 16.18
N MET G 550 55.65 -38.31 15.60
CA MET G 550 56.36 -37.11 15.14
C MET G 550 56.43 -35.99 16.17
N VAL G 551 55.87 -36.18 17.36
CA VAL G 551 55.93 -35.14 18.38
C VAL G 551 57.38 -34.83 18.75
N GLU G 552 58.18 -35.89 18.93
CA GLU G 552 59.59 -35.70 19.29
C GLU G 552 60.37 -35.05 18.15
N ARG G 553 60.10 -35.48 16.91
CA ARG G 553 60.86 -34.96 15.77
C ARG G 553 60.62 -33.46 15.57
N MET G 554 59.36 -33.02 15.70
CA MET G 554 59.05 -31.61 15.48
C MET G 554 59.75 -30.72 16.50
N ARG G 555 59.78 -31.13 17.75
CA ARG G 555 60.43 -30.33 18.78
C ARG G 555 61.93 -30.23 18.55
N ALA G 556 62.57 -31.33 18.16
CA ALA G 556 64.02 -31.34 18.00
C ALA G 556 64.46 -30.61 16.73
N GLU G 557 63.69 -30.75 15.65
CA GLU G 557 64.06 -30.18 14.36
C GLU G 557 63.43 -28.81 14.11
N ALA G 558 62.79 -28.21 15.12
CA ALA G 558 62.07 -26.96 14.90
C ALA G 558 63.01 -25.85 14.47
N HIS G 559 64.18 -25.75 15.08
CA HIS G 559 65.14 -24.70 14.79
C HIS G 559 66.23 -25.23 13.88
N VAL G 560 66.54 -24.48 12.83
CA VAL G 560 67.57 -24.87 11.88
C VAL G 560 68.95 -24.67 12.48
N TRP H 27 67.56 -2.16 -23.45
CA TRP H 27 66.76 -1.33 -24.34
C TRP H 27 65.74 -0.50 -23.57
N SER H 28 65.80 0.81 -23.73
CA SER H 28 64.87 1.70 -23.03
C SER H 28 63.46 1.65 -23.62
N ASP H 29 63.31 1.24 -24.88
CA ASP H 29 62.00 1.17 -25.50
C ASP H 29 61.16 0.02 -24.96
N ALA H 30 61.79 -1.06 -24.51
CA ALA H 30 61.08 -2.21 -23.97
C ALA H 30 60.95 -2.17 -22.45
N LEU H 31 61.92 -1.59 -21.75
CA LEU H 31 61.86 -1.52 -20.29
C LEU H 31 60.93 -0.42 -19.79
N ALA H 32 60.54 0.52 -20.66
CA ALA H 32 59.59 1.55 -20.29
C ALA H 32 58.16 1.04 -20.19
N LEU H 33 57.89 -0.16 -20.72
CA LEU H 33 56.57 -0.79 -20.64
C LEU H 33 55.49 0.06 -21.31
N GLY H 34 55.87 0.83 -22.33
CA GLY H 34 54.93 1.66 -23.06
C GLY H 34 54.92 3.12 -22.69
N TRP H 35 55.79 3.56 -21.79
CA TRP H 35 55.84 4.97 -21.43
C TRP H 35 56.32 5.79 -22.62
N PRO H 36 55.72 6.95 -22.86
CA PRO H 36 56.23 7.85 -23.91
C PRO H 36 57.62 8.37 -23.55
N THR H 37 58.36 8.73 -24.60
CA THR H 37 59.73 9.22 -24.40
C THR H 37 59.75 10.50 -23.58
N GLY H 38 58.80 11.38 -23.82
CA GLY H 38 58.72 12.63 -23.08
C GLY H 38 59.20 13.81 -23.92
N ILE H 39 58.67 14.99 -23.59
CA ILE H 39 59.00 16.21 -24.31
C ILE H 39 59.51 17.31 -23.38
N THR H 40 59.60 17.05 -22.09
CA THR H 40 60.08 18.02 -21.11
C THR H 40 61.21 17.41 -20.30
N PRO H 41 62.12 18.25 -19.77
CA PRO H 41 63.20 17.70 -18.93
C PRO H 41 62.69 16.94 -17.73
N GLU H 42 61.58 17.37 -17.14
CA GLU H 42 60.99 16.62 -16.03
C GLU H 42 60.50 15.26 -16.48
N ALA H 43 59.91 15.19 -17.69
CA ALA H 43 59.46 13.91 -18.22
C ALA H 43 60.63 12.97 -18.47
N LYS H 44 61.75 13.51 -18.98
CA LYS H 44 62.93 12.68 -19.21
C LYS H 44 63.47 12.11 -17.90
N LEU H 45 63.52 12.94 -16.85
CA LEU H 45 63.97 12.47 -15.55
C LEU H 45 63.00 11.44 -14.98
N ASN H 46 61.70 11.66 -15.15
CA ASN H 46 60.71 10.71 -14.63
C ASN H 46 60.82 9.36 -15.33
N ARG H 47 61.06 9.37 -16.65
CA ARG H 47 61.22 8.12 -17.38
C ARG H 47 62.48 7.38 -16.95
N GLU H 48 63.54 8.10 -16.61
CA GLU H 48 64.76 7.45 -16.14
C GLU H 48 64.51 6.71 -14.83
N LEU H 49 63.75 7.32 -13.92
CA LEU H 49 63.40 6.65 -12.67
C LEU H 49 62.53 5.42 -12.93
N TRP H 50 61.62 5.53 -13.91
CA TRP H 50 60.72 4.42 -14.20
C TRP H 50 61.48 3.19 -14.68
N ILE H 51 62.45 3.38 -15.58
CA ILE H 51 63.20 2.25 -16.11
C ILE H 51 64.02 1.57 -15.02
N GLY H 52 64.68 2.36 -14.17
CA GLY H 52 65.45 1.77 -13.09
C GLY H 52 64.58 1.03 -12.09
N SER H 53 63.43 1.60 -11.74
CA SER H 53 62.51 0.94 -10.82
C SER H 53 61.97 -0.35 -11.42
N VAL H 54 61.66 -0.35 -12.72
CA VAL H 54 61.19 -1.56 -13.38
C VAL H 54 62.29 -2.62 -13.39
N ILE H 55 63.53 -2.21 -13.64
CA ILE H 55 64.65 -3.15 -13.60
C ILE H 55 64.79 -3.74 -12.21
N ALA H 56 64.71 -2.91 -11.17
CA ALA H 56 64.77 -3.42 -9.80
C ALA H 56 63.61 -4.34 -9.49
N SER H 57 62.41 -3.99 -9.95
CA SER H 57 61.24 -4.83 -9.69
C SER H 57 61.35 -6.17 -10.39
N PHE H 58 61.80 -6.17 -11.64
CA PHE H 58 61.95 -7.43 -12.38
C PHE H 58 63.00 -8.34 -11.74
N ALA H 59 64.10 -7.76 -11.26
CA ALA H 59 65.13 -8.56 -10.61
C ALA H 59 64.59 -9.23 -9.35
N VAL H 60 63.83 -8.49 -8.54
CA VAL H 60 63.22 -9.08 -7.35
C VAL H 60 62.19 -10.12 -7.74
N GLY H 61 61.36 -9.83 -8.75
CA GLY H 61 60.35 -10.79 -9.17
C GLY H 61 60.93 -12.07 -9.72
N ALA H 62 62.03 -11.95 -10.47
CA ALA H 62 62.67 -13.15 -11.02
C ALA H 62 63.23 -14.04 -9.93
N ILE H 63 63.79 -13.44 -8.88
CA ILE H 63 64.34 -14.23 -7.77
C ILE H 63 63.24 -14.99 -7.06
N VAL H 64 62.12 -14.31 -6.78
CA VAL H 64 61.01 -14.97 -6.09
C VAL H 64 60.36 -16.02 -6.97
N TRP H 65 60.16 -15.71 -8.26
CA TRP H 65 59.61 -16.69 -9.18
C TRP H 65 60.54 -17.88 -9.34
N GLY H 66 61.85 -17.62 -9.42
CA GLY H 66 62.81 -18.71 -9.51
C GLY H 66 62.80 -19.60 -8.28
N LEU H 67 62.68 -18.99 -7.10
CA LEU H 67 62.60 -19.78 -5.87
C LEU H 67 61.33 -20.61 -5.83
N ILE H 68 60.21 -20.03 -6.26
CA ILE H 68 58.96 -20.78 -6.28
C ILE H 68 59.03 -21.92 -7.29
N PHE H 69 59.59 -21.66 -8.47
CA PHE H 69 59.70 -22.69 -9.49
C PHE H 69 60.71 -23.77 -9.09
N TRP H 70 61.77 -23.39 -8.38
CA TRP H 70 62.78 -24.37 -7.98
C TRP H 70 62.20 -25.39 -7.01
N THR H 71 61.44 -24.93 -6.02
CA THR H 71 60.83 -25.84 -5.05
C THR H 71 59.63 -26.59 -5.62
N SER H 72 59.02 -26.06 -6.68
CA SER H 72 57.88 -26.72 -7.30
C SER H 72 58.29 -27.84 -8.26
N ALA H 73 59.56 -27.90 -8.65
CA ALA H 73 60.03 -28.92 -9.58
C ALA H 73 61.04 -29.89 -9.00
N PHE H 74 61.71 -29.52 -7.90
CA PHE H 74 62.73 -30.37 -7.30
C PHE H 74 62.39 -30.83 -5.89
N HIS H 75 61.37 -30.26 -5.25
CA HIS H 75 60.97 -30.67 -3.90
C HIS H 75 59.63 -31.39 -3.89
N ARG H 76 59.21 -31.88 -5.05
CA ARG H 76 57.93 -32.61 -5.18
C ARG H 76 58.05 -33.97 -4.48
N LYS H 77 56.95 -34.49 -3.96
CA LYS H 77 56.99 -35.78 -3.24
C LYS H 77 57.56 -36.84 -4.16
N LYS H 78 58.74 -37.36 -3.83
CA LYS H 78 59.39 -38.44 -4.60
C LYS H 78 58.57 -39.69 -4.34
N ALA H 79 58.44 -40.61 -5.30
CA ALA H 79 57.55 -41.78 -5.05
C ALA H 79 58.31 -42.96 -4.43
N THR H 80 59.18 -42.71 -3.45
CA THR H 80 60.00 -43.73 -2.74
C THR H 80 60.47 -43.12 -1.42
N ASP H 81 59.95 -41.96 -1.04
CA ASP H 81 60.38 -41.34 0.25
C ASP H 81 59.32 -41.57 1.33
N THR H 82 59.60 -42.54 2.20
CA THR H 82 58.70 -43.04 3.27
C THR H 82 58.58 -42.01 4.39
N GLU H 83 59.70 -41.67 5.03
CA GLU H 83 59.72 -40.77 6.20
C GLU H 83 59.27 -39.37 5.78
N LEU H 84 58.61 -38.64 6.69
CA LEU H 84 58.17 -37.26 6.43
C LEU H 84 59.42 -36.38 6.43
N PRO H 85 59.45 -35.25 5.71
CA PRO H 85 60.62 -34.38 5.67
C PRO H 85 60.94 -33.67 6.99
N ARG H 86 62.16 -33.14 7.14
CA ARG H 86 62.55 -32.45 8.37
C ARG H 86 61.54 -31.36 8.70
N GLN H 87 61.13 -31.30 9.97
CA GLN H 87 60.11 -30.36 10.40
C GLN H 87 60.79 -29.13 11.02
N PHE H 88 61.27 -28.25 10.15
CA PHE H 88 61.88 -27.00 10.57
C PHE H 88 61.01 -25.83 10.13
N GLY H 89 60.81 -24.88 11.03
CA GLY H 89 59.99 -23.73 10.74
C GLY H 89 60.50 -22.44 11.36
N TYR H 90 61.76 -22.43 11.77
CA TYR H 90 62.34 -21.24 12.40
C TYR H 90 63.81 -21.15 12.02
N ASN H 91 64.17 -20.05 11.34
CA ASN H 91 65.56 -19.75 10.99
C ASN H 91 65.79 -18.29 11.34
N MET H 92 66.19 -18.04 12.58
CA MET H 92 66.36 -16.66 13.05
C MET H 92 67.43 -15.89 12.25
N PRO H 93 68.62 -16.44 11.98
CA PRO H 93 69.56 -15.67 11.13
C PRO H 93 69.00 -15.34 9.76
N LEU H 94 68.19 -16.24 9.18
CA LEU H 94 67.65 -15.99 7.85
C LEU H 94 66.55 -14.93 7.89
N GLU H 95 65.69 -14.97 8.92
CA GLU H 95 64.57 -14.04 8.98
C GLU H 95 65.04 -12.60 9.09
N LEU H 96 66.09 -12.35 9.89
CA LEU H 96 66.62 -11.00 10.01
C LEU H 96 67.25 -10.53 8.70
N THR H 97 67.96 -11.44 8.00
CA THR H 97 68.61 -11.06 6.76
C THR H 97 67.59 -10.67 5.69
N LEU H 98 66.52 -11.44 5.56
CA LEU H 98 65.48 -11.16 4.58
C LEU H 98 64.48 -10.10 5.04
N THR H 99 64.74 -9.44 6.16
CA THR H 99 63.99 -8.27 6.59
C THR H 99 64.75 -6.97 6.35
N VAL H 100 66.05 -6.97 6.57
CA VAL H 100 66.86 -5.78 6.34
C VAL H 100 66.98 -5.49 4.86
N ILE H 101 67.18 -6.54 4.05
CA ILE H 101 67.39 -6.33 2.61
C ILE H 101 66.21 -5.62 1.95
N PRO H 102 64.96 -6.03 2.16
CA PRO H 102 63.84 -5.24 1.59
C PRO H 102 63.80 -3.82 2.10
N PHE H 103 64.19 -3.59 3.35
CA PHE H 103 64.23 -2.22 3.89
C PHE H 103 65.27 -1.38 3.18
N LEU H 104 66.41 -1.98 2.80
CA LEU H 104 67.44 -1.23 2.11
C LEU H 104 67.00 -0.85 0.70
N ILE H 105 66.28 -1.74 0.02
CA ILE H 105 65.87 -1.47 -1.36
C ILE H 105 64.86 -0.32 -1.40
N ILE H 106 63.87 -0.35 -0.52
CA ILE H 106 62.88 0.73 -0.51
C ILE H 106 63.52 2.04 -0.07
N SER H 107 64.49 1.99 0.85
CA SER H 107 65.17 3.21 1.27
C SER H 107 65.94 3.83 0.10
N VAL H 108 66.59 3.00 -0.72
CA VAL H 108 67.28 3.52 -1.89
C VAL H 108 66.28 4.11 -2.88
N LEU H 109 65.17 3.40 -3.11
CA LEU H 109 64.15 3.90 -4.02
C LEU H 109 63.49 5.17 -3.48
N PHE H 110 63.30 5.24 -2.16
CA PHE H 110 62.66 6.41 -1.56
C PHE H 110 63.49 7.66 -1.78
N TYR H 111 64.81 7.55 -1.67
CA TYR H 111 65.68 8.72 -1.88
C TYR H 111 65.56 9.23 -3.31
N PHE H 112 65.63 8.33 -4.29
CA PHE H 112 65.43 8.75 -5.68
C PHE H 112 64.02 9.24 -5.92
N THR H 113 63.04 8.66 -5.22
CA THR H 113 61.67 9.14 -5.32
C THR H 113 61.56 10.58 -4.84
N VAL H 114 62.19 10.90 -3.71
CA VAL H 114 62.15 12.26 -3.19
C VAL H 114 62.90 13.21 -4.11
N VAL H 115 64.04 12.77 -4.64
CA VAL H 115 64.83 13.63 -5.52
C VAL H 115 64.06 14.00 -6.78
N VAL H 116 63.40 13.02 -7.40
CA VAL H 116 62.71 13.28 -8.66
C VAL H 116 61.48 14.14 -8.44
N GLN H 117 60.69 13.86 -7.39
CA GLN H 117 59.46 14.62 -7.18
C GLN H 117 59.74 16.07 -6.83
N GLU H 118 60.88 16.35 -6.16
CA GLU H 118 61.24 17.72 -5.88
C GLU H 118 61.53 18.49 -7.18
N ARG H 119 62.18 17.84 -8.14
CA ARG H 119 62.46 18.48 -9.42
C ARG H 119 61.18 18.69 -10.22
N MET H 120 60.26 17.72 -10.19
CA MET H 120 59.05 17.82 -10.99
C MET H 120 58.10 18.89 -10.45
N MET H 121 58.04 19.03 -9.13
CA MET H 121 57.14 20.00 -8.51
C MET H 121 57.79 21.37 -8.30
N HIS H 122 59.04 21.55 -8.73
CA HIS H 122 59.69 22.85 -8.60
C HIS H 122 59.02 23.87 -9.50
N LYS H 123 58.84 25.08 -8.97
CA LYS H 123 58.20 26.16 -9.69
C LYS H 123 59.13 27.37 -9.73
N ASP H 124 59.41 27.85 -10.93
CA ASP H 124 60.27 29.02 -11.10
C ASP H 124 59.50 30.28 -10.76
N PRO H 125 60.06 31.17 -9.93
CA PRO H 125 59.32 32.39 -9.55
C PRO H 125 59.04 33.33 -10.70
N ASN H 126 59.75 33.21 -11.82
CA ASN H 126 59.58 34.11 -12.96
C ASN H 126 59.34 33.29 -14.23
N PRO H 127 58.15 32.73 -14.38
CA PRO H 127 57.83 32.00 -15.60
C PRO H 127 57.61 32.94 -16.77
N GLU H 128 57.71 32.39 -17.98
CA GLU H 128 57.55 33.18 -19.20
C GLU H 128 56.21 32.99 -19.89
N VAL H 129 55.54 31.86 -19.70
CA VAL H 129 54.20 31.63 -20.24
C VAL H 129 53.32 31.07 -19.13
N VAL H 130 52.17 31.71 -18.90
CA VAL H 130 51.20 31.28 -17.92
C VAL H 130 49.92 30.92 -18.64
N ILE H 131 49.41 29.71 -18.39
CA ILE H 131 48.22 29.20 -19.06
C ILE H 131 47.14 28.95 -18.01
N ASP H 132 45.96 29.51 -18.24
CA ASP H 132 44.80 29.27 -17.38
C ASP H 132 44.02 28.10 -17.96
N VAL H 133 43.99 26.99 -17.23
CA VAL H 133 43.31 25.78 -17.67
C VAL H 133 41.99 25.70 -16.89
N THR H 134 40.88 25.80 -17.60
CA THR H 134 39.55 25.72 -17.00
C THR H 134 38.87 24.46 -17.52
N ALA H 135 38.41 23.62 -16.60
CA ALA H 135 37.76 22.36 -16.92
C ALA H 135 36.31 22.40 -16.46
N PHE H 136 35.41 21.89 -17.31
CA PHE H 136 34.00 21.83 -17.00
C PHE H 136 33.41 20.57 -17.62
N GLN H 137 32.10 20.41 -17.48
CA GLN H 137 31.38 19.25 -17.99
C GLN H 137 30.74 19.61 -19.33
N TRP H 138 31.26 19.05 -20.42
CA TRP H 138 32.44 18.19 -20.39
C TRP H 138 33.42 18.60 -21.50
N ASN H 139 34.29 19.56 -21.21
CA ASN H 139 35.27 20.03 -22.19
C ASN H 139 36.31 20.87 -21.45
N TRP H 140 37.17 21.53 -22.21
CA TRP H 140 38.27 22.31 -21.65
C TRP H 140 38.24 23.73 -22.23
N LYS H 141 38.72 24.67 -21.42
CA LYS H 141 38.90 26.05 -21.85
C LYS H 141 40.31 26.50 -21.46
N PHE H 142 41.06 26.99 -22.43
CA PHE H 142 42.45 27.39 -22.23
C PHE H 142 42.58 28.89 -22.42
N GLY H 143 43.24 29.55 -21.47
CA GLY H 143 43.44 30.98 -21.55
C GLY H 143 44.88 31.34 -21.29
N TYR H 144 45.32 32.43 -21.92
CA TYR H 144 46.69 32.92 -21.81
C TYR H 144 46.71 34.04 -20.77
N GLN H 145 47.12 33.71 -19.55
CA GLN H 145 47.11 34.68 -18.46
C GLN H 145 48.20 35.73 -18.67
N LYS H 146 49.41 35.30 -19.00
CA LYS H 146 50.53 36.22 -19.11
C LYS H 146 51.63 35.58 -19.95
N ILE H 147 52.19 36.36 -20.87
CA ILE H 147 53.33 35.93 -21.68
C ILE H 147 54.42 36.98 -21.52
N ALA H 148 55.60 36.56 -21.07
CA ALA H 148 56.74 37.46 -20.90
C ALA H 148 58.01 36.65 -21.16
N PHE H 149 58.48 36.72 -22.40
CA PHE H 149 59.63 35.91 -22.81
C PHE H 149 60.88 36.35 -22.07
N ALA H 150 61.78 35.38 -21.83
CA ALA H 150 62.99 35.64 -21.06
C ALA H 150 63.91 36.62 -21.78
N ASP H 151 63.94 36.59 -23.12
CA ASP H 151 64.78 37.50 -23.88
C ASP H 151 64.14 38.86 -24.10
N GLY H 152 62.91 39.06 -23.64
CA GLY H 152 62.25 40.33 -23.80
C GLY H 152 61.72 40.61 -25.19
N SER H 153 61.59 39.57 -26.03
CA SER H 153 61.09 39.74 -27.38
C SER H 153 59.57 39.65 -27.48
N PHE H 154 58.88 39.33 -26.39
CA PHE H 154 57.43 39.22 -26.43
C PHE H 154 56.90 39.39 -25.02
N ASP H 155 56.08 40.42 -24.80
CA ASP H 155 55.43 40.67 -23.53
C ASP H 155 53.94 40.81 -23.76
N TYR H 156 53.15 40.21 -22.88
CA TYR H 156 51.70 40.24 -23.01
C TYR H 156 51.08 40.04 -21.63
N ASP H 157 49.91 40.66 -21.41
CA ASP H 157 49.20 40.57 -20.15
C ASP H 157 47.74 40.24 -20.46
N GLY H 158 47.37 38.97 -20.26
CA GLY H 158 46.03 38.50 -20.54
C GLY H 158 45.04 38.59 -19.40
N ALA H 159 45.44 39.15 -18.26
CA ALA H 159 44.52 39.29 -17.15
C ALA H 159 43.36 40.20 -17.52
N ASP H 160 42.13 39.76 -17.22
CA ASP H 160 40.92 40.48 -17.58
C ASP H 160 40.07 40.65 -16.33
N PRO H 161 40.40 41.64 -15.50
CA PRO H 161 39.68 41.80 -14.22
C PRO H 161 38.27 42.35 -14.35
N GLU H 162 37.81 42.72 -15.55
CA GLU H 162 36.46 43.24 -15.70
C GLU H 162 35.41 42.15 -15.78
N ARG H 163 35.82 40.88 -15.85
CA ARG H 163 34.87 39.77 -15.92
C ARG H 163 35.06 38.73 -14.84
N LYS H 164 36.17 38.77 -14.09
CA LYS H 164 36.36 37.83 -12.99
C LYS H 164 35.51 38.21 -11.77
N GLU H 165 35.37 39.50 -11.50
CA GLU H 165 34.62 39.98 -10.34
C GLU H 165 33.13 40.07 -10.59
N ALA H 166 32.66 39.73 -11.78
CA ALA H 166 31.22 39.72 -12.05
C ALA H 166 30.50 38.57 -11.39
N MET H 167 31.23 37.60 -10.82
CA MET H 167 30.65 36.44 -10.16
C MET H 167 30.44 36.63 -8.66
N THR H 168 30.75 37.80 -8.11
CA THR H 168 30.58 38.00 -6.68
C THR H 168 29.12 37.78 -6.27
N SER H 169 28.93 37.02 -5.20
CA SER H 169 27.59 36.63 -4.74
C SER H 169 27.62 36.54 -3.23
N ARG H 170 26.92 37.46 -2.57
CA ARG H 170 26.87 37.48 -1.11
C ARG H 170 25.43 37.65 -0.62
N VAL H 182 23.65 35.62 6.04
CA VAL H 182 24.72 35.86 5.07
C VAL H 182 24.97 34.61 4.25
N GLY H 183 26.07 34.58 3.52
CA GLY H 183 26.44 33.46 2.71
C GLY H 183 26.69 32.21 3.53
N PRO H 184 26.32 31.05 2.98
CA PRO H 184 26.50 29.79 3.73
C PRO H 184 27.94 29.49 4.08
N ILE H 185 28.88 29.82 3.20
CA ILE H 185 30.30 29.56 3.43
C ILE H 185 31.04 30.88 3.44
N ARG H 186 31.58 31.24 4.60
CA ARG H 186 32.35 32.47 4.84
C ARG H 186 31.77 33.69 4.12
N GLY H 187 30.45 33.80 4.13
CA GLY H 187 29.78 34.95 3.54
C GLY H 187 29.51 34.87 2.05
N MET H 188 29.85 33.76 1.40
CA MET H 188 29.60 33.61 -0.03
C MET H 188 28.83 32.32 -0.29
N THR H 189 27.99 32.37 -1.31
CA THR H 189 27.22 31.22 -1.72
C THR H 189 28.11 30.21 -2.45
N PRO H 190 27.67 28.96 -2.56
CA PRO H 190 28.46 27.98 -3.35
C PRO H 190 28.61 28.37 -4.80
N GLU H 191 27.78 29.27 -5.31
CA GLU H 191 27.87 29.75 -6.68
C GLU H 191 28.74 31.01 -6.80
N ASP H 192 29.71 31.17 -5.91
CA ASP H 192 30.55 32.37 -5.93
C ASP H 192 31.42 32.43 -7.17
N ARG H 193 32.14 31.35 -7.47
CA ARG H 193 32.91 31.19 -8.71
C ARG H 193 33.97 32.24 -8.90
N THR H 194 34.37 32.97 -7.85
CA THR H 194 35.42 33.96 -7.99
C THR H 194 36.79 33.32 -8.18
N TYR H 195 36.95 32.07 -7.78
CA TYR H 195 38.23 31.38 -7.97
C TYR H 195 38.57 31.17 -9.42
N LEU H 196 37.58 31.17 -10.31
CA LEU H 196 37.84 30.97 -11.73
C LEU H 196 38.60 32.15 -12.31
N ASN H 197 39.46 31.86 -13.29
CA ASN H 197 40.27 32.87 -13.96
C ASN H 197 39.85 32.98 -15.42
N PHE H 198 39.83 34.21 -15.92
CA PHE H 198 39.43 34.48 -17.29
C PHE H 198 40.47 35.36 -17.97
N ASP H 199 40.58 35.22 -19.29
CA ASP H 199 41.59 35.93 -20.06
C ASP H 199 40.96 36.47 -21.34
N LYS H 200 41.64 37.47 -21.91
CA LYS H 200 41.15 38.08 -23.15
C LYS H 200 41.17 37.08 -24.30
N ILE H 201 42.24 36.31 -24.41
CA ILE H 201 42.37 35.28 -25.44
C ILE H 201 42.11 33.93 -24.80
N GLU H 202 41.04 33.26 -25.23
CA GLU H 202 40.65 31.99 -24.67
C GLU H 202 40.30 31.02 -25.78
N THR H 203 40.71 29.76 -25.61
CA THR H 203 40.36 28.68 -26.52
C THR H 203 39.29 27.82 -25.86
N LEU H 204 38.08 27.91 -26.38
CA LEU H 204 36.93 27.20 -25.82
C LEU H 204 36.70 25.90 -26.57
N GLY H 205 36.59 24.81 -25.84
CA GLY H 205 36.30 23.52 -26.47
C GLY H 205 34.85 23.42 -26.89
N THR H 206 34.61 22.58 -27.90
CA THR H 206 33.28 22.36 -28.43
C THR H 206 33.08 20.87 -28.67
N SER H 207 31.84 20.42 -28.60
CA SER H 207 31.53 19.02 -28.85
C SER H 207 31.89 18.59 -30.27
N SER H 208 31.96 19.54 -31.20
CA SER H 208 32.36 19.26 -32.58
C SER H 208 33.70 19.89 -32.94
N GLU H 209 34.47 20.33 -31.95
CA GLU H 209 35.78 20.93 -32.21
C GLU H 209 36.66 20.68 -30.99
N ILE H 210 37.68 19.84 -31.16
CA ILE H 210 38.59 19.56 -30.05
C ILE H 210 39.42 20.81 -29.74
N PRO H 211 39.43 21.29 -28.50
CA PRO H 211 40.25 22.46 -28.18
C PRO H 211 41.73 22.16 -28.39
N VAL H 212 42.45 23.17 -28.88
CA VAL H 212 43.88 23.06 -29.15
C VAL H 212 44.60 24.14 -28.35
N LEU H 213 45.60 23.73 -27.59
CA LEU H 213 46.43 24.64 -26.81
C LEU H 213 47.77 24.81 -27.53
N VAL H 214 48.12 26.06 -27.82
CA VAL H 214 49.34 26.39 -28.57
C VAL H 214 50.38 26.89 -27.57
N LEU H 215 51.55 26.26 -27.57
CA LEU H 215 52.62 26.62 -26.66
C LEU H 215 53.93 26.74 -27.43
N PRO H 216 54.80 27.65 -27.02
CA PRO H 216 56.11 27.76 -27.67
C PRO H 216 57.05 26.63 -27.27
N ALA H 217 57.95 26.30 -28.19
CA ALA H 217 58.94 25.26 -27.94
C ALA H 217 60.13 25.83 -27.20
N GLY H 218 60.68 25.06 -26.27
CA GLY H 218 61.84 25.49 -25.52
C GLY H 218 61.59 26.63 -24.55
N LYS H 219 60.34 26.81 -24.12
CA LYS H 219 59.99 27.87 -23.20
C LYS H 219 59.28 27.29 -21.98
N ARG H 220 59.50 27.92 -20.84
CA ARG H 220 58.86 27.50 -19.60
C ARG H 220 57.37 27.81 -19.64
N ILE H 221 56.55 26.84 -19.25
CA ILE H 221 55.10 26.97 -19.28
C ILE H 221 54.56 26.76 -17.88
N GLU H 222 53.69 27.65 -17.43
CA GLU H 222 53.00 27.51 -16.16
C GLU H 222 51.54 27.16 -16.43
N PHE H 223 51.05 26.13 -15.74
CA PHE H 223 49.67 25.67 -15.88
C PHE H 223 48.93 25.96 -14.58
N VAL H 224 47.83 26.70 -14.68
CA VAL H 224 46.95 26.97 -13.55
C VAL H 224 45.64 26.24 -13.80
N LEU H 225 45.32 25.28 -12.94
CA LEU H 225 44.17 24.41 -13.11
C LEU H 225 43.04 24.86 -12.19
N ASN H 226 41.89 25.16 -12.78
CA ASN H 226 40.69 25.51 -12.03
C ASN H 226 39.49 24.85 -12.69
N SER H 227 38.75 24.06 -11.92
CA SER H 227 37.57 23.39 -12.44
C SER H 227 36.37 24.32 -12.29
N ALA H 228 35.20 23.88 -12.75
CA ALA H 228 33.98 24.67 -12.57
C ALA H 228 32.93 23.98 -11.72
N ASP H 229 32.62 22.71 -11.94
CA ASP H 229 31.62 22.01 -11.13
C ASP H 229 32.22 20.81 -10.40
N VAL H 230 32.89 19.93 -11.14
CA VAL H 230 33.41 18.69 -10.56
C VAL H 230 34.91 18.57 -10.84
N ILE H 231 35.52 17.48 -10.37
CA ILE H 231 36.95 17.24 -10.54
C ILE H 231 37.19 16.65 -11.91
N HIS H 232 38.21 17.16 -12.60
CA HIS H 232 38.66 16.65 -13.88
C HIS H 232 40.15 16.30 -13.79
N GLY H 233 40.71 15.86 -14.90
CA GLY H 233 42.11 15.49 -14.92
C GLY H 233 42.88 16.06 -16.10
N PHE H 234 43.93 16.83 -15.82
CA PHE H 234 44.77 17.41 -16.87
C PHE H 234 45.97 16.49 -17.07
N TRP H 235 45.87 15.59 -18.04
CA TRP H 235 46.91 14.62 -18.33
C TRP H 235 47.34 14.74 -19.78
N VAL H 236 48.63 14.97 -20.00
CA VAL H 236 49.26 14.86 -21.30
C VAL H 236 50.24 13.69 -21.23
N PRO H 237 49.98 12.58 -21.94
CA PRO H 237 50.87 11.41 -21.82
C PRO H 237 52.32 11.71 -22.15
N GLU H 238 52.59 12.62 -23.10
CA GLU H 238 53.96 13.00 -23.40
C GLU H 238 54.60 13.81 -22.28
N PHE H 239 53.79 14.47 -21.44
CA PHE H 239 54.33 15.19 -20.29
C PHE H 239 54.79 14.24 -19.20
N LEU H 240 54.28 13.01 -19.18
CA LEU H 240 54.58 12.04 -18.13
C LEU H 240 54.29 12.61 -16.74
N PHE H 241 53.19 13.36 -16.66
CA PHE H 241 52.78 14.02 -15.43
C PHE H 241 51.34 14.48 -15.59
N LYS H 242 50.60 14.46 -14.49
CA LYS H 242 49.21 14.93 -14.49
C LYS H 242 48.85 15.43 -13.11
N ARG H 243 47.85 16.30 -13.07
CA ARG H 243 47.31 16.82 -11.81
C ARG H 243 45.80 16.99 -11.96
N ASP H 244 45.07 16.60 -10.91
CA ASP H 244 43.58 16.68 -10.92
C ASP H 244 43.12 18.14 -10.85
N VAL H 245 42.17 18.51 -11.71
CA VAL H 245 41.61 19.85 -11.76
C VAL H 245 40.48 19.93 -10.74
N LEU H 246 40.62 20.81 -9.76
CA LEU H 246 39.69 20.84 -8.65
C LEU H 246 38.92 22.15 -8.61
N PRO H 247 37.65 22.12 -8.22
CA PRO H 247 36.92 23.36 -7.96
C PRO H 247 37.29 23.94 -6.61
N GLU H 248 37.52 25.25 -6.59
CA GLU H 248 38.00 25.96 -5.41
C GLU H 248 39.27 25.31 -4.83
N PRO H 249 40.36 25.27 -5.61
CA PRO H 249 41.57 24.62 -5.11
C PRO H 249 42.16 25.28 -3.88
N LYS H 250 42.05 26.60 -3.76
CA LYS H 250 42.60 27.29 -2.60
C LYS H 250 41.88 26.88 -1.32
N ALA H 251 40.56 26.75 -1.37
CA ALA H 251 39.80 26.34 -0.19
C ALA H 251 40.03 24.87 0.15
N ASN H 252 40.52 24.07 -0.80
CA ASN H 252 40.79 22.66 -0.57
C ASN H 252 42.25 22.39 -0.27
N ASN H 253 43.07 23.44 -0.11
CA ASN H 253 44.50 23.30 0.19
C ASN H 253 45.21 22.48 -0.88
N SER H 254 44.84 22.70 -2.15
CA SER H 254 45.41 21.99 -3.27
C SER H 254 46.30 22.92 -4.08
N ASP H 255 47.52 22.47 -4.37
CA ASP H 255 48.45 23.24 -5.20
C ASP H 255 48.12 22.93 -6.66
N ASN H 256 47.30 23.80 -7.26
CA ASN H 256 46.79 23.61 -8.60
C ASN H 256 47.70 24.22 -9.67
N VAL H 257 48.94 24.55 -9.32
CA VAL H 257 49.88 25.18 -10.23
C VAL H 257 51.10 24.28 -10.37
N PHE H 258 51.41 23.90 -11.61
CA PHE H 258 52.63 23.16 -11.90
C PHE H 258 53.27 23.74 -13.15
N GLN H 259 54.59 23.61 -13.24
CA GLN H 259 55.36 24.20 -14.33
C GLN H 259 56.26 23.15 -14.96
N VAL H 260 56.59 23.37 -16.23
CA VAL H 260 57.54 22.55 -16.97
C VAL H 260 58.70 23.44 -17.38
N SER H 261 59.93 22.89 -17.30
CA SER H 261 61.11 23.69 -17.60
C SER H 261 61.08 24.18 -19.05
N GLU H 262 60.76 23.29 -19.98
CA GLU H 262 60.67 23.64 -21.40
C GLU H 262 60.07 22.45 -22.14
N ILE H 263 59.70 22.70 -23.40
CA ILE H 263 59.26 21.65 -24.31
C ILE H 263 60.35 21.51 -25.37
N GLN H 264 60.89 20.29 -25.48
CA GLN H 264 62.11 20.08 -26.26
C GLN H 264 61.85 19.81 -27.73
N GLN H 265 60.60 19.65 -28.16
CA GLN H 265 60.32 19.43 -29.57
C GLN H 265 58.93 19.93 -29.90
N THR H 266 58.70 20.17 -31.19
CA THR H 266 57.42 20.64 -31.68
C THR H 266 56.57 19.46 -32.17
N GLY H 267 55.29 19.73 -32.36
CA GLY H 267 54.35 18.73 -32.83
C GLY H 267 53.04 18.86 -32.11
N ALA H 268 52.18 17.86 -32.30
CA ALA H 268 50.87 17.81 -31.68
C ALA H 268 50.82 16.64 -30.71
N PHE H 269 50.32 16.89 -29.50
CA PHE H 269 50.22 15.87 -28.46
C PHE H 269 48.82 15.88 -27.88
N VAL H 270 48.26 14.70 -27.70
CA VAL H 270 46.89 14.56 -27.23
C VAL H 270 46.84 14.68 -25.70
N GLY H 271 45.72 15.14 -25.20
CA GLY H 271 45.49 15.19 -23.76
C GLY H 271 44.11 14.68 -23.43
N ARG H 272 44.02 13.92 -22.34
CA ARG H 272 42.74 13.29 -21.94
C ARG H 272 42.31 13.74 -20.54
N CYS H 273 41.02 13.59 -20.21
CA CYS H 273 40.50 13.86 -18.85
C CYS H 273 40.76 12.55 -18.11
N THR H 274 41.39 12.58 -16.94
CA THR H 274 41.73 11.30 -16.25
C THR H 274 40.87 11.03 -15.03
N GLU H 275 40.41 12.05 -14.30
CA GLU H 275 39.53 11.85 -13.12
C GLU H 275 38.09 11.75 -13.59
N MET H 276 37.31 10.79 -13.08
CA MET H 276 35.91 10.59 -13.51
C MET H 276 35.10 11.82 -13.16
N CYS H 277 34.34 12.34 -14.12
CA CYS H 277 33.59 13.57 -13.97
C CYS H 277 32.15 13.49 -14.42
N GLY H 278 31.73 12.41 -15.09
CA GLY H 278 30.34 12.30 -15.51
C GLY H 278 30.12 11.48 -16.75
N THR H 279 29.05 11.81 -17.49
CA THR H 279 28.66 11.01 -18.64
C THR H 279 29.74 11.01 -19.72
N PHE H 280 30.27 12.19 -20.05
CA PHE H 280 31.21 12.35 -21.15
C PHE H 280 32.64 12.51 -20.65
N HIS H 281 33.01 11.72 -19.65
CA HIS H 281 34.38 11.77 -19.11
C HIS H 281 35.34 11.30 -20.22
N ALA H 282 34.89 10.34 -21.02
CA ALA H 282 35.74 9.77 -22.05
C ALA H 282 35.72 10.55 -23.36
N MET H 283 34.89 11.59 -23.46
CA MET H 283 34.72 12.34 -24.69
C MET H 283 34.97 13.83 -24.47
N MET H 284 36.04 14.16 -23.75
CA MET H 284 36.43 15.54 -23.51
C MET H 284 37.94 15.71 -23.67
N ASN H 285 38.52 14.98 -24.61
CA ASN H 285 39.96 15.06 -24.84
C ASN H 285 40.32 16.39 -25.48
N PHE H 286 41.60 16.75 -25.36
CA PHE H 286 42.13 17.97 -25.94
C PHE H 286 43.48 17.65 -26.60
N GLU H 287 44.04 18.67 -27.26
CA GLU H 287 45.32 18.54 -27.95
C GLU H 287 46.20 19.72 -27.59
N VAL H 288 47.49 19.45 -27.40
CA VAL H 288 48.49 20.46 -27.13
C VAL H 288 49.38 20.59 -28.35
N ARG H 289 49.43 21.80 -28.91
CA ARG H 289 50.23 22.09 -30.10
C ARG H 289 51.46 22.88 -29.69
N VAL H 290 52.63 22.42 -30.11
CA VAL H 290 53.90 23.06 -29.81
C VAL H 290 54.47 23.62 -31.10
N VAL H 291 54.78 24.91 -31.11
CA VAL H 291 55.31 25.60 -32.28
C VAL H 291 56.56 26.37 -31.87
N GLU H 292 57.23 26.93 -32.87
CA GLU H 292 58.42 27.73 -32.62
C GLU H 292 58.04 29.03 -31.92
N PRO H 293 58.99 29.63 -31.17
CA PRO H 293 58.66 30.88 -30.47
C PRO H 293 58.19 31.99 -31.39
N ASN H 294 58.78 32.12 -32.58
CA ASN H 294 58.29 33.11 -33.53
C ASN H 294 56.88 32.78 -34.00
N ASP H 295 56.61 31.50 -34.27
CA ASP H 295 55.27 31.10 -34.67
C ASP H 295 54.27 31.32 -33.54
N PHE H 296 54.68 31.04 -32.30
CA PHE H 296 53.79 31.30 -31.16
C PHE H 296 53.50 32.79 -31.01
N LYS H 297 54.53 33.63 -31.18
CA LYS H 297 54.32 35.07 -31.08
C LYS H 297 53.38 35.56 -32.19
N ALA H 298 53.54 35.03 -33.40
CA ALA H 298 52.64 35.40 -34.48
C ALA H 298 51.22 34.94 -34.20
N TYR H 299 51.06 33.73 -33.67
CA TYR H 299 49.72 33.16 -33.43
C TYR H 299 48.93 34.02 -32.46
N ILE H 300 49.58 34.57 -31.44
CA ILE H 300 48.90 35.45 -30.49
C ILE H 300 48.39 36.70 -31.20
N ASP H 301 49.12 37.17 -32.22
CA ASP H 301 48.72 38.40 -32.90
C ASP H 301 47.36 38.24 -33.60
N GLN H 302 47.15 37.14 -34.31
CA GLN H 302 45.84 36.93 -34.93
C GLN H 302 44.76 36.76 -33.89
N ARG H 303 45.06 36.06 -32.79
CA ARG H 303 44.08 35.89 -31.73
C ARG H 303 43.70 37.24 -31.11
N ASN H 304 44.69 38.13 -30.94
CA ASN H 304 44.39 39.48 -30.49
C ASN H 304 43.63 40.26 -31.54
N ALA H 305 43.80 39.93 -32.82
CA ALA H 305 43.09 40.60 -33.91
C ALA H 305 41.70 40.05 -34.13
N GLY H 306 41.16 39.28 -33.19
CA GLY H 306 39.81 38.75 -33.30
C GLY H 306 39.68 37.44 -34.03
N LYS H 307 40.77 36.91 -34.57
CA LYS H 307 40.70 35.63 -35.27
C LYS H 307 40.45 34.49 -34.29
N THR H 308 39.67 33.50 -34.73
CA THR H 308 39.40 32.32 -33.91
C THR H 308 40.61 31.39 -33.92
N ASN H 309 40.52 30.35 -33.07
CA ASN H 309 41.63 29.42 -32.94
C ASN H 309 41.87 28.65 -34.23
N ALA H 310 40.79 28.27 -34.93
CA ALA H 310 40.93 27.48 -36.15
C ALA H 310 41.66 28.26 -37.24
N GLU H 311 41.25 29.51 -37.46
CA GLU H 311 41.86 30.30 -38.52
C GLU H 311 43.24 30.82 -38.13
N ALA H 312 43.46 31.10 -36.85
CA ALA H 312 44.78 31.56 -36.42
C ALA H 312 45.83 30.48 -36.63
N LEU H 313 45.48 29.22 -36.37
CA LEU H 313 46.41 28.13 -36.61
C LEU H 313 46.73 28.00 -38.09
N ALA H 314 45.73 28.17 -38.96
CA ALA H 314 45.96 28.12 -40.40
C ALA H 314 46.82 29.29 -40.88
N ALA H 315 46.84 30.40 -40.14
CA ALA H 315 47.65 31.55 -40.53
C ALA H 315 49.14 31.32 -40.31
N ILE H 316 49.51 30.38 -39.45
CA ILE H 316 50.91 30.11 -39.16
C ILE H 316 51.29 28.77 -39.79
N ASN H 317 50.61 28.40 -40.86
CA ASN H 317 50.89 27.17 -41.60
C ASN H 317 50.77 25.93 -40.72
N GLN H 318 49.69 25.87 -39.96
CA GLN H 318 49.37 24.73 -39.11
C GLN H 318 47.95 24.27 -39.38
N PRO H 319 47.66 22.98 -39.17
CA PRO H 319 46.30 22.49 -39.37
C PRO H 319 45.31 23.22 -38.47
N PRO H 320 44.15 23.57 -39.00
CA PRO H 320 43.17 24.29 -38.16
C PRO H 320 42.57 23.44 -37.06
N LEU H 321 42.46 22.13 -37.26
CA LEU H 321 41.86 21.22 -36.29
C LEU H 321 42.92 20.29 -35.71
N ALA H 322 42.56 19.63 -34.61
CA ALA H 322 43.46 18.69 -33.97
C ALA H 322 43.70 17.49 -34.86
N ILE H 323 44.95 17.00 -34.86
CA ILE H 323 45.32 15.87 -35.69
C ILE H 323 45.53 14.60 -34.88
N THR H 324 45.94 14.71 -33.60
CA THR H 324 46.10 13.52 -32.78
C THR H 324 44.75 12.95 -32.35
N THR H 325 43.75 13.80 -32.16
CA THR H 325 42.42 13.38 -31.75
C THR H 325 41.39 14.12 -32.58
N GLU H 326 40.22 13.51 -32.71
CA GLU H 326 39.11 14.09 -33.45
C GLU H 326 37.87 14.10 -32.58
N PRO H 327 36.94 15.02 -32.83
CA PRO H 327 35.73 15.08 -32.02
C PRO H 327 34.93 13.79 -32.11
N PHE H 328 34.38 13.38 -30.98
CA PHE H 328 33.56 12.17 -30.94
C PHE H 328 32.21 12.42 -31.61
N GLU H 329 31.67 11.36 -32.22
CA GLU H 329 30.35 11.44 -32.90
C GLU H 329 29.27 11.72 -31.85
N SER H 330 28.26 12.53 -32.22
CA SER H 330 27.15 12.88 -31.29
C SER H 330 26.21 11.68 -31.11
N ARG H 331 26.16 10.79 -32.12
CA ARG H 331 25.29 9.59 -32.06
C ARG H 331 25.66 8.74 -30.84
N ARG H 332 24.75 8.68 -29.86
CA ARG H 332 24.96 7.91 -28.64
C ARG H 332 25.43 6.50 -28.94
N GLY H 333 25.31 6.07 -30.19
CA GLY H 333 25.78 4.76 -30.59
C GLY H 333 25.36 4.44 -32.00
N GLU H 334 25.72 3.24 -32.44
CA GLU H 334 25.37 2.76 -33.77
C GLU H 334 23.93 2.28 -33.86
N LEU H 335 23.25 2.10 -32.73
CA LEU H 335 21.85 1.70 -32.71
C LEU H 335 20.90 2.89 -32.64
N VAL H 336 21.42 4.11 -32.63
CA VAL H 336 20.58 5.30 -32.56
C VAL H 336 19.96 5.60 -33.92
N SER I 2 40.13 -5.44 -38.32
CA SER I 2 38.82 -5.67 -38.92
C SER I 2 37.78 -5.99 -37.85
N THR I 3 36.54 -6.18 -38.27
CA THR I 3 35.45 -6.49 -37.35
C THR I 3 35.10 -7.97 -37.31
N ALA I 4 35.35 -8.72 -38.39
CA ALA I 4 35.09 -10.15 -38.38
C ALA I 4 36.14 -10.90 -37.58
N LEU I 5 37.41 -10.51 -37.72
CA LEU I 5 38.47 -11.18 -36.96
C LEU I 5 38.33 -10.92 -35.46
N THR I 6 37.94 -9.69 -35.09
CA THR I 6 37.79 -9.37 -33.68
C THR I 6 36.71 -10.21 -33.02
N HIS I 7 35.56 -10.37 -33.68
CA HIS I 7 34.48 -11.16 -33.11
C HIS I 7 34.82 -12.64 -33.11
N GLY I 8 35.57 -13.11 -34.10
CA GLY I 8 35.94 -14.52 -34.14
C GLY I 8 36.87 -14.90 -33.00
N LEU I 9 37.86 -14.04 -32.70
CA LEU I 9 38.78 -14.34 -31.62
C LEU I 9 38.08 -14.36 -30.27
N ILE I 10 37.18 -13.40 -30.04
CA ILE I 10 36.51 -13.30 -28.75
C ILE I 10 35.62 -14.52 -28.51
N GLY I 11 34.91 -14.97 -29.55
CA GLY I 11 34.01 -16.09 -29.39
C GLY I 11 34.62 -17.44 -29.71
N GLY I 12 35.78 -17.45 -30.35
CA GLY I 12 36.40 -18.69 -30.76
C GLY I 12 37.50 -19.18 -29.85
N VAL I 13 38.41 -18.30 -29.44
CA VAL I 13 39.54 -18.71 -28.61
C VAL I 13 39.10 -19.29 -27.28
N PRO I 14 38.19 -18.67 -26.52
CA PRO I 14 37.74 -19.31 -25.27
C PRO I 14 37.14 -20.69 -25.47
N LEU I 15 36.40 -20.89 -26.56
CA LEU I 15 35.83 -22.21 -26.82
C LEU I 15 36.90 -23.19 -27.26
N VAL I 16 37.85 -22.75 -28.09
CA VAL I 16 38.94 -23.62 -28.50
C VAL I 16 39.81 -23.99 -27.31
N LEU I 17 40.14 -23.01 -26.46
CA LEU I 17 40.96 -23.29 -25.28
C LEU I 17 40.23 -24.21 -24.31
N PHE I 18 38.92 -24.04 -24.18
CA PHE I 18 38.14 -24.91 -23.31
C PHE I 18 38.20 -26.35 -23.78
N ALA I 19 38.06 -26.58 -25.08
CA ALA I 19 38.07 -27.93 -25.61
C ALA I 19 39.44 -28.59 -25.46
N VAL I 20 40.50 -27.85 -25.76
CA VAL I 20 41.85 -28.42 -25.67
C VAL I 20 42.19 -28.75 -24.22
N LEU I 21 41.89 -27.83 -23.30
CA LEU I 21 42.23 -28.05 -21.90
C LEU I 21 41.37 -29.15 -21.28
N ALA I 22 40.11 -29.25 -21.69
CA ALA I 22 39.24 -30.30 -21.15
C ALA I 22 39.74 -31.69 -21.54
N LEU I 23 40.17 -31.85 -22.80
CA LEU I 23 40.65 -33.15 -23.25
C LEU I 23 41.89 -33.58 -22.49
N ILE I 24 42.69 -32.62 -22.00
CA ILE I 24 43.91 -32.97 -21.28
C ILE I 24 43.57 -33.57 -19.91
N PHE I 25 42.59 -32.98 -19.21
CA PHE I 25 42.30 -33.37 -17.84
C PHE I 25 41.10 -34.31 -17.71
N LEU I 26 40.02 -34.06 -18.46
CA LEU I 26 38.82 -34.87 -18.29
C LEU I 26 38.98 -36.29 -18.85
N THR I 27 39.97 -36.51 -19.70
CA THR I 27 40.24 -37.84 -20.22
C THR I 27 41.16 -38.66 -19.31
N ARG I 28 41.68 -38.05 -18.25
CA ARG I 28 42.51 -38.77 -17.30
C ARG I 28 41.66 -39.69 -16.42
N LYS I 29 42.32 -40.70 -15.85
CA LYS I 29 41.63 -41.63 -14.97
C LYS I 29 41.53 -41.05 -13.57
N GLY I 30 40.31 -41.04 -13.03
CA GLY I 30 40.07 -40.48 -11.73
C GLY I 30 40.48 -41.42 -10.61
N PRO I 31 40.39 -40.92 -9.38
CA PRO I 31 40.75 -41.76 -8.22
C PRO I 31 39.75 -42.87 -7.92
N HIS I 32 38.59 -42.88 -8.58
CA HIS I 32 37.61 -43.92 -8.32
C HIS I 32 38.15 -45.28 -8.77
N PRO I 33 38.01 -46.33 -7.97
CA PRO I 33 38.51 -47.64 -8.37
C PRO I 33 37.71 -48.22 -9.52
N ASP I 34 38.36 -49.11 -10.27
CA ASP I 34 37.74 -49.75 -11.42
C ASP I 34 36.61 -50.67 -10.97
N THR I 35 35.61 -50.81 -11.85
CA THR I 35 34.47 -51.65 -11.56
C THR I 35 34.89 -53.11 -11.43
N TYR I 36 34.41 -53.77 -10.37
CA TYR I 36 34.73 -55.18 -10.15
C TYR I 36 34.11 -56.05 -11.23
N LYS I 37 34.82 -57.10 -11.62
CA LYS I 37 34.36 -58.05 -12.62
C LYS I 37 34.22 -59.43 -12.00
N MET I 38 33.26 -60.19 -12.52
CA MET I 38 32.99 -61.52 -11.97
C MET I 38 34.17 -62.46 -12.16
N SER I 39 34.88 -62.35 -13.28
CA SER I 39 36.02 -63.22 -13.55
C SER I 39 37.12 -63.01 -12.51
N ASP I 40 37.40 -61.76 -12.17
CA ASP I 40 38.43 -61.47 -11.19
C ASP I 40 37.98 -61.89 -9.79
N PRO I 41 38.90 -62.35 -8.95
CA PRO I 41 38.53 -62.71 -7.58
C PRO I 41 38.27 -61.48 -6.73
N TRP I 42 37.47 -61.67 -5.70
CA TRP I 42 37.08 -60.59 -4.80
C TRP I 42 38.23 -60.34 -3.82
N THR I 43 39.13 -59.43 -4.20
CA THR I 43 40.24 -59.04 -3.34
C THR I 43 39.90 -57.90 -2.39
N HIS I 44 38.72 -57.30 -2.53
CA HIS I 44 38.31 -56.21 -1.65
C HIS I 44 37.87 -56.75 -0.29
N ALA I 45 37.86 -55.85 0.69
CA ALA I 45 37.40 -56.22 2.02
C ALA I 45 35.90 -56.52 1.99
N PRO I 46 35.41 -57.35 2.91
CA PRO I 46 33.97 -57.63 2.96
C PRO I 46 33.18 -56.35 3.20
N ILE I 47 32.03 -56.25 2.52
CA ILE I 47 31.20 -55.05 2.53
C ILE I 47 29.83 -55.41 3.10
N LEU I 48 29.39 -54.65 4.09
CA LEU I 48 28.07 -54.82 4.68
C LEU I 48 27.29 -53.52 4.48
N TRP I 49 26.21 -53.60 3.71
CA TRP I 49 25.38 -52.44 3.40
C TRP I 49 24.01 -52.60 4.04
N ALA I 50 23.53 -51.52 4.66
CA ALA I 50 22.23 -51.54 5.31
C ALA I 50 21.61 -50.16 5.21
N ALA I 51 20.29 -50.13 4.98
CA ALA I 51 19.56 -48.87 4.90
C ALA I 51 19.33 -48.29 6.30
N GLU I 52 19.16 -46.97 6.34
CA GLU I 52 18.90 -46.26 7.59
C GLU I 52 17.43 -46.24 7.97
N GLU I 53 16.54 -46.76 7.12
CA GLU I 53 15.12 -46.78 7.41
C GLU I 53 14.64 -48.20 7.65
N PRO I 54 13.72 -48.42 8.59
CA PRO I 54 13.11 -47.39 9.46
C PRO I 54 14.04 -46.92 10.58
N ARG I 55 13.81 -45.70 11.07
CA ARG I 55 14.65 -45.15 12.13
C ARG I 55 14.45 -45.92 13.42
N GLU I 56 15.55 -46.15 14.13
CA GLU I 56 15.51 -46.87 15.40
C GLU I 56 15.46 -45.90 16.57
N VAL I 69 18.93 -62.50 19.38
CA VAL I 69 18.58 -62.46 17.96
C VAL I 69 17.97 -63.78 17.52
N VAL I 70 16.70 -63.73 17.13
CA VAL I 70 15.97 -64.92 16.66
C VAL I 70 15.81 -64.81 15.15
N ILE I 71 16.21 -65.86 14.44
CA ILE I 71 16.14 -65.91 12.99
C ILE I 71 14.90 -66.69 12.59
N GLY I 72 14.04 -66.08 11.78
CA GLY I 72 12.81 -66.73 11.35
C GLY I 72 12.97 -67.68 10.19
N GLY I 73 14.15 -67.77 9.59
CA GLY I 73 14.42 -68.64 8.48
C GLY I 73 15.07 -67.89 7.34
N GLY I 74 15.25 -68.58 6.23
CA GLY I 74 15.86 -67.97 5.07
C GLY I 74 15.83 -68.89 3.87
N ALA I 75 16.51 -68.45 2.82
CA ALA I 75 16.59 -69.21 1.58
C ALA I 75 18.03 -69.23 1.08
N SER I 76 18.37 -70.27 0.34
CA SER I 76 19.71 -70.46 -0.20
C SER I 76 19.69 -70.38 -1.72
N GLY I 77 20.88 -70.30 -2.30
CA GLY I 77 21.03 -70.22 -3.73
C GLY I 77 22.48 -70.33 -4.14
N LYS I 78 22.68 -70.57 -5.43
CA LYS I 78 24.04 -70.74 -5.96
C LYS I 78 24.00 -70.53 -7.46
N TRP I 79 24.90 -69.69 -7.96
CA TRP I 79 24.99 -69.44 -9.39
C TRP I 79 26.34 -69.93 -9.94
N ASP J 15 47.83 -51.16 16.22
CA ASP J 15 46.86 -51.86 15.37
C ASP J 15 46.14 -50.89 14.45
N LEU J 16 46.12 -49.62 14.84
CA LEU J 16 45.46 -48.61 14.03
C LEU J 16 46.25 -48.36 12.74
N PRO J 17 45.57 -48.01 11.66
CA PRO J 17 46.27 -47.69 10.41
C PRO J 17 47.10 -46.43 10.55
N TYR J 18 47.93 -46.19 9.54
CA TYR J 18 48.79 -45.02 9.54
C TYR J 18 47.95 -43.75 9.52
N GLY J 19 48.29 -42.82 10.41
CA GLY J 19 47.55 -41.57 10.54
C GLY J 19 46.27 -41.68 11.33
N SER J 20 45.94 -42.84 11.88
CA SER J 20 44.73 -43.03 12.66
C SER J 20 45.08 -43.02 14.15
N ALA J 21 44.23 -42.36 14.93
CA ALA J 21 44.45 -42.22 16.37
C ALA J 21 43.15 -42.49 17.12
N LEU J 22 43.29 -42.91 18.37
CA LEU J 22 42.15 -43.15 19.25
C LEU J 22 41.96 -41.92 20.13
N THR J 23 40.77 -41.32 20.04
CA THR J 23 40.49 -40.09 20.76
C THR J 23 40.17 -40.39 22.22
N SER J 24 39.88 -39.32 22.98
CA SER J 24 39.57 -39.48 24.40
C SER J 24 38.23 -40.17 24.61
N SER J 25 37.28 -39.96 23.70
CA SER J 25 35.94 -40.53 23.82
C SER J 25 35.81 -41.89 23.16
N GLY J 26 36.90 -42.43 22.60
CA GLY J 26 36.88 -43.71 21.94
C GLY J 26 36.68 -43.65 20.44
N ARG J 27 36.32 -42.49 19.91
CA ARG J 27 36.18 -42.34 18.47
C ARG J 27 37.53 -42.42 17.79
N ILE J 28 37.53 -42.84 16.53
CA ILE J 28 38.75 -43.00 15.75
C ILE J 28 38.86 -41.82 14.79
N SER J 29 39.95 -41.08 14.90
CA SER J 29 40.23 -39.95 14.01
C SER J 29 41.22 -40.42 12.95
N ALA J 30 40.71 -40.77 11.78
CA ALA J 30 41.51 -41.28 10.69
C ALA J 30 41.80 -40.20 9.67
N VAL J 31 42.86 -40.42 8.87
CA VAL J 31 43.24 -39.51 7.80
C VAL J 31 43.53 -40.32 6.55
N THR J 32 43.47 -39.65 5.41
CA THR J 32 43.82 -40.23 4.12
C THR J 32 44.76 -39.30 3.39
N GLU J 33 45.64 -39.88 2.58
CA GLU J 33 46.58 -39.08 1.81
C GLU J 33 45.83 -38.18 0.84
N PRO J 34 46.32 -36.96 0.60
CA PRO J 34 45.63 -36.07 -0.34
C PRO J 34 45.55 -36.67 -1.73
N GLY J 35 44.42 -36.46 -2.38
CA GLY J 35 44.16 -37.06 -3.68
C GLY J 35 43.66 -38.48 -3.64
N GLU J 36 43.47 -39.05 -2.46
CA GLU J 36 42.98 -40.41 -2.30
C GLU J 36 41.55 -40.41 -1.77
N LEU J 37 40.90 -41.56 -1.83
CA LEU J 37 39.52 -41.73 -1.42
C LEU J 37 39.45 -42.50 -0.11
N SER J 38 38.41 -42.21 0.67
CA SER J 38 38.19 -42.87 1.95
C SER J 38 37.26 -44.07 1.85
N VAL J 39 36.49 -44.18 0.77
CA VAL J 39 35.53 -45.26 0.59
C VAL J 39 36.01 -46.26 -0.47
N HIS J 40 36.28 -45.77 -1.68
CA HIS J 40 36.81 -46.56 -2.80
C HIS J 40 36.12 -47.90 -2.95
N TYR J 41 34.79 -47.85 -3.05
CA TYR J 41 34.06 -49.06 -3.42
C TYR J 41 34.28 -49.36 -4.91
N PRO J 42 34.55 -50.62 -5.26
CA PRO J 42 34.88 -50.97 -6.65
C PRO J 42 33.66 -51.04 -7.57
N PHE J 43 32.80 -50.03 -7.48
CA PHE J 43 31.61 -49.93 -8.30
C PHE J 43 31.42 -48.46 -8.69
N PRO J 44 30.74 -48.21 -9.82
CA PRO J 44 30.50 -46.82 -10.23
C PRO J 44 29.63 -46.08 -9.22
N THR J 45 29.85 -44.76 -9.13
CA THR J 45 29.11 -43.95 -8.17
C THR J 45 27.61 -43.94 -8.49
N MET J 46 27.25 -43.83 -9.78
CA MET J 46 25.84 -43.82 -10.15
C MET J 46 25.16 -45.12 -9.79
N ASP J 47 25.83 -46.25 -10.00
CA ASP J 47 25.24 -47.55 -9.65
C ASP J 47 25.03 -47.66 -8.14
N LEU J 48 25.96 -47.12 -7.36
CA LEU J 48 25.80 -47.12 -5.91
C LEU J 48 24.58 -46.30 -5.49
N VAL J 49 24.34 -45.18 -6.17
CA VAL J 49 23.18 -44.34 -5.85
C VAL J 49 21.89 -45.11 -6.12
N VAL J 50 21.83 -45.83 -7.24
CA VAL J 50 20.63 -46.60 -7.56
C VAL J 50 20.40 -47.69 -6.52
N LEU J 51 21.48 -48.37 -6.09
CA LEU J 51 21.35 -49.39 -5.06
C LEU J 51 20.88 -48.80 -3.74
N ASP J 52 21.40 -47.63 -3.37
CA ASP J 52 20.94 -46.96 -2.16
C ASP J 52 19.47 -46.60 -2.26
N ASP J 53 19.05 -46.10 -3.42
CA ASP J 53 17.64 -45.78 -3.61
C ASP J 53 16.76 -47.03 -3.49
N ALA J 54 17.22 -48.14 -4.05
CA ALA J 54 16.48 -49.39 -3.91
C ALA J 54 16.45 -49.84 -2.45
N LEU J 55 17.56 -49.68 -1.74
CA LEU J 55 17.62 -50.11 -0.34
C LEU J 55 16.82 -49.18 0.55
N LYS J 56 16.95 -47.86 0.35
CA LYS J 56 16.26 -46.90 1.21
C LYS J 56 14.76 -46.89 0.94
N TYR J 57 14.38 -46.84 -0.33
CA TYR J 57 12.96 -46.80 -0.68
C TYR J 57 12.29 -48.15 -0.51
N GLY J 58 13.01 -49.24 -0.79
CA GLY J 58 12.42 -50.56 -0.61
C GLY J 58 12.12 -50.87 0.85
N SER J 59 13.05 -50.53 1.74
CA SER J 59 12.81 -50.70 3.17
C SER J 59 11.69 -49.79 3.66
N ARG J 60 11.60 -48.59 3.11
CA ARG J 60 10.55 -47.65 3.50
C ARG J 60 9.17 -48.19 3.16
N ALA J 61 9.01 -48.75 1.96
CA ALA J 61 7.71 -49.29 1.55
C ALA J 61 7.41 -50.63 2.22
N ALA J 62 8.40 -51.23 2.88
CA ALA J 62 8.22 -52.52 3.53
C ALA J 62 8.31 -52.45 5.05
N LYS J 63 8.81 -51.34 5.60
CA LYS J 63 8.99 -51.18 7.04
C LYS J 63 9.89 -52.26 7.63
N ALA J 64 10.78 -52.80 6.82
CA ALA J 64 11.77 -53.77 7.26
C ALA J 64 13.12 -53.38 6.67
N ARG J 65 14.14 -53.32 7.52
CA ARG J 65 15.46 -52.91 7.08
C ARG J 65 16.03 -53.95 6.12
N PHE J 66 16.55 -53.49 4.98
CA PHE J 66 17.13 -54.36 3.97
C PHE J 66 18.65 -54.22 4.00
N ALA J 67 19.34 -55.35 3.95
CA ALA J 67 20.80 -55.37 4.03
C ALA J 67 21.38 -56.13 2.85
N VAL J 68 22.55 -55.68 2.40
CA VAL J 68 23.28 -56.31 1.31
C VAL J 68 24.71 -56.56 1.77
N TYR J 69 25.17 -57.80 1.64
CA TYR J 69 26.53 -58.18 2.03
C TYR J 69 27.25 -58.79 0.84
N ILE J 70 28.49 -58.38 0.63
CA ILE J 70 29.36 -58.94 -0.40
C ILE J 70 30.66 -59.36 0.27
N GLY J 71 31.03 -60.63 0.11
CA GLY J 71 32.25 -61.14 0.69
C GLY J 71 32.23 -62.64 0.85
N PRO J 72 33.27 -63.19 1.47
CA PRO J 72 33.32 -64.64 1.70
C PRO J 72 32.27 -65.08 2.70
N LEU J 73 31.85 -66.34 2.56
CA LEU J 73 30.83 -66.91 3.45
C LEU J 73 31.32 -68.21 4.10
N GLY J 74 32.64 -68.42 4.17
CA GLY J 74 33.15 -69.62 4.80
C GLY J 74 32.82 -70.87 4.02
N ALA J 75 32.86 -72.01 4.72
CA ALA J 75 32.53 -73.28 4.09
C ALA J 75 31.03 -73.42 3.87
N ASP J 76 30.24 -73.16 4.91
CA ASP J 76 28.79 -73.22 4.83
C ASP J 76 28.22 -71.80 4.72
N THR J 77 27.63 -71.49 3.56
CA THR J 77 27.12 -70.15 3.33
C THR J 77 25.89 -69.85 4.17
N ALA J 78 25.06 -70.86 4.44
CA ALA J 78 23.83 -70.64 5.20
C ALA J 78 24.12 -70.16 6.61
N ALA J 79 25.09 -70.79 7.28
CA ALA J 79 25.36 -70.44 8.67
C ALA J 79 26.09 -69.11 8.79
N THR J 80 26.91 -68.76 7.81
CA THR J 80 27.67 -67.52 7.88
C THR J 80 26.75 -66.30 7.85
N ALA J 81 25.71 -66.33 7.01
CA ALA J 81 24.82 -65.19 6.90
C ALA J 81 24.05 -64.94 8.20
N ARG J 82 23.81 -65.98 9.00
CA ARG J 82 23.12 -65.80 10.26
C ARG J 82 23.92 -64.91 11.21
N GLU J 83 25.23 -65.12 11.29
CA GLU J 83 26.07 -64.29 12.16
C GLU J 83 26.23 -62.89 11.59
N ILE J 84 26.25 -62.75 10.27
CA ILE J 84 26.41 -61.44 9.64
C ILE J 84 25.21 -60.55 9.93
N LEU J 85 24.01 -61.13 9.92
CA LEU J 85 22.79 -60.36 10.18
C LEU J 85 22.79 -59.72 11.56
N ALA J 86 23.54 -60.27 12.51
CA ALA J 86 23.60 -59.69 13.84
C ALA J 86 24.19 -58.29 13.83
N ASN J 87 25.09 -58.01 12.88
CA ASN J 87 25.68 -56.69 12.78
C ASN J 87 24.73 -55.65 12.21
N VAL J 88 23.72 -56.08 11.46
CA VAL J 88 22.75 -55.15 10.87
C VAL J 88 21.93 -54.52 12.00
N PRO J 89 21.71 -53.20 12.00
CA PRO J 89 20.88 -52.60 13.04
C PRO J 89 19.48 -53.17 13.04
N THR J 90 18.93 -53.37 14.24
CA THR J 90 17.65 -54.01 14.48
C THR J 90 17.63 -55.35 13.73
N PRO J 91 18.36 -56.35 14.23
CA PRO J 91 18.39 -57.65 13.54
C PRO J 91 17.03 -58.31 13.41
N GLU J 92 16.13 -58.08 14.39
CA GLU J 92 14.84 -58.76 14.38
C GLU J 92 14.00 -58.33 13.19
N ASN J 93 14.13 -57.08 12.75
CA ASN J 93 13.36 -56.57 11.64
C ASN J 93 14.27 -56.20 10.47
N ALA J 94 15.24 -57.07 10.19
CA ALA J 94 16.21 -56.83 9.12
C ALA J 94 16.25 -58.01 8.18
N VAL J 95 16.42 -57.72 6.88
CA VAL J 95 16.56 -58.73 5.84
C VAL J 95 17.92 -58.54 5.21
N LEU J 96 18.72 -59.60 5.18
CA LEU J 96 20.09 -59.56 4.71
C LEU J 96 20.22 -60.41 3.45
N LEU J 97 20.84 -59.84 2.41
CA LEU J 97 21.13 -60.55 1.17
C LEU J 97 22.65 -60.66 1.05
N ALA J 98 23.15 -61.89 1.13
CA ALA J 98 24.59 -62.16 1.08
C ALA J 98 24.96 -62.75 -0.27
N VAL J 99 25.99 -62.18 -0.90
CA VAL J 99 26.48 -62.64 -2.18
C VAL J 99 27.98 -62.85 -2.08
N SER J 100 28.44 -64.03 -2.48
CA SER J 100 29.87 -64.37 -2.48
C SER J 100 30.33 -64.58 -3.92
N PRO J 101 31.00 -63.58 -4.53
CA PRO J 101 31.44 -63.76 -5.92
C PRO J 101 32.39 -64.93 -6.11
N ASP J 102 33.25 -65.21 -5.13
CA ASP J 102 34.19 -66.32 -5.27
C ASP J 102 33.47 -67.66 -5.13
N GLN J 103 32.57 -67.78 -4.15
CA GLN J 103 31.85 -69.01 -3.92
C GLN J 103 30.67 -69.20 -4.87
N ARG J 104 30.25 -68.14 -5.56
CA ARG J 104 29.13 -68.19 -6.50
C ARG J 104 27.87 -68.74 -5.84
N ALA J 105 27.60 -68.24 -4.63
CA ALA J 105 26.44 -68.67 -3.86
C ALA J 105 25.69 -67.45 -3.36
N ILE J 106 24.37 -67.60 -3.25
CA ILE J 106 23.48 -66.55 -2.75
C ILE J 106 22.77 -67.07 -1.51
N GLU J 107 22.82 -66.30 -0.43
CA GLU J 107 22.16 -66.66 0.82
C GLU J 107 21.31 -65.49 1.29
N VAL J 108 20.06 -65.78 1.64
CA VAL J 108 19.12 -64.78 2.12
C VAL J 108 18.66 -65.20 3.51
N VAL J 109 18.75 -64.28 4.46
CA VAL J 109 18.36 -64.54 5.84
C VAL J 109 17.61 -63.31 6.36
N TYR J 110 16.53 -63.56 7.12
CA TYR J 110 15.70 -62.50 7.67
C TYR J 110 15.42 -62.78 9.14
N GLY J 111 15.02 -61.72 9.84
CA GLY J 111 14.74 -61.81 11.26
C GLY J 111 13.40 -62.42 11.57
N ALA J 112 13.14 -62.58 12.88
CA ALA J 112 11.89 -63.20 13.32
C ALA J 112 10.68 -62.34 12.98
N ASP J 113 10.81 -61.01 13.11
CA ASP J 113 9.68 -60.13 12.81
C ASP J 113 9.30 -60.18 11.35
N VAL J 114 10.26 -60.48 10.46
CA VAL J 114 9.96 -60.57 9.04
C VAL J 114 9.12 -61.80 8.72
N LYS J 115 9.17 -62.83 9.56
CA LYS J 115 8.41 -64.05 9.32
C LYS J 115 6.92 -63.77 9.32
N GLY J 116 6.19 -64.42 8.42
CA GLY J 116 4.76 -64.24 8.30
C GLY J 116 4.33 -62.99 7.59
N ARG J 117 5.27 -62.21 7.03
CA ARG J 117 4.97 -60.95 6.38
C ARG J 117 4.98 -61.09 4.86
N GLY J 118 5.14 -62.31 4.35
CA GLY J 118 5.20 -62.53 2.92
C GLY J 118 6.59 -62.65 2.36
N ILE J 119 7.61 -62.78 3.21
CA ILE J 119 8.99 -62.91 2.76
C ILE J 119 9.31 -64.29 2.18
N GLU J 120 8.61 -65.33 2.62
CA GLU J 120 8.88 -66.69 2.14
C GLU J 120 8.63 -66.84 0.65
N SER J 121 7.68 -66.09 0.08
CA SER J 121 7.44 -66.13 -1.35
C SER J 121 8.34 -65.21 -2.15
N ALA J 122 9.01 -64.26 -1.49
CA ALA J 122 9.92 -63.33 -2.16
C ALA J 122 11.38 -63.71 -2.01
N ALA J 123 11.73 -64.53 -1.02
CA ALA J 123 13.12 -64.95 -0.85
C ALA J 123 13.64 -65.73 -2.06
N PRO J 124 12.94 -66.72 -2.62
CA PRO J 124 13.45 -67.36 -3.84
C PRO J 124 13.33 -66.44 -5.05
N LEU J 125 12.36 -65.52 -5.01
CA LEU J 125 12.20 -64.56 -6.10
C LEU J 125 13.43 -63.66 -6.22
N GLY J 126 13.93 -63.17 -5.08
CA GLY J 126 15.12 -62.33 -5.12
C GLY J 126 16.36 -63.10 -5.54
N VAL J 127 16.49 -64.34 -5.08
CA VAL J 127 17.66 -65.15 -5.44
C VAL J 127 17.69 -65.42 -6.93
N SER J 128 16.54 -65.82 -7.50
CA SER J 128 16.49 -66.11 -8.94
C SER J 128 16.72 -64.85 -9.75
N ALA J 129 16.12 -63.72 -9.36
CA ALA J 129 16.32 -62.48 -10.09
C ALA J 129 17.76 -62.02 -10.01
N ALA J 130 18.38 -62.10 -8.82
CA ALA J 130 19.78 -61.74 -8.69
C ALA J 130 20.67 -62.69 -9.49
N ALA J 131 20.37 -63.98 -9.44
CA ALA J 131 21.19 -64.96 -10.15
C ALA J 131 21.14 -64.72 -11.67
N ALA J 132 19.96 -64.40 -12.19
CA ALA J 132 19.82 -64.20 -13.63
C ALA J 132 20.72 -63.07 -14.12
N SER J 133 20.81 -61.99 -13.35
CA SER J 133 21.72 -60.90 -13.69
C SER J 133 23.17 -61.19 -13.33
N PHE J 134 23.42 -62.21 -12.50
CA PHE J 134 24.79 -62.55 -12.13
C PHE J 134 25.52 -63.31 -13.23
N LYS J 135 24.80 -64.01 -14.11
CA LYS J 135 25.43 -64.64 -15.26
C LYS J 135 25.91 -63.64 -16.30
N GLU J 136 25.38 -62.41 -16.28
CA GLU J 136 25.71 -61.39 -17.27
C GLU J 136 26.90 -60.53 -16.85
N GLY J 137 27.52 -60.83 -15.72
CA GLY J 137 28.64 -60.04 -15.24
C GLY J 137 28.27 -58.79 -14.48
N ASN J 138 26.99 -58.59 -14.16
CA ASN J 138 26.52 -57.41 -13.47
C ASN J 138 26.26 -57.77 -12.01
N LEU J 139 27.07 -57.23 -11.11
CA LEU J 139 26.92 -57.51 -9.68
C LEU J 139 25.96 -56.53 -9.04
N ILE J 140 26.20 -55.24 -9.22
CA ILE J 140 25.36 -54.19 -8.64
C ILE J 140 23.95 -54.28 -9.22
N ASP J 141 23.86 -54.54 -10.52
CA ASP J 141 22.54 -54.68 -11.15
C ASP J 141 21.77 -55.86 -10.57
N GLY J 142 22.46 -56.99 -10.32
CA GLY J 142 21.79 -58.14 -9.73
C GLY J 142 21.27 -57.84 -8.34
N LEU J 143 22.07 -57.17 -7.51
CA LEU J 143 21.63 -56.79 -6.17
C LEU J 143 20.45 -55.82 -6.24
N ILE J 144 20.51 -54.87 -7.17
CA ILE J 144 19.43 -53.90 -7.32
C ILE J 144 18.13 -54.62 -7.70
N SER J 145 18.21 -55.55 -8.66
CA SER J 145 17.04 -56.31 -9.06
C SER J 145 16.51 -57.18 -7.93
N ALA J 146 17.41 -57.79 -7.15
CA ALA J 146 16.98 -58.62 -6.03
C ALA J 146 16.26 -57.79 -4.97
N VAL J 147 16.80 -56.60 -4.67
CA VAL J 147 16.19 -55.75 -3.65
C VAL J 147 14.80 -55.31 -4.07
N ARG J 148 14.64 -54.94 -5.34
CA ARG J 148 13.35 -54.44 -5.82
C ARG J 148 12.26 -55.49 -5.68
N VAL J 149 12.51 -56.71 -6.18
CA VAL J 149 11.49 -57.76 -6.12
C VAL J 149 11.26 -58.22 -4.68
N MET J 150 12.32 -58.28 -3.88
CA MET J 150 12.17 -58.71 -2.49
C MET J 150 11.43 -57.67 -1.65
N SER J 151 11.67 -56.39 -1.91
CA SER J 151 10.97 -55.34 -1.20
C SER J 151 9.52 -55.17 -1.66
N ALA J 152 9.22 -55.53 -2.90
CA ALA J 152 7.87 -55.42 -3.44
C ALA J 152 6.96 -56.55 -3.00
N GLY J 153 7.50 -57.57 -2.33
CA GLY J 153 6.69 -58.67 -1.84
C GLY J 153 6.67 -58.73 -0.32
N VAL J 154 6.82 -57.57 0.32
CA VAL J 154 6.81 -57.48 1.78
C VAL J 154 5.87 -56.35 2.18
N SER J 155 4.90 -56.67 3.02
CA SER J 155 3.90 -55.69 3.45
C SER J 155 4.46 -54.83 4.59
N PRO J 156 3.98 -53.59 4.73
CA PRO J 156 4.41 -52.76 5.85
C PRO J 156 4.07 -53.40 7.19
N ALA J 157 4.99 -53.26 8.14
CA ALA J 157 4.82 -53.78 9.49
C ALA J 157 4.44 -55.27 9.51
N CYS K 24 17.68 1.09 -18.42
CA CYS K 24 17.05 0.88 -19.75
C CYS K 24 16.80 2.23 -20.41
N SER K 25 16.21 3.18 -19.68
CA SER K 25 15.92 4.50 -20.21
C SER K 25 17.17 5.36 -20.39
N ALA K 26 18.33 4.89 -19.91
CA ALA K 26 19.58 5.61 -20.04
C ALA K 26 20.49 5.02 -21.12
N GLY K 27 19.92 4.25 -22.05
CA GLY K 27 20.68 3.62 -23.10
C GLY K 27 20.95 4.55 -24.26
N GLN K 28 21.28 3.95 -25.41
CA GLN K 28 21.57 4.74 -26.60
C GLN K 28 20.34 5.50 -27.07
N ILE K 29 19.17 4.88 -26.99
CA ILE K 29 17.91 5.55 -27.31
C ILE K 29 17.39 6.15 -26.01
N SER K 30 17.59 7.46 -25.85
CA SER K 30 17.13 8.20 -24.64
C SER K 30 15.87 9.01 -24.97
N GLN K 31 15.20 9.53 -23.95
CA GLN K 31 13.96 10.33 -24.14
C GLN K 31 14.27 11.81 -23.88
N THR K 32 15.51 12.11 -23.51
CA THR K 32 15.92 13.52 -23.23
C THR K 32 16.96 13.96 -24.26
N THR K 33 17.52 13.00 -25.01
CA THR K 33 18.54 13.31 -26.05
C THR K 33 17.84 13.47 -27.41
N THR K 34 16.72 12.76 -27.60
CA THR K 34 15.96 12.83 -28.88
C THR K 34 14.96 13.99 -28.80
N GLN K 35 14.74 14.53 -27.61
CA GLN K 35 13.79 15.66 -27.41
C GLN K 35 14.21 16.83 -28.31
N GLU K 36 13.26 17.43 -29.03
CA GLU K 36 13.54 18.57 -29.93
C GLU K 36 13.33 19.89 -29.18
N PRO K 37 13.39 21.07 -29.84
CA PRO K 37 13.18 22.35 -29.17
C PRO K 37 11.70 22.60 -28.87
N ALA K 38 11.41 23.19 -27.70
CA ALA K 38 10.02 23.49 -27.30
C ALA K 38 9.65 24.91 -27.72
N VAL K 39 9.75 25.20 -29.02
CA VAL K 39 9.42 26.56 -29.56
C VAL K 39 8.43 26.39 -30.71
N ASN K 40 8.28 27.43 -31.55
CA ASN K 40 7.35 27.40 -32.70
C ASN K 40 8.15 27.43 -34.00
N GLY K 41 9.45 27.13 -33.93
CA GLY K 41 10.31 27.12 -35.09
C GLY K 41 10.63 25.73 -35.58
N VAL K 42 11.42 25.68 -36.65
CA VAL K 42 11.81 24.43 -37.29
C VAL K 42 13.33 24.35 -37.32
N ASN K 43 13.87 23.21 -36.91
CA ASN K 43 15.30 22.95 -37.00
C ASN K 43 15.62 22.34 -38.36
N ALA K 44 16.52 22.99 -39.09
CA ALA K 44 16.89 22.54 -40.43
C ALA K 44 18.40 22.54 -40.58
N GLN K 45 18.89 21.69 -41.47
CA GLN K 45 20.33 21.55 -41.74
C GLN K 45 20.57 21.79 -43.21
N ALA K 46 21.13 22.96 -43.54
CA ALA K 46 21.45 23.30 -44.92
C ALA K 46 22.91 22.97 -45.23
N GLY K 47 23.22 21.68 -45.16
CA GLY K 47 24.56 21.21 -45.41
C GLY K 47 25.52 21.45 -44.27
N GLN K 48 25.87 22.72 -44.04
CA GLN K 48 26.76 23.09 -42.95
C GLN K 48 26.22 24.19 -42.05
N VAL K 49 25.13 24.86 -42.44
CA VAL K 49 24.54 25.94 -41.65
C VAL K 49 23.24 25.42 -41.04
N SER K 50 23.12 25.57 -39.73
CA SER K 50 21.96 25.08 -38.99
C SER K 50 20.95 26.20 -38.84
N LEU K 51 19.70 25.95 -39.25
CA LEU K 51 18.62 26.91 -39.13
C LEU K 51 17.79 26.58 -37.91
N ARG K 52 17.68 27.53 -36.98
CA ARG K 52 16.96 27.33 -35.73
C ARG K 52 15.88 28.37 -35.56
N ASN K 53 14.73 27.94 -35.04
CA ASN K 53 13.58 28.81 -34.79
C ASN K 53 13.15 29.52 -36.08
N VAL K 54 12.89 28.72 -37.12
CA VAL K 54 12.46 29.24 -38.40
C VAL K 54 10.94 29.38 -38.38
N HIS K 55 10.45 30.61 -38.38
CA HIS K 55 9.02 30.85 -38.31
C HIS K 55 8.70 32.18 -38.98
N LEU K 56 7.42 32.34 -39.32
CA LEU K 56 6.91 33.55 -39.95
C LEU K 56 6.03 34.31 -38.97
N ARG K 57 6.24 35.61 -38.88
CA ARG K 57 5.42 36.49 -38.05
C ARG K 57 4.40 37.17 -38.96
N ALA K 58 3.12 36.95 -38.66
CA ALA K 58 2.02 37.45 -39.51
C ALA K 58 0.79 37.65 -38.64
N PRO K 59 0.50 38.89 -38.23
CA PRO K 59 -0.77 39.15 -37.55
C PRO K 59 -1.95 38.83 -38.45
N GLN K 60 -3.01 38.29 -37.85
CA GLN K 60 -4.17 37.83 -38.59
C GLN K 60 -5.44 38.46 -38.02
N GLN K 61 -6.41 38.70 -38.89
CA GLN K 61 -7.71 39.21 -38.48
C GLN K 61 -8.83 38.35 -39.03
N THR K 62 -8.63 37.83 -40.24
CA THR K 62 -9.61 36.99 -40.93
C THR K 62 -8.96 35.62 -41.15
N ASP K 63 -9.75 34.65 -41.64
CA ASP K 63 -9.27 33.28 -41.79
C ASP K 63 -8.03 33.19 -42.67
N TYR K 64 -7.89 34.06 -43.67
CA TYR K 64 -6.74 34.06 -44.56
C TYR K 64 -6.05 35.41 -44.50
N VAL K 65 -4.72 35.38 -44.70
CA VAL K 65 -3.93 36.58 -44.89
C VAL K 65 -3.90 36.84 -46.39
N GLU K 66 -4.59 37.89 -46.84
CA GLU K 66 -4.77 38.12 -48.26
C GLU K 66 -3.45 38.46 -48.94
N PRO K 67 -3.32 38.12 -50.22
CA PRO K 67 -2.07 38.45 -50.94
C PRO K 67 -1.82 39.95 -50.97
N GLY K 68 -0.55 40.31 -50.95
CA GLY K 68 -0.13 41.69 -50.87
C GLY K 68 0.22 42.16 -49.47
N THR K 69 -0.16 41.40 -48.44
CA THR K 69 0.20 41.74 -47.07
C THR K 69 1.65 41.40 -46.81
N THR K 70 2.39 42.34 -46.21
CA THR K 70 3.80 42.16 -45.92
C THR K 70 3.96 41.43 -44.60
N VAL K 71 4.71 40.33 -44.61
CA VAL K 71 5.01 39.57 -43.40
C VAL K 71 6.52 39.52 -43.22
N GLU K 72 6.93 38.98 -42.07
CA GLU K 72 8.38 38.90 -41.73
C GLU K 72 8.78 37.46 -41.40
N LEU K 73 9.84 36.98 -42.05
CA LEU K 73 10.39 35.64 -41.83
C LEU K 73 11.60 35.76 -40.92
N LEU K 74 11.56 35.04 -39.80
CA LEU K 74 12.60 35.13 -38.78
C LEU K 74 13.22 33.75 -38.53
N PHE K 75 14.54 33.72 -38.43
CA PHE K 75 15.28 32.50 -38.13
C PHE K 75 16.67 32.88 -37.66
N VAL K 76 17.43 31.88 -37.24
CA VAL K 76 18.82 32.07 -36.83
C VAL K 76 19.67 31.04 -37.54
N ALA K 77 20.73 31.50 -38.21
CA ALA K 77 21.64 30.63 -38.96
C ALA K 77 22.91 30.45 -38.15
N ALA K 78 23.27 29.19 -37.87
CA ALA K 78 24.46 28.85 -37.11
C ALA K 78 25.42 28.09 -38.01
N ASN K 79 26.68 28.55 -38.05
CA ASN K 79 27.71 27.93 -38.86
C ASN K 79 28.36 26.81 -38.05
N ASP K 80 28.15 25.56 -38.47
CA ASP K 80 28.76 24.43 -37.77
C ASP K 80 30.28 24.47 -37.91
N SER K 81 30.79 24.77 -39.10
CA SER K 81 32.22 24.88 -39.30
C SER K 81 32.75 26.16 -38.68
N THR K 82 33.94 26.07 -38.09
CA THR K 82 34.58 27.21 -37.44
C THR K 82 35.80 27.72 -38.20
N GLU K 83 36.00 27.29 -39.44
CA GLU K 83 37.16 27.69 -40.24
C GLU K 83 36.82 28.82 -41.19
N GLY K 84 35.82 28.63 -42.05
CA GLY K 84 35.43 29.62 -43.04
C GLY K 84 34.14 30.33 -42.68
N SER K 85 33.71 31.17 -43.62
CA SER K 85 32.49 31.95 -43.48
C SER K 85 31.49 31.53 -44.56
N ASN K 86 30.27 32.07 -44.46
CA ASN K 86 29.22 31.78 -45.42
C ASN K 86 28.32 32.99 -45.54
N LYS K 87 27.61 33.07 -46.67
CA LYS K 87 26.71 34.16 -46.96
C LYS K 87 25.40 33.61 -47.50
N LEU K 88 24.29 34.23 -47.09
CA LEU K 88 22.95 33.74 -47.42
C LEU K 88 22.41 34.48 -48.64
N LYS K 89 21.99 33.72 -49.66
CA LYS K 89 21.49 34.29 -50.89
C LYS K 89 20.32 33.47 -51.43
N SER K 90 19.44 34.16 -52.15
CA SER K 90 18.39 33.52 -52.96
C SER K 90 17.47 32.65 -52.10
N ILE K 91 16.76 33.31 -51.20
CA ILE K 91 15.69 32.65 -50.45
C ILE K 91 14.41 32.71 -51.27
N THR K 92 13.92 31.55 -51.70
CA THR K 92 12.75 31.47 -52.56
C THR K 92 11.71 30.55 -51.93
N SER K 93 10.45 30.83 -52.21
CA SER K 93 9.35 30.03 -51.70
C SER K 93 8.14 30.22 -52.61
N ASP K 94 7.22 29.25 -52.55
CA ASP K 94 5.99 29.32 -53.33
C ASP K 94 4.87 29.99 -52.53
N VAL K 95 5.18 31.15 -51.96
CA VAL K 95 4.19 31.96 -51.25
C VAL K 95 4.31 33.40 -51.73
N GLY K 96 5.40 33.70 -52.43
CA GLY K 96 5.63 35.05 -52.91
C GLY K 96 7.12 35.27 -53.14
N GLU K 97 7.51 36.54 -53.10
CA GLU K 97 8.89 36.96 -53.28
C GLU K 97 9.49 37.33 -51.93
N VAL K 98 10.68 36.81 -51.65
CA VAL K 98 11.38 37.06 -50.39
C VAL K 98 12.55 37.99 -50.67
N THR K 99 12.61 39.09 -49.94
CA THR K 99 13.64 40.11 -50.13
C THR K 99 14.57 40.12 -48.92
N LEU K 100 15.87 40.03 -49.18
CA LEU K 100 16.89 40.07 -48.14
C LEU K 100 17.57 41.42 -48.14
N THR K 101 17.57 42.09 -46.99
CA THR K 101 18.20 43.39 -46.82
C THR K 101 19.20 43.32 -45.68
N GLY K 102 20.41 43.81 -45.92
CA GLY K 102 21.47 43.80 -44.93
C GLY K 102 22.56 42.82 -45.30
N ASP K 103 23.53 42.71 -44.39
CA ASP K 103 24.68 41.83 -44.57
C ASP K 103 24.29 40.42 -44.13
N SER K 104 24.01 39.55 -45.10
CA SER K 104 23.61 38.17 -44.84
C SER K 104 24.80 37.24 -44.64
N THR K 105 25.98 37.77 -44.35
CA THR K 105 27.17 36.96 -44.15
C THR K 105 27.24 36.52 -42.69
N VAL K 106 27.30 35.21 -42.48
CA VAL K 106 27.44 34.65 -41.13
C VAL K 106 28.91 34.53 -40.81
N PRO K 107 29.34 34.89 -39.59
CA PRO K 107 30.77 34.76 -39.25
C PRO K 107 31.22 33.31 -39.12
N ALA K 108 32.48 33.11 -38.77
CA ALA K 108 33.04 31.75 -38.71
C ALA K 108 32.31 30.90 -37.67
N ASP K 109 32.38 31.30 -36.40
CA ASP K 109 31.76 30.57 -35.32
C ASP K 109 30.75 31.45 -34.59
N GLY K 110 29.95 32.19 -35.35
CA GLY K 110 28.95 33.06 -34.78
C GLY K 110 27.55 32.74 -35.27
N VAL K 111 26.63 33.69 -35.09
CA VAL K 111 25.23 33.50 -35.48
C VAL K 111 24.87 34.56 -36.52
N LEU K 112 23.75 34.32 -37.19
CA LEU K 112 23.18 35.26 -38.16
C LEU K 112 21.70 35.40 -37.82
N ILE K 113 21.37 36.35 -36.96
CA ILE K 113 20.00 36.58 -36.53
C ILE K 113 19.34 37.53 -37.53
N VAL K 114 18.28 37.06 -38.19
CA VAL K 114 17.53 37.86 -39.14
C VAL K 114 16.16 38.17 -38.54
N GLY K 115 15.77 39.43 -38.59
CA GLY K 115 14.53 39.87 -38.01
C GLY K 115 14.66 40.12 -36.51
N GLU K 116 13.64 40.75 -35.96
CA GLU K 116 13.60 41.09 -34.53
C GLU K 116 12.39 40.45 -33.89
N PRO K 117 12.53 39.26 -33.29
CA PRO K 117 11.38 38.62 -32.64
C PRO K 117 10.96 39.38 -31.38
N ASP K 118 9.76 39.06 -30.92
CA ASP K 118 9.22 39.70 -29.72
C ASP K 118 10.10 39.36 -28.52
N GLY K 119 10.42 40.37 -27.72
CA GLY K 119 11.29 40.19 -26.58
C GLY K 119 12.75 40.38 -26.94
N GLN K 120 13.05 41.41 -27.72
CA GLN K 120 14.40 41.70 -28.19
C GLN K 120 14.77 43.15 -27.89
N ILE K 121 14.32 43.66 -26.74
CA ILE K 121 14.57 45.03 -26.30
C ILE K 121 14.08 46.02 -27.35
N ALA K 132 21.33 45.08 -39.00
CA ALA K 132 19.97 44.57 -38.83
C ALA K 132 19.45 43.95 -40.12
N VAL K 133 19.54 42.62 -40.20
CA VAL K 133 19.08 41.88 -41.37
C VAL K 133 17.64 41.45 -41.15
N THR K 134 16.78 41.72 -42.13
CA THR K 134 15.39 41.32 -42.07
C THR K 134 14.97 40.67 -43.38
N ALA K 135 14.01 39.76 -43.30
CA ALA K 135 13.47 39.07 -44.46
C ALA K 135 12.03 39.54 -44.68
N GLU K 136 11.79 40.13 -45.85
CA GLU K 136 10.48 40.65 -46.20
C GLU K 136 9.86 39.76 -47.27
N VAL K 137 8.61 39.34 -47.03
CA VAL K 137 7.89 38.44 -47.93
C VAL K 137 6.64 39.15 -48.43
N GLU K 138 6.46 39.16 -49.75
CA GLU K 138 5.28 39.74 -50.39
C GLU K 138 4.38 38.60 -50.85
N LEU K 139 3.25 38.42 -50.17
CA LEU K 139 2.38 37.29 -50.45
C LEU K 139 1.72 37.41 -51.82
N THR K 140 1.63 36.28 -52.52
CA THR K 140 0.85 36.18 -53.75
C THR K 140 -0.35 35.26 -53.62
N LYS K 141 -0.38 34.40 -52.59
CA LYS K 141 -1.48 33.50 -52.30
C LYS K 141 -1.83 33.60 -50.82
N PRO K 142 -3.10 33.35 -50.46
CA PRO K 142 -3.49 33.45 -49.06
C PRO K 142 -2.80 32.41 -48.19
N ILE K 143 -2.50 32.79 -46.96
CA ILE K 143 -1.90 31.91 -45.96
C ILE K 143 -2.68 32.05 -44.67
N THR K 144 -2.56 31.02 -43.82
CA THR K 144 -3.24 31.02 -42.54
C THR K 144 -2.39 30.27 -41.52
N ASN K 145 -2.64 30.57 -40.25
CA ASN K 145 -1.91 29.91 -39.17
C ASN K 145 -2.31 28.45 -39.08
N GLY K 146 -1.33 27.59 -38.79
CA GLY K 146 -1.54 26.17 -38.64
C GLY K 146 -1.09 25.33 -39.81
N LEU K 147 -0.87 25.94 -40.97
CA LEU K 147 -0.41 25.23 -42.15
C LEU K 147 1.11 25.38 -42.31
N LEU K 148 1.66 24.56 -43.19
CA LEU K 148 3.09 24.56 -43.48
C LEU K 148 3.31 25.04 -44.91
N TYR K 149 4.25 25.97 -45.08
CA TYR K 149 4.58 26.54 -46.38
C TYR K 149 6.06 26.35 -46.66
N ASP K 150 6.37 25.77 -47.81
CA ASP K 150 7.74 25.40 -48.14
C ASP K 150 8.59 26.64 -48.41
N PHE K 151 9.82 26.61 -47.91
CA PHE K 151 10.81 27.65 -48.16
C PHE K 151 12.13 27.01 -48.53
N THR K 152 12.88 27.68 -49.39
CA THR K 152 14.17 27.18 -49.88
C THR K 152 15.29 28.06 -49.33
N PHE K 153 16.27 27.42 -48.69
CA PHE K 153 17.41 28.13 -48.10
C PHE K 153 18.70 27.62 -48.73
N THR K 154 19.45 28.54 -49.33
CA THR K 154 20.75 28.24 -49.92
C THR K 154 21.76 29.28 -49.45
N PHE K 155 22.96 28.83 -49.07
CA PHE K 155 24.02 29.75 -48.69
C PHE K 155 25.17 29.69 -49.69
N GLU K 156 25.87 28.56 -49.80
CA GLU K 156 26.75 28.34 -50.94
C GLU K 156 26.76 26.87 -51.36
N ASP K 157 26.46 25.97 -50.44
CA ASP K 157 26.58 24.52 -50.76
C ASP K 157 25.38 23.72 -50.25
N GLY K 158 24.16 24.16 -50.56
CA GLY K 158 22.98 23.40 -50.17
C GLY K 158 21.66 24.01 -50.58
N GLU K 159 20.71 23.17 -50.94
CA GLU K 159 19.35 23.59 -51.30
C GLU K 159 18.38 22.68 -50.53
N THR K 160 17.88 23.18 -49.40
CA THR K 160 17.02 22.40 -48.51
C THR K 160 15.68 23.09 -48.32
N THR K 161 14.66 22.30 -48.04
CA THR K 161 13.30 22.78 -47.81
C THR K 161 12.97 22.66 -46.33
N VAL K 162 12.39 23.73 -45.78
CA VAL K 162 12.12 23.80 -44.35
C VAL K 162 10.64 23.65 -44.02
N ALA K 163 9.73 24.03 -44.92
CA ALA K 163 8.29 24.03 -44.67
C ALA K 163 7.95 24.92 -43.46
N VAL K 164 8.22 26.21 -43.64
CA VAL K 164 8.12 27.17 -42.54
C VAL K 164 6.65 27.35 -42.15
N PRO K 165 6.31 27.24 -40.87
CA PRO K 165 4.93 27.52 -40.45
C PRO K 165 4.74 28.98 -40.06
N ILE K 166 3.51 29.34 -39.67
CA ILE K 166 3.21 30.67 -39.16
C ILE K 166 3.10 30.57 -37.64
N SER K 167 3.89 31.38 -36.93
CA SER K 167 3.96 31.33 -35.48
C SER K 167 3.62 32.70 -34.90
N ALA K 168 2.84 32.71 -33.82
CA ALA K 168 2.53 33.93 -33.10
C ALA K 168 3.44 34.05 -31.88
N GLY K 169 3.97 35.25 -31.67
CA GLY K 169 4.91 35.45 -30.60
C GLY K 169 4.27 35.75 -29.26
N GLU K 170 4.68 36.85 -28.62
CA GLU K 170 4.16 37.23 -27.31
C GLU K 170 2.90 38.09 -27.42
N GLN K 171 2.24 38.11 -28.57
CA GLN K 171 1.03 38.89 -28.73
C GLN K 171 -0.09 38.31 -27.86
N PRO K 172 -0.91 39.16 -27.26
CA PRO K 172 -2.01 38.66 -26.43
C PRO K 172 -3.12 38.06 -27.28
N ARG K 173 -3.98 37.29 -26.62
CA ARG K 173 -5.12 36.67 -27.30
C ARG K 173 -6.05 37.76 -27.83
N ARG K 174 -6.45 37.61 -29.09
CA ARG K 174 -7.37 38.58 -29.69
C ARG K 174 -8.75 38.46 -29.04
N PRO K 175 -9.44 39.58 -28.84
CA PRO K 175 -10.77 39.51 -28.23
C PRO K 175 -11.77 38.77 -29.11
N VAL K 176 -12.69 38.08 -28.46
CA VAL K 176 -13.74 37.32 -29.12
C VAL K 176 -15.07 38.02 -28.85
N PRO K 177 -15.90 38.25 -29.87
CA PRO K 177 -17.19 38.90 -29.64
C PRO K 177 -18.05 38.10 -28.68
N PRO K 178 -18.81 38.76 -27.81
CA PRO K 178 -19.61 38.03 -26.82
C PRO K 178 -20.85 37.42 -27.48
N ALA K 179 -21.02 36.12 -27.29
CA ALA K 179 -22.16 35.42 -27.86
C ALA K 179 -23.46 35.88 -27.22
N GLY K 180 -24.54 35.77 -27.99
CA GLY K 180 -25.84 36.16 -27.50
C GLY K 180 -26.47 35.09 -26.63
N PRO K 181 -27.70 35.35 -26.20
CA PRO K 181 -28.40 34.37 -25.35
C PRO K 181 -28.64 33.03 -26.02
N GLY K 182 -28.68 32.99 -27.35
CA GLY K 182 -28.91 31.75 -28.07
C GLY K 182 -30.27 31.67 -28.72
N CYS L 21 -5.86 -10.07 -31.84
CA CYS L 21 -6.90 -9.89 -32.90
C CYS L 21 -6.96 -8.42 -33.31
N SER L 22 -6.24 -8.05 -34.37
CA SER L 22 -6.23 -6.68 -34.86
C SER L 22 -7.62 -6.24 -35.30
N PRO L 23 -7.99 -4.99 -35.03
CA PRO L 23 -9.28 -4.48 -35.47
C PRO L 23 -9.31 -4.29 -36.98
N PRO L 24 -10.29 -4.88 -37.67
CA PRO L 24 -10.38 -4.72 -39.13
C PRO L 24 -10.53 -3.28 -39.58
N GLY L 25 -11.20 -2.44 -38.78
CA GLY L 25 -11.48 -1.09 -39.18
C GLY L 25 -10.39 -0.10 -38.83
N GLU L 26 -9.21 -0.59 -38.47
CA GLU L 26 -8.11 0.28 -38.06
C GLU L 26 -6.86 -0.17 -38.83
N THR L 27 -6.69 0.37 -40.03
CA THR L 27 -5.55 0.08 -40.87
C THR L 27 -4.88 1.39 -41.30
N ALA L 28 -3.55 1.43 -41.16
CA ALA L 28 -2.81 2.61 -41.61
C ALA L 28 -2.83 2.70 -43.14
N SER L 29 -2.72 3.93 -43.64
CA SER L 29 -2.66 4.18 -45.06
C SER L 29 -1.53 5.16 -45.37
N SER L 30 -1.02 5.09 -46.59
CA SER L 30 0.04 5.96 -47.04
C SER L 30 -0.45 7.12 -47.91
N GLU L 31 -1.76 7.34 -47.97
CA GLU L 31 -2.29 8.43 -48.78
C GLU L 31 -1.86 9.77 -48.20
N PRO L 32 -1.44 10.73 -49.02
CA PRO L 32 -0.96 12.01 -48.48
C PRO L 32 -2.07 12.84 -47.85
N GLY L 33 -3.18 13.00 -48.55
CA GLY L 33 -4.29 13.82 -48.07
C GLY L 33 -4.25 15.22 -48.65
N THR L 34 -5.38 15.91 -48.48
CA THR L 34 -5.57 17.26 -49.00
C THR L 34 -5.95 18.20 -47.86
N THR L 35 -5.63 19.48 -48.05
CA THR L 35 -5.99 20.49 -47.07
C THR L 35 -7.49 20.71 -47.06
N PRO L 36 -8.14 20.68 -45.90
CA PRO L 36 -9.59 20.87 -45.86
C PRO L 36 -9.99 22.26 -46.35
N ALA L 37 -11.18 22.34 -46.94
CA ALA L 37 -11.69 23.60 -47.46
C ALA L 37 -12.26 24.45 -46.34
N ILE L 38 -12.51 25.72 -46.67
CA ILE L 38 -13.06 26.65 -45.68
C ILE L 38 -14.52 26.31 -45.42
N TRP L 39 -14.87 26.17 -44.14
CA TRP L 39 -16.25 25.91 -43.78
C TRP L 39 -17.12 27.13 -44.05
N THR L 40 -18.32 26.89 -44.57
CA THR L 40 -19.26 27.96 -44.90
C THR L 40 -20.32 28.15 -43.82
N GLY L 41 -21.05 27.10 -43.49
CA GLY L 41 -22.09 27.19 -42.49
C GLY L 41 -23.47 27.37 -43.08
N SER L 42 -24.26 26.30 -43.08
CA SER L 42 -25.62 26.32 -43.62
C SER L 42 -26.55 27.15 -42.71
N PRO L 43 -27.48 27.87 -43.31
CA PRO L 43 -28.43 28.66 -42.52
C PRO L 43 -29.60 27.83 -42.03
N SER L 44 -30.57 28.48 -41.38
CA SER L 44 -31.80 27.88 -40.90
C SER L 44 -31.51 26.74 -39.92
N PRO L 45 -31.07 27.05 -38.69
CA PRO L 45 -30.80 26.02 -37.68
C PRO L 45 -32.08 25.38 -37.14
N ASP M 4 -35.67 -41.26 -8.44
CA ASP M 4 -36.67 -41.36 -7.37
C ASP M 4 -36.66 -40.09 -6.51
N PHE M 5 -37.81 -39.42 -6.47
CA PHE M 5 -37.92 -38.20 -5.67
C PHE M 5 -37.81 -38.51 -4.18
N ALA M 6 -38.35 -39.65 -3.74
CA ALA M 6 -38.25 -40.03 -2.34
C ALA M 6 -36.81 -40.26 -1.93
N LYS M 7 -36.01 -40.89 -2.80
CA LYS M 7 -34.60 -41.12 -2.49
C LYS M 7 -33.86 -39.79 -2.35
N LEU M 8 -34.12 -38.83 -3.23
CA LEU M 8 -33.47 -37.54 -3.15
C LEU M 8 -33.84 -36.81 -1.87
N ALA M 9 -35.11 -36.87 -1.48
CA ALA M 9 -35.55 -36.22 -0.25
C ALA M 9 -34.87 -36.85 0.97
N ALA M 10 -34.75 -38.17 0.98
CA ALA M 10 -34.09 -38.85 2.10
C ALA M 10 -32.62 -38.46 2.19
N ALA M 11 -31.94 -38.36 1.04
CA ALA M 11 -30.54 -37.97 1.05
C ALA M 11 -30.37 -36.54 1.55
N GLN M 12 -31.24 -35.63 1.10
CA GLN M 12 -31.17 -34.25 1.57
C GLN M 12 -31.50 -34.15 3.05
N GLY M 13 -32.50 -34.92 3.52
CA GLY M 13 -32.82 -34.92 4.93
C GLY M 13 -31.71 -35.48 5.79
N ASP M 14 -31.05 -36.54 5.31
CA ASP M 14 -29.93 -37.10 6.04
C ASP M 14 -28.77 -36.12 6.12
N ALA M 15 -28.49 -35.41 5.02
CA ALA M 15 -27.41 -34.44 5.02
C ALA M 15 -27.70 -33.28 5.97
N ILE M 16 -28.94 -32.80 5.99
CA ILE M 16 -29.30 -31.69 6.88
C ILE M 16 -29.22 -32.13 8.33
N ASP M 17 -29.75 -33.32 8.65
CA ASP M 17 -29.73 -33.79 10.03
C ASP M 17 -28.31 -34.04 10.52
N SER M 18 -27.47 -34.64 9.67
CA SER M 18 -26.11 -34.98 10.09
C SER M 18 -25.25 -33.73 10.29
N ARG M 19 -25.67 -32.58 9.80
CA ARG M 19 -24.91 -31.35 9.92
C ARG M 19 -25.42 -30.44 11.02
N TYR M 20 -26.73 -30.22 11.04
CA TYR M 20 -27.31 -29.23 11.99
C TYR M 20 -28.33 -29.84 12.95
N HIS M 21 -28.46 -31.20 13.03
CA HIS M 21 -29.37 -31.93 13.90
C HIS M 21 -30.59 -31.10 14.33
N PRO M 22 -31.45 -30.70 13.38
CA PRO M 22 -32.66 -29.93 13.73
C PRO M 22 -33.91 -30.76 13.92
N SER M 23 -33.81 -32.10 13.95
CA SER M 23 -35.00 -32.94 13.98
C SER M 23 -35.86 -32.67 15.21
N ALA M 24 -35.23 -32.56 16.39
CA ALA M 24 -35.98 -32.28 17.60
C ALA M 24 -36.62 -30.89 17.55
N ALA M 25 -35.89 -29.90 17.05
CA ALA M 25 -36.42 -28.54 17.00
C ALA M 25 -37.52 -28.41 15.95
N VAL M 26 -37.32 -29.05 14.78
CA VAL M 26 -38.31 -28.95 13.72
C VAL M 26 -39.62 -29.62 14.11
N ARG M 27 -39.53 -30.77 14.78
CA ARG M 27 -40.74 -31.50 15.16
C ARG M 27 -41.60 -30.69 16.12
N ARG M 28 -40.96 -29.99 17.06
CA ARG M 28 -41.71 -29.11 17.96
C ARG M 28 -42.40 -28.00 17.19
N GLN M 29 -41.71 -27.43 16.19
CA GLN M 29 -42.31 -26.38 15.38
C GLN M 29 -43.50 -26.90 14.58
N LEU M 30 -43.37 -28.11 14.01
CA LEU M 30 -44.45 -28.66 13.20
C LEU M 30 -45.64 -29.08 14.05
N ASN M 31 -45.41 -29.39 15.33
CA ASN M 31 -46.48 -29.83 16.23
C ASN M 31 -47.13 -28.68 16.98
N LYS M 32 -46.73 -27.44 16.73
CA LYS M 32 -47.33 -26.31 17.42
C LYS M 32 -48.81 -26.19 17.06
N VAL M 33 -49.63 -25.93 18.06
CA VAL M 33 -51.08 -25.89 17.92
C VAL M 33 -51.55 -24.45 17.98
N PHE M 34 -52.34 -24.03 16.98
CA PHE M 34 -52.90 -22.70 16.92
C PHE M 34 -54.41 -22.76 16.82
N PRO M 35 -55.13 -21.92 17.57
CA PRO M 35 -56.60 -21.90 17.45
C PRO M 35 -57.03 -21.44 16.07
N THR M 36 -58.19 -21.93 15.63
CA THR M 36 -58.71 -21.69 14.29
C THR M 36 -59.89 -20.73 14.29
N HIS M 37 -59.86 -19.73 15.18
CA HIS M 37 -60.91 -18.73 15.23
C HIS M 37 -60.75 -17.74 14.08
N TRP M 38 -61.87 -17.21 13.60
CA TRP M 38 -61.84 -16.26 12.50
C TRP M 38 -61.17 -14.95 12.91
N SER M 39 -61.40 -14.51 14.15
CA SER M 39 -60.86 -13.24 14.61
C SER M 39 -59.35 -13.28 14.82
N PHE M 40 -58.74 -14.47 14.80
CA PHE M 40 -57.31 -14.59 14.99
C PHE M 40 -56.52 -14.39 13.70
N LEU M 41 -57.20 -14.17 12.58
CA LEU M 41 -56.56 -13.82 11.32
C LEU M 41 -56.37 -12.31 11.16
N LEU M 42 -56.85 -11.52 12.12
CA LEU M 42 -56.73 -10.07 12.02
C LEU M 42 -55.28 -9.63 12.01
N GLY M 43 -54.45 -10.22 12.88
CA GLY M 43 -53.04 -9.91 12.89
C GLY M 43 -52.29 -10.46 11.70
N GLU M 44 -52.85 -11.48 11.06
CA GLU M 44 -52.24 -12.12 9.86
C GLU M 44 -52.29 -11.14 8.68
N ILE M 45 -53.37 -10.36 8.57
CA ILE M 45 -53.51 -9.41 7.49
C ILE M 45 -52.52 -8.26 7.63
N ALA M 46 -52.34 -7.77 8.86
CA ALA M 46 -51.37 -6.70 9.09
C ALA M 46 -49.95 -7.16 8.76
N LEU M 47 -49.59 -8.37 9.18
CA LEU M 47 -48.28 -8.90 8.86
C LEU M 47 -48.11 -9.11 7.36
N TYR M 48 -49.16 -9.63 6.69
CA TYR M 48 -49.08 -9.86 5.25
C TYR M 48 -49.03 -8.55 4.49
N SER M 49 -49.77 -7.54 4.95
CA SER M 49 -49.72 -6.24 4.31
C SER M 49 -48.34 -5.60 4.45
N PHE M 50 -47.68 -5.81 5.59
CA PHE M 50 -46.33 -5.28 5.77
C PHE M 50 -45.35 -5.90 4.79
N ILE M 51 -45.50 -7.19 4.51
CA ILE M 51 -44.62 -7.86 3.54
C ILE M 51 -44.81 -7.26 2.15
N ILE M 52 -46.06 -7.01 1.76
CA ILE M 52 -46.33 -6.40 0.47
C ILE M 52 -45.73 -5.00 0.40
N LEU M 53 -45.79 -4.26 1.51
CA LEU M 53 -45.15 -2.95 1.56
C LEU M 53 -43.64 -3.06 1.41
N LEU M 54 -43.04 -4.09 2.01
CA LEU M 54 -41.61 -4.31 1.85
C LEU M 54 -41.24 -4.57 0.40
N LEU M 55 -42.01 -5.43 -0.28
CA LEU M 55 -41.67 -5.80 -1.65
C LEU M 55 -41.91 -4.64 -2.61
N THR M 56 -43.06 -3.99 -2.51
CA THR M 56 -43.36 -2.87 -3.40
C THR M 56 -42.51 -1.64 -3.08
N GLY M 57 -42.18 -1.44 -1.81
CA GLY M 57 -41.34 -0.31 -1.44
C GLY M 57 -39.95 -0.39 -2.02
N VAL M 58 -39.37 -1.60 -2.08
CA VAL M 58 -38.06 -1.77 -2.69
C VAL M 58 -38.11 -1.41 -4.17
N TRP M 59 -39.19 -1.79 -4.85
CA TRP M 59 -39.33 -1.48 -6.26
C TRP M 59 -39.39 0.03 -6.50
N LEU M 60 -40.07 0.76 -5.61
CA LEU M 60 -40.22 2.20 -5.80
C LEU M 60 -38.90 2.96 -5.64
N THR M 61 -38.00 2.46 -4.79
CA THR M 61 -36.73 3.15 -4.56
C THR M 61 -35.83 3.14 -5.79
N LEU M 62 -36.07 2.26 -6.75
CA LEU M 62 -35.25 2.20 -7.95
C LEU M 62 -35.54 3.34 -8.93
N PHE M 63 -36.59 4.13 -8.69
CA PHE M 63 -36.97 5.19 -9.61
C PHE M 63 -37.30 6.51 -8.90
N PHE M 64 -37.04 6.62 -7.61
CA PHE M 64 -37.43 7.78 -6.82
C PHE M 64 -36.20 8.58 -6.43
N ASP M 65 -36.24 9.89 -6.70
CA ASP M 65 -35.21 10.82 -6.26
C ASP M 65 -35.79 11.70 -5.16
N PRO M 66 -35.30 11.62 -3.93
CA PRO M 66 -35.93 12.37 -2.84
C PRO M 66 -35.48 13.82 -2.74
N SER M 67 -34.84 14.32 -3.79
CA SER M 67 -34.30 15.68 -3.75
C SER M 67 -35.40 16.72 -3.81
N MET M 68 -35.13 17.88 -3.22
CA MET M 68 -36.00 19.05 -3.29
C MET M 68 -35.50 20.08 -4.29
N ALA M 69 -34.46 19.76 -5.05
CA ALA M 69 -33.91 20.70 -6.01
C ALA M 69 -34.92 21.03 -7.10
N HIS M 70 -35.01 22.31 -7.44
CA HIS M 70 -35.98 22.74 -8.45
C HIS M 70 -35.52 22.33 -9.84
N VAL M 71 -36.42 21.68 -10.58
CA VAL M 71 -36.16 21.27 -11.95
C VAL M 71 -37.37 21.61 -12.80
N THR M 72 -37.17 21.64 -14.11
CA THR M 72 -38.23 21.92 -15.06
C THR M 72 -38.71 20.61 -15.67
N TYR M 73 -40.02 20.39 -15.59
CA TYR M 73 -40.66 19.14 -16.11
C TYR M 73 -40.43 19.01 -17.62
N ASP M 74 -40.23 17.78 -18.08
CA ASP M 74 -40.00 17.49 -19.53
C ASP M 74 -40.30 16.02 -19.80
N GLY M 75 -41.34 15.47 -19.13
CA GLY M 75 -41.72 14.06 -19.29
C GLY M 75 -42.68 13.87 -20.45
N VAL M 76 -43.85 13.26 -20.18
CA VAL M 76 -44.87 13.00 -21.25
C VAL M 76 -46.20 13.62 -20.82
N TYR M 77 -46.29 14.09 -19.57
CA TYR M 77 -47.52 14.70 -19.07
C TYR M 77 -47.64 16.10 -19.66
N GLN M 78 -48.56 16.25 -20.61
CA GLN M 78 -48.76 17.56 -21.30
C GLN M 78 -49.10 18.67 -20.29
N PRO M 79 -50.19 18.57 -19.53
CA PRO M 79 -50.62 19.61 -18.58
C PRO M 79 -49.53 20.22 -17.65
N LEU M 80 -48.44 19.49 -17.42
CA LEU M 80 -47.39 19.97 -16.51
C LEU M 80 -46.08 20.23 -17.24
N ARG M 81 -46.10 20.34 -18.56
CA ARG M 81 -44.88 20.64 -19.32
C ARG M 81 -44.40 22.05 -19.00
N GLY M 82 -43.11 22.18 -18.72
CA GLY M 82 -42.51 23.47 -18.43
C GLY M 82 -42.74 23.99 -17.04
N VAL M 83 -43.41 23.23 -16.17
CA VAL M 83 -43.70 23.66 -14.81
C VAL M 83 -42.51 23.33 -13.93
N GLN M 84 -42.01 24.33 -13.20
CA GLN M 84 -40.91 24.12 -12.29
C GLN M 84 -41.38 23.30 -11.09
N MET M 85 -40.62 22.26 -10.75
CA MET M 85 -41.00 21.34 -9.69
C MET M 85 -39.73 20.80 -9.05
N SER M 86 -39.91 20.01 -7.98
CA SER M 86 -38.80 19.37 -7.31
C SER M 86 -38.52 18.00 -7.93
N ARG M 87 -37.34 17.46 -7.62
CA ARG M 87 -36.99 16.14 -8.13
C ARG M 87 -37.89 15.05 -7.57
N ALA M 88 -38.41 15.26 -6.34
CA ALA M 88 -39.31 14.27 -5.76
C ALA M 88 -40.60 14.16 -6.55
N TYR M 89 -41.13 15.31 -6.99
CA TYR M 89 -42.41 15.36 -7.75
C TYR M 89 -42.21 14.84 -9.18
N GLU M 90 -41.06 15.17 -9.79
CA GLU M 90 -40.81 14.74 -11.16
C GLU M 90 -40.60 13.24 -11.26
N THR M 91 -39.84 12.66 -10.32
CA THR M 91 -39.64 11.22 -10.34
C THR M 91 -40.91 10.46 -9.98
N ALA M 92 -41.74 11.03 -9.10
CA ALA M 92 -43.04 10.44 -8.81
C ALA M 92 -43.91 10.42 -10.06
N LEU M 93 -43.88 11.50 -10.84
CA LEU M 93 -44.57 11.52 -12.13
C LEU M 93 -43.91 10.56 -13.11
N ASP M 94 -42.58 10.42 -13.06
CA ASP M 94 -41.90 9.48 -13.93
C ASP M 94 -42.33 8.05 -13.67
N ILE M 95 -42.53 7.69 -12.40
CA ILE M 95 -42.97 6.35 -12.05
C ILE M 95 -44.35 6.08 -12.63
N SER M 96 -45.26 7.04 -12.49
CA SER M 96 -46.64 6.81 -12.90
C SER M 96 -46.81 6.78 -14.41
N PHE M 97 -46.00 7.53 -15.15
CA PHE M 97 -46.20 7.70 -16.58
C PHE M 97 -45.10 7.10 -17.44
N GLU M 98 -43.83 7.35 -17.11
CA GLU M 98 -42.72 6.93 -17.95
C GLU M 98 -42.12 5.59 -17.53
N VAL M 99 -42.68 4.91 -16.54
CA VAL M 99 -42.22 3.59 -16.11
C VAL M 99 -43.37 2.61 -16.28
N ARG M 100 -43.11 1.53 -17.02
CA ARG M 100 -44.13 0.47 -17.28
C ARG M 100 -44.48 -0.21 -15.95
N GLY M 101 -45.75 -0.16 -15.56
CA GLY M 101 -46.18 -0.76 -14.32
C GLY M 101 -45.91 0.06 -13.08
N GLY M 102 -45.33 1.25 -13.22
CA GLY M 102 -45.05 2.06 -12.05
C GLY M 102 -46.29 2.55 -11.35
N LEU M 103 -47.30 2.95 -12.14
CA LEU M 103 -48.57 3.39 -11.54
C LEU M 103 -49.25 2.24 -10.81
N PHE M 104 -49.20 1.03 -11.39
CA PHE M 104 -49.79 -0.13 -10.74
C PHE M 104 -49.09 -0.43 -9.41
N VAL M 105 -47.76 -0.36 -9.39
CA VAL M 105 -47.03 -0.60 -8.16
C VAL M 105 -47.28 0.52 -7.15
N ARG M 106 -47.32 1.76 -7.63
CA ARG M 106 -47.55 2.89 -6.73
C ARG M 106 -48.91 2.82 -6.06
N GLN M 107 -49.95 2.45 -6.83
CA GLN M 107 -51.28 2.35 -6.25
C GLN M 107 -51.41 1.15 -5.33
N VAL M 108 -50.78 0.03 -5.69
CA VAL M 108 -50.78 -1.13 -4.80
C VAL M 108 -50.09 -0.81 -3.49
N HIS M 109 -48.95 -0.11 -3.55
CA HIS M 109 -48.20 0.28 -2.33
C HIS M 109 -49.05 1.18 -1.45
N HIS M 110 -49.77 2.14 -2.03
CA HIS M 110 -50.65 2.99 -1.22
C HIS M 110 -51.83 2.19 -0.66
N TRP M 111 -52.41 1.29 -1.48
CA TRP M 111 -53.50 0.47 -0.99
C TRP M 111 -53.03 -0.50 0.09
N ALA M 112 -51.81 -1.02 -0.03
CA ALA M 112 -51.27 -1.90 1.00
C ALA M 112 -51.10 -1.16 2.31
N ALA M 113 -50.68 0.11 2.24
CA ALA M 113 -50.53 0.91 3.46
C ALA M 113 -51.88 1.09 4.16
N LEU M 114 -52.94 1.31 3.39
CA LEU M 114 -54.26 1.48 4.00
C LEU M 114 -54.73 0.19 4.65
N MET M 115 -54.56 -0.94 3.97
CA MET M 115 -54.93 -2.22 4.57
C MET M 115 -54.07 -2.52 5.79
N PHE M 116 -52.78 -2.17 5.73
CA PHE M 116 -51.90 -2.34 6.87
C PHE M 116 -52.39 -1.54 8.07
N ALA M 117 -52.73 -0.26 7.84
CA ALA M 117 -53.20 0.57 8.94
C ALA M 117 -54.58 0.14 9.43
N ALA M 118 -55.46 -0.24 8.51
CA ALA M 118 -56.80 -0.70 8.91
C ALA M 118 -56.72 -2.00 9.70
N SER M 119 -55.86 -2.92 9.28
CA SER M 119 -55.76 -4.21 9.96
C SER M 119 -55.28 -4.04 11.39
N ILE M 120 -54.33 -3.14 11.63
CA ILE M 120 -53.81 -2.93 12.97
C ILE M 120 -54.91 -2.43 13.91
N MET M 121 -55.70 -1.46 13.45
CA MET M 121 -56.76 -0.91 14.29
C MET M 121 -57.84 -1.95 14.56
N VAL M 122 -58.23 -2.73 13.54
CA VAL M 122 -59.21 -3.78 13.74
C VAL M 122 -58.65 -4.88 14.64
N HIS M 123 -57.38 -5.25 14.44
CA HIS M 123 -56.75 -6.23 15.31
C HIS M 123 -56.58 -5.69 16.72
N LEU M 124 -56.39 -4.37 16.87
CA LEU M 124 -56.32 -3.79 18.20
C LEU M 124 -57.63 -3.96 18.96
N ALA M 125 -58.76 -3.79 18.26
CA ALA M 125 -60.06 -3.97 18.89
C ALA M 125 -60.24 -5.41 19.38
N ARG M 126 -59.78 -6.38 18.59
CA ARG M 126 -59.89 -7.78 19.01
C ARG M 126 -59.12 -8.03 20.29
N ILE M 127 -57.90 -7.49 20.40
CA ILE M 127 -57.14 -7.61 21.64
C ILE M 127 -57.84 -6.85 22.77
N PHE M 128 -58.38 -5.67 22.46
CA PHE M 128 -59.03 -4.86 23.48
C PHE M 128 -60.30 -5.52 24.00
N PHE M 129 -61.17 -5.95 23.09
CA PHE M 129 -62.49 -6.43 23.50
C PHE M 129 -62.40 -7.79 24.18
N THR M 130 -61.53 -8.67 23.70
CA THR M 130 -61.41 -10.01 24.25
C THR M 130 -60.50 -10.07 25.46
N GLY M 131 -59.88 -8.97 25.86
CA GLY M 131 -59.01 -8.95 27.02
C GLY M 131 -57.75 -9.78 26.87
N ALA M 132 -57.12 -9.73 25.70
CA ALA M 132 -55.88 -10.46 25.46
C ALA M 132 -54.65 -9.71 25.95
N PHE M 133 -54.82 -8.50 26.47
CA PHE M 133 -53.72 -7.70 26.97
C PHE M 133 -53.35 -8.04 28.41
N ARG M 134 -54.09 -8.95 29.06
CA ARG M 134 -53.82 -9.30 30.45
C ARG M 134 -52.53 -10.10 30.57
N ARG M 135 -52.17 -10.39 31.82
CA ARG M 135 -50.97 -11.16 32.09
C ARG M 135 -51.13 -12.58 31.52
N PRO M 136 -50.08 -13.16 30.92
CA PRO M 136 -48.71 -12.61 30.81
C PRO M 136 -48.45 -11.78 29.56
N ARG M 137 -49.49 -11.47 28.79
CA ARG M 137 -49.34 -10.79 27.51
C ARG M 137 -49.39 -9.27 27.63
N GLU M 138 -49.03 -8.76 28.81
CA GLU M 138 -49.05 -7.29 29.07
C GLU M 138 -47.97 -6.58 28.25
N ALA M 139 -46.78 -7.19 28.14
CA ALA M 139 -45.68 -6.59 27.41
C ALA M 139 -45.89 -6.66 25.91
N ASN M 140 -46.62 -7.67 25.44
CA ASN M 140 -46.94 -7.75 24.02
C ASN M 140 -47.84 -6.62 23.59
N TRP M 141 -48.73 -6.16 24.48
CA TRP M 141 -49.56 -5.01 24.18
C TRP M 141 -48.72 -3.74 24.01
N VAL M 142 -47.70 -3.57 24.86
CA VAL M 142 -46.84 -2.40 24.77
C VAL M 142 -46.07 -2.41 23.45
N ILE M 143 -45.53 -3.57 23.07
CA ILE M 143 -44.80 -3.67 21.81
C ILE M 143 -45.74 -3.40 20.64
N GLY M 144 -46.95 -3.98 20.69
CA GLY M 144 -47.92 -3.72 19.62
C GLY M 144 -48.34 -2.26 19.57
N SER M 145 -48.51 -1.64 20.74
CA SER M 145 -48.89 -0.23 20.77
C SER M 145 -47.84 0.65 20.13
N LEU M 146 -46.56 0.36 20.38
CA LEU M 146 -45.48 1.09 19.72
C LEU M 146 -45.50 0.87 18.21
N LEU M 147 -45.91 -0.32 17.76
CA LEU M 147 -45.99 -0.58 16.33
C LEU M 147 -47.06 0.28 15.67
N LEU M 148 -48.19 0.49 16.34
CA LEU M 148 -49.22 1.38 15.81
C LEU M 148 -48.70 2.80 15.67
N ILE M 149 -47.99 3.29 16.69
CA ILE M 149 -47.45 4.64 16.64
C ILE M 149 -46.42 4.76 15.53
N LEU M 150 -45.54 3.76 15.40
CA LEU M 150 -44.55 3.79 14.33
C LEU M 150 -45.21 3.75 12.95
N ALA M 151 -46.22 2.88 12.80
CA ALA M 151 -46.96 2.83 11.54
C ALA M 151 -47.82 4.08 11.34
N MET M 152 -48.17 4.78 12.43
CA MET M 152 -48.91 6.03 12.31
C MET M 152 -48.10 7.08 11.57
N PHE M 153 -46.82 7.21 11.92
CA PHE M 153 -45.96 8.20 11.28
C PHE M 153 -45.34 7.68 9.99
N GLU M 154 -45.18 6.36 9.87
CA GLU M 154 -44.59 5.80 8.65
C GLU M 154 -45.48 6.06 7.44
N GLY M 155 -46.79 5.88 7.58
CA GLY M 155 -47.69 6.18 6.49
C GLY M 155 -47.74 7.66 6.17
N PHE M 156 -47.65 8.51 7.20
CA PHE M 156 -47.66 9.95 6.99
C PHE M 156 -46.43 10.40 6.21
N PHE M 157 -45.25 9.85 6.55
CA PHE M 157 -44.03 10.25 5.85
C PHE M 157 -44.03 9.80 4.41
N GLY M 158 -44.51 8.59 4.14
CA GLY M 158 -44.56 8.10 2.77
C GLY M 158 -45.53 8.88 1.91
N TYR M 159 -46.66 9.29 2.49
CA TYR M 159 -47.63 10.08 1.74
C TYR M 159 -47.06 11.42 1.30
N SER M 160 -46.09 11.95 2.06
CA SER M 160 -45.48 13.23 1.76
C SER M 160 -44.26 13.12 0.84
N LEU M 161 -43.81 11.91 0.53
CA LEU M 161 -42.67 11.75 -0.35
C LEU M 161 -42.88 12.33 -1.75
N PRO M 162 -44.02 12.14 -2.43
CA PRO M 162 -44.18 12.75 -3.75
C PRO M 162 -44.11 14.26 -3.75
N ASP M 163 -44.33 14.91 -2.60
CA ASP M 163 -44.23 16.36 -2.46
C ASP M 163 -45.20 17.08 -3.40
N ASP M 164 -46.40 16.53 -3.55
CA ASP M 164 -47.43 17.18 -4.33
C ASP M 164 -48.12 18.26 -3.48
N LEU M 165 -49.10 18.93 -4.08
CA LEU M 165 -49.76 20.05 -3.40
C LEU M 165 -50.51 19.59 -2.15
N LEU M 166 -51.17 18.44 -2.24
CA LEU M 166 -51.95 17.95 -1.10
C LEU M 166 -51.04 17.59 0.07
N SER M 167 -50.01 16.78 -0.19
CA SER M 167 -49.11 16.36 0.89
C SER M 167 -48.25 17.50 1.38
N GLY M 168 -47.86 18.38 0.47
CA GLY M 168 -47.00 19.55 0.81
C GLY M 168 -47.70 20.48 1.78
N THR M 169 -49.03 20.53 1.74
CA THR M 169 -49.83 21.40 2.65
C THR M 169 -49.98 20.72 4.01
N GLY M 170 -49.88 19.39 4.03
CA GLY M 170 -50.01 18.62 5.29
C GLY M 170 -48.72 18.62 6.08
N ILE M 171 -47.61 19.01 5.46
CA ILE M 171 -46.29 19.05 6.14
C ILE M 171 -45.99 20.50 6.56
N ARG M 172 -46.96 21.36 6.30
CA ARG M 172 -46.88 22.80 6.60
C ARG M 172 -47.92 23.08 7.69
N ALA M 173 -49.05 22.41 7.60
CA ALA M 173 -50.13 22.57 8.59
C ALA M 173 -49.84 21.73 9.84
N ALA M 174 -49.16 20.60 9.70
CA ALA M 174 -48.95 19.72 10.88
C ALA M 174 -47.49 19.72 11.31
N LEU M 175 -46.59 19.33 10.43
CA LEU M 175 -45.17 19.25 10.84
C LEU M 175 -44.56 20.64 11.07
N SER M 176 -45.24 21.78 10.85
CA SER M 176 -44.49 23.04 11.07
C SER M 176 -45.24 23.93 12.08
N GLY M 177 -46.47 24.32 11.73
CA GLY M 177 -47.29 25.18 12.61
C GLY M 177 -47.45 24.60 14.00
N ILE M 178 -47.71 23.29 14.10
CA ILE M 178 -47.89 22.61 15.42
C ILE M 178 -46.53 22.46 16.11
N THR M 179 -45.46 22.28 15.32
CA THR M 179 -44.10 22.10 15.88
C THR M 179 -43.52 23.46 16.29
N MET M 180 -43.87 24.53 15.56
CA MET M 180 -43.36 25.89 15.86
C MET M 180 -44.21 26.51 16.99
N GLY M 181 -45.39 25.94 17.25
CA GLY M 181 -46.26 26.45 18.29
C GLY M 181 -46.05 25.87 19.67
N ILE M 182 -45.11 24.93 19.79
CA ILE M 182 -44.83 24.25 21.10
C ILE M 182 -44.16 25.26 22.03
N PRO M 183 -44.43 25.28 23.35
CA PRO M 183 -43.81 26.24 24.26
C PRO M 183 -42.30 26.05 24.39
N VAL M 184 -41.61 27.13 24.79
CA VAL M 184 -40.13 27.24 25.00
C VAL M 184 -39.32 26.57 23.87
N ILE M 185 -39.31 25.23 23.80
CA ILE M 185 -38.50 24.52 22.77
C ILE M 185 -39.39 24.05 21.61
N GLY M 186 -40.13 24.96 20.96
CA GLY M 186 -40.94 24.57 19.79
C GLY M 186 -40.29 24.94 18.49
N THR M 187 -39.65 26.11 18.40
CA THR M 187 -39.00 26.53 17.13
C THR M 187 -37.60 25.93 17.05
N TRP M 188 -37.10 25.36 18.13
CA TRP M 188 -35.78 24.71 18.10
C TRP M 188 -35.96 23.37 17.42
N MET M 189 -37.06 22.67 17.70
CA MET M 189 -37.29 21.36 17.06
C MET M 189 -37.58 21.61 15.59
N HIS M 190 -38.41 22.59 15.28
CA HIS M 190 -38.70 22.85 13.89
C HIS M 190 -37.44 23.15 13.09
N TRP M 191 -36.50 23.84 13.74
CA TRP M 191 -35.19 24.13 13.11
C TRP M 191 -34.37 22.86 12.99
N ALA M 192 -34.41 21.98 13.98
CA ALA M 192 -33.62 20.73 13.91
C ALA M 192 -34.24 19.74 12.92
N LEU M 193 -35.55 19.76 12.73
CA LEU M 193 -36.16 18.78 11.79
C LEU M 193 -36.20 19.29 10.35
N PHE M 194 -36.25 20.58 10.11
CA PHE M 194 -36.30 21.03 8.69
C PHE M 194 -34.92 21.50 8.27
N GLY M 195 -34.05 21.75 9.25
CA GLY M 195 -32.68 22.22 8.99
C GLY M 195 -32.64 23.72 8.92
N GLY M 196 -33.76 24.37 9.20
CA GLY M 196 -33.96 25.82 9.13
C GLY M 196 -35.44 26.08 9.06
N ASP M 197 -35.87 26.98 8.20
CA ASP M 197 -37.31 27.30 8.07
C ASP M 197 -37.96 26.37 7.05
N PHE M 198 -39.28 26.49 6.88
CA PHE M 198 -40.08 25.79 5.88
C PHE M 198 -39.96 26.51 4.54
N PRO M 199 -39.89 25.76 3.42
CA PRO M 199 -39.82 24.30 3.36
C PRO M 199 -38.43 23.74 3.61
N GLY M 200 -37.42 24.60 3.50
CA GLY M 200 -36.04 24.15 3.59
C GLY M 200 -35.61 23.39 2.35
N GLU M 201 -34.51 22.65 2.50
CA GLU M 201 -33.96 21.87 1.40
C GLU M 201 -33.61 20.44 1.79
N ILE M 202 -33.87 20.03 3.03
CA ILE M 202 -33.55 18.67 3.47
C ILE M 202 -34.80 18.03 4.08
N LEU M 203 -35.98 18.55 3.72
CA LEU M 203 -37.21 17.99 4.25
C LEU M 203 -37.46 16.58 3.69
N ILE M 204 -37.60 16.48 2.37
CA ILE M 204 -37.84 15.17 1.75
C ILE M 204 -36.67 14.21 1.95
N PRO M 205 -35.41 14.59 1.72
CA PRO M 205 -34.32 13.61 1.93
C PRO M 205 -34.26 13.07 3.34
N ARG M 206 -34.52 13.89 4.35
CA ARG M 206 -34.54 13.39 5.72
C ARG M 206 -35.73 12.47 5.96
N LEU M 207 -36.91 12.85 5.45
CA LEU M 207 -38.07 11.99 5.57
C LEU M 207 -37.90 10.70 4.78
N TYR M 208 -37.28 10.78 3.60
CA TYR M 208 -37.07 9.59 2.78
C TYR M 208 -36.18 8.58 3.49
N ALA M 209 -35.10 9.04 4.13
CA ALA M 209 -34.25 8.14 4.88
C ALA M 209 -34.99 7.53 6.07
N LEU M 210 -35.78 8.35 6.77
CA LEU M 210 -36.58 7.84 7.88
C LEU M 210 -37.62 6.83 7.38
N HIS M 211 -38.26 7.13 6.26
CA HIS M 211 -39.44 6.39 5.84
C HIS M 211 -39.11 5.02 5.26
N ILE M 212 -37.99 4.88 4.56
CA ILE M 212 -37.74 3.65 3.82
C ILE M 212 -36.89 2.67 4.63
N LEU M 213 -36.03 3.20 5.51
CA LEU M 213 -35.09 2.35 6.24
C LEU M 213 -35.26 2.42 7.74
N LEU M 214 -35.19 3.62 8.34
CA LEU M 214 -35.07 3.70 9.79
C LEU M 214 -36.36 3.29 10.50
N ILE M 215 -37.50 3.82 10.06
CA ILE M 215 -38.77 3.44 10.65
C ILE M 215 -39.09 1.97 10.33
N PRO M 216 -38.97 1.51 9.08
CA PRO M 216 -39.19 0.07 8.83
C PRO M 216 -38.24 -0.83 9.58
N GLY M 217 -36.99 -0.39 9.81
CA GLY M 217 -36.07 -1.18 10.59
C GLY M 217 -36.54 -1.39 12.02
N ILE M 218 -37.06 -0.34 12.65
CA ILE M 218 -37.60 -0.47 13.99
C ILE M 218 -38.89 -1.29 13.96
N ILE M 219 -39.72 -1.08 12.94
CA ILE M 219 -40.96 -1.85 12.81
C ILE M 219 -40.66 -3.32 12.61
N LEU M 220 -39.70 -3.64 11.73
CA LEU M 220 -39.34 -5.04 11.50
C LEU M 220 -38.78 -5.68 12.77
N ALA M 221 -37.95 -4.96 13.51
CA ALA M 221 -37.44 -5.49 14.77
C ALA M 221 -38.56 -5.69 15.78
N LEU M 222 -39.49 -4.73 15.86
CA LEU M 222 -40.61 -4.85 16.79
C LEU M 222 -41.57 -5.95 16.35
N ILE M 223 -41.82 -6.07 15.05
CA ILE M 223 -42.67 -7.15 14.55
C ILE M 223 -42.02 -8.50 14.81
N GLY M 224 -40.71 -8.61 14.60
CA GLY M 224 -40.02 -9.86 14.90
C GLY M 224 -40.13 -10.24 16.36
N ALA M 225 -39.95 -9.27 17.25
CA ALA M 225 -40.16 -9.53 18.68
C ALA M 225 -41.62 -9.83 18.97
N HIS M 226 -42.54 -9.15 18.28
CA HIS M 226 -43.96 -9.39 18.48
C HIS M 226 -44.33 -10.82 18.09
N LEU M 227 -43.91 -11.25 16.89
CA LEU M 227 -44.22 -12.61 16.45
C LEU M 227 -43.50 -13.64 17.30
N ALA M 228 -42.27 -13.33 17.75
CA ALA M 228 -41.55 -14.26 18.61
C ALA M 228 -42.28 -14.47 19.92
N LEU M 229 -42.85 -13.41 20.49
CA LEU M 229 -43.59 -13.53 21.74
C LEU M 229 -44.81 -14.43 21.55
N VAL M 230 -45.64 -14.15 20.55
CA VAL M 230 -46.86 -14.91 20.35
C VAL M 230 -46.55 -16.38 20.10
N TRP M 231 -45.46 -16.65 19.37
CA TRP M 231 -45.08 -18.04 19.12
C TRP M 231 -44.73 -18.76 20.41
N PHE M 232 -44.03 -18.10 21.32
CA PHE M 232 -43.60 -18.72 22.57
C PHE M 232 -44.56 -18.48 23.72
N GLN M 233 -45.58 -17.63 23.55
CA GLN M 233 -46.62 -17.46 24.56
C GLN M 233 -47.80 -18.41 24.35
N LYS M 234 -47.82 -19.16 23.25
CA LYS M 234 -48.88 -20.15 22.99
C LYS M 234 -50.25 -19.47 22.98
N HIS M 235 -50.45 -18.68 21.90
CA HIS M 235 -51.58 -17.77 21.73
C HIS M 235 -52.89 -18.32 22.28
N THR M 236 -53.63 -17.45 22.95
CA THR M 236 -54.82 -17.82 23.72
C THR M 236 -55.94 -18.37 22.85
N GLN M 237 -57.03 -18.79 23.48
CA GLN M 237 -58.16 -19.37 22.80
C GLN M 237 -59.44 -18.99 23.53
N PHE M 238 -60.55 -19.03 22.81
CA PHE M 238 -61.84 -18.74 23.40
C PHE M 238 -62.33 -19.91 24.25
N PRO M 239 -63.06 -19.64 25.33
CA PRO M 239 -63.62 -20.73 26.12
C PRO M 239 -64.61 -21.56 25.31
N GLY M 240 -64.63 -22.86 25.57
CA GLY M 240 -65.49 -23.76 24.86
C GLY M 240 -65.31 -25.20 25.31
N PRO M 241 -65.82 -26.15 24.51
CA PRO M 241 -65.70 -27.57 24.86
C PRO M 241 -64.24 -28.01 24.82
N GLY M 242 -63.73 -28.45 25.97
CA GLY M 242 -62.36 -28.92 26.08
C GLY M 242 -61.33 -27.83 26.22
N ARG M 243 -61.72 -26.56 26.25
CA ARG M 243 -60.78 -25.45 26.37
C ARG M 243 -60.62 -25.08 27.84
N THR M 244 -59.42 -25.26 28.37
CA THR M 244 -59.08 -24.87 29.73
C THR M 244 -57.92 -23.89 29.69
N GLU M 245 -57.48 -23.46 30.88
CA GLU M 245 -56.42 -22.47 30.99
C GLU M 245 -55.03 -23.05 30.75
N THR M 246 -54.89 -24.37 30.70
CA THR M 246 -53.59 -25.02 30.57
C THR M 246 -53.54 -25.92 29.33
N ASN M 247 -54.18 -25.49 28.25
CA ASN M 247 -54.13 -26.27 27.01
C ASN M 247 -54.40 -25.34 25.83
N VAL M 248 -54.01 -25.81 24.64
CA VAL M 248 -54.26 -25.11 23.39
C VAL M 248 -55.06 -26.04 22.48
N VAL M 249 -56.21 -25.58 22.01
CA VAL M 249 -57.08 -26.36 21.15
C VAL M 249 -57.10 -25.71 19.77
N GLY M 250 -56.80 -26.51 18.75
CA GLY M 250 -56.78 -26.01 17.38
C GLY M 250 -56.24 -27.04 16.41
N VAL M 251 -55.35 -26.63 15.51
CA VAL M 251 -54.74 -27.51 14.54
C VAL M 251 -53.23 -27.34 14.60
N ARG M 252 -52.52 -28.39 14.18
CA ARG M 252 -51.07 -28.33 14.13
C ARG M 252 -50.61 -27.47 12.96
N VAL M 253 -49.34 -27.04 13.02
CA VAL M 253 -48.79 -26.20 11.97
C VAL M 253 -48.77 -26.95 10.65
N MET M 254 -48.32 -28.20 10.67
CA MET M 254 -48.22 -29.01 9.46
C MET M 254 -49.29 -30.08 9.47
N PRO M 255 -50.11 -30.20 8.42
CA PRO M 255 -50.10 -29.31 7.26
C PRO M 255 -51.29 -28.36 7.19
N VAL M 256 -52.13 -28.35 8.22
CA VAL M 256 -53.37 -27.59 8.16
C VAL M 256 -53.10 -26.10 8.30
N PHE M 257 -52.40 -25.69 9.36
CA PHE M 257 -52.15 -24.27 9.59
C PHE M 257 -51.24 -23.69 8.53
N ALA M 258 -50.21 -24.44 8.11
CA ALA M 258 -49.26 -23.93 7.13
C ALA M 258 -49.95 -23.64 5.79
N VAL M 259 -50.81 -24.54 5.34
CA VAL M 259 -51.51 -24.32 4.07
C VAL M 259 -52.53 -23.21 4.21
N LYS M 260 -53.30 -23.21 5.32
CA LYS M 260 -54.30 -22.18 5.52
C LYS M 260 -53.68 -20.79 5.64
N SER M 261 -52.58 -20.72 6.40
CA SER M 261 -51.85 -19.44 6.63
C SER M 261 -51.18 -18.97 5.33
N GLY M 262 -50.59 -19.90 4.57
CA GLY M 262 -49.93 -19.56 3.32
C GLY M 262 -50.89 -19.14 2.24
N ALA M 263 -52.02 -19.84 2.13
CA ALA M 263 -53.02 -19.48 1.12
C ALA M 263 -53.71 -18.17 1.46
N PHE M 264 -53.84 -17.85 2.75
CA PHE M 264 -54.40 -16.57 3.14
C PHE M 264 -53.52 -15.41 2.68
N PHE M 265 -52.21 -15.63 2.63
CA PHE M 265 -51.30 -14.62 2.08
C PHE M 265 -51.61 -14.35 0.61
N ALA M 266 -51.97 -15.40 -0.14
CA ALA M 266 -52.29 -15.22 -1.55
C ALA M 266 -53.53 -14.35 -1.73
N MET M 267 -54.55 -14.54 -0.89
CA MET M 267 -55.74 -13.70 -1.00
C MET M 267 -55.43 -12.24 -0.73
N ILE M 268 -54.60 -11.98 0.28
CA ILE M 268 -54.25 -10.60 0.61
C ILE M 268 -53.53 -9.94 -0.56
N THR M 269 -52.60 -10.66 -1.19
CA THR M 269 -51.94 -10.15 -2.38
C THR M 269 -52.95 -9.96 -3.52
N GLY M 270 -53.87 -10.91 -3.70
CA GLY M 270 -54.85 -10.80 -4.75
C GLY M 270 -55.81 -9.64 -4.54
N VAL M 271 -56.28 -9.47 -3.31
CA VAL M 271 -57.17 -8.35 -3.01
C VAL M 271 -56.43 -7.02 -3.18
N LEU M 272 -55.21 -6.94 -2.68
CA LEU M 272 -54.41 -5.71 -2.81
C LEU M 272 -54.09 -5.44 -4.27
N GLY M 273 -53.74 -6.47 -5.03
CA GLY M 273 -53.44 -6.26 -6.44
C GLY M 273 -54.65 -5.81 -7.24
N LEU M 274 -55.83 -6.38 -6.94
CA LEU M 274 -57.03 -5.97 -7.63
C LEU M 274 -57.38 -4.51 -7.33
N MET M 275 -57.26 -4.11 -6.06
CA MET M 275 -57.55 -2.73 -5.69
C MET M 275 -56.52 -1.76 -6.27
N GLY M 276 -55.27 -2.21 -6.40
CA GLY M 276 -54.23 -1.35 -6.95
C GLY M 276 -54.29 -1.12 -8.44
N GLY M 277 -55.11 -1.89 -9.15
CA GLY M 277 -55.29 -1.67 -10.58
C GLY M 277 -56.63 -1.05 -10.91
N LEU M 278 -57.68 -1.51 -10.26
CA LEU M 278 -59.03 -1.06 -10.58
C LEU M 278 -59.37 0.26 -9.90
N LEU M 279 -58.90 0.48 -8.69
CA LEU M 279 -59.21 1.67 -7.91
C LEU M 279 -58.02 2.63 -7.94
N THR M 280 -58.28 3.86 -8.37
CA THR M 280 -57.25 4.89 -8.44
C THR M 280 -57.16 5.62 -7.10
N ILE M 281 -55.96 5.69 -6.55
CA ILE M 281 -55.72 6.31 -5.24
C ILE M 281 -54.58 7.32 -5.37
N ASN M 282 -54.77 8.48 -4.75
CA ASN M 282 -53.77 9.55 -4.68
C ASN M 282 -53.27 9.95 -6.06
N PRO M 283 -54.11 10.56 -6.90
CA PRO M 283 -53.63 11.07 -8.19
C PRO M 283 -52.87 12.36 -8.01
N ILE M 284 -51.54 12.29 -8.13
CA ILE M 284 -50.70 13.45 -7.82
C ILE M 284 -50.59 14.42 -8.99
N TRP M 285 -50.91 13.99 -10.22
CA TRP M 285 -50.71 14.83 -11.38
C TRP M 285 -51.79 15.89 -11.53
N ASN M 286 -52.93 15.75 -10.85
CA ASN M 286 -54.03 16.70 -11.04
C ASN M 286 -53.70 18.07 -10.49
N LEU M 287 -53.05 18.13 -9.31
CA LEU M 287 -52.82 19.40 -8.64
C LEU M 287 -51.41 19.95 -8.85
N GLY M 288 -50.50 19.18 -9.41
CA GLY M 288 -49.17 19.66 -9.70
C GLY M 288 -48.28 19.69 -8.48
N PRO M 289 -47.07 20.23 -8.64
CA PRO M 289 -46.13 20.27 -7.51
C PRO M 289 -46.58 21.22 -6.42
N TYR M 290 -46.10 20.95 -5.21
CA TYR M 290 -46.42 21.80 -4.07
C TYR M 290 -45.73 23.15 -4.19
N LYS M 291 -46.49 24.21 -3.97
CA LYS M 291 -45.95 25.57 -3.98
C LYS M 291 -46.48 26.32 -2.76
N PRO M 292 -45.60 27.01 -2.03
CA PRO M 292 -46.08 27.82 -0.89
C PRO M 292 -47.01 28.93 -1.29
N SER M 293 -46.99 29.37 -2.54
CA SER M 293 -47.87 30.45 -2.98
C SER M 293 -49.30 29.97 -3.14
N GLN M 294 -49.52 28.99 -4.01
CA GLN M 294 -50.85 28.45 -4.23
C GLN M 294 -51.22 27.48 -3.10
N VAL M 295 -52.43 26.95 -3.17
CA VAL M 295 -52.91 26.04 -2.14
C VAL M 295 -53.96 25.11 -2.75
N SER M 296 -54.01 23.88 -2.23
CA SER M 296 -55.10 22.96 -2.50
C SER M 296 -56.15 23.12 -1.41
N ALA M 297 -57.39 22.76 -1.74
CA ALA M 297 -58.51 22.94 -0.82
C ALA M 297 -58.22 22.35 0.56
N GLY M 298 -57.97 21.04 0.62
CA GLY M 298 -57.69 20.37 1.87
C GLY M 298 -56.24 19.97 2.01
N SER M 299 -55.92 19.50 3.22
CA SER M 299 -54.65 18.86 3.52
C SER M 299 -54.83 17.34 3.53
N GLN M 300 -55.56 16.84 2.54
CA GLN M 300 -56.18 15.52 2.50
C GLN M 300 -55.22 14.41 2.93
N PRO M 301 -55.44 13.83 4.10
CA PRO M 301 -54.65 12.67 4.51
C PRO M 301 -55.39 11.36 4.28
N ASP M 302 -54.73 10.24 4.52
CA ASP M 302 -55.40 8.96 4.53
C ASP M 302 -56.08 8.76 5.88
N PHE M 303 -56.94 7.74 5.97
CA PHE M 303 -57.78 7.62 7.15
C PHE M 303 -56.97 7.29 8.40
N TYR M 304 -55.77 6.73 8.24
CA TYR M 304 -54.96 6.41 9.40
C TYR M 304 -54.47 7.67 10.11
N MET M 305 -54.16 8.72 9.35
CA MET M 305 -53.66 9.97 9.89
C MET M 305 -54.66 11.09 9.64
N MET M 306 -55.94 10.79 9.85
CA MET M 306 -57.02 11.72 9.59
C MET M 306 -57.70 12.22 10.85
N TRP M 307 -57.68 11.44 11.94
CA TRP M 307 -58.33 11.87 13.17
C TRP M 307 -57.68 13.10 13.77
N THR M 308 -56.37 13.27 13.55
CA THR M 308 -55.68 14.45 14.07
C THR M 308 -56.21 15.72 13.39
N ASP M 309 -56.44 15.66 12.08
CA ASP M 309 -56.97 16.82 11.37
C ASP M 309 -58.37 17.17 11.85
N GLY M 310 -59.20 16.15 12.10
CA GLY M 310 -60.54 16.41 12.61
C GLY M 310 -60.53 17.05 13.98
N LEU M 311 -59.58 16.66 14.83
CA LEU M 311 -59.45 17.27 16.15
C LEU M 311 -59.03 18.73 16.06
N ILE M 312 -58.22 19.08 15.06
CA ILE M 312 -57.77 20.46 14.91
C ILE M 312 -58.97 21.37 14.62
N ARG M 313 -59.84 20.95 13.70
CA ARG M 313 -60.97 21.79 13.31
C ARG M 313 -61.99 21.89 14.43
N LEU M 314 -62.27 20.78 15.11
CA LEU M 314 -63.32 20.77 16.13
C LEU M 314 -62.90 21.50 17.40
N TRP M 315 -61.62 21.48 17.74
CA TRP M 315 -61.17 22.13 18.96
C TRP M 315 -61.36 23.65 18.85
N PRO M 316 -61.81 24.30 19.92
CA PRO M 316 -62.01 25.76 19.88
C PRO M 316 -60.68 26.50 19.80
N ALA M 317 -60.76 27.74 19.36
CA ALA M 317 -59.58 28.61 19.21
C ALA M 317 -59.21 29.18 20.59
N TRP M 318 -58.61 28.32 21.41
CA TRP M 318 -58.16 28.70 22.74
C TRP M 318 -56.65 28.86 22.73
N GLU M 319 -56.17 30.07 23.04
CA GLU M 319 -54.75 30.37 23.07
C GLU M 319 -54.41 31.13 24.34
N PHE M 320 -53.19 30.94 24.82
CA PHE M 320 -52.71 31.55 26.04
C PHE M 320 -51.49 32.42 25.74
N TYR M 321 -51.38 33.54 26.45
CA TYR M 321 -50.29 34.50 26.25
C TYR M 321 -49.68 34.86 27.61
N PRO M 322 -48.91 33.93 28.20
CA PRO M 322 -48.34 34.16 29.54
C PRO M 322 -47.07 34.99 29.48
N PHE M 323 -47.16 36.23 29.98
CA PHE M 323 -46.01 37.11 30.17
C PHE M 323 -45.26 37.35 28.84
N GLY M 324 -45.98 37.96 27.91
CA GLY M 324 -45.38 38.29 26.62
C GLY M 324 -44.98 37.09 25.78
N HIS M 325 -45.75 36.01 25.85
CA HIS M 325 -45.48 34.83 25.04
C HIS M 325 -46.77 34.39 24.33
N THR M 326 -46.74 33.23 23.68
CA THR M 326 -47.92 32.75 22.98
C THR M 326 -47.97 31.23 23.05
N ILE M 327 -49.15 30.71 23.39
CA ILE M 327 -49.41 29.28 23.38
C ILE M 327 -50.57 29.04 22.40
N PRO M 328 -50.26 28.70 21.14
CA PRO M 328 -51.31 28.64 20.12
C PRO M 328 -52.25 27.45 20.27
N GLN M 329 -53.23 27.36 19.37
CA GLN M 329 -54.21 26.29 19.43
C GLN M 329 -53.63 24.93 19.08
N GLY M 330 -52.49 24.90 18.39
CA GLY M 330 -51.89 23.63 18.01
C GLY M 330 -51.32 22.83 19.16
N VAL M 331 -51.10 23.48 20.31
CA VAL M 331 -50.56 22.77 21.47
C VAL M 331 -51.55 21.73 21.98
N TRP M 332 -52.84 22.06 21.95
CA TRP M 332 -53.86 21.13 22.44
C TRP M 332 -53.87 19.84 21.62
N VAL M 333 -53.75 19.97 20.30
CA VAL M 333 -53.76 18.78 19.45
C VAL M 333 -52.55 17.90 19.72
N ALA M 334 -51.37 18.52 19.83
CA ALA M 334 -50.16 17.74 20.10
C ALA M 334 -50.21 17.11 21.49
N VAL M 335 -50.70 17.85 22.48
CA VAL M 335 -50.86 17.30 23.83
C VAL M 335 -51.89 16.18 23.81
N GLY M 336 -52.98 16.36 23.06
CA GLY M 336 -53.99 15.33 22.97
C GLY M 336 -53.46 14.03 22.40
N MET M 337 -52.55 14.12 21.42
CA MET M 337 -51.93 12.92 20.88
C MET M 337 -51.08 12.23 21.91
N GLY M 338 -50.35 12.99 22.74
CA GLY M 338 -49.55 12.39 23.78
C GLY M 338 -50.40 11.67 24.82
N LEU M 339 -51.50 12.29 25.24
CA LEU M 339 -52.38 11.66 26.22
C LEU M 339 -53.02 10.40 25.65
N VAL M 340 -53.44 10.45 24.38
CA VAL M 340 -54.07 9.29 23.76
C VAL M 340 -53.07 8.14 23.64
N PHE M 341 -51.86 8.45 23.19
CA PHE M 341 -50.83 7.41 23.05
C PHE M 341 -50.41 6.85 24.41
N ALA M 342 -50.26 7.72 25.41
CA ALA M 342 -49.88 7.25 26.73
C ALA M 342 -50.96 6.36 27.34
N LEU M 343 -52.23 6.75 27.20
CA LEU M 343 -53.32 5.94 27.71
C LEU M 343 -53.41 4.59 26.98
N LEU M 344 -53.21 4.61 25.65
CA LEU M 344 -53.28 3.38 24.88
C LEU M 344 -52.17 2.42 25.27
N ILE M 345 -50.95 2.92 25.45
CA ILE M 345 -49.81 2.05 25.75
C ILE M 345 -49.98 1.41 27.12
N ALA M 346 -50.24 2.23 28.14
CA ALA M 346 -50.38 1.74 29.51
C ALA M 346 -51.84 1.46 29.87
N TYR M 347 -52.55 0.73 29.02
CA TYR M 347 -53.92 0.36 29.32
C TYR M 347 -54.01 -0.84 30.26
N PRO M 348 -53.31 -1.95 30.00
CA PRO M 348 -53.41 -3.09 30.94
C PRO M 348 -52.94 -2.77 32.34
N PHE M 349 -51.95 -1.89 32.50
CA PHE M 349 -51.47 -1.54 33.83
C PHE M 349 -52.52 -0.74 34.60
N ILE M 350 -53.29 0.09 33.91
CA ILE M 350 -54.38 0.81 34.57
C ILE M 350 -55.51 -0.17 34.90
N GLU M 351 -55.82 -1.10 33.99
CA GLU M 351 -56.93 -2.00 34.21
C GLU M 351 -56.71 -2.91 35.41
N LYS M 352 -55.46 -3.34 35.59
CA LYS M 352 -55.09 -4.24 36.71
C LYS M 352 -55.02 -3.46 38.04
N LYS M 353 -55.07 -2.12 37.98
CA LYS M 353 -55.12 -1.31 39.18
C LYS M 353 -56.55 -1.11 39.66
N VAL M 354 -57.49 -0.93 38.73
CA VAL M 354 -58.88 -0.69 39.11
C VAL M 354 -59.62 -2.00 39.33
N THR M 355 -59.40 -3.00 38.48
CA THR M 355 -60.07 -4.29 38.66
C THR M 355 -59.46 -5.11 39.79
N GLY M 356 -58.16 -4.93 40.05
CA GLY M 356 -57.51 -5.61 41.15
C GLY M 356 -57.09 -7.04 40.86
N ASP M 357 -57.13 -7.47 39.60
CA ASP M 357 -56.75 -8.83 39.24
C ASP M 357 -55.37 -8.84 38.61
N ASP M 358 -54.48 -9.69 39.14
CA ASP M 358 -53.14 -9.83 38.61
C ASP M 358 -52.78 -11.31 38.51
N ALA M 359 -53.71 -12.12 38.02
CA ALA M 359 -53.53 -13.55 37.89
C ALA M 359 -53.27 -13.93 36.45
N HIS M 360 -52.71 -15.12 36.26
CA HIS M 360 -52.44 -15.63 34.92
C HIS M 360 -53.75 -15.89 34.19
N HIS M 361 -53.84 -15.40 32.96
CA HIS M 361 -55.04 -15.53 32.15
C HIS M 361 -54.69 -16.11 30.79
N ASN M 362 -55.43 -17.14 30.37
CA ASN M 362 -55.22 -17.78 29.08
C ASN M 362 -56.49 -17.97 28.27
N LEU M 363 -57.67 -17.77 28.86
CA LEU M 363 -58.93 -17.86 28.14
C LEU M 363 -59.46 -16.45 27.89
N LEU M 364 -59.83 -16.18 26.64
CA LEU M 364 -60.28 -14.84 26.27
C LEU M 364 -61.61 -14.51 26.95
N GLN M 365 -61.70 -13.31 27.50
CA GLN M 365 -62.93 -12.83 28.09
C GLN M 365 -63.93 -12.46 27.01
N ARG M 366 -65.17 -12.89 27.20
CA ARG M 366 -66.23 -12.49 26.29
C ARG M 366 -66.49 -11.00 26.42
N PRO M 367 -66.63 -10.27 25.31
CA PRO M 367 -66.89 -8.83 25.41
C PRO M 367 -68.16 -8.51 26.18
N ARG M 368 -69.19 -9.37 26.11
CA ARG M 368 -70.40 -9.15 26.88
C ARG M 368 -70.18 -9.37 28.37
N ASP M 369 -69.15 -10.13 28.75
CA ASP M 369 -68.89 -10.39 30.17
C ASP M 369 -68.40 -9.13 30.88
N VAL M 370 -67.76 -8.22 30.16
CA VAL M 370 -67.27 -6.97 30.76
C VAL M 370 -67.98 -5.80 30.07
N PRO M 371 -69.10 -5.33 30.62
CA PRO M 371 -69.81 -4.22 29.97
C PRO M 371 -69.06 -2.90 30.02
N VAL M 372 -68.27 -2.66 31.08
CA VAL M 372 -67.55 -1.39 31.19
C VAL M 372 -66.48 -1.28 30.12
N ARG M 373 -65.68 -2.34 29.95
CA ARG M 373 -64.63 -2.31 28.94
C ARG M 373 -65.21 -2.26 27.53
N THR M 374 -66.27 -3.02 27.27
CA THR M 374 -66.89 -3.00 25.95
C THR M 374 -67.47 -1.62 25.64
N ALA M 375 -68.13 -1.00 26.62
CA ALA M 375 -68.68 0.33 26.41
C ALA M 375 -67.58 1.36 26.18
N ILE M 376 -66.47 1.24 26.92
CA ILE M 376 -65.35 2.15 26.73
C ILE M 376 -64.76 1.99 25.33
N GLY M 377 -64.59 0.74 24.89
CA GLY M 377 -64.07 0.51 23.55
C GLY M 377 -65.00 1.03 22.46
N SER M 378 -66.31 0.82 22.63
CA SER M 378 -67.27 1.36 21.68
C SER M 378 -67.25 2.88 21.70
N MET M 379 -67.12 3.47 22.88
CA MET M 379 -67.02 4.93 22.98
C MET M 379 -65.77 5.44 22.27
N ALA M 380 -64.64 4.74 22.43
CA ALA M 380 -63.42 5.15 21.76
C ALA M 380 -63.54 5.02 20.25
N ILE M 381 -64.16 3.94 19.77
CA ILE M 381 -64.33 3.74 18.33
C ILE M 381 -65.25 4.82 17.76
N ALA M 382 -66.36 5.11 18.45
CA ALA M 382 -67.27 6.15 17.97
C ALA M 382 -66.59 7.52 17.97
N LEU M 383 -65.80 7.81 19.01
CA LEU M 383 -65.08 9.08 19.04
C LEU M 383 -64.08 9.16 17.90
N TYR M 384 -63.37 8.06 17.63
CA TYR M 384 -62.41 8.06 16.52
C TYR M 384 -63.11 8.25 15.18
N LEU M 385 -64.26 7.60 15.00
CA LEU M 385 -64.99 7.74 13.74
C LEU M 385 -65.48 9.17 13.53
N LEU M 386 -65.98 9.80 14.59
CA LEU M 386 -66.44 11.18 14.47
C LEU M 386 -65.29 12.13 14.13
N LEU M 387 -64.14 11.93 14.77
CA LEU M 387 -62.98 12.76 14.46
C LEU M 387 -62.49 12.51 13.02
N THR M 388 -62.54 11.26 12.58
CA THR M 388 -62.14 10.95 11.21
C THR M 388 -63.06 11.62 10.20
N PHE M 389 -64.37 11.61 10.46
CA PHE M 389 -65.33 12.23 9.57
C PHE M 389 -65.48 13.73 9.77
N ALA M 390 -64.75 14.31 10.73
CA ALA M 390 -64.89 15.73 11.03
C ALA M 390 -64.18 16.62 10.02
N CYS M 391 -63.24 16.09 9.25
CA CYS M 391 -62.49 16.90 8.30
C CYS M 391 -63.12 16.97 6.92
N MET M 392 -64.22 16.24 6.67
CA MET M 392 -65.00 16.40 5.46
C MET M 392 -66.16 17.38 5.64
N ASN M 393 -66.02 18.36 6.53
CA ASN M 393 -67.09 19.31 6.78
C ASN M 393 -67.43 20.15 5.56
N ASP M 394 -66.50 20.31 4.62
CA ASP M 394 -66.78 21.07 3.41
C ASP M 394 -67.89 20.41 2.60
N ILE M 395 -67.82 19.09 2.43
CA ILE M 395 -68.88 18.36 1.74
C ILE M 395 -70.14 18.31 2.58
N ILE M 396 -69.99 18.10 3.89
CA ILE M 396 -71.15 17.97 4.78
C ILE M 396 -71.90 19.29 4.86
N ALA M 397 -71.20 20.42 4.81
CA ALA M 397 -71.86 21.72 4.93
C ALA M 397 -72.88 21.93 3.82
N LEU M 398 -72.56 21.47 2.61
CA LEU M 398 -73.47 21.60 1.47
C LEU M 398 -74.43 20.42 1.37
N LYS M 399 -75.09 20.11 2.48
CA LYS M 399 -76.10 19.06 2.53
C LYS M 399 -77.42 19.53 3.13
N PHE M 400 -77.36 20.40 4.15
CA PHE M 400 -78.55 20.93 4.79
C PHE M 400 -78.80 22.40 4.52
N HIS M 401 -77.74 23.17 4.28
CA HIS M 401 -77.84 24.59 3.95
C HIS M 401 -78.61 25.37 5.02
N ILE M 402 -78.36 25.04 6.28
CA ILE M 402 -78.97 25.78 7.38
C ILE M 402 -78.02 26.83 7.96
N SER M 403 -76.71 26.60 7.87
CA SER M 403 -75.70 27.54 8.31
C SER M 403 -74.33 27.01 7.87
N LEU M 404 -73.44 27.94 7.54
CA LEU M 404 -72.10 27.54 7.09
C LEU M 404 -71.22 27.11 8.26
N ASN M 405 -71.34 27.79 9.39
CA ASN M 405 -70.48 27.53 10.55
C ASN M 405 -71.10 26.57 11.56
N ALA M 406 -72.29 26.05 11.29
CA ALA M 406 -72.95 25.15 12.23
C ALA M 406 -72.48 23.70 12.10
N THR M 407 -71.67 23.38 11.09
CA THR M 407 -71.17 21.98 10.99
C THR M 407 -70.11 21.73 12.07
N THR M 408 -69.30 22.74 12.41
CA THR M 408 -68.31 22.57 13.49
C THR M 408 -69.04 22.54 14.84
N TRP M 409 -70.19 23.20 14.95
CA TRP M 409 -70.94 23.13 16.21
C TRP M 409 -71.53 21.73 16.36
N ILE M 410 -71.90 21.08 15.27
CA ILE M 410 -72.40 19.69 15.43
C ILE M 410 -71.22 18.90 16.01
N GLY M 411 -70.06 19.01 15.35
CA GLY M 411 -68.85 18.28 15.76
C GLY M 411 -68.43 18.64 17.17
N ARG M 412 -68.35 19.92 17.50
CA ARG M 412 -67.89 20.40 18.84
C ARG M 412 -68.86 20.02 19.96
N ILE M 413 -70.14 19.75 19.66
CA ILE M 413 -71.14 19.37 20.69
C ILE M 413 -71.22 17.84 20.71
N GLY M 414 -71.26 17.23 19.55
CA GLY M 414 -71.30 15.81 19.34
C GLY M 414 -70.12 15.01 19.85
N MET M 415 -69.05 15.68 20.31
CA MET M 415 -67.92 14.99 20.90
C MET M 415 -68.16 14.55 22.34
N VAL M 416 -69.25 15.01 22.97
CA VAL M 416 -69.55 14.66 24.34
C VAL M 416 -70.89 13.94 24.39
N VAL M 417 -71.77 14.24 23.42
CA VAL M 417 -73.10 13.65 23.43
C VAL M 417 -73.09 12.28 22.74
N LEU M 418 -72.57 12.21 21.52
CA LEU M 418 -72.55 10.95 20.79
C LEU M 418 -71.72 9.87 21.49
N PRO M 419 -70.49 10.13 21.96
CA PRO M 419 -69.77 9.08 22.70
C PRO M 419 -70.52 8.61 23.93
N ALA M 420 -71.20 9.51 24.65
CA ALA M 420 -71.99 9.11 25.81
C ALA M 420 -73.16 8.23 25.39
N ILE M 421 -73.80 8.55 24.25
CA ILE M 421 -74.90 7.74 23.77
C ILE M 421 -74.42 6.34 23.40
N VAL M 422 -73.29 6.25 22.71
CA VAL M 422 -72.73 4.95 22.33
C VAL M 422 -72.32 4.18 23.58
N TYR M 423 -71.76 4.87 24.58
CA TYR M 423 -71.38 4.21 25.83
C TYR M 423 -72.60 3.61 26.51
N PHE M 424 -73.71 4.37 26.56
CA PHE M 424 -74.92 3.87 27.20
C PHE M 424 -75.51 2.68 26.44
N VAL M 425 -75.54 2.77 25.10
CA VAL M 425 -76.10 1.68 24.31
C VAL M 425 -75.26 0.42 24.44
N ALA M 426 -73.93 0.58 24.39
CA ALA M 426 -73.05 -0.58 24.52
C ALA M 426 -73.16 -1.20 25.91
N TYR M 427 -73.26 -0.37 26.95
CA TYR M 427 -73.38 -0.88 28.31
C TYR M 427 -74.66 -1.68 28.49
N ARG M 428 -75.78 -1.16 27.98
CA ARG M 428 -77.06 -1.86 28.13
C ARG M 428 -77.10 -3.11 27.26
N TRP M 429 -76.50 -3.06 26.06
CA TRP M 429 -76.50 -4.22 25.18
C TRP M 429 -75.70 -5.37 25.79
N ALA M 430 -74.57 -5.06 26.42
CA ALA M 430 -73.75 -6.11 27.03
C ALA M 430 -74.51 -6.79 28.17
N ILE M 431 -75.22 -6.01 29.00
CA ILE M 431 -75.99 -6.61 30.08
C ILE M 431 -77.12 -7.48 29.53
N SER M 432 -77.81 -6.99 28.49
CA SER M 432 -78.90 -7.76 27.91
C SER M 432 -78.40 -9.06 27.30
N LEU M 433 -77.23 -9.03 26.65
CA LEU M 433 -76.67 -10.25 26.08
C LEU M 433 -76.24 -11.23 27.16
N GLN M 434 -75.84 -10.73 28.33
CA GLN M 434 -75.46 -11.61 29.43
C GLN M 434 -76.64 -12.46 29.89
N ARG M 435 -77.81 -11.85 30.00
CA ARG M 435 -79.01 -12.55 30.44
C ARG M 435 -79.76 -13.21 29.29
N SER M 436 -79.32 -13.01 28.05
CA SER M 436 -79.99 -13.62 26.91
C SER M 436 -79.91 -15.14 26.97
N ASP M 437 -78.75 -15.68 27.35
CA ASP M 437 -78.54 -17.11 27.51
C ASP M 437 -77.91 -17.34 28.88
N ARG M 438 -78.76 -17.46 29.90
CA ARG M 438 -78.29 -17.66 31.26
C ARG M 438 -79.38 -18.28 32.14
N GLN N 28 -37.40 -42.49 24.79
CA GLN N 28 -37.41 -43.59 25.75
C GLN N 28 -37.28 -44.98 25.10
N PRO N 29 -38.06 -45.28 24.06
CA PRO N 29 -37.90 -46.58 23.40
C PRO N 29 -36.55 -46.69 22.71
N THR N 30 -36.05 -47.93 22.65
CA THR N 30 -34.77 -48.20 22.02
C THR N 30 -34.93 -48.26 20.50
N ASP N 31 -33.81 -48.47 19.80
CA ASP N 31 -33.85 -48.55 18.35
C ASP N 31 -34.57 -49.80 17.87
N ALA N 32 -34.57 -50.87 18.66
CA ALA N 32 -35.24 -52.10 18.26
C ALA N 32 -36.75 -51.90 18.12
N GLU N 33 -37.36 -51.19 19.07
CA GLU N 33 -38.80 -50.96 19.00
C GLU N 33 -39.17 -50.09 17.82
N LEU N 34 -38.37 -49.06 17.53
CA LEU N 34 -38.70 -48.12 16.46
C LEU N 34 -38.64 -48.77 15.08
N ALA N 35 -38.01 -49.93 14.95
CA ALA N 35 -37.89 -50.58 13.64
C ALA N 35 -39.26 -50.98 13.10
N GLU N 36 -40.11 -51.55 13.94
CA GLU N 36 -41.41 -52.06 13.51
C GLU N 36 -42.54 -51.06 13.72
N MET N 37 -42.26 -49.88 14.26
CA MET N 37 -43.31 -48.89 14.48
C MET N 37 -43.81 -48.35 13.15
N SER N 38 -45.13 -48.27 13.01
CA SER N 38 -45.75 -47.75 11.81
C SER N 38 -45.75 -46.21 11.84
N ARG N 39 -46.07 -45.62 10.69
CA ARG N 39 -46.11 -44.17 10.60
C ARG N 39 -47.23 -43.58 11.44
N GLU N 40 -48.34 -44.31 11.60
CA GLU N 40 -49.47 -43.80 12.37
C GLU N 40 -49.09 -43.61 13.84
N GLU N 41 -48.47 -44.62 14.45
CA GLU N 41 -48.08 -44.53 15.85
C GLU N 41 -46.79 -43.76 16.05
N LEU N 42 -45.99 -43.58 14.99
CA LEU N 42 -44.81 -42.74 15.11
C LEU N 42 -45.19 -41.27 15.29
N VAL N 43 -46.23 -40.82 14.59
CA VAL N 43 -46.71 -39.45 14.75
C VAL N 43 -47.24 -39.23 16.16
N LYS N 44 -47.97 -40.22 16.70
CA LYS N 44 -48.49 -40.10 18.06
C LYS N 44 -47.35 -40.01 19.07
N LEU N 45 -46.30 -40.80 18.87
CA LEU N 45 -45.14 -40.74 19.77
C LEU N 45 -44.48 -39.36 19.71
N GLY N 46 -44.35 -38.79 18.51
CA GLY N 46 -43.77 -37.47 18.39
C GLY N 46 -44.61 -36.39 19.06
N GLY N 47 -45.93 -36.48 18.89
CA GLY N 47 -46.81 -35.52 19.55
C GLY N 47 -46.79 -35.65 21.06
N LYS N 48 -46.66 -36.88 21.56
CA LYS N 48 -46.64 -37.10 23.01
C LYS N 48 -45.43 -36.44 23.63
N ILE N 49 -44.28 -36.49 22.95
CA ILE N 49 -43.07 -35.84 23.47
C ILE N 49 -43.27 -34.33 23.56
N ASP N 50 -43.87 -33.74 22.53
CA ASP N 50 -44.13 -32.31 22.50
C ASP N 50 -45.39 -31.91 23.26
N GLY N 51 -46.14 -32.87 23.78
CA GLY N 51 -47.37 -32.56 24.50
C GLY N 51 -48.59 -32.38 23.64
N VAL N 52 -48.53 -32.77 22.36
CA VAL N 52 -49.63 -32.62 21.43
C VAL N 52 -50.38 -33.94 21.32
N GLU N 53 -51.70 -33.90 21.51
CA GLU N 53 -52.55 -35.08 21.45
C GLU N 53 -53.61 -34.84 20.38
N THR N 54 -53.53 -35.58 19.29
CA THR N 54 -54.51 -35.50 18.21
C THR N 54 -55.71 -36.36 18.61
N ILE N 55 -56.73 -35.72 19.17
CA ILE N 55 -57.88 -36.46 19.70
C ILE N 55 -58.90 -36.82 18.65
N PHE N 56 -58.77 -36.32 17.43
CA PHE N 56 -59.77 -36.58 16.40
C PHE N 56 -59.14 -36.36 15.03
N LYS N 57 -59.33 -37.33 14.14
CA LYS N 57 -58.82 -37.25 12.78
C LYS N 57 -59.57 -38.24 11.90
N GLU N 58 -60.13 -37.74 10.79
CA GLU N 58 -60.94 -38.58 9.92
C GLU N 58 -60.71 -38.20 8.46
N PRO N 59 -60.53 -39.18 7.57
CA PRO N 59 -60.34 -38.86 6.15
C PRO N 59 -61.57 -38.16 5.57
N ARG N 60 -61.31 -37.23 4.64
CA ARG N 60 -62.39 -36.41 4.11
C ARG N 60 -63.44 -37.24 3.39
N TRP N 61 -63.00 -38.23 2.61
CA TRP N 61 -63.92 -39.07 1.85
C TRP N 61 -63.89 -40.49 2.39
N PRO N 62 -64.87 -40.90 3.20
CA PRO N 62 -64.86 -42.28 3.72
C PRO N 62 -64.93 -43.34 2.63
N VAL N 63 -65.65 -43.09 1.55
CA VAL N 63 -65.80 -44.03 0.46
C VAL N 63 -65.04 -43.49 -0.77
N PRO N 64 -64.00 -44.18 -1.23
CA PRO N 64 -63.30 -43.73 -2.44
C PRO N 64 -64.12 -43.98 -3.69
N GLY N 65 -63.84 -43.19 -4.72
CA GLY N 65 -64.45 -43.39 -6.02
C GLY N 65 -65.83 -42.77 -6.19
N THR N 66 -66.36 -42.11 -5.16
CA THR N 66 -67.66 -41.49 -5.29
C THR N 66 -67.61 -40.29 -6.23
N LYS N 67 -68.75 -40.00 -6.86
CA LYS N 67 -68.80 -38.92 -7.84
C LYS N 67 -68.61 -37.55 -7.18
N ALA N 68 -69.06 -37.40 -5.94
CA ALA N 68 -68.90 -36.11 -5.25
C ALA N 68 -67.43 -35.77 -5.05
N GLU N 69 -66.61 -36.75 -4.68
CA GLU N 69 -65.18 -36.50 -4.50
C GLU N 69 -64.51 -36.11 -5.81
N LYS N 70 -64.87 -36.79 -6.90
CA LYS N 70 -64.29 -36.47 -8.20
C LYS N 70 -64.71 -35.07 -8.65
N ARG N 71 -65.97 -34.68 -8.40
CA ARG N 71 -66.42 -33.34 -8.74
C ARG N 71 -65.66 -32.28 -7.95
N THR N 72 -65.39 -32.55 -6.67
CA THR N 72 -64.64 -31.61 -5.84
C THR N 72 -63.22 -31.44 -6.35
N GLU N 73 -62.60 -32.53 -6.83
CA GLU N 73 -61.25 -32.45 -7.37
C GLU N 73 -61.20 -31.52 -8.58
N ARG N 74 -62.20 -31.62 -9.46
CA ARG N 74 -62.24 -30.74 -10.63
C ARG N 74 -62.43 -29.28 -10.22
N LEU N 75 -63.27 -29.03 -9.21
CA LEU N 75 -63.51 -27.65 -8.78
C LEU N 75 -62.23 -27.01 -8.24
N VAL N 76 -61.46 -27.75 -7.45
CA VAL N 76 -60.20 -27.23 -6.94
C VAL N 76 -59.21 -27.01 -8.07
N ALA N 77 -59.14 -27.95 -9.01
CA ALA N 77 -58.24 -27.80 -10.15
C ALA N 77 -58.65 -26.63 -11.04
N TYR N 78 -59.96 -26.39 -11.16
CA TYR N 78 -60.42 -25.27 -11.98
C TYR N 78 -59.95 -23.93 -11.40
N TRP N 79 -60.00 -23.79 -10.08
CA TRP N 79 -59.49 -22.57 -9.45
C TRP N 79 -57.99 -22.42 -9.67
N LEU N 80 -57.24 -23.52 -9.52
CA LEU N 80 -55.80 -23.46 -9.74
C LEU N 80 -55.46 -23.18 -11.19
N MET N 81 -56.20 -23.78 -12.13
CA MET N 81 -55.96 -23.52 -13.55
C MET N 81 -56.30 -22.08 -13.92
N LEU N 82 -57.25 -21.47 -13.23
CA LEU N 82 -57.57 -20.07 -13.49
C LEU N 82 -56.40 -19.16 -13.15
N GLY N 83 -55.68 -19.47 -12.06
CA GLY N 83 -54.51 -18.69 -11.71
C GLY N 83 -53.42 -18.77 -12.75
N GLY N 84 -53.19 -19.97 -13.29
CA GLY N 84 -52.21 -20.12 -14.35
C GLY N 84 -52.61 -19.38 -15.62
N LEU N 85 -53.89 -19.45 -15.98
CA LEU N 85 -54.36 -18.71 -17.15
C LEU N 85 -54.27 -17.21 -16.92
N SER N 86 -54.63 -16.75 -15.71
CA SER N 86 -54.52 -15.33 -15.41
C SER N 86 -53.06 -14.92 -15.28
N GLY N 87 -52.22 -15.79 -14.74
CA GLY N 87 -50.80 -15.48 -14.67
C GLY N 87 -50.16 -15.38 -16.04
N LEU N 88 -50.57 -16.26 -16.96
CA LEU N 88 -50.10 -16.14 -18.34
C LEU N 88 -50.63 -14.87 -18.99
N ALA N 89 -51.86 -14.47 -18.66
CA ALA N 89 -52.41 -13.23 -19.18
C ALA N 89 -51.62 -12.02 -18.68
N LEU N 90 -51.18 -12.05 -17.43
CA LEU N 90 -50.41 -10.94 -16.87
C LEU N 90 -49.12 -10.74 -17.65
N LEU N 91 -48.44 -11.83 -18.00
CA LEU N 91 -47.22 -11.71 -18.80
C LEU N 91 -47.52 -11.15 -20.18
N LEU N 92 -48.66 -11.54 -20.76
CA LEU N 92 -49.00 -11.09 -22.10
C LEU N 92 -49.40 -9.62 -22.11
N VAL N 93 -50.24 -9.20 -21.16
CA VAL N 93 -50.69 -7.81 -21.14
C VAL N 93 -49.54 -6.87 -20.79
N PHE N 94 -48.59 -7.32 -19.97
CA PHE N 94 -47.45 -6.46 -19.64
C PHE N 94 -46.58 -6.21 -20.85
N LEU N 95 -46.39 -7.23 -21.69
CA LEU N 95 -45.52 -7.09 -22.86
C LEU N 95 -46.26 -6.43 -24.03
N PHE N 96 -47.32 -7.07 -24.51
CA PHE N 96 -48.02 -6.63 -25.72
C PHE N 96 -49.32 -5.94 -25.32
N TRP N 97 -49.21 -4.64 -25.03
CA TRP N 97 -50.36 -3.79 -24.75
C TRP N 97 -49.91 -2.33 -24.74
N PRO N 98 -50.71 -1.41 -25.29
CA PRO N 98 -50.32 0.00 -25.25
C PRO N 98 -50.29 0.54 -23.83
N TRP N 99 -49.08 0.87 -23.35
CA TRP N 99 -48.88 1.32 -21.99
C TRP N 99 -48.54 2.80 -21.88
N GLU N 100 -48.04 3.42 -22.95
CA GLU N 100 -47.58 4.80 -22.87
C GLU N 100 -48.74 5.73 -22.56
N TYR N 101 -48.44 6.78 -21.79
CA TYR N 101 -49.47 7.75 -21.43
C TYR N 101 -49.98 8.46 -22.67
N GLN N 102 -51.31 8.65 -22.74
CA GLN N 102 -51.93 9.31 -23.86
C GLN N 102 -52.67 10.56 -23.37
N PRO N 103 -52.63 11.65 -24.14
CA PRO N 103 -53.35 12.86 -23.74
C PRO N 103 -54.86 12.63 -23.73
N PHE N 104 -55.54 13.40 -22.89
CA PHE N 104 -56.99 13.30 -22.79
C PHE N 104 -57.64 13.64 -24.13
N GLY N 105 -58.59 12.79 -24.54
CA GLY N 105 -59.26 12.98 -25.81
C GLY N 105 -58.36 12.69 -27.00
N SER N 106 -57.84 11.46 -27.05
CA SER N 106 -56.96 11.04 -28.13
C SER N 106 -57.47 9.72 -28.70
N GLU N 107 -56.80 9.24 -29.75
CA GLU N 107 -57.21 7.98 -30.38
C GLU N 107 -56.84 6.78 -29.52
N GLY N 108 -55.76 6.87 -28.75
CA GLY N 108 -55.33 5.77 -27.92
C GLY N 108 -55.51 6.03 -26.43
N GLU N 109 -56.29 7.06 -26.09
CA GLU N 109 -56.51 7.39 -24.68
C GLU N 109 -57.30 6.28 -23.98
N PHE N 110 -58.30 5.71 -24.65
CA PHE N 110 -59.10 4.66 -24.03
C PHE N 110 -58.26 3.42 -23.73
N LEU N 111 -57.38 3.04 -24.66
CA LEU N 111 -56.53 1.87 -24.44
C LEU N 111 -55.57 2.10 -23.29
N TYR N 112 -55.03 3.31 -23.16
CA TYR N 112 -54.11 3.61 -22.07
C TYR N 112 -54.82 3.54 -20.73
N SER N 113 -56.08 3.99 -20.66
CA SER N 113 -56.81 3.99 -19.41
C SER N 113 -57.08 2.58 -18.90
N LEU N 114 -56.99 1.57 -19.76
CA LEU N 114 -57.19 0.18 -19.38
C LEU N 114 -55.88 -0.55 -19.11
N ALA N 115 -54.74 0.14 -19.19
CA ALA N 115 -53.46 -0.52 -18.99
C ALA N 115 -53.25 -0.91 -17.53
N THR N 116 -53.29 0.07 -16.64
CA THR N 116 -53.13 -0.23 -15.22
C THR N 116 -54.21 -1.14 -14.67
N PRO N 117 -55.50 -0.93 -14.96
CA PRO N 117 -56.51 -1.90 -14.46
C PRO N 117 -56.28 -3.32 -14.94
N LEU N 118 -55.81 -3.50 -16.17
CA LEU N 118 -55.50 -4.85 -16.65
C LEU N 118 -54.28 -5.43 -15.93
N TYR N 119 -53.34 -4.58 -15.55
CA TYR N 119 -52.18 -5.06 -14.79
C TYR N 119 -52.61 -5.63 -13.44
N GLY N 120 -53.53 -4.95 -12.76
CA GLY N 120 -54.01 -5.44 -11.48
C GLY N 120 -55.06 -6.54 -11.59
N LEU N 121 -55.79 -6.56 -12.70
CA LEU N 121 -56.81 -7.60 -12.86
C LEU N 121 -56.18 -8.95 -13.18
N THR N 122 -55.16 -8.97 -14.02
CA THR N 122 -54.50 -10.22 -14.39
C THR N 122 -53.48 -10.68 -13.36
N PHE N 123 -53.08 -9.82 -12.43
CA PHE N 123 -52.15 -10.18 -11.36
C PHE N 123 -52.86 -10.55 -10.07
N GLY N 124 -53.83 -9.73 -9.65
CA GLY N 124 -54.56 -10.03 -8.42
C GLY N 124 -55.37 -11.30 -8.54
N LEU N 125 -56.08 -11.46 -9.65
CA LEU N 125 -56.90 -12.66 -9.84
C LEU N 125 -56.05 -13.91 -10.01
N SER N 126 -54.83 -13.75 -10.51
CA SER N 126 -53.96 -14.91 -10.69
C SER N 126 -53.58 -15.54 -9.35
N ILE N 127 -53.27 -14.72 -8.36
CA ILE N 127 -52.86 -15.25 -7.07
C ILE N 127 -54.05 -15.41 -6.11
N LEU N 128 -55.12 -14.64 -6.31
CA LEU N 128 -56.32 -14.81 -5.49
C LEU N 128 -56.96 -16.18 -5.75
N SER N 129 -57.04 -16.59 -7.02
CA SER N 129 -57.60 -17.89 -7.34
C SER N 129 -56.71 -19.03 -6.83
N ILE N 130 -55.40 -18.83 -6.85
CA ILE N 130 -54.48 -19.85 -6.31
C ILE N 130 -54.72 -20.02 -4.81
N GLY N 131 -54.86 -18.90 -4.09
CA GLY N 131 -55.14 -18.99 -2.67
C GLY N 131 -56.52 -19.58 -2.38
N ILE N 132 -57.50 -19.26 -3.23
CA ILE N 132 -58.83 -19.84 -3.07
C ILE N 132 -58.78 -21.35 -3.27
N GLY N 133 -58.07 -21.81 -4.31
CA GLY N 133 -57.97 -23.23 -4.56
C GLY N 133 -57.25 -23.98 -3.46
N ALA N 134 -56.20 -23.38 -2.90
CA ALA N 134 -55.45 -24.02 -1.83
C ALA N 134 -56.30 -24.16 -0.56
N VAL N 135 -57.07 -23.13 -0.22
CA VAL N 135 -57.92 -23.20 0.96
C VAL N 135 -59.01 -24.26 0.77
N LEU N 136 -59.63 -24.28 -0.42
CA LEU N 136 -60.61 -25.32 -0.71
C LEU N 136 -59.97 -26.70 -0.72
N PHE N 137 -58.67 -26.78 -0.97
CA PHE N 137 -57.97 -28.06 -0.88
C PHE N 137 -57.80 -28.51 0.56
N GLN N 138 -57.54 -27.58 1.48
CA GLN N 138 -57.34 -27.93 2.88
C GLN N 138 -58.64 -27.93 3.68
N LYS N 139 -59.77 -27.60 3.04
CA LYS N 139 -61.08 -27.74 3.66
C LYS N 139 -61.89 -28.88 3.06
N LYS N 140 -61.38 -29.55 2.04
CA LYS N 140 -62.08 -30.65 1.40
C LYS N 140 -61.24 -31.90 1.19
N PHE N 141 -59.93 -31.81 1.29
CA PHE N 141 -59.08 -32.98 1.05
C PHE N 141 -58.15 -33.30 2.22
N ILE N 142 -57.56 -32.29 2.85
CA ILE N 142 -56.76 -32.54 4.04
C ILE N 142 -57.69 -32.92 5.20
N PRO N 143 -57.44 -34.03 5.89
CA PRO N 143 -58.39 -34.52 6.90
C PRO N 143 -58.56 -33.52 8.04
N GLU N 144 -59.79 -33.45 8.55
CA GLU N 144 -60.06 -32.61 9.71
C GLU N 144 -59.34 -33.17 10.93
N GLU N 145 -58.63 -32.29 11.64
CA GLU N 145 -57.95 -32.68 12.86
C GLU N 145 -58.14 -31.60 13.92
N ILE N 146 -58.34 -32.03 15.16
CA ILE N 146 -58.32 -31.13 16.31
C ILE N 146 -57.33 -31.71 17.31
N SER N 147 -56.40 -30.89 17.75
CA SER N 147 -55.31 -31.35 18.62
C SER N 147 -55.21 -30.47 19.84
N VAL N 148 -54.97 -31.09 20.99
CA VAL N 148 -54.83 -30.39 22.26
C VAL N 148 -53.37 -30.47 22.69
N GLN N 149 -52.76 -29.30 22.90
CA GLN N 149 -51.38 -29.21 23.34
C GLN N 149 -51.34 -28.64 24.75
N ASP N 150 -50.70 -29.37 25.66
CA ASP N 150 -50.60 -28.93 27.06
C ASP N 150 -49.60 -27.80 27.13
N ARG N 151 -50.08 -26.59 27.42
CA ARG N 151 -49.21 -25.42 27.48
C ARG N 151 -48.60 -25.32 28.88
N HIS N 152 -47.28 -25.23 28.94
CA HIS N 152 -46.55 -25.14 30.21
C HIS N 152 -46.20 -23.68 30.48
N ASP N 153 -47.26 -22.90 30.74
CA ASP N 153 -47.14 -21.45 31.03
C ASP N 153 -46.84 -21.26 32.52
N GLY N 154 -46.52 -20.03 32.91
CA GLY N 154 -46.19 -19.71 34.29
C GLY N 154 -44.71 -19.80 34.59
N ARG N 155 -44.38 -20.20 35.81
CA ARG N 155 -42.99 -20.28 36.23
C ARG N 155 -42.36 -21.60 35.79
N SER N 156 -41.03 -21.60 35.74
CA SER N 156 -40.27 -22.80 35.43
C SER N 156 -40.36 -23.79 36.59
N PRO N 157 -40.13 -25.09 36.33
CA PRO N 157 -40.38 -26.09 37.38
C PRO N 157 -39.31 -26.14 38.45
N GLU N 158 -38.90 -24.97 38.96
CA GLU N 158 -38.13 -24.85 40.20
C GLU N 158 -36.74 -25.44 40.12
N VAL N 159 -36.40 -26.09 39.01
CA VAL N 159 -35.04 -26.59 38.85
C VAL N 159 -34.26 -25.72 37.88
N HIS N 160 -34.92 -25.18 36.86
CA HIS N 160 -34.29 -24.21 35.98
C HIS N 160 -34.21 -22.83 36.64
N ARG N 161 -35.14 -22.52 37.54
CA ARG N 161 -35.12 -21.23 38.23
C ARG N 161 -33.94 -21.13 39.18
N LYS N 162 -33.73 -22.16 39.99
CA LYS N 162 -32.64 -22.12 40.97
C LYS N 162 -31.27 -22.12 40.30
N THR N 163 -31.13 -22.89 39.22
CA THR N 163 -29.83 -23.00 38.56
C THR N 163 -29.45 -21.69 37.86
N VAL N 164 -30.40 -21.05 37.17
CA VAL N 164 -30.09 -19.80 36.48
C VAL N 164 -29.84 -18.70 37.49
N ALA N 165 -30.55 -18.69 38.62
CA ALA N 165 -30.31 -17.69 39.65
C ALA N 165 -28.93 -17.87 40.26
N ALA N 166 -28.51 -19.11 40.51
CA ALA N 166 -27.17 -19.35 41.04
C ALA N 166 -26.11 -19.03 39.99
N ASN N 167 -26.38 -19.33 38.72
CA ASN N 167 -25.41 -19.05 37.67
C ASN N 167 -25.15 -17.55 37.55
N LEU N 168 -26.22 -16.74 37.63
CA LEU N 168 -26.04 -15.29 37.56
C LEU N 168 -25.42 -14.75 38.84
N THR N 169 -25.82 -15.29 39.99
CA THR N 169 -25.26 -14.82 41.26
C THR N 169 -23.79 -15.21 41.38
N ASP N 170 -23.42 -16.40 40.91
CA ASP N 170 -22.03 -16.82 40.98
C ASP N 170 -21.13 -15.91 40.15
N ALA N 171 -21.61 -15.48 38.98
CA ALA N 171 -20.81 -14.58 38.14
C ALA N 171 -20.56 -13.25 38.84
N LEU N 172 -21.60 -12.69 39.49
CA LEU N 172 -21.42 -11.42 40.18
C LEU N 172 -20.60 -11.58 41.45
N GLU N 173 -20.89 -12.62 42.25
CA GLU N 173 -20.14 -12.84 43.48
C GLU N 173 -18.71 -13.31 43.19
N GLY N 174 -18.54 -14.16 42.18
CA GLY N 174 -17.21 -14.63 41.86
C GLY N 174 -16.30 -13.54 41.34
N SER N 175 -16.85 -12.61 40.56
CA SER N 175 -16.07 -11.51 40.02
C SER N 175 -15.64 -10.52 41.10
N THR N 176 -16.26 -10.58 42.29
CA THR N 176 -15.94 -9.71 43.42
C THR N 176 -16.06 -8.24 43.06
N LEU N 177 -16.99 -7.91 42.16
CA LEU N 177 -17.19 -6.52 41.78
C LEU N 177 -17.94 -5.74 42.87
N LYS N 178 -18.77 -6.43 43.65
CA LYS N 178 -19.55 -5.76 44.68
C LYS N 178 -18.66 -5.16 45.77
N ARG N 179 -17.61 -5.88 46.16
CA ARG N 179 -16.76 -5.45 47.26
C ARG N 179 -15.64 -4.51 46.83
N ARG N 180 -15.55 -4.18 45.54
CA ARG N 180 -14.56 -3.24 45.03
C ARG N 180 -15.30 -1.99 44.58
N LYS N 181 -15.44 -1.03 45.50
CA LYS N 181 -16.21 0.18 45.21
C LYS N 181 -15.49 1.10 44.24
N VAL N 182 -14.15 1.14 44.27
CA VAL N 182 -13.40 2.05 43.42
C VAL N 182 -13.56 1.67 41.96
N ILE N 183 -13.55 0.36 41.66
CA ILE N 183 -13.74 -0.09 40.28
C ILE N 183 -15.19 0.14 39.85
N GLY N 184 -16.14 -0.15 40.74
CA GLY N 184 -17.54 0.03 40.39
C GLY N 184 -17.91 1.48 40.16
N LEU N 185 -17.45 2.38 41.02
CA LEU N 185 -17.73 3.80 40.83
C LEU N 185 -17.08 4.34 39.56
N SER N 186 -15.84 3.93 39.29
CA SER N 186 -15.17 4.38 38.08
C SER N 186 -15.86 3.87 36.83
N LEU N 187 -16.34 2.63 36.86
CA LEU N 187 -17.05 2.07 35.71
C LEU N 187 -18.33 2.84 35.43
N GLY N 188 -19.08 3.17 36.47
CA GLY N 188 -20.31 3.94 36.27
C GLY N 188 -20.04 5.35 35.78
N ILE N 189 -19.05 6.02 36.36
CA ILE N 189 -18.70 7.37 35.91
C ILE N 189 -18.08 7.33 34.52
N GLY N 190 -17.20 6.35 34.27
CA GLY N 190 -16.57 6.26 32.96
C GLY N 190 -17.55 5.97 31.85
N LEU N 191 -18.47 5.02 32.08
CA LEU N 191 -19.48 4.73 31.07
C LEU N 191 -20.46 5.89 30.91
N GLY N 192 -20.83 6.54 32.03
CA GLY N 192 -21.75 7.66 31.95
C GLY N 192 -21.14 8.86 31.24
N ALA N 193 -19.88 9.17 31.54
CA ALA N 193 -19.21 10.29 30.86
C ALA N 193 -19.06 10.02 29.37
N PHE N 194 -18.68 8.79 29.00
CA PHE N 194 -18.55 8.45 27.59
C PHE N 194 -19.91 8.49 26.89
N GLY N 195 -20.95 7.98 27.56
CA GLY N 195 -22.26 7.99 26.95
C GLY N 195 -22.82 9.39 26.75
N ALA N 196 -22.62 10.26 27.72
CA ALA N 196 -23.09 11.64 27.60
C ALA N 196 -22.38 12.37 26.47
N GLY N 197 -21.06 12.20 26.37
CA GLY N 197 -20.31 12.84 25.29
C GLY N 197 -20.68 12.31 23.92
N THR N 198 -20.82 10.98 23.82
CA THR N 198 -21.16 10.31 22.54
C THR N 198 -22.56 10.76 22.08
N LEU N 199 -23.55 10.67 22.96
CA LEU N 199 -24.95 11.06 22.61
C LEU N 199 -25.00 12.57 22.29
N VAL N 200 -24.24 13.37 23.02
CA VAL N 200 -24.22 14.85 22.80
C VAL N 200 -23.56 15.15 21.46
N ALA N 201 -22.58 14.33 21.05
CA ALA N 201 -21.86 14.52 19.78
C ALA N 201 -22.63 13.85 18.64
N PHE N 202 -23.60 12.99 18.99
CA PHE N 202 -24.42 12.27 17.97
C PHE N 202 -25.60 13.15 17.55
N ILE N 203 -26.11 13.96 18.48
CA ILE N 203 -27.27 14.86 18.20
C ILE N 203 -26.80 16.31 18.29
N GLY N 204 -25.50 16.54 18.09
CA GLY N 204 -24.92 17.90 18.15
C GLY N 204 -24.93 18.58 16.79
N GLY N 205 -25.19 17.82 15.73
CA GLY N 205 -25.22 18.36 14.36
C GLY N 205 -26.63 18.74 13.94
N LEU N 206 -27.64 18.23 14.65
CA LEU N 206 -29.03 18.52 14.34
C LEU N 206 -29.55 19.78 15.04
N ILE N 207 -28.85 20.29 16.04
CA ILE N 207 -29.33 21.41 16.84
C ILE N 207 -28.85 22.70 16.20
N LYS N 208 -29.82 23.55 15.83
CA LYS N 208 -29.52 24.86 15.18
C LYS N 208 -30.28 25.96 15.94
N ASN N 209 -29.59 27.05 16.29
CA ASN N 209 -30.22 28.15 17.01
C ASN N 209 -31.20 28.86 16.10
N PRO N 210 -32.50 28.90 16.46
CA PRO N 210 -33.47 29.55 15.56
C PRO N 210 -33.37 31.06 15.54
N TRP N 211 -32.66 31.64 16.50
CA TRP N 211 -32.60 33.12 16.65
C TRP N 211 -31.24 33.69 16.24
N LYS N 212 -30.42 32.89 15.56
CA LYS N 212 -29.09 33.34 15.08
C LYS N 212 -29.29 34.32 13.92
N PRO N 213 -28.96 35.62 14.07
CA PRO N 213 -29.15 36.60 12.99
C PRO N 213 -28.48 36.17 11.67
N VAL N 214 -29.30 35.86 10.65
CA VAL N 214 -28.79 35.46 9.35
C VAL N 214 -29.40 36.23 8.19
N VAL N 215 -30.56 36.88 8.36
CA VAL N 215 -31.22 37.60 7.29
C VAL N 215 -30.82 39.07 7.36
N PRO N 216 -30.13 39.61 6.35
CA PRO N 216 -29.78 41.04 6.38
C PRO N 216 -31.01 41.89 6.18
N THR N 217 -31.25 42.79 7.13
CA THR N 217 -32.41 43.68 7.11
C THR N 217 -31.93 45.14 7.11
N ALA N 218 -32.89 46.05 7.24
CA ALA N 218 -32.55 47.47 7.32
C ALA N 218 -31.75 47.78 8.57
N GLU N 219 -32.11 47.16 9.69
CA GLU N 219 -31.41 47.34 10.96
C GLU N 219 -30.62 46.07 11.28
N GLY N 220 -29.41 45.98 10.75
CA GLY N 220 -28.55 44.84 10.99
C GLY N 220 -29.13 43.56 10.42
N LYS N 221 -28.86 42.46 11.12
CA LYS N 221 -29.36 41.15 10.74
C LYS N 221 -30.35 40.65 11.78
N LYS N 222 -31.47 40.12 11.31
CA LYS N 222 -32.50 39.59 12.23
C LYS N 222 -32.66 38.09 11.96
N ALA N 223 -33.51 37.44 12.77
CA ALA N 223 -33.79 36.03 12.62
C ALA N 223 -34.75 35.79 11.46
N VAL N 224 -34.88 34.52 11.06
CA VAL N 224 -35.71 34.17 9.91
C VAL N 224 -37.18 34.47 10.18
N LEU N 225 -37.68 34.11 11.36
CA LEU N 225 -39.10 34.28 11.64
C LEU N 225 -39.51 35.74 11.73
N TRP N 226 -38.65 36.60 12.28
CA TRP N 226 -38.98 38.02 12.38
C TRP N 226 -39.03 38.71 11.02
N THR N 227 -38.49 38.10 9.97
CA THR N 227 -38.39 38.71 8.65
C THR N 227 -39.19 37.92 7.64
N SER N 228 -39.36 38.53 6.47
CA SER N 228 -40.07 37.91 5.35
C SER N 228 -39.56 38.56 4.07
N GLY N 229 -40.28 38.33 2.96
CA GLY N 229 -39.91 38.95 1.70
C GLY N 229 -40.18 40.44 1.66
N TRP N 230 -41.03 40.95 2.54
CA TRP N 230 -41.35 42.36 2.61
C TRP N 230 -40.46 43.14 3.55
N THR N 231 -39.49 42.48 4.19
CA THR N 231 -38.59 43.17 5.10
C THR N 231 -37.58 44.00 4.31
N PRO N 232 -37.51 45.31 4.51
CA PRO N 232 -36.56 46.13 3.76
C PRO N 232 -35.12 45.78 4.14
N ARG N 233 -34.27 45.63 3.13
CA ARG N 233 -32.85 45.39 3.34
C ARG N 233 -32.08 46.67 3.61
N PHE N 234 -32.68 47.83 3.33
CA PHE N 234 -32.08 49.12 3.64
C PHE N 234 -33.19 50.14 3.79
N LYS N 235 -32.87 51.26 4.42
CA LYS N 235 -33.86 52.30 4.65
C LYS N 235 -34.38 52.85 3.33
N GLY N 236 -35.70 52.96 3.21
CA GLY N 236 -36.31 53.51 2.02
C GLY N 236 -36.37 52.57 0.84
N GLU N 237 -36.18 51.27 1.04
CA GLU N 237 -36.24 50.32 -0.06
C GLU N 237 -37.66 50.24 -0.62
N THR N 238 -37.77 50.20 -1.94
CA THR N 238 -39.06 50.17 -2.62
C THR N 238 -39.39 48.73 -2.98
N ILE N 239 -40.54 48.25 -2.51
CA ILE N 239 -41.03 46.92 -2.81
C ILE N 239 -42.39 47.05 -3.47
N TYR N 240 -42.55 46.44 -4.64
CA TYR N 240 -43.76 46.54 -5.44
C TYR N 240 -44.67 45.35 -5.16
N LEU N 241 -45.98 45.60 -5.15
CA LEU N 241 -46.98 44.54 -5.05
C LEU N 241 -47.21 43.95 -6.44
N ALA N 242 -46.20 43.22 -6.91
CA ALA N 242 -46.20 42.73 -8.27
C ALA N 242 -47.08 41.49 -8.42
N ARG N 243 -47.79 41.42 -9.55
CA ARG N 243 -48.68 40.28 -9.88
C ARG N 243 -47.90 39.27 -10.72
N ALA N 244 -48.25 37.99 -10.61
CA ALA N 244 -47.61 36.90 -11.33
C ALA N 244 -48.33 36.71 -12.66
N THR N 245 -47.58 36.85 -13.76
CA THR N 245 -48.18 36.68 -15.08
C THR N 245 -48.72 35.27 -15.27
N GLY N 246 -47.93 34.27 -14.85
CA GLY N 246 -48.38 32.89 -14.88
C GLY N 246 -48.21 32.22 -13.53
N ARG N 247 -47.51 31.10 -13.51
CA ARG N 247 -47.20 30.45 -12.24
C ARG N 247 -46.17 31.26 -11.47
N PRO N 248 -46.40 31.55 -10.19
CA PRO N 248 -45.44 32.34 -9.42
C PRO N 248 -44.07 31.66 -9.38
N GLY N 249 -43.02 32.48 -9.52
CA GLY N 249 -41.67 31.99 -9.56
C GLY N 249 -41.21 31.48 -10.91
N GLU N 250 -42.11 31.32 -11.87
CA GLU N 250 -41.76 30.85 -13.20
C GLU N 250 -42.08 31.84 -14.31
N SER N 251 -42.77 32.93 -13.99
CA SER N 251 -43.13 33.96 -14.96
C SER N 251 -42.69 35.33 -14.42
N PRO N 252 -42.41 36.27 -15.32
CA PRO N 252 -41.99 37.60 -14.85
C PRO N 252 -43.07 38.28 -14.04
N PHE N 253 -42.64 39.01 -13.01
CA PHE N 253 -43.55 39.79 -12.18
C PHE N 253 -43.82 41.14 -12.82
N VAL N 254 -45.08 41.57 -12.78
CA VAL N 254 -45.51 42.83 -13.38
C VAL N 254 -46.06 43.73 -12.29
N LYS N 255 -45.74 45.03 -12.32
CA LYS N 255 -46.18 45.97 -11.26
C LYS N 255 -47.70 46.16 -11.26
N MET N 256 -48.25 46.56 -10.11
CA MET N 256 -49.73 46.72 -10.00
C MET N 256 -50.13 48.20 -9.96
N ARG N 257 -51.10 48.59 -10.79
CA ARG N 257 -51.65 49.96 -10.74
C ARG N 257 -52.71 49.97 -9.65
N PRO N 258 -52.99 51.06 -8.90
CA PRO N 258 -54.04 51.03 -7.89
C PRO N 258 -55.40 50.54 -8.44
N GLU N 259 -55.80 50.98 -9.63
CA GLU N 259 -57.09 50.54 -10.22
C GLU N 259 -56.87 49.39 -11.22
N ASP N 260 -56.12 48.38 -10.79
CA ASP N 260 -55.85 47.10 -11.51
C ASP N 260 -56.60 45.96 -10.83
N ILE N 261 -57.79 46.26 -10.28
CA ILE N 261 -58.62 45.23 -9.59
C ILE N 261 -59.99 45.89 -9.42
N ASP N 262 -61.09 45.36 -9.97
CA ASP N 262 -62.39 46.07 -9.80
C ASP N 262 -62.85 45.94 -8.34
N ALA N 263 -63.64 46.91 -7.86
CA ALA N 263 -64.14 46.90 -6.46
C ALA N 263 -64.85 45.56 -6.18
N GLY N 264 -64.21 44.68 -5.41
CA GLY N 264 -64.80 43.37 -5.08
C GLY N 264 -63.99 42.22 -5.67
N GLY N 265 -62.66 42.36 -5.67
CA GLY N 265 -61.77 41.32 -6.23
C GLY N 265 -60.67 40.94 -5.25
N MET N 266 -59.63 40.26 -5.73
CA MET N 266 -58.49 39.82 -4.87
C MET N 266 -57.34 39.35 -5.76
N GLU N 267 -56.12 39.82 -5.49
CA GLU N 267 -54.92 39.42 -6.27
C GLU N 267 -53.80 39.03 -5.31
N THR N 268 -53.09 37.93 -5.60
CA THR N 268 -51.98 37.47 -4.72
C THR N 268 -50.68 38.16 -5.12
N VAL N 269 -50.37 39.29 -4.48
CA VAL N 269 -49.16 40.04 -4.77
C VAL N 269 -47.98 39.40 -4.06
N PHE N 270 -46.79 39.66 -4.58
CA PHE N 270 -45.55 39.14 -4.04
C PHE N 270 -44.53 40.25 -3.90
N PRO N 271 -43.61 40.13 -2.95
CA PRO N 271 -42.59 41.18 -2.80
C PRO N 271 -41.54 41.12 -3.90
N TRP N 272 -41.59 42.08 -4.83
CA TRP N 272 -40.69 42.13 -5.97
C TRP N 272 -39.96 43.46 -5.98
N ARG N 273 -38.65 43.41 -6.16
CA ARG N 273 -37.81 44.60 -6.24
C ARG N 273 -37.43 44.86 -7.69
N GLU N 274 -37.03 46.12 -7.95
CA GLU N 274 -36.60 46.49 -9.30
C GLU N 274 -35.33 45.76 -9.71
N SER N 275 -34.47 45.43 -8.74
CA SER N 275 -33.23 44.73 -9.02
C SER N 275 -33.40 43.23 -9.14
N ASP N 276 -34.61 42.71 -8.93
CA ASP N 276 -34.83 41.26 -9.01
C ASP N 276 -34.94 40.77 -10.45
N GLY N 277 -35.14 41.66 -11.41
CA GLY N 277 -35.25 41.26 -12.79
C GLY N 277 -36.61 40.66 -13.13
N ASP N 278 -36.69 40.09 -14.33
CA ASP N 278 -37.91 39.48 -14.83
C ASP N 278 -37.72 38.00 -15.15
N GLY N 279 -36.67 37.38 -14.63
CA GLY N 279 -36.42 35.97 -14.85
C GLY N 279 -35.74 35.62 -16.14
N THR N 280 -35.33 36.61 -16.95
CA THR N 280 -34.65 36.32 -18.20
C THR N 280 -33.23 35.82 -17.99
N THR N 281 -32.64 36.05 -16.82
CA THR N 281 -31.32 35.57 -16.48
C THR N 281 -31.39 34.57 -15.32
N VAL N 282 -30.31 33.81 -15.16
CA VAL N 282 -30.29 32.78 -14.13
C VAL N 282 -30.29 33.40 -12.73
N GLU N 283 -29.56 34.50 -12.55
CA GLU N 283 -29.56 35.14 -11.23
C GLU N 283 -30.91 35.79 -10.92
N SER N 284 -31.61 36.26 -11.95
CA SER N 284 -32.96 36.79 -11.75
C SER N 284 -33.96 35.67 -11.51
N GLU N 285 -33.81 34.55 -12.23
CA GLU N 285 -34.71 33.43 -12.05
C GLU N 285 -34.58 32.84 -10.66
N HIS N 286 -33.35 32.73 -10.15
CA HIS N 286 -33.16 32.27 -8.78
C HIS N 286 -33.78 33.24 -7.79
N LYS N 287 -33.62 34.55 -8.03
CA LYS N 287 -34.24 35.54 -7.15
C LYS N 287 -35.76 35.45 -7.19
N LEU N 288 -36.33 35.25 -8.38
CA LEU N 288 -37.78 35.14 -8.50
C LEU N 288 -38.30 33.86 -7.86
N THR N 289 -37.52 32.76 -7.97
CA THR N 289 -37.93 31.51 -7.36
C THR N 289 -37.98 31.64 -5.84
N GLU N 290 -37.01 32.32 -5.24
CA GLU N 290 -37.02 32.52 -3.80
C GLU N 290 -38.21 33.35 -3.35
N ILE N 291 -38.66 34.29 -4.19
CA ILE N 291 -39.83 35.10 -3.84
C ILE N 291 -41.07 34.22 -3.74
N ALA N 292 -41.26 33.32 -4.71
CA ALA N 292 -42.43 32.44 -4.67
C ALA N 292 -42.29 31.40 -3.56
N MET N 293 -41.07 30.92 -3.30
CA MET N 293 -40.86 29.90 -2.28
C MET N 293 -40.94 30.46 -0.87
N GLY N 294 -40.99 31.78 -0.70
CA GLY N 294 -41.13 32.38 0.61
C GLY N 294 -42.40 31.95 1.30
N VAL N 295 -42.28 31.44 2.53
CA VAL N 295 -43.46 30.93 3.23
C VAL N 295 -44.33 32.07 3.74
N ARG N 296 -43.75 33.26 3.94
CA ARG N 296 -44.49 34.41 4.42
C ARG N 296 -44.59 35.52 3.37
N ASN N 297 -44.26 35.22 2.11
CA ASN N 297 -44.21 36.22 1.05
C ASN N 297 -45.58 36.60 0.50
N PRO N 298 -46.46 35.64 0.14
CA PRO N 298 -47.71 36.03 -0.52
C PRO N 298 -48.57 36.94 0.35
N VAL N 299 -49.19 37.92 -0.31
CA VAL N 299 -50.09 38.88 0.34
C VAL N 299 -51.32 39.03 -0.53
N MET N 300 -52.49 38.97 0.09
CA MET N 300 -53.76 39.09 -0.63
C MET N 300 -54.21 40.55 -0.61
N LEU N 301 -54.45 41.09 -1.82
CA LEU N 301 -54.92 42.48 -2.01
C LEU N 301 -56.44 42.46 -2.24
N ILE N 302 -57.19 43.18 -1.40
CA ILE N 302 -58.64 43.22 -1.49
C ILE N 302 -59.08 44.68 -1.58
N ARG N 303 -60.04 44.93 -2.48
CA ARG N 303 -60.60 46.29 -2.70
C ARG N 303 -62.09 46.27 -2.30
N ILE N 304 -62.47 47.09 -1.31
CA ILE N 304 -63.83 47.17 -0.81
C ILE N 304 -64.56 48.27 -1.55
N LYS N 305 -65.83 48.02 -1.88
CA LYS N 305 -66.63 49.00 -2.59
C LYS N 305 -66.78 50.28 -1.76
N PRO N 306 -66.81 51.44 -2.41
CA PRO N 306 -66.91 52.71 -1.66
C PRO N 306 -68.16 52.83 -0.81
N ALA N 307 -69.23 52.11 -1.16
CA ALA N 307 -70.47 52.14 -0.40
C ALA N 307 -70.47 51.20 0.79
N ASP N 308 -69.29 50.72 1.21
CA ASP N 308 -69.19 49.80 2.33
C ASP N 308 -68.16 50.22 3.37
N MET N 309 -67.66 51.45 3.29
CA MET N 309 -66.64 51.91 4.24
C MET N 309 -67.22 52.38 5.56
N HIS N 310 -68.54 52.51 5.67
CA HIS N 310 -69.13 52.91 6.95
C HIS N 310 -68.91 51.85 8.01
N ARG N 311 -69.07 50.57 7.65
CA ARG N 311 -68.86 49.46 8.57
C ARG N 311 -67.43 48.90 8.47
N VAL N 312 -66.44 49.78 8.59
CA VAL N 312 -65.04 49.40 8.55
C VAL N 312 -64.40 49.79 9.87
N ILE N 313 -63.76 48.82 10.52
CA ILE N 313 -63.11 49.02 11.82
C ILE N 313 -61.62 48.82 11.63
N LYS N 314 -60.83 49.80 12.06
CA LYS N 314 -59.38 49.74 11.92
C LYS N 314 -58.76 49.06 13.14
N ARG N 315 -57.44 48.90 13.08
CA ARG N 315 -56.68 48.29 14.16
C ARG N 315 -55.74 49.32 14.77
N LYS N 316 -55.53 49.21 16.07
CA LYS N 316 -54.65 50.14 16.79
C LYS N 316 -53.22 49.97 16.28
N GLY N 317 -52.73 50.98 15.57
CA GLY N 317 -51.42 50.95 14.97
C GLY N 317 -51.43 50.74 13.47
N GLN N 318 -52.55 50.30 12.90
CA GLN N 318 -52.69 50.08 11.46
C GLN N 318 -53.83 50.91 10.88
N GLU N 319 -54.16 52.03 11.53
CA GLU N 319 -55.27 52.86 11.07
C GLU N 319 -54.97 53.47 9.70
N SER N 320 -53.73 53.93 9.49
CA SER N 320 -53.33 54.57 8.24
C SER N 320 -52.56 53.62 7.33
N PHE N 321 -52.89 52.33 7.36
CA PHE N 321 -52.20 51.35 6.52
C PHE N 321 -52.87 51.17 5.16
N ASN N 322 -54.19 51.34 5.08
CA ASN N 322 -54.87 51.23 3.80
C ASN N 322 -54.58 52.42 2.91
N PHE N 323 -54.70 52.23 1.60
CA PHE N 323 -54.61 53.30 0.62
C PHE N 323 -55.97 53.42 -0.06
N GLY N 324 -56.77 54.37 0.40
CA GLY N 324 -58.09 54.55 -0.17
C GLY N 324 -58.95 53.33 0.08
N GLU N 325 -59.43 52.72 -1.01
CA GLU N 325 -60.28 51.54 -0.93
C GLU N 325 -59.50 50.24 -1.07
N LEU N 326 -58.18 50.29 -0.91
CA LEU N 326 -57.32 49.12 -1.10
C LEU N 326 -56.79 48.66 0.25
N PHE N 327 -56.97 47.37 0.54
CA PHE N 327 -56.48 46.75 1.77
C PHE N 327 -55.54 45.61 1.40
N ALA N 328 -54.44 45.49 2.13
CA ALA N 328 -53.45 44.44 1.91
C ALA N 328 -53.32 43.61 3.17
N TYR N 329 -53.68 42.34 3.08
CA TYR N 329 -53.56 41.40 4.18
C TYR N 329 -52.75 40.20 3.73
N THR N 330 -51.97 39.63 4.65
CA THR N 330 -51.15 38.49 4.32
C THR N 330 -52.01 37.29 3.97
N LYS N 331 -51.56 36.53 2.98
CA LYS N 331 -52.27 35.34 2.55
C LYS N 331 -52.04 34.15 3.48
N VAL N 332 -51.06 34.22 4.36
CA VAL N 332 -50.74 33.12 5.26
C VAL N 332 -51.68 33.17 6.46
N CYS N 333 -52.36 32.06 6.72
CA CYS N 333 -53.25 31.99 7.88
C CYS N 333 -52.45 32.03 9.16
N SER N 334 -53.00 32.71 10.17
CA SER N 334 -52.33 32.84 11.45
C SER N 334 -52.45 31.60 12.32
N HIS N 335 -53.27 30.62 11.92
CA HIS N 335 -53.44 29.42 12.73
C HIS N 335 -52.31 28.43 12.51
N LEU N 336 -52.16 27.94 11.28
CA LEU N 336 -51.17 26.89 10.99
C LEU N 336 -50.37 27.17 9.72
N GLY N 337 -50.55 28.33 9.09
CA GLY N 337 -49.73 28.72 7.96
C GLY N 337 -50.27 28.37 6.59
N CYS N 338 -51.48 27.84 6.50
CA CYS N 338 -52.06 27.54 5.19
C CYS N 338 -52.33 28.83 4.43
N PRO N 339 -51.90 28.94 3.18
CA PRO N 339 -52.23 30.13 2.40
C PRO N 339 -53.71 30.17 2.04
N SER N 340 -54.45 31.12 2.63
CA SER N 340 -55.88 31.22 2.41
C SER N 340 -56.15 31.91 1.07
N SER N 341 -56.66 31.15 0.12
CA SER N 341 -56.95 31.69 -1.21
C SER N 341 -58.43 31.97 -1.44
N LEU N 342 -59.32 31.22 -0.80
CA LEU N 342 -60.75 31.46 -0.97
C LEU N 342 -61.17 32.76 -0.29
N TYR N 343 -62.07 33.49 -0.95
CA TYR N 343 -62.55 34.77 -0.44
C TYR N 343 -63.91 35.06 -1.04
N GLU N 344 -64.89 35.31 -0.17
CA GLU N 344 -66.26 35.62 -0.58
C GLU N 344 -66.42 37.14 -0.63
N GLN N 345 -66.58 37.67 -1.83
CA GLN N 345 -66.72 39.12 -2.00
C GLN N 345 -68.04 39.64 -1.44
N GLN N 346 -69.07 38.80 -1.37
CA GLN N 346 -70.36 39.26 -0.89
C GLN N 346 -70.32 39.59 0.60
N THR N 347 -69.71 38.73 1.40
CA THR N 347 -69.63 38.93 2.85
C THR N 347 -68.29 39.49 3.31
N TYR N 348 -67.38 39.77 2.39
CA TYR N 348 -66.04 40.27 2.72
C TYR N 348 -65.34 39.35 3.72
N ARG N 349 -65.44 38.05 3.49
CA ARG N 349 -64.89 37.04 4.38
C ARG N 349 -63.75 36.32 3.69
N ILE N 350 -62.65 36.14 4.42
CA ILE N 350 -61.48 35.41 3.94
C ILE N 350 -61.51 34.01 4.55
N LEU N 351 -61.67 33.00 3.71
CA LEU N 351 -61.82 31.63 4.16
C LEU N 351 -60.52 30.87 3.92
N CYS N 352 -59.97 30.31 5.00
CA CYS N 352 -58.80 29.42 4.87
C CYS N 352 -59.29 28.01 4.58
N PRO N 353 -58.91 27.42 3.44
CA PRO N 353 -59.49 26.14 3.05
C PRO N 353 -59.03 24.95 3.87
N CYS N 354 -57.95 25.08 4.65
CA CYS N 354 -57.44 23.93 5.39
C CYS N 354 -58.37 23.55 6.53
N HIS N 355 -58.54 24.47 7.48
CA HIS N 355 -59.38 24.25 8.69
C HIS N 355 -60.62 25.15 8.74
N GLN N 356 -61.04 25.70 7.61
CA GLN N 356 -62.31 26.43 7.49
C GLN N 356 -62.43 27.53 8.55
N SER N 357 -61.53 28.51 8.44
CA SER N 357 -61.57 29.70 9.27
C SER N 357 -61.87 30.92 8.41
N GLN N 358 -62.85 31.72 8.86
CA GLN N 358 -63.25 32.95 8.14
C GLN N 358 -62.55 34.16 8.78
N PHE N 359 -62.17 35.15 7.98
CA PHE N 359 -61.48 36.36 8.50
C PHE N 359 -62.21 37.62 8.01
N ASP N 360 -62.95 38.27 8.92
CA ASP N 360 -63.70 39.51 8.58
C ASP N 360 -62.71 40.58 8.10
N ALA N 361 -62.73 40.89 6.80
CA ALA N 361 -61.83 41.90 6.21
C ALA N 361 -62.17 43.30 6.76
N LEU N 362 -63.46 43.55 7.02
CA LEU N 362 -63.93 44.86 7.55
C LEU N 362 -63.38 45.06 8.96
N GLU N 363 -63.29 43.99 9.75
CA GLU N 363 -62.75 44.12 11.12
C GLU N 363 -61.29 43.64 11.11
N PHE N 364 -60.38 44.48 10.57
CA PHE N 364 -58.91 44.22 10.43
C PHE N 364 -58.59 42.73 10.30
N ALA N 365 -59.20 42.04 9.34
CA ALA N 365 -59.02 40.59 9.08
C ALA N 365 -58.99 39.80 10.38
N LYS N 366 -59.97 40.02 11.27
CA LYS N 366 -60.02 39.29 12.57
C LYS N 366 -60.71 37.93 12.37
N PRO N 367 -60.17 36.83 12.94
CA PRO N 367 -60.79 35.51 12.79
C PRO N 367 -62.15 35.48 13.51
N ILE N 368 -63.22 35.15 12.79
CA ILE N 368 -64.59 35.11 13.39
C ILE N 368 -64.88 33.68 13.86
N PHE N 369 -64.73 32.69 12.98
CA PHE N 369 -65.01 31.28 13.35
C PHE N 369 -63.83 30.38 12.96
N GLY N 370 -63.77 29.20 13.59
CA GLY N 370 -62.74 28.22 13.34
C GLY N 370 -61.64 28.24 14.39
N PRO N 371 -60.60 27.42 14.18
CA PRO N 371 -59.50 27.37 15.17
C PRO N 371 -58.58 28.57 15.13
N ALA N 372 -58.75 29.49 14.18
CA ALA N 372 -57.93 30.68 14.14
C ALA N 372 -58.26 31.60 15.31
N ALA N 373 -57.22 32.17 15.92
CA ALA N 373 -57.40 33.05 17.08
C ALA N 373 -56.74 34.40 16.96
N ARG N 374 -55.90 34.63 15.95
CA ARG N 374 -55.21 35.89 15.77
C ARG N 374 -55.55 36.47 14.40
N ALA N 375 -55.65 37.80 14.34
CA ALA N 375 -55.97 38.48 13.10
C ALA N 375 -54.80 38.39 12.11
N LEU N 376 -55.13 38.36 10.83
CA LEU N 376 -54.11 38.33 9.79
C LEU N 376 -53.35 39.64 9.77
N ALA N 377 -52.03 39.54 9.58
CA ALA N 377 -51.19 40.73 9.54
C ALA N 377 -51.52 41.60 8.35
N GLN N 378 -51.53 42.92 8.58
CA GLN N 378 -51.85 43.89 7.54
C GLN N 378 -50.56 44.58 7.08
N LEU N 379 -50.32 44.57 5.77
CA LEU N 379 -49.14 45.20 5.20
C LEU N 379 -49.48 46.60 4.75
N PRO N 380 -48.83 47.63 5.30
CA PRO N 380 -49.10 49.00 4.81
C PRO N 380 -48.70 49.15 3.36
N ILE N 381 -49.51 49.91 2.61
CA ILE N 381 -49.29 50.11 1.19
C ILE N 381 -49.43 51.59 0.87
N THR N 382 -48.83 51.98 -0.24
CA THR N 382 -48.87 53.37 -0.72
C THR N 382 -48.60 53.35 -2.22
N ILE N 383 -48.35 54.54 -2.78
CA ILE N 383 -48.14 54.71 -4.21
C ILE N 383 -46.84 55.48 -4.42
N ASP N 384 -46.00 54.98 -5.33
CA ASP N 384 -44.69 55.61 -5.63
C ASP N 384 -44.86 56.66 -6.74
N GLU N 385 -43.77 57.32 -7.14
CA GLU N 385 -43.80 58.36 -8.20
C GLU N 385 -44.46 57.78 -9.46
N ASP N 386 -44.01 56.58 -9.88
CA ASP N 386 -44.58 55.93 -11.09
C ASP N 386 -46.10 55.85 -10.98
N GLY N 387 -46.60 55.13 -9.97
CA GLY N 387 -48.05 54.99 -9.76
C GLY N 387 -48.46 53.56 -9.44
N TYR N 388 -47.47 52.64 -9.42
CA TYR N 388 -47.75 51.20 -9.12
C TYR N 388 -47.78 51.00 -7.60
N LEU N 389 -48.73 50.19 -7.12
CA LEU N 389 -48.87 49.91 -5.67
C LEU N 389 -47.53 49.42 -5.12
N VAL N 390 -47.01 50.11 -4.11
CA VAL N 390 -45.82 49.76 -3.36
C VAL N 390 -46.19 49.58 -1.89
N ALA N 391 -45.33 48.88 -1.17
CA ALA N 391 -45.52 48.65 0.26
C ALA N 391 -44.95 49.83 1.04
N ASN N 392 -45.77 50.38 1.95
CA ASN N 392 -45.34 51.52 2.74
C ASN N 392 -44.32 51.15 3.81
N GLY N 393 -44.11 49.86 4.07
CA GLY N 393 -43.15 49.46 5.08
C GLY N 393 -43.27 47.99 5.39
N ASP N 394 -42.78 47.61 6.56
CA ASP N 394 -42.82 46.23 7.01
C ASP N 394 -44.04 45.96 7.88
N PHE N 395 -44.31 44.69 8.13
CA PHE N 395 -45.38 44.31 9.03
C PHE N 395 -45.06 44.76 10.45
N VAL N 396 -46.12 45.14 11.19
CA VAL N 396 -45.96 45.54 12.58
C VAL N 396 -46.05 44.36 13.54
N GLU N 397 -46.17 43.14 13.02
CA GLU N 397 -46.26 41.94 13.85
C GLU N 397 -45.75 40.77 13.03
N PRO N 398 -45.28 39.71 13.69
CA PRO N 398 -44.82 38.53 12.94
C PRO N 398 -45.94 37.92 12.11
N VAL N 399 -45.57 37.39 10.95
CA VAL N 399 -46.51 36.81 10.00
C VAL N 399 -46.41 35.30 10.06
N GLY N 400 -47.57 34.64 10.07
CA GLY N 400 -47.61 33.19 10.06
C GLY N 400 -48.09 32.62 11.37
N PRO N 401 -47.91 31.31 11.56
CA PRO N 401 -48.34 30.67 12.80
C PRO N 401 -47.57 31.20 13.99
N ALA N 402 -48.25 31.23 15.13
CA ALA N 402 -47.63 31.72 16.36
C ALA N 402 -46.66 30.69 16.93
N PHE N 403 -45.69 31.19 17.69
CA PHE N 403 -44.72 30.35 18.38
C PHE N 403 -44.59 30.83 19.81
N TRP N 404 -43.72 30.16 20.58
CA TRP N 404 -43.60 30.46 22.00
C TRP N 404 -43.08 31.86 22.24
N GLU N 405 -42.12 32.30 21.42
CA GLU N 405 -41.43 33.61 21.59
C GLU N 405 -42.16 34.76 20.87
N ARG N 406 -43.35 34.52 20.32
CA ARG N 406 -44.07 35.58 19.63
C ARG N 406 -44.65 36.57 20.63
N LYS N 407 -44.69 37.84 20.21
CA LYS N 407 -45.21 38.97 20.99
C LYS N 407 -44.81 38.92 22.47
N CYS O 21 -58.05 32.87 26.46
CA CYS O 21 -57.80 34.33 26.66
C CYS O 21 -57.83 35.05 25.31
N SER O 22 -57.67 36.37 25.32
CA SER O 22 -57.70 37.16 24.06
C SER O 22 -56.32 37.76 23.79
N PRO O 23 -55.86 37.88 22.52
CA PRO O 23 -54.53 38.41 22.23
C PRO O 23 -54.35 39.87 22.66
N PRO O 24 -53.45 40.17 23.64
CA PRO O 24 -53.22 41.53 24.11
C PRO O 24 -52.94 42.59 23.04
N GLY O 25 -52.06 42.29 22.09
CA GLY O 25 -51.71 43.27 21.05
C GLY O 25 -52.76 43.36 19.95
N GLU O 26 -53.91 42.73 20.12
CA GLU O 26 -54.94 42.78 19.07
C GLU O 26 -56.17 43.45 19.66
N THR O 27 -56.19 44.78 19.61
CA THR O 27 -57.32 45.56 20.10
C THR O 27 -57.80 46.50 19.01
N ALA O 28 -59.11 46.53 18.81
CA ALA O 28 -59.69 47.46 17.84
C ALA O 28 -59.57 48.91 18.33
N SER O 29 -59.50 49.83 17.38
CA SER O 29 -59.45 51.26 17.69
C SER O 29 -60.43 52.01 16.80
N SER O 30 -60.86 53.17 17.30
CA SER O 30 -61.79 54.01 16.56
C SER O 30 -61.11 55.18 15.87
N GLU O 31 -59.79 55.19 15.80
CA GLU O 31 -59.08 56.29 15.15
C GLU O 31 -59.39 56.30 13.66
N PRO O 32 -59.66 57.45 13.05
CA PRO O 32 -60.01 57.49 11.62
C PRO O 32 -58.86 57.09 10.71
N GLY O 33 -57.69 57.69 10.91
CA GLY O 33 -56.54 57.44 10.07
C GLY O 33 -56.36 58.50 9.00
N THR O 34 -55.19 58.48 8.39
CA THR O 34 -54.81 59.44 7.36
C THR O 34 -54.40 58.70 6.10
N THR O 35 -54.56 59.39 4.97
CA THR O 35 -54.16 58.82 3.69
C THR O 35 -52.64 58.73 3.61
N PRO O 36 -52.07 57.59 3.24
CA PRO O 36 -50.61 57.48 3.16
C PRO O 36 -50.03 58.40 2.10
N ALA O 37 -48.81 58.86 2.37
CA ALA O 37 -48.12 59.76 1.45
C ALA O 37 -47.51 58.97 0.28
N ILE O 38 -47.11 59.71 -0.75
CA ILE O 38 -46.52 59.10 -1.94
C ILE O 38 -45.13 58.58 -1.61
N TRP O 39 -44.88 57.32 -1.94
CA TRP O 39 -43.57 56.74 -1.72
C TRP O 39 -42.54 57.35 -2.66
N THR O 40 -41.35 57.62 -2.14
CA THR O 40 -40.28 58.23 -2.93
C THR O 40 -39.27 57.20 -3.43
N GLY O 41 -38.69 56.43 -2.52
CA GLY O 41 -37.71 55.43 -2.91
C GLY O 41 -36.27 55.90 -2.74
N SER O 42 -35.62 55.42 -1.68
CA SER O 42 -34.23 55.79 -1.39
C SER O 42 -33.29 55.17 -2.42
N PRO O 43 -32.23 55.89 -2.78
CA PRO O 43 -31.25 55.36 -3.73
C PRO O 43 -30.22 54.47 -3.05
N SER O 44 -29.23 54.02 -3.82
CA SER O 44 -28.11 53.22 -3.34
C SER O 44 -28.58 51.93 -2.70
N PRO O 45 -29.06 50.95 -3.48
CA PRO O 45 -29.52 49.66 -2.93
C PRO O 45 -28.35 48.80 -2.45
C01 WUO P . 3.78 18.02 6.51
C03 WUO P . 1.70 17.01 7.35
C05 WUO P . 0.01 18.16 8.78
C06 WUO P . -1.15 17.75 7.81
C07 WUO P . -0.57 17.71 6.40
C08 WUO P . 0.52 16.63 6.45
O11 WUO P . -2.12 18.77 7.83
C12 WUO P . -0.56 18.26 10.24
C14 WUO P . -1.80 16.91 11.75
C16 WUO P . -2.40 15.54 12.02
C17 WUO P . -2.32 15.18 13.52
C18 WUO P . -2.53 13.69 13.84
C19 WUO P . -1.34 12.78 13.49
C20 WUO P . -1.54 11.28 13.83
C21 WUO P . -0.50 10.33 13.18
C22 WUO P . -0.49 8.90 13.76
C23 WUO P . -1.87 8.21 13.80
C24 WUO P . -2.07 7.29 15.02
C25 WUO P . -3.32 6.39 14.94
C26 WUO P . -3.22 5.04 15.70
C27 WUO P . -4.19 4.88 16.91
C28 WUO P . -4.69 3.44 17.17
C29 WUO P . -3.62 2.47 17.73
C30 WUO P . -3.88 2.02 19.17
C31 WUO P . 4.41 19.47 6.54
C33 WUO P . 4.05 20.42 5.38
C35 WUO P . 4.45 19.77 4.08
C37 WUO P . 3.85 18.37 3.89
C39 WUO P . 3.23 17.26 1.84
C41 WUO P . 3.83 18.95 0.33
C42 WUO P . 4.48 17.92 -0.62
C43 WUO P . 5.04 16.73 0.20
C44 WUO P . 3.88 16.12 1.02
C48 WUO P . 3.17 20.10 -0.50
C50 WUO P . 4.13 17.33 5.07
C56 WUO P . 5.31 14.35 7.10
C57 WUO P . 5.36 13.73 8.62
C59 WUO P . 5.30 14.96 10.70
C61 WUO P . 6.02 14.92 12.07
C62 WUO P . 5.13 14.38 13.26
C63 WUO P . 5.54 13.03 13.96
C64 WUO P . 4.41 12.26 14.73
C65 WUO P . 4.75 10.84 15.29
C66 WUO P . 3.59 10.06 15.98
C67 WUO P . 3.69 9.92 17.54
C68 WUO P . 3.42 8.50 18.13
C69 WUO P . 3.72 8.33 19.64
C70 WUO P . 2.83 7.31 20.37
C71 WUO P . 2.97 7.27 21.91
C72 WUO P . 1.92 6.38 22.65
C73 WUO P . 2.43 5.62 23.89
C74 WUO P . 1.35 5.28 24.93
C75 WUO P . 1.85 4.50 26.15
C76 WUO P . 6.19 12.36 8.63
C78 WUO P . 4.69 10.56 9.34
C80 WUO P . 4.66 9.00 9.27
C81 WUO P . 4.07 8.28 10.55
C82 WUO P . 2.50 8.16 10.66
C83 WUO P . 1.68 8.02 9.32
C84 WUO P . 0.61 6.86 9.22
C85 WUO P . 1.14 5.39 9.05
C86 WUO P . 1.56 4.87 7.63
C87 WUO P . 2.29 3.48 7.56
C88 WUO P . 3.49 3.26 6.59
C89 WUO P . 3.18 3.79 5.19
C90 WUO P . 4.02 1.78 6.49
C91 WUO P . 4.58 1.29 5.13
C92 WUO P . 5.75 0.25 5.15
C93 WUO P . 5.68 -0.90 4.08
C94 WUO P . 6.04 -2.34 4.58
C95 WUO P . 5.31 -3.52 3.87
C96 WUO P . 5.09 -3.37 2.34
C97 WUO P . 5.55 -4.57 1.50
O02 WUO P . 2.36 18.15 6.76
O04 WUO P . 1.19 17.36 8.65
O09 WUO P . 0.07 15.37 6.88
O10 WUO P . -1.46 17.27 5.41
O13 WUO P . -0.79 16.96 10.80
O15 WUO P . -2.16 17.92 12.32
O32 WUO P . 4.08 20.06 7.75
O34 WUO P . 4.70 21.63 5.59
O36 WUO P . 3.97 20.56 3.03
O38 WUO P . 4.27 17.80 2.66
O40 WUO P . 2.77 18.36 1.06
O45 WUO P . 2.89 15.59 0.22
O46 WUO P . 5.45 15.73 -0.68
O47 WUO P . 5.56 18.55 -1.25
O49 WUO P . 2.60 20.97 0.45
O51 WUO P . 3.37 16.22 4.86
O53 WUO P . 5.22 14.46 4.07
O54 WUO P . 2.63 13.88 4.27
O55 WUO P . 4.36 13.79 6.29
O58 WUO P . 5.98 14.61 9.56
O60 WUO P . 4.13 15.30 10.60
O77 WUO P . 5.40 11.19 8.32
O79 WUO P . 4.16 11.19 10.19
P52 WUO P . 3.87 14.53 4.71
FE HEC Q . 3.42 20.14 -15.06
CHA HEC Q . 6.68 20.12 -14.00
CHB HEC Q . 2.84 22.97 -13.20
CHC HEC Q . 0.15 20.26 -16.21
CHD HEC Q . 3.85 17.16 -16.69
NA HEC Q . 4.56 21.34 -13.87
C1A HEC Q . 5.87 21.10 -13.50
C2A HEC Q . 6.24 22.08 -12.49
C3A HEC Q . 5.18 22.87 -12.27
C4A HEC Q . 4.10 22.42 -13.14
CMA HEC Q . 5.09 24.05 -11.29
CAA HEC Q . 7.63 22.17 -11.81
CBA HEC Q . 7.54 21.74 -10.35
CGA HEC Q . 8.92 21.75 -9.74
O1A HEC Q . 9.91 21.63 -10.51
O2A HEC Q . 9.03 21.88 -8.49
NB HEC Q . 1.78 21.35 -14.72
C1B HEC Q . 1.81 22.53 -14.00
C2B HEC Q . 0.56 23.22 -14.22
C3B HEC Q . -0.19 22.47 -15.05
C4B HEC Q . 0.57 21.28 -15.37
CMB HEC Q . 0.18 24.58 -13.59
CAB HEC Q . -1.61 22.79 -15.58
CBB HEC Q . -1.59 24.00 -16.53
NC HEC Q . 2.22 18.93 -16.22
C1C HEC Q . 0.91 19.17 -16.58
C2C HEC Q . 0.52 18.15 -17.54
C3C HEC Q . 1.49 17.23 -17.55
C4C HEC Q . 2.61 17.75 -16.79
CMC HEC Q . -0.92 17.93 -18.04
CAC HEC Q . 1.52 15.91 -18.34
CBC HEC Q . 1.62 16.17 -19.86
ND HEC Q . 5.01 18.81 -15.26
C1D HEC Q . 4.97 17.70 -16.10
C2D HEC Q . 6.32 17.21 -16.28
C3D HEC Q . 7.20 18.13 -15.44
C4D HEC Q . 6.31 19.09 -14.84
CMD HEC Q . 6.76 16.00 -17.13
CAD HEC Q . 8.74 18.07 -15.24
CBD HEC Q . 9.45 18.26 -16.58
CGD HEC Q . 10.93 18.29 -16.35
O1D HEC Q . 11.69 18.63 -17.29
O2D HEC Q . 11.36 17.98 -15.21
FE HEC R . 19.85 22.20 -21.33
CHA HEC R . 16.72 21.62 -22.65
CHB HEC R . 18.94 25.48 -20.72
CHC HEC R . 22.96 22.85 -20.01
CHD HEC R . 20.75 18.94 -21.82
NA HEC R . 18.16 23.34 -21.66
C1A HEC R . 16.96 22.88 -22.15
C2A HEC R . 15.99 23.96 -22.04
C3A HEC R . 16.61 25.02 -21.51
C4A HEC R . 17.98 24.66 -21.26
CMA HEC R . 15.96 26.39 -21.22
CAA HEC R . 14.50 23.91 -22.47
CBA HEC R . 14.42 23.83 -23.99
CGA HEC R . 12.99 24.03 -24.43
O1A HEC R . 12.11 24.25 -23.55
O2A HEC R . 12.72 23.96 -25.66
NB HEC R . 20.80 23.88 -20.57
C1B HEC R . 20.19 25.08 -20.30
C2B HEC R . 21.09 25.87 -19.48
C3B HEC R . 22.21 25.15 -19.29
C4B HEC R . 22.04 23.88 -19.97
CMB HEC R . 20.80 27.29 -18.95
CAB HEC R . 23.45 25.56 -18.48
CBB HEC R . 23.11 25.60 -16.97
NC HEC R . 21.52 21.10 -20.93
C1C HEC R . 22.73 21.57 -20.48
C2C HEC R . 23.67 20.47 -20.45
C3C HEC R . 23.09 19.44 -21.08
C4C HEC R . 21.71 19.78 -21.32
CMC HEC R . 25.19 20.63 -20.21
CAC HEC R . 23.73 18.06 -21.39
CBC HEC R . 23.98 17.28 -20.09
ND HEC R . 18.88 20.53 -22.12
C1D HEC R . 19.46 19.27 -22.19
C2D HEC R . 18.49 18.35 -22.74
C3D HEC R . 17.23 19.19 -22.99
C4D HEC R . 17.57 20.53 -22.58
CMD HEC R . 18.69 16.84 -22.99
CAD HEC R . 15.87 18.70 -23.57
CBD HEC R . 15.13 17.87 -22.53
CGD HEC R . 15.54 18.31 -21.15
O1D HEC R . 15.22 19.46 -20.77
O2D HEC R . 16.20 17.50 -20.44
C5 MQ9 S . 2.03 6.22 -0.60
C5M MQ9 S . 2.26 6.22 -2.08
C4 MQ9 S . 2.15 7.52 0.12
O4 MQ9 S . 2.41 8.55 -0.51
C3 MQ9 S . 1.97 7.56 1.59
C2 MQ9 S . 1.69 6.39 2.29
C1 MQ9 S . 1.61 5.09 1.57
O1 MQ9 S . 1.44 4.04 2.19
C6 MQ9 S . 1.72 5.07 0.09
C3A MQ9 S . 2.04 8.77 2.26
C3B MQ9 S . 1.86 8.81 3.63
C3C MQ9 S . 1.60 7.63 4.34
C3D MQ9 S . 1.52 6.44 3.67
C7 MQ9 S . 1.51 3.77 -0.64
C8 MQ9 S . 2.15 2.58 0.03
C9 MQ9 S . 2.43 1.41 -0.51
C10 MQ9 S . 1.57 0.76 -1.56
C11 MQ9 S . 3.65 0.64 -0.11
C12 MQ9 S . 4.65 0.43 -1.24
C13 MQ9 S . 5.50 -0.78 -1.05
C14 MQ9 S . 6.40 -1.29 -1.88
C15 MQ9 S . 6.11 -1.67 -3.30
C16 MQ9 S . 7.82 -1.53 -1.44
C17 MQ9 S . 8.00 -1.55 0.06
C18 MQ9 S . 9.31 -2.14 0.49
C19 MQ9 S . 10.30 -1.55 1.13
C20 MQ9 S . 10.46 -0.06 1.24
C21 MQ9 S . 11.36 -2.35 1.84
C22 MQ9 S . 12.11 -3.29 0.92
C23 MQ9 S . 12.75 -4.44 1.66
C24 MQ9 S . 13.66 -5.30 1.20
C25 MQ9 S . 13.31 -6.59 0.54
C26 MQ9 S . 15.13 -5.02 1.33
C27 MQ9 S . 15.80 -4.70 0.01
C28 MQ9 S . 15.51 -5.70 -1.05
C29 MQ9 S . 15.28 -5.49 -2.34
C30 MQ9 S . 15.07 -6.58 -3.35
C31 MQ9 S . 15.21 -4.09 -2.90
C32 MQ9 S . 14.19 -3.93 -4.02
C33 MQ9 S . 13.66 -2.53 -4.13
C34 MQ9 S . 14.30 -1.39 -3.86
C35 MQ9 S . 15.06 -1.15 -2.59
C36 MQ9 S . 14.29 -0.25 -4.83
C37 MQ9 S . 13.01 0.56 -4.80
C38 MQ9 S . 11.86 -0.15 -5.43
C39 MQ9 S . 10.86 -0.80 -4.82
C40 MQ9 S . 10.95 -1.33 -3.43
C41 MQ9 S . 9.56 -1.04 -5.53
C42 MQ9 S . 9.06 -2.47 -5.39
C43 MQ9 S . 8.02 -2.82 -6.42
C44 MQ9 S . 8.21 -3.05 -7.72
C45 MQ9 S . 9.37 -3.82 -8.28
C46 MQ9 S . 7.24 -2.53 -8.74
C47 MQ9 S . 6.53 -3.62 -9.52
C48 MQ9 S . 5.33 -4.16 -8.79
C49 MQ9 S . 4.05 -3.96 -9.05
C50 MQ9 S . 3.43 -2.60 -9.08
C51 MQ9 S . 3.11 -5.08 -9.34
C1 CDL T . 2.55 -14.35 25.74
O1 CDL T . 3.07 -14.27 27.07
CA2 CDL T . 3.47 -13.59 24.80
OA2 CDL T . 4.59 -14.43 24.43
PA1 CDL T . 5.07 -14.49 22.91
OA3 CDL T . 4.19 -15.45 22.16
OA4 CDL T . 6.56 -14.67 22.88
OA5 CDL T . 4.74 -13.01 22.38
CA3 CDL T . 5.83 -12.06 22.20
CA4 CDL T . 5.33 -10.84 21.46
OA6 CDL T . 6.25 -9.74 21.67
CA5 CDL T . 7.19 -9.52 20.75
OA7 CDL T . 7.53 -10.36 19.95
C11 CDL T . 7.77 -8.13 20.81
C12 CDL T . 7.19 -7.20 19.78
C13 CDL T . 7.40 -5.73 20.15
C14 CDL T . 6.65 -5.29 21.39
C15 CDL T . 7.07 -3.94 21.92
C16 CDL T . 7.28 -2.90 20.85
C17 CDL T . 6.01 -2.27 20.35
C18 CDL T . 6.14 -0.82 19.97
C19 CDL T . 5.66 -0.49 18.57
C20 CDL T . 6.10 0.85 18.06
CA6 CDL T . 3.94 -10.42 21.87
OA8 CDL T . 3.69 -9.10 21.33
CA7 CDL T . 2.66 -8.99 20.49
OA9 CDL T . 1.91 -9.89 20.25
C31 CDL T . 2.59 -7.61 19.89
C32 CDL T . 2.66 -7.61 18.39
C33 CDL T . 1.30 -7.67 17.74
C34 CDL T . 1.27 -7.25 16.29
C35 CDL T . 0.63 -8.24 15.36
C36 CDL T . 0.74 -7.89 13.90
C37 CDL T . 1.13 -9.04 13.01
C38 CDL T . 1.85 -8.63 11.75
C39 CDL T . 2.68 -9.73 11.13
CB2 CDL T . 1.13 -13.85 25.72
OB2 CDL T . 1.08 -12.51 26.30
PB2 CDL T . -0.35 -11.85 26.63
OB3 CDL T . -1.07 -11.61 25.33
OB4 CDL T . -1.00 -12.67 27.72
OB5 CDL T . 0.05 -10.42 27.25
CB3 CDL T . 1.39 -9.91 27.03
CB4 CDL T . 1.31 -8.52 26.44
OB6 CDL T . 2.56 -8.22 25.75
CB5 CDL T . 2.50 -7.79 24.49
OB7 CDL T . 1.88 -8.37 23.64
C51 CDL T . 3.29 -6.53 24.26
C52 CDL T . 2.47 -5.40 23.73
C53 CDL T . 3.18 -4.65 22.62
C54 CDL T . 2.80 -3.18 22.53
C55 CDL T . 3.08 -2.40 23.79
C56 CDL T . 2.26 -1.13 23.92
C57 CDL T . 2.53 -0.11 22.84
C58 CDL T . 1.32 0.24 22.00
C59 CDL T . 1.53 1.37 21.04
C60 CDL T . 0.76 2.63 21.38
C61 CDL T . 0.89 3.73 20.37
CB6 CDL T . 1.03 -7.44 27.46
OB8 CDL T . 0.96 -6.17 26.79
CB7 CDL T . -0.24 -5.61 26.71
OB9 CDL T . -0.87 -5.26 27.66
C71 CDL T . -0.70 -5.48 25.27
C72 CDL T . -1.44 -4.21 25.01
C73 CDL T . -1.98 -4.14 23.59
C74 CDL T . -0.98 -4.53 22.53
C75 CDL T . -1.47 -4.34 21.11
C76 CDL T . -1.08 -3.03 20.49
C77 CDL T . -0.38 -3.16 19.16
C78 CDL T . 0.16 -1.87 18.61
C79 CDL T . -0.50 -1.40 17.34
C80 CDL T . 0.00 -0.07 16.84
C81 CDL T . 0.23 -0.02 15.34
C82 CDL T . 1.45 0.76 14.93
C83 CDL T . 2.66 -0.10 14.64
C84 CDL T . 3.31 0.17 13.30
C85 CDL T . 3.79 1.59 13.12
C86 CDL T . 3.52 2.17 11.76
C87 CDL T . 4.07 3.56 11.57
FE1 FES U . -8.55 1.63 -19.25
FE2 FES U . -8.44 4.45 -20.57
S1 FES U . -6.93 2.86 -20.16
S2 FES U . -9.88 3.42 -19.19
P 9YF V . -38.72 0.54 -25.16
O1 9YF V . -40.17 0.21 -25.16
O2 9YF V . -38.42 1.14 -23.55
O3 9YF V . -38.81 3.57 -22.25
O4 9YF V . -39.54 3.54 -19.57
C 9YF V . -39.08 -3.29 -25.39
O 9YF V . -38.01 -1.06 -25.36
C1 9YF V . -38.65 -1.98 -26.16
C10 9YF V . -39.31 -5.25 -21.78
C11 9YF V . -39.91 -6.36 -20.90
C12 9YF V . -38.89 -7.26 -20.18
C13 9YF V . -39.27 -8.75 -20.12
C14 9YF V . -38.40 -9.72 -20.95
C15 9YF V . -37.90 -10.97 -20.20
C16 9YF V . -38.45 -12.29 -20.79
C17 9YF V . -39.82 -12.17 -21.47
C18 9YF V . -40.14 -13.34 -22.42
C19 9YF V . -40.76 -12.89 -23.75
C2 9YF V . -39.41 1.31 -22.63
C20 9YF V . -39.80 -12.09 -24.65
C21 9YF V . -40.27 -10.65 -24.86
C22 9YF V . -40.56 -10.33 -26.34
C23 9YF V . -41.42 -11.40 -27.00
C24 9YF V . -37.79 -4.03 -24.88
C25 9YF V . -37.29 -5.85 -26.34
C26 9YF V . -36.28 -6.93 -25.96
C27 9YF V . -36.87 -8.03 -25.04
C28 9YF V . -36.31 -8.11 -23.59
C29 9YF V . -34.75 -8.18 -23.49
C3 9YF V . -38.95 2.36 -21.57
C30 9YF V . -34.13 -7.90 -22.09
C31 9YF V . -32.59 -7.60 -22.06
C32 9YF V . -31.69 -8.70 -21.42
C33 9YF V . -31.26 -8.51 -19.91
C34 9YF V . -29.75 -8.73 -19.81
C35 9YF V . -31.59 -7.13 -19.27
C36 9YF V . -30.92 -6.84 -17.90
C37 9YF V . -31.89 -6.85 -16.68
C38 9YF V . -31.20 -7.10 -15.31
C39 9YF V . -30.92 -8.59 -14.97
C4 9YF V . -40.04 2.60 -20.46
C40 9YF V . -29.52 -9.09 -15.40
C41 9YF V . -28.55 -9.36 -14.24
C42 9YF V . -28.04 -10.82 -14.21
C43 9YF V . -27.16 -11.12 -13.02
C5 9YF V . -40.28 1.28 -19.71
C6 9YF V . -40.68 0.14 -20.69
C7 9YF V . -39.63 -0.02 -21.82
C8 9YF V . -40.55 -3.96 -23.61
C9 9YF V . -40.29 -4.13 -22.12
O10 9YF V . -41.36 -4.62 -24.25
O11 9YF V . -37.01 -4.56 -25.97
O12 9YF V . -38.33 -6.09 -26.93
O5 9YF V . -39.11 0.92 -19.04
O6 9YF V . -41.89 0.39 -21.33
O7 9YF V . -40.19 -0.93 -22.72
O8 9YF V . -37.91 1.42 -26.03
O9 9YF V . -39.80 -2.99 -24.20
P 7PH W . -41.39 -41.87 1.97
O12 7PH W . -40.31 -42.89 1.72
O13 7PH W . -41.77 -41.89 3.43
O14 7PH W . -42.60 -42.21 1.13
O11 7PH W . -40.85 -40.37 1.56
C1 7PH W . -40.99 -39.33 2.48
C2 7PH W . -41.60 -38.11 1.77
C3 7PH W . -41.26 -36.83 2.53
O31 7PH W . -42.41 -36.04 2.64
O32 7PH W . -41.05 -34.31 3.05
C31 7PH W . -42.16 -34.71 3.00
C32 7PH W . -43.33 -33.77 3.31
C33 7PH W . -42.98 -32.34 2.91
C34 7PH W . -44.13 -31.40 3.25
C35 7PH W . -45.41 -31.87 2.56
C36 7PH W . -46.47 -30.79 2.65
C37 7PH W . -47.74 -31.26 1.95
C38 7PH W . -48.71 -30.10 1.75
C39 7PH W . -49.92 -30.56 0.95
C3A 7PH W . -50.84 -29.39 0.66
C3B 7PH W . -50.21 -28.50 -0.42
C3C 7PH W . -51.25 -27.49 -0.92
O21 7PH W . -41.11 -38.04 0.47
O22 7PH W . -42.88 -39.24 -0.21
C21 7PH W . -41.99 -38.52 -0.51
C22 7PH W . -41.80 -38.12 -1.97
C23 7PH W . -42.13 -36.64 -2.13
C24 7PH W . -41.64 -36.13 -3.47
C25 7PH W . -41.06 -34.73 -3.31
C26 7PH W . -42.08 -33.83 -2.63
C27 7PH W . -41.46 -32.46 -2.37
C28 7PH W . -42.40 -31.62 -1.51
C29 7PH W . -43.81 -31.62 -2.10
C2A 7PH W . -44.79 -31.02 -1.08
C2B 7PH W . -44.76 -29.50 -1.18
C2C 7PH W . -45.93 -29.03 -2.05
C2D 7PH W . -46.68 -27.92 -1.33
C2E 7PH W . -45.79 -26.68 -1.22
O IZL X . -26.08 -10.16 -31.91
C10 IZL X . -27.08 -10.49 -32.43
C11 IZL X . -28.28 -9.56 -30.55
C12 IZL X . -28.35 -7.99 -30.62
C13 IZL X . -29.64 -6.23 -31.54
C14 IZL X . -28.73 -5.77 -33.76
C15 IZL X . -27.32 -6.01 -34.43
C16 IZL X . -26.36 -4.86 -34.01
C17 IZL X . -26.85 -3.54 -34.63
C18 IZL X . -28.24 -3.18 -34.01
C19 IZL X . -28.68 -0.79 -34.05
C20 IZL X . -27.92 -0.11 -36.16
C21 IZL X . -26.64 0.41 -36.89
C22 IZL X . -24.76 -0.81 -37.80
C23 IZL X . -22.92 0.48 -36.95
C24 IZL X . -21.98 1.75 -37.09
C25 IZL X . -23.16 3.46 -38.34
C26 IZL X . -24.39 4.77 -36.83
C27 IZL X . -25.67 3.91 -37.14
C28 IZL X . -24.35 6.02 -37.71
C29 IZL X . -24.05 5.68 -39.23
C30 IZL X . -22.94 4.60 -39.44
C31 IZL X . -22.22 4.51 -41.81
C32 IZL X . -21.44 3.60 -43.92
C33 IZL X . -19.91 3.89 -43.62
C34 IZL X . -22.09 4.72 -44.78
C35 IZL X . -22.25 6.07 -43.98
C36 IZL X . -22.73 5.88 -42.50
C37 IZL X . -22.07 -0.77 -36.72
C38 IZL X . -23.01 -1.95 -36.34
C39 IZL X . -24.06 -2.19 -37.48
C40 IZL X . -29.15 0.77 -36.49
C41 IZL X . -30.37 0.24 -35.67
C42 IZL X . -30.00 0.03 -34.16
C43 IZL X . -29.29 -4.33 -34.18
C44 IZL X . -32.92 -6.64 -34.03
C45 IZL X . -33.17 -7.89 -32.98
C46 IZL X . -31.93 -8.82 -32.94
C47 IZL X . -31.60 -11.11 -33.52
C48 IZL X . -32.05 -11.59 -32.09
C49 IZL X . -31.92 -13.14 -31.92
C50 IZL X . -30.46 -13.70 -31.67
C51 IZL X . -29.73 -13.18 -30.39
C52 IZL X . -30.12 -13.85 -29.04
C53 IZL X . -31.59 -13.63 -28.55
C54 IZL X . -32.56 -14.83 -28.73
C55 IZL X . -32.32 -16.07 -27.80
C56 IZL X . -33.41 -16.34 -26.70
C57 IZL X . -34.10 -15.04 -26.25
C58 IZL X . -32.85 -17.09 -25.47
C59 IZL X . -33.94 -17.80 -24.64
C60 IZL X . -33.49 -8.23 -30.56
C61 IZL X . -32.42 -8.29 -29.40
C62 IZL X . -33.04 -8.68 -27.98
C63 IZL X . -32.04 -8.78 -26.76
C64 IZL X . -31.14 -10.06 -26.68
C65 IZL X . -31.67 -11.27 -25.85
C66 IZL X . -30.63 -12.38 -25.49
C7 IZL X . -25.80 -13.27 -32.60
C71 IZL X . -29.57 -5.39 -30.18
C72 IZL X . -28.32 -5.83 -29.38
C73 IZL X . -28.32 -7.36 -29.22
C8 IZL X . -26.91 -12.82 -33.62
C9 IZL X . -27.09 -11.27 -33.78
O1 IZL X . -28.28 -10.20 -31.79
O10 IZL X . -23.82 0.22 -38.01
O11 IZL X . -22.13 2.50 -38.27
O12 IZL X . -23.23 4.04 -37.08
O13 IZL X . -26.67 4.79 -37.59
O14 IZL X . -23.32 6.81 -37.23
O15 IZL X . -25.20 5.24 -39.88
O16 IZL X . -23.07 4.07 -40.74
O17 IZL X . -22.18 3.44 -42.72
O18 IZL X . -19.15 3.11 -44.49
O19 IZL X . -23.34 4.25 -45.15
O2 IZL X . -29.53 -7.58 -31.27
O20 IZL X . -21.04 6.78 -43.99
O21 IZL X . -22.28 6.93 -41.72
O22 IZL X . -21.21 -0.44 -35.69
O23 IZL X . -22.27 -3.08 -36.13
O24 IZL X . -23.46 -2.65 -38.61
O25 IZL X . -29.29 0.63 -37.86
O26 IZL X . -31.38 1.16 -35.82
O27 IZL X . -29.73 1.25 -33.58
O28 IZL X . -30.38 -4.01 -33.46
O29 IZL X . -32.57 -2.88 -33.23
O3 IZL X . -28.56 -5.86 -32.36
O30 IZL X . -31.94 -4.02 -35.49
O31 IZL X . -32.86 -5.41 -33.45
O32 IZL X . -31.93 -9.84 -33.96
O33 IZL X . -30.98 -11.82 -34.24
O34 IZL X . -33.32 -7.32 -31.63
O35 IZL X . -34.42 -8.93 -30.57
O36 IZL X . -30.73 -5.65 -29.47
O37 IZL X . -28.36 -5.24 -28.14
O38 IZL X . -27.19 -7.80 -28.62
O4 IZL X . -26.79 -7.18 -33.96
O5 IZL X . -25.08 -5.11 -34.48
O6 IZL X . -25.98 -2.53 -34.30
O7 IZL X . -28.78 -2.04 -34.64
O8 IZL X . -27.72 -0.11 -34.76
O9 IZL X . -25.56 -0.45 -36.72
P IZL X . -32.01 -4.00 -34.04
C1 IZL X . -26.26 -13.52 -31.12
C2 IZL X . -26.08 -14.96 -30.58
C3 IZL X . -24.61 -15.48 -30.50
C4 IZL X . -23.86 -15.23 -29.14
C5 IZL X . -24.26 -16.15 -27.96
C6 IZL X . -25.54 -15.74 -27.18
C67 IZL X . -26.76 -16.65 -27.42
C68 IZL X . -31.04 -13.40 -24.39
C69 IZL X . -31.24 -12.82 -22.96
C70 IZL X . -30.75 -13.72 -21.81
C74 IZL X . -29.29 -14.17 -21.92
C5 MQ9 Y . -2.61 -6.24 2.14
C5M MQ9 Y . -3.05 -7.64 2.48
C4 MQ9 Y . -3.55 -5.40 1.36
O4 MQ9 Y . -4.63 -5.86 0.99
C3 MQ9 Y . -3.16 -4.02 1.00
C2 MQ9 Y . -1.93 -3.51 1.41
C1 MQ9 Y . -1.00 -4.35 2.20
O1 MQ9 Y . 0.09 -3.92 2.57
C6 MQ9 Y . -1.40 -5.74 2.55
C3A MQ9 Y . -4.03 -3.21 0.25
C3B MQ9 Y . -3.66 -1.93 -0.07
C3C MQ9 Y . -2.43 -1.42 0.33
C3D MQ9 Y . -1.57 -2.21 1.08
C7 MQ9 Y . -0.45 -6.59 3.37
C8 MQ9 Y . -0.65 -6.46 4.85
C9 MQ9 Y . 0.15 -5.84 5.71
C10 MQ9 Y . 1.44 -5.20 5.31
C11 MQ9 Y . -0.20 -5.74 7.17
C12 MQ9 Y . 0.61 -6.69 8.05
C13 MQ9 Y . 0.11 -8.10 7.99
C14 MQ9 Y . -0.80 -8.68 8.76
C15 MQ9 Y . -1.39 -8.04 9.99
C16 MQ9 Y . -1.31 -10.07 8.47
C17 MQ9 Y . -2.78 -10.10 8.11
C18 MQ9 Y . -3.02 -10.16 6.63
C19 MQ9 Y . -3.56 -11.14 5.93
C20 MQ9 Y . -3.96 -12.46 6.50
C21 MQ9 Y . -3.82 -10.99 4.45
C22 MQ9 Y . -4.72 -12.06 3.88
C23 MQ9 Y . -5.56 -11.58 2.74
C24 MQ9 Y . -6.54 -12.21 2.11
C25 MQ9 Y . -7.06 -13.56 2.52
C26 MQ9 Y . -7.21 -11.61 0.91
C27 MQ9 Y . -8.19 -12.55 0.23
C28 MQ9 Y . -8.93 -11.90 -0.89
C29 MQ9 Y . -9.95 -12.39 -1.60
C30 MQ9 Y . -10.56 -13.74 -1.36
C31 MQ9 Y . -10.58 -11.59 -2.71
C32 MQ9 Y . -10.04 -11.93 -4.08
C33 MQ9 Y . -8.88 -12.88 -4.01
C34 MQ9 Y . -7.99 -13.15 -4.96
C35 MQ9 Y . -7.88 -12.39 -6.25
C36 MQ9 Y . -7.01 -14.27 -4.81
C37 MQ9 Y . -7.18 -15.38 -5.83
C38 MQ9 Y . -8.36 -16.26 -5.54
C39 MQ9 Y . -8.89 -17.20 -6.31
C40 MQ9 Y . -8.50 -17.41 -7.75
C41 MQ9 Y . -9.93 -18.15 -5.78
C42 MQ9 Y . -9.38 -19.53 -5.46
C43 MQ9 Y . -8.72 -19.59 -4.12
C44 MQ9 Y . -9.23 -20.04 -2.98
C45 MQ9 Y . -10.55 -20.72 -2.86
C46 MQ9 Y . -8.47 -19.89 -1.69
C47 MQ9 Y . -8.52 -18.49 -1.11
C48 MQ9 Y . -7.69 -18.33 0.13
C49 MQ9 Y . -7.19 -17.22 0.64
C50 MQ9 Y . -6.50 -17.19 1.97
C51 MQ9 Y . -7.25 -15.90 -0.06
CHA HEM Z . -21.01 6.28 2.53
CHB HEM Z . -19.40 1.74 3.18
CHC HEM Z . -23.50 0.65 5.54
CHD HEM Z . -25.20 5.12 4.72
C1A HEM Z . -20.18 5.17 2.59
C2A HEM Z . -18.78 5.14 2.24
C3A HEM Z . -18.34 3.89 2.42
C4A HEM Z . -19.44 3.09 2.88
CMA HEM Z . -16.90 3.41 2.17
CAA HEM Z . -17.92 6.34 1.76
CBA HEM Z . -17.84 7.40 2.84
CGA HEM Z . -17.06 8.59 2.34
O1A HEM Z . -16.57 8.54 1.19
O2A HEM Z . -16.93 9.58 3.10
C1B HEM Z . -20.38 1.04 3.85
C2B HEM Z . -20.35 -0.38 4.18
C3B HEM Z . -21.48 -0.68 4.83
C4B HEM Z . -22.26 0.54 4.94
CMB HEM Z . -19.16 -1.30 3.80
CAB HEM Z . -21.97 -2.02 5.41
CBB HEM Z . -21.32 -3.19 5.33
C1C HEM Z . -24.29 1.77 5.55
C2C HEM Z . -25.56 1.90 6.24
C3C HEM Z . -26.05 3.14 6.01
C4C HEM Z . -25.08 3.83 5.18
CMC HEM Z . -26.20 0.76 7.07
CAC HEM Z . -27.34 3.81 6.50
CBC HEM Z . -28.08 3.36 7.54
C1D HEM Z . -24.23 5.81 4.01
C2D HEM Z . -24.37 7.14 3.44
C3D HEM Z . -23.22 7.44 2.84
C4D HEM Z . -22.31 6.34 3.01
CMD HEM Z . -25.63 8.02 3.52
CAD HEM Z . -22.89 8.76 2.09
CBD HEM Z . -22.53 9.84 3.10
CGD HEM Z . -21.33 10.60 2.60
O1D HEM Z . -21.06 11.71 3.13
O2D HEM Z . -20.65 10.10 1.66
NA HEM Z . -20.56 3.91 2.97
NB HEM Z . -21.56 1.56 4.33
NC HEM Z . -24.03 2.96 4.91
ND HEM Z . -22.96 5.36 3.73
FE HEM Z . -22.26 3.45 4.03
C1 CDL AA . -32.49 -25.13 19.88
O1 CDL AA . -33.53 -25.95 20.43
CA2 CDL AA . -31.19 -25.89 19.91
OA2 CDL AA . -31.26 -27.04 19.02
PA1 CDL AA . -29.90 -27.71 18.49
OA3 CDL AA . -28.75 -27.10 19.25
OA4 CDL AA . -30.09 -29.20 18.49
OA5 CDL AA . -29.82 -27.21 16.97
CA3 CDL AA . -31.01 -26.64 16.34
CA4 CDL AA . -30.59 -25.54 15.40
OA6 CDL AA . -31.77 -24.80 14.99
CA5 CDL AA . -32.33 -23.97 15.88
OA7 CDL AA . -33.22 -24.30 16.61
C11 CDL AA . -31.71 -22.59 15.87
C12 CDL AA . -32.62 -21.53 16.40
C13 CDL AA . -32.99 -20.49 15.35
C14 CDL AA . -33.23 -19.10 15.91
C15 CDL AA . -32.05 -18.17 15.79
C16 CDL AA . -32.07 -17.02 16.77
C17 CDL AA . -31.60 -15.71 16.20
C18 CDL AA . -32.32 -15.29 14.94
C19 CDL AA . -31.41 -15.00 13.77
C20 CDL AA . -31.62 -15.90 12.58
C21 CDL AA . -31.65 -15.18 11.26
C22 CDL AA . -31.84 -16.07 10.06
CA6 CDL AA . -29.88 -26.04 14.16
OA8 CDL AA . -29.86 -24.99 13.17
CA7 CDL AA . -29.11 -23.93 13.46
OA9 CDL AA . -28.01 -24.01 13.93
C31 CDL AA . -29.81 -22.64 13.12
C32 CDL AA . -29.89 -22.37 11.66
C33 CDL AA . -29.81 -20.89 11.33
C34 CDL AA . -30.59 -20.49 10.10
C35 CDL AA . -31.39 -19.22 10.26
CB2 CDL AA . -32.44 -23.82 20.61
OB2 CDL AA . -31.96 -24.04 21.96
PB2 CDL AA . -32.26 -22.92 23.09
OB3 CDL AA . -33.59 -23.23 23.71
OB4 CDL AA . -31.03 -22.79 23.96
OB5 CDL AA . -32.42 -21.57 22.23
CB3 CDL AA . -33.22 -20.48 22.77
CB4 CDL AA . -32.37 -19.24 22.87
OB6 CDL AA . -33.23 -18.12 23.27
CB5 CDL AA . -32.84 -17.38 24.32
OB7 CDL AA . -31.69 -17.08 24.51
C51 CDL AA . -33.98 -16.99 25.22
C52 CDL AA . -33.89 -15.58 25.71
C53 CDL AA . -35.06 -15.20 26.59
C54 CDL AA . -35.48 -13.74 26.49
C55 CDL AA . -35.61 -13.03 27.81
C56 CDL AA . -37.03 -12.89 28.30
C57 CDL AA . -37.92 -12.11 27.37
C58 CDL AA . -38.38 -10.77 27.92
C59 CDL AA . -39.45 -10.09 27.10
C60 CDL AA . -39.37 -8.59 27.13
C61 CDL AA . -39.89 -7.92 25.88
C62 CDL AA . -39.23 -6.60 25.57
CB6 CDL AA . -31.67 -18.88 21.59
OB8 CDL AA . -31.03 -17.60 21.75
CB7 CDL AA . -29.77 -17.51 21.35
OB9 CDL AA . -28.93 -16.85 21.92
C71 CDL AA . -29.53 -18.32 20.11
C72 CDL AA . -29.55 -17.50 18.86
C73 CDL AA . -28.23 -17.58 18.09
C74 CDL AA . -27.29 -16.42 18.34
C75 CDL AA . -26.83 -15.71 17.09
C76 CDL AA . -27.86 -14.80 16.48
C77 CDL AA . -27.37 -13.39 16.24
C78 CDL AA . -28.47 -12.39 15.97
C79 CDL AA . -27.97 -10.99 15.67
C80 CDL AA . -26.85 -10.94 14.67
C81 CDL AA . -26.92 -9.75 13.73
C82 CDL AA . -25.75 -8.81 13.83
C83 CDL AA . -25.79 -7.67 12.85
C1 CDL BA . -1.55 -22.71 15.33
O1 CDL BA . -0.79 -23.76 15.94
CA2 CDL BA . -0.80 -22.22 14.11
OA2 CDL BA . -0.21 -23.34 13.40
PA1 CDL BA . 1.06 -23.08 12.45
OA3 CDL BA . 2.11 -22.38 13.25
OA4 CDL BA . 1.39 -24.38 11.76
OA5 CDL BA . 0.49 -22.05 11.37
CA3 CDL BA . 1.15 -20.77 11.19
CA4 CDL BA . 1.59 -20.63 9.75
OA6 CDL BA . 0.44 -20.33 8.92
CA5 CDL BA . 0.59 -19.43 7.93
OA7 CDL BA . 1.35 -18.50 8.02
C11 CDL BA . -0.27 -19.71 6.74
C12 CDL BA . -0.61 -18.49 5.94
C13 CDL BA . 0.44 -18.17 4.90
C14 CDL BA . 0.23 -16.85 4.20
C15 CDL BA . 1.47 -16.30 3.52
C16 CDL BA . 1.19 -15.33 2.40
C17 CDL BA . 2.20 -15.35 1.30
C18 CDL BA . 2.19 -14.11 0.43
C19 CDL BA . 3.56 -13.68 -0.04
C20 CDL BA . 3.53 -12.61 -1.12
C21 CDL BA . 4.63 -11.58 -0.99
CA6 CDL BA . 2.28 -21.87 9.21
OA8 CDL BA . 3.10 -21.49 8.08
CA7 CDL BA . 3.18 -22.37 7.09
OA9 CDL BA . 2.48 -23.35 7.02
C31 CDL BA . 4.21 -21.98 6.08
C32 CDL BA . 4.49 -20.50 6.07
C33 CDL BA . 3.75 -19.78 4.95
C34 CDL BA . 4.50 -19.71 3.65
C35 CDL BA . 5.14 -18.37 3.38
C36 CDL BA . 5.16 -17.97 1.91
C37 CDL BA . 5.71 -16.60 1.65
C38 CDL BA . 6.86 -16.57 0.67
C39 CDL BA . 8.12 -15.95 1.20
C40 CDL BA . 8.87 -15.10 0.21
C41 CDL BA . 7.99 -14.12 -0.55
C42 CDL BA . 8.45 -13.83 -1.95
CB2 CDL BA . -1.81 -21.63 16.35
OB2 CDL BA . -0.56 -21.04 16.78
PB2 CDL BA . -0.57 -19.96 17.96
OB3 CDL BA . 0.68 -20.16 18.79
OB4 CDL BA . -1.92 -19.99 18.62
OB5 CDL BA . -0.42 -18.56 17.19
CB3 CDL BA . 0.88 -18.19 16.63
CB4 CDL BA . 0.69 -17.08 15.62
OB6 CDL BA . 1.46 -17.40 14.43
CB5 CDL BA . 0.80 -17.49 13.26
OB7 CDL BA . -0.25 -18.05 13.17
C51 CDL BA . 1.53 -16.82 12.12
C52 CDL BA . 0.68 -15.83 11.38
C53 CDL BA . 0.87 -15.93 9.88
C54 CDL BA . 1.05 -14.59 9.20
C55 CDL BA . 0.59 -14.56 7.76
C56 CDL BA . 1.55 -13.86 6.83
C57 CDL BA . 1.09 -12.47 6.41
C58 CDL BA . 1.20 -12.21 4.93
C59 CDL BA . 1.30 -10.75 4.57
C60 CDL BA . 2.41 -10.42 3.60
C61 CDL BA . 2.81 -8.97 3.58
C62 CDL BA . 3.93 -8.66 2.62
C63 CDL BA . 3.54 -7.72 1.50
CB6 CDL BA . 1.09 -15.72 16.13
OB8 CDL BA . 0.11 -14.76 15.69
CB7 CDL BA . 0.55 -13.79 14.88
OB9 CDL BA . 1.72 -13.64 14.62
C71 CDL BA . -0.57 -12.95 14.36
C72 CDL BA . -0.45 -12.65 12.90
C73 CDL BA . -1.78 -12.25 12.27
C74 CDL BA . -2.25 -13.17 11.19
C75 CDL BA . -3.73 -13.11 10.91
C76 CDL BA . -4.40 -14.45 10.75
C77 CDL BA . -3.70 -15.38 9.80
C78 CDL BA . -4.41 -16.69 9.58
C79 CDL BA . -3.57 -17.91 9.88
C1 CDL CA . 6.19 -23.03 18.78
O1 CDL CA . 5.85 -24.41 18.93
CA2 CDL CA . 5.56 -22.23 19.90
OA2 CDL CA . 6.60 -21.63 20.72
PA1 CDL CA . 7.11 -20.15 20.35
OA3 CDL CA . 6.89 -19.27 21.55
OA4 CDL CA . 8.48 -20.27 19.74
OA5 CDL CA . 6.09 -19.68 19.20
CA3 CDL CA . 5.46 -18.39 19.29
CA4 CDL CA . 6.40 -17.34 18.73
OA6 CDL CA . 6.11 -16.06 19.36
CA5 CDL CA . 5.15 -15.29 18.81
OA7 CDL CA . 4.03 -15.67 18.65
C11 CDL CA . 5.64 -13.92 18.44
C12 CDL CA . 4.83 -13.27 17.35
C13 CDL CA . 4.99 -11.76 17.34
C14 CDL CA . 4.96 -11.15 15.96
C15 CDL CA . 5.58 -9.78 15.88
C16 CDL CA . 6.05 -9.39 14.49
C17 CDL CA . 6.68 -8.03 14.41
C18 CDL CA . 7.51 -7.80 13.17
C19 CDL CA . 7.87 -6.36 12.91
C20 CDL CA . 8.73 -6.14 11.70
C21 CDL CA . 8.22 -6.82 10.45
C22 CDL CA . 9.14 -6.69 9.25
C23 CDL CA . 8.68 -5.65 8.25
C24 CDL CA . 9.48 -5.65 6.97
C25 CDL CA . 8.74 -6.17 5.76
C26 CDL CA . 9.34 -5.77 4.44
C27 CDL CA . 8.83 -4.45 3.91
CA6 CDL CA . 6.30 -17.18 17.23
OA8 CDL CA . 4.99 -17.62 16.80
CA7 CDL CA . 4.71 -17.47 15.52
OA9 CDL CA . 4.52 -18.40 14.77
C31 CDL CA . 4.67 -16.02 15.13
C32 CDL CA . 5.37 -15.73 13.83
C33 CDL CA . 4.68 -14.65 13.02
C34 CDL CA . 5.61 -13.69 12.33
C35 CDL CA . 5.10 -13.14 11.03
C36 CDL CA . 6.17 -12.59 10.11
C37 CDL CA . 6.07 -11.10 9.89
CB2 CDL CA . 5.79 -22.56 17.41
OB2 CDL CA . 6.88 -21.82 16.80
PB2 CDL CA . 7.51 -22.35 15.42
OB3 CDL CA . 6.64 -23.46 14.90
OB4 CDL CA . 8.98 -22.57 15.62
OB5 CDL CA . 7.33 -21.09 14.44
CB3 CDL CA . 6.26 -21.10 13.45
CB4 CDL CA . 6.47 -19.97 12.46
OB6 CDL CA . 5.70 -20.24 11.26
CB5 CDL CA . 4.94 -19.25 10.76
OB7 CDL CA . 4.16 -18.64 11.44
C51 CDL CA . 5.19 -19.00 9.30
C52 CDL CA . 5.48 -17.57 8.98
C53 CDL CA . 5.44 -17.28 7.49
C54 CDL CA . 4.77 -15.99 7.13
C55 CDL CA . 5.68 -14.97 6.49
C56 CDL CA . 5.15 -14.36 5.22
C57 CDL CA . 5.82 -13.08 4.80
C58 CDL CA . 6.59 -13.17 3.50
C59 CDL CA . 7.36 -11.93 3.14
C60 CDL CA . 7.62 -11.00 4.31
C61 CDL CA . 8.28 -9.71 3.93
CB6 CDL CA . 7.92 -19.77 12.07
OB8 CDL CA . 7.98 -18.73 11.08
CB7 CDL CA . 8.33 -17.51 11.50
OB9 CDL CA . 7.98 -17.06 12.56
C71 CDL CA . 9.22 -16.81 10.51
C72 CDL CA . 8.87 -15.37 10.33
C73 CDL CA . 9.96 -14.60 9.60
C74 CDL CA . 9.63 -14.27 8.16
C75 CDL CA . 10.79 -13.71 7.37
C76 CDL CA . 11.01 -14.40 6.05
C77 CDL CA . 10.89 -13.48 4.85
C78 CDL CA . 11.06 -14.17 3.51
C79 CDL CA . 12.18 -13.62 2.67
C80 CDL CA . 12.35 -12.13 2.76
C81 CDL CA . 12.62 -11.45 1.44
C82 CDL CA . 11.62 -10.40 1.07
CHA HEM DA . -17.12 -17.87 12.34
CHB HEM DA . -18.19 -13.19 11.67
CHC HEM DA . -16.97 -13.61 7.02
CHD HEM DA . -16.81 -18.42 7.53
C1A HEM DA . -17.43 -16.55 12.60
C2A HEM DA . -17.60 -15.93 13.90
C3A HEM DA . -17.89 -14.64 13.71
C4A HEM DA . -17.93 -14.39 12.29
CMA HEM DA . -18.16 -13.61 14.82
CAA HEM DA . -17.48 -16.59 15.30
CBA HEM DA . -16.17 -17.36 15.48
CGA HEM DA . -14.98 -16.61 14.94
O1A HEM DA . -14.96 -15.35 15.01
O2A HEM DA . -14.03 -17.26 14.46
C1B HEM DA . -18.08 -12.93 10.33
C2B HEM DA . -18.66 -11.81 9.61
C3B HEM DA . -18.31 -11.93 8.32
C4B HEM DA . -17.51 -13.12 8.18
CMB HEM DA . -19.50 -10.72 10.30
CAB HEM DA . -18.66 -11.01 7.10
CBB HEM DA . -19.44 -9.94 7.16
C1C HEM DA . -16.73 -14.94 6.76
C2C HEM DA . -16.13 -15.50 5.56
C3C HEM DA . -16.08 -16.83 5.71
C4C HEM DA . -16.66 -17.16 6.99
CMC HEM DA . -15.64 -14.63 4.37
CAC HEM DA . -15.56 -17.94 4.74
CBC HEM DA . -15.09 -17.71 3.51
C1D HEM DA . -16.89 -18.70 8.87
C2D HEM DA . -16.90 -20.02 9.47
C3D HEM DA . -16.99 -19.87 10.80
C4D HEM DA . -17.03 -18.45 11.08
CMD HEM DA . -16.83 -21.36 8.72
CAD HEM DA . -17.03 -21.00 11.84
CBD HEM DA . -15.60 -21.31 12.29
CGD HEM DA . -15.63 -22.23 13.48
O1D HEM DA . -14.54 -22.55 14.01
O2D HEM DA . -16.75 -22.63 13.89
NA HEM DA . -17.63 -15.58 11.64
NB HEM DA . -17.39 -13.71 9.42
NC HEM DA . -17.04 -15.98 7.61
ND HEM DA . -16.98 -17.76 9.89
FE HEM DA . -17.14 -15.73 9.64
C5 MQ9 EA . -20.08 -12.77 19.54
C5M MQ9 EA . -19.08 -11.74 19.99
C4 MQ9 EA . -19.57 -13.99 18.86
O4 MQ9 EA . -18.37 -14.22 18.83
C3 MQ9 EA . -20.54 -14.92 18.24
C2 MQ9 EA . -21.91 -14.66 18.30
C1 MQ9 EA . -22.40 -13.46 19.01
O1 MQ9 EA . -23.59 -13.16 18.98
C6 MQ9 EA . -21.44 -12.61 19.74
C3A MQ9 EA . -20.08 -16.06 17.58
C3B MQ9 EA . -20.98 -16.93 17.00
C3C MQ9 EA . -22.35 -16.67 17.06
C3D MQ9 EA . -22.81 -15.54 17.71
C7 MQ9 EA . -21.95 -11.56 20.71
C8 MQ9 EA . -21.44 -10.18 20.44
C9 MQ9 EA . -21.94 -9.04 20.88
C10 MQ9 EA . -23.30 -8.55 20.49
C11 MQ9 EA . -21.17 -8.14 21.81
C12 MQ9 EA . -21.96 -6.94 22.28
C13 MQ9 EA . -21.48 -6.40 23.58
C14 MQ9 EA . -22.18 -5.79 24.54
C15 MQ9 EA . -22.38 -4.31 24.61
C16 MQ9 EA . -22.85 -6.58 25.63
C17 MQ9 EA . -22.01 -7.74 26.13
C18 MQ9 EA . -22.42 -8.21 27.50
C19 MQ9 EA . -21.94 -7.83 28.68
C20 MQ9 EA . -22.09 -8.63 29.93
C21 MQ9 EA . -21.18 -6.54 28.83
C22 MQ9 EA . -19.68 -6.71 28.80
C23 MQ9 EA . -18.96 -5.57 29.46
C24 MQ9 EA . -19.38 -4.78 30.44
C25 MQ9 EA . -20.40 -5.20 31.46
C26 MQ9 EA . -18.87 -3.38 30.59
C27 MQ9 EA . -17.38 -3.25 30.31
C28 MQ9 EA . -17.08 -2.90 28.89
C29 MQ9 EA . -17.64 -1.96 28.14
C30 MQ9 EA . -16.86 -1.04 27.24
C31 MQ9 EA . -19.12 -1.74 28.13
C32 MQ9 EA . -19.63 -0.98 26.92
C33 MQ9 EA . -19.55 -1.80 25.67
C34 MQ9 EA . -19.59 -1.37 24.41
C35 MQ9 EA . -19.40 -2.26 23.22
C36 MQ9 EA . -19.85 0.07 24.08
C37 MQ9 EA . -19.62 0.42 22.62
C38 MQ9 EA . -20.15 1.76 22.26
C39 MQ9 EA . -20.56 2.19 21.06
C40 MQ9 EA . -21.18 1.30 20.03
C41 MQ9 EA . -20.41 3.63 20.66
C42 MQ9 EA . -20.47 3.84 19.16
C43 MQ9 EA . -20.62 5.28 18.78
C44 MQ9 EA . -20.45 5.85 17.59
C45 MQ9 EA . -19.63 5.25 16.50
C46 MQ9 EA . -21.10 7.15 17.25
C47 MQ9 EA . -20.34 7.96 16.22
C48 MQ9 EA . -19.45 9.00 16.85
C49 MQ9 EA . -19.79 10.20 17.29
C50 MQ9 EA . -19.59 10.62 18.73
C51 MQ9 EA . -20.39 11.26 16.42
C5 MQ9 FA . -18.91 -5.77 -13.60
C5M MQ9 FA . -19.62 -6.53 -14.68
C4 MQ9 FA . -17.50 -6.12 -13.31
O4 MQ9 FA . -17.00 -7.11 -13.83
C3 MQ9 FA . -16.72 -5.27 -12.39
C2 MQ9 FA . -17.33 -4.23 -11.70
C1 MQ9 FA . -18.78 -3.96 -11.90
O1 MQ9 FA . -19.35 -3.09 -11.25
C6 MQ9 FA . -19.54 -4.77 -12.89
C3A MQ9 FA . -15.36 -5.52 -12.19
C3B MQ9 FA . -14.63 -4.73 -11.33
C3C MQ9 FA . -15.25 -3.68 -10.65
C3D MQ9 FA . -16.60 -3.43 -10.83
C7 MQ9 FA . -21.00 -4.47 -13.11
C8 MQ9 FA . -21.87 -5.70 -13.13
C9 MQ9 FA . -23.07 -5.85 -12.61
C10 MQ9 FA . -23.40 -6.92 -11.61
C11 MQ9 FA . -24.21 -4.93 -12.96
C12 MQ9 FA . -25.48 -5.66 -13.34
C13 MQ9 FA . -26.59 -4.73 -13.72
C14 MQ9 FA . -27.90 -4.94 -13.65
C15 MQ9 FA . -28.51 -6.27 -13.34
C16 MQ9 FA . -28.88 -3.82 -13.88
C17 MQ9 FA . -30.28 -4.12 -13.36
C18 MQ9 FA . -30.37 -4.02 -11.86
C19 MQ9 FA . -30.66 -2.95 -11.14
C20 MQ9 FA . -31.06 -1.63 -11.72
C21 MQ9 FA . -30.60 -2.99 -9.64
C22 MQ9 FA . -29.54 -3.94 -9.11
C23 MQ9 FA . -28.16 -3.57 -9.53
C24 MQ9 FA . -27.00 -4.08 -9.10
C25 MQ9 FA . -25.69 -3.85 -9.79
C26 MQ9 FA . -26.94 -4.93 -7.87
C27 MQ9 FA . -25.55 -5.46 -7.57
C28 MQ9 FA . -25.46 -6.12 -6.23
C29 MQ9 FA . -24.99 -7.33 -5.93
C30 MQ9 FA . -23.55 -7.72 -6.07
C31 MQ9 FA . -25.90 -8.41 -5.43
C32 MQ9 FA . -25.40 -9.81 -5.73
C33 MQ9 FA . -24.91 -10.52 -4.51
C34 MQ9 FA . -24.61 -11.81 -4.37
C35 MQ9 FA . -23.21 -12.34 -4.35
C36 MQ9 FA . -25.69 -12.85 -4.22
C37 MQ9 FA . -26.39 -12.80 -2.87
C38 MQ9 FA . -27.88 -12.71 -3.00
C39 MQ9 FA . -28.79 -13.18 -2.17
C40 MQ9 FA . -28.48 -13.83 -0.86
C41 MQ9 FA . -30.27 -13.10 -2.50
C42 MQ9 FA . -30.97 -11.92 -1.86
C43 MQ9 FA . -31.96 -11.28 -2.78
C44 MQ9 FA . -33.29 -11.39 -2.75
C45 MQ9 FA . -34.05 -12.52 -3.39
C46 MQ9 FA . -34.14 -10.36 -2.06
C47 MQ9 FA . -34.23 -9.05 -2.83
C48 MQ9 FA . -35.10 -8.04 -2.13
C49 MQ9 FA . -36.03 -8.25 -1.21
C50 MQ9 FA . -36.49 -7.18 -0.26
C51 MQ9 FA . -36.71 -9.58 -1.03
C1 CDL GA . 13.30 -31.77 -5.96
O1 CDL GA . 13.77 -30.47 -5.70
CA2 CDL GA . 14.31 -32.51 -6.87
OA2 CDL GA . 15.64 -32.05 -6.59
PA1 CDL GA . 16.41 -31.13 -7.75
OA3 CDL GA . 17.62 -31.88 -8.26
OA4 CDL GA . 15.47 -30.83 -8.88
OA5 CDL GA . 16.91 -29.69 -7.04
CA3 CDL GA . 18.25 -29.58 -6.58
CA4 CDL GA . 18.48 -28.16 -6.05
OA6 CDL GA . 17.51 -27.88 -5.08
CA5 CDL GA . 17.96 -28.06 -3.73
OA7 CDL GA . 17.43 -28.85 -3.01
C11 CDL GA . 19.17 -27.22 -3.20
C12 CDL GA . 18.73 -26.31 -2.00
C13 CDL GA . 19.57 -25.00 -2.00
C14 CDL GA . 19.94 -24.59 -3.46
C15 CDL GA . 20.37 -23.08 -3.53
C16 CDL GA . 21.60 -22.95 -4.47
C17 CDL GA . 21.61 -21.53 -5.12
C18 CDL GA . 22.48 -21.55 -6.43
C19 CDL GA . 22.92 -20.10 -6.78
C20 CDL GA . 23.70 -20.10 -8.14
C21 CDL GA . 25.11 -19.51 -7.93
CA6 CDL GA . 18.32 -27.18 -7.21
OA8 CDL GA . 19.37 -27.35 -8.16
CA7 CDL GA . 19.10 -26.77 -9.44
OA9 CDL GA . 17.98 -26.54 -9.76
C31 CDL GA . 20.27 -26.45 -10.42
C32 CDL GA . 20.22 -27.40 -11.65
C33 CDL GA . 20.96 -26.76 -12.84
C34 CDL GA . 20.79 -27.64 -14.11
C35 CDL GA . 22.16 -28.20 -14.54
C36 CDL GA . 21.94 -29.46 -15.42
C37 CDL GA . 21.86 -30.71 -14.51
C38 CDL GA . 21.59 -31.98 -15.37
C39 CDL GA . 21.36 -33.21 -14.43
C40 CDL GA . 22.54 -33.32 -13.42
C41 CDL GA . 21.98 -33.61 -11.98
C42 CDL GA . 21.47 -35.05 -11.91
CB2 CDL GA . 11.92 -31.70 -6.67
OB2 CDL GA . 11.04 -32.66 -6.07
PB2 CDL GA . 9.40 -32.55 -6.39
OB3 CDL GA . 8.66 -32.21 -5.13
OB4 CDL GA . 8.91 -33.89 -6.91
OB5 CDL GA . 9.10 -31.36 -7.55
CB3 CDL GA . 8.62 -30.10 -7.10
CB4 CDL GA . 8.32 -29.21 -8.30
OB6 CDL GA . 6.96 -28.91 -8.33
CB5 CDL GA . 6.63 -27.66 -7.75
OB7 CDL GA . 6.69 -27.50 -6.58
C51 CDL GA . 6.17 -26.49 -8.66
C52 CDL GA . 6.03 -25.21 -7.81
C53 CDL GA . 4.87 -24.35 -8.39
C54 CDL GA . 3.62 -25.25 -8.61
C55 CDL GA . 2.47 -24.40 -9.27
C56 CDL GA . 1.15 -24.60 -8.46
C57 CDL GA . 0.88 -26.14 -8.26
C58 CDL GA . -0.56 -26.47 -8.71
C59 CDL GA . -1.57 -25.48 -8.00
C60 CDL GA . -3.03 -26.01 -8.22
C61 CDL GA . -3.95 -24.80 -8.65
C62 CDL GA . -3.91 -24.64 -10.22
C63 CDL GA . -4.98 -25.58 -10.87
CB6 CDL GA . 8.70 -29.93 -9.61
OB8 CDL GA . 7.96 -29.39 -10.69
CB7 CDL GA . 8.64 -28.36 -11.41
OB9 CDL GA . 9.81 -28.24 -11.29
C71 CDL GA . 7.85 -27.41 -12.36
C72 CDL GA . 7.94 -25.95 -11.82
C73 CDL GA . 7.07 -25.01 -12.72
C74 CDL GA . 5.77 -24.59 -11.95
C75 CDL GA . 5.01 -23.51 -12.76
C76 CDL GA . 3.47 -23.79 -12.70
C77 CDL GA . 2.69 -22.44 -12.64
C78 CDL GA . 1.16 -22.71 -12.42
C79 CDL GA . 0.56 -21.63 -11.46
C01 WUO HA . 17.14 -1.66 -30.25
C03 WUO HA . 17.29 -0.98 -27.88
C05 WUO HA . 19.69 -1.32 -27.26
C06 WUO HA . 19.68 -0.04 -26.36
C07 WUO HA . 18.73 0.97 -27.03
C08 WUO HA . 17.34 0.30 -27.03
O11 WUO HA . 20.97 0.52 -26.40
C12 WUO HA . 20.69 -2.37 -26.67
C14 WUO HA . 21.33 -2.44 -24.39
C16 WUO HA . 22.62 -2.80 -23.67
C17 WUO HA . 22.53 -4.19 -23.00
C18 WUO HA . 22.54 -5.39 -23.97
C19 WUO HA . 22.03 -6.71 -23.34
C20 WUO HA . 22.06 -7.94 -24.27
C21 WUO HA . 21.55 -9.24 -23.60
C22 WUO HA . 22.66 -10.23 -23.16
C23 WUO HA . 22.21 -11.27 -22.12
C24 WUO HA . 23.33 -11.73 -21.17
C25 WUO HA . 22.83 -12.41 -19.87
C26 WUO HA . 21.55 -13.26 -20.01
C27 WUO HA . 21.72 -14.77 -19.66
C28 WUO HA . 20.67 -15.34 -18.68
C29 WUO HA . 21.06 -16.65 -17.97
C30 WUO HA . 22.33 -17.32 -18.52
C31 WUO HA . 17.91 -1.29 -31.55
C33 WUO HA . 17.57 0.09 -32.17
C35 WUO HA . 16.08 0.15 -32.47
C37 WUO HA . 15.16 -0.33 -31.32
C39 WUO HA . 12.83 0.11 -30.79
C41 WUO HA . 12.48 1.97 -32.23
C42 WUO HA . 11.09 1.42 -32.64
C43 WUO HA . 11.14 -0.13 -32.61
C44 WUO HA . 11.50 -0.58 -31.18
C48 WUO HA . 12.41 3.52 -32.13
C50 WUO HA . 15.57 -1.74 -30.68
C56 WUO HA . 16.06 -4.29 -27.09
C57 WUO HA . 17.25 -5.32 -26.58
C59 WUO HA . 18.88 -6.89 -27.41
C61 WUO HA . 19.14 -8.24 -28.11
C62 WUO HA . 18.40 -9.46 -27.46
C63 WUO HA . 19.21 -10.75 -27.08
C64 WUO HA . 19.20 -11.20 -25.57
C65 WUO HA . 19.16 -12.73 -25.26
C66 WUO HA . 18.57 -13.14 -23.87
C67 WUO HA . 17.17 -13.84 -23.90
C68 WUO HA . 16.87 -14.84 -22.75
C69 WUO HA . 17.41 -16.28 -22.95
C70 WUO HA . 17.26 -17.19 -21.71
C71 WUO HA . 17.79 -18.65 -21.86
C72 WUO HA . 17.68 -19.52 -20.58
C73 WUO HA . 17.65 -21.05 -20.80
C74 WUO HA . 18.23 -21.89 -19.65
C75 WUO HA . 18.32 -23.40 -19.94
C76 WUO HA . 16.73 -6.20 -25.35
C78 WUO HA . 17.62 -7.22 -23.31
C80 WUO HA . 16.47 -7.33 -22.27
C81 WUO HA . 16.71 -8.37 -21.11
C82 WUO HA . 16.54 -9.91 -21.47
C83 WUO HA . 17.19 -10.97 -20.51
C84 WUO HA . 16.35 -12.26 -20.14
C85 WUO HA . 15.84 -12.40 -18.67
C86 WUO HA . 16.32 -13.62 -17.79
C87 WUO HA . 15.22 -14.48 -17.09
C88 WUO HA . 15.19 -14.59 -15.52
C89 WUO HA . 16.45 -13.99 -14.89
C90 WUO HA . 14.95 -16.05 -14.95
C91 WUO HA . 15.33 -16.33 -13.47
C92 WUO HA . 15.99 -17.70 -13.15
C93 WUO HA . 15.18 -18.68 -12.23
C94 WUO HA . 15.93 -19.31 -11.01
C95 WUO HA . 17.17 -20.19 -11.34
C96 WUO HA . 16.86 -21.66 -11.76
C97 WUO HA . 17.42 -22.08 -13.11
O02 WUO HA . 17.42 -0.62 -29.27
O04 WUO HA . 18.38 -1.85 -27.50
O09 WUO HA . 16.88 -0.03 -25.77
O10 WUO HA . 18.56 2.16 -26.31
O13 WUO HA . 21.49 -1.81 -25.61
O15 WUO HA . 20.24 -2.69 -23.97
O32 WUO HA . 19.28 -1.37 -31.30
O34 WUO HA . 18.34 0.26 -33.32
O36 WUO HA . 15.74 1.49 -32.72
O38 WUO HA . 13.80 -0.35 -31.73
O40 WUO HA . 12.82 1.54 -30.92
O45 WUO HA . 10.55 -0.18 -30.25
O46 WUO HA . 9.85 -0.62 -32.86
O47 WUO HA . 10.87 1.82 -33.96
O49 WUO HA . 13.75 3.96 -32.23
O51 WUO HA . 14.79 -2.02 -29.59
O53 WUO HA . 14.00 -4.49 -30.25
O54 WUO HA . 13.24 -3.25 -28.02
O55 WUO HA . 15.50 -4.62 -28.30
O58 WUO HA . 17.69 -6.23 -27.59
O60 WUO HA . 19.72 -6.39 -26.68
O77 WUO HA . 17.56 -6.13 -24.17
O79 WUO HA . 18.50 -8.01 -23.41
P52 WUO HA . 14.21 -3.60 -29.06
P 7PH IA . 4.94 -8.91 31.11
O12 7PH IA . 5.33 -8.50 32.53
O13 7PH IA . 5.71 -10.13 30.63
O14 7PH IA . 3.44 -9.04 30.92
O11 7PH IA . 5.41 -7.70 30.17
C1 7PH IA . 6.61 -6.96 30.52
C2 7PH IA . 6.76 -5.77 29.60
C3 7PH IA . 6.09 -5.96 28.26
O31 7PH IA . 6.00 -4.67 27.60
O32 7PH IA . 7.53 -5.30 26.10
C31 7PH IA . 6.90 -4.43 26.64
C32 7PH IA . 7.00 -2.96 26.35
C33 7PH IA . 8.01 -2.64 25.29
C34 7PH IA . 7.97 -1.19 24.85
C35 7PH IA . 8.61 -0.92 23.52
C36 7PH IA . 8.57 0.53 23.09
C37 7PH IA . 9.68 1.37 23.66
C38 7PH IA . 9.67 2.80 23.19
C39 7PH IA . 10.78 3.65 23.77
C3A 7PH IA . 10.68 5.12 23.44
C3B 7PH IA . 11.77 5.96 24.03
C3C 7PH IA . 11.69 7.42 23.63
O21 7PH IA . 6.20 -4.58 30.24
O22 7PH IA . 7.84 -4.23 31.72
C21 7PH IA . 7.04 -3.79 30.93
C22 7PH IA . 6.86 -2.33 30.62
C23 7PH IA . 7.51 -1.42 31.62
C24 7PH IA . 8.08 -0.17 30.97
C25 7PH IA . 8.88 0.70 31.91
C26 7PH IA . 9.34 2.00 31.31
C27 7PH IA . 10.04 2.92 32.29
C28 7PH IA . 10.60 4.18 31.66
C29 7PH IA . 10.00 5.46 32.19
C2A 7PH IA . 9.20 6.23 31.16
C2B 7PH IA . 7.85 5.64 30.86
C2C 7PH IA . 7.49 5.62 29.40
C2D 7PH IA . 7.63 4.28 28.74
C2E 7PH IA . 7.30 4.28 27.27
C1 TRD JA . 43.78 25.77 17.05
C2 TRD JA . 42.72 25.16 17.97
C3 TRD JA . 42.81 23.63 17.89
C4 TRD JA . 41.70 23.02 18.74
C5 TRD JA . 41.68 21.51 18.57
C6 TRD JA . 40.39 20.95 19.15
C7 TRD JA . 40.71 19.87 20.18
C8 TRD JA . 39.52 19.74 21.14
C9 TRD JA . 39.67 18.45 21.95
C10 TRD JA . 38.69 18.46 23.11
C11 TRD JA . 38.69 17.11 23.81
C12 TRD JA . 37.86 17.19 25.09
C13 TRD JA . 37.72 15.80 25.70
P 3PE KA . 15.04 25.96 5.91
N 3PE KA . 12.29 27.87 9.67
O11 3PE KA . 14.96 24.42 6.49
O12 3PE KA . 14.97 25.93 4.40
O13 3PE KA . 13.77 26.83 6.49
O14 3PE KA . 16.33 26.60 6.34
C11 3PE KA . 13.49 26.78 7.86
C12 3PE KA . 12.64 27.97 8.26
C1 3PE KA . 15.95 23.98 7.37
C2 3PE KA . 15.37 22.89 8.27
C3 3PE KA . 16.15 21.58 8.05
O31 3PE KA . 15.53 20.53 8.75
O32 3PE KA . 15.78 19.17 6.99
C31 3PE KA . 15.74 19.28 8.17
C32 3PE KA . 15.90 18.05 9.06
C33 3PE KA . 15.08 16.90 8.50
C34 3PE KA . 15.10 15.74 9.49
C35 3PE KA . 16.29 14.83 9.19
C36 3PE KA . 15.93 13.39 9.53
O21 3PE KA . 15.43 23.32 9.62
O22 3PE KA . 17.60 23.32 10.18
C21 3PE KA . 16.51 22.91 10.40
C22 3PE KA . 16.27 21.97 11.58
C23 3PE KA . 17.46 21.02 11.75
C24 3PE KA . 17.30 20.27 13.08
C25 3PE KA . 18.47 19.33 13.29
C26 3PE KA . 18.21 18.00 12.56
C27 3PE KA . 19.40 17.07 12.78
C28 3PE KA . 19.21 15.79 11.98
C29 3PE KA . 20.44 14.89 12.14
C2A 3PE KA . 20.27 13.63 11.31
C2B 3PE KA . 20.29 13.99 9.83
C1 TRD LA . 47.73 24.27 15.03
C2 TRD LA . 46.55 23.37 15.40
C3 TRD LA . 47.06 22.17 16.21
C4 TRD LA . 45.95 21.14 16.34
C5 TRD LA . 46.49 19.92 17.09
C6 TRD LA . 45.73 18.66 16.63
C7 TRD LA . 44.26 18.77 17.06
C8 TRD LA . 43.56 17.45 16.78
C9 TRD LA . 42.12 17.54 17.28
C10 TRD LA . 41.47 16.15 17.27
C11 TRD LA . 40.23 16.18 18.15
C12 TRD LA . 39.48 14.85 18.04
C13 TRD LA . 38.28 14.87 18.96
C1 CDL MA . 23.87 -12.43 24.59
O1 CDL MA . 24.81 -13.13 25.37
CA2 CDL MA . 22.64 -12.08 25.46
OA2 CDL MA . 22.82 -10.81 26.08
PA1 CDL MA . 21.46 -9.94 26.48
OA3 CDL MA . 20.24 -10.73 26.09
OA4 CDL MA . 21.43 -9.69 27.97
OA5 CDL MA . 21.45 -8.47 25.67
CA3 CDL MA . 22.60 -7.63 25.73
CA4 CDL MA . 22.24 -6.22 25.24
OA6 CDL MA . 23.34 -5.37 25.42
CA5 CDL MA . 23.89 -4.85 24.21
OA7 CDL MA . 23.87 -5.51 23.22
C11 CDL MA . 24.52 -3.41 24.17
C12 CDL MA . 23.57 -2.45 23.37
C13 CDL MA . 23.53 -1.05 24.08
C14 CDL MA . 22.47 -0.14 23.38
C15 CDL MA . 23.14 0.61 22.19
C16 CDL MA . 22.04 1.15 21.22
C17 CDL MA . 22.73 1.83 20.00
C18 CDL MA . 21.65 2.50 19.09
C19 CDL MA . 22.15 3.92 18.66
C20 CDL MA . 21.07 4.62 17.76
C21 CDL MA . 21.73 5.15 16.47
CA6 CDL MA . 21.03 -5.68 26.01
OA8 CDL MA . 20.03 -5.26 25.09
CA7 CDL MA . 19.13 -4.26 25.63
OA9 CDL MA . 18.56 -4.47 26.63
C31 CDL MA . 18.92 -2.90 24.88
C32 CDL MA . 19.48 -2.98 23.44
C33 CDL MA . 18.37 -2.56 22.45
C34 CDL MA . 19.01 -1.94 21.18
C35 CDL MA . 18.65 -0.43 21.12
C36 CDL MA . 17.51 -0.19 20.09
C37 CDL MA . 18.11 0.35 18.77
C38 CDL MA . 17.01 1.15 18.00
C39 CDL MA . 17.41 2.66 17.94
C40 CDL MA . 16.13 3.53 17.83
C41 CDL MA . 16.51 5.05 17.91
C42 CDL MA . 16.84 5.57 16.49
CB2 CDL MA . 23.42 -13.32 23.40
OB2 CDL MA . 23.70 -12.65 22.17
PB2 CDL MA . 22.71 -12.96 20.85
OB3 CDL MA . 21.48 -13.71 21.31
OB4 CDL MA . 23.46 -13.80 19.84
OB5 CDL MA . 22.25 -11.50 20.15
CB3 CDL MA . 23.11 -10.37 20.32
CB4 CDL MA . 22.44 -9.36 21.24
OB6 CDL MA . 21.74 -8.43 20.46
CB5 CDL MA . 20.95 -7.52 21.19
OB7 CDL MA . 20.41 -7.85 22.18
C51 CDL MA . 20.79 -6.06 20.68
C52 CDL MA . 21.41 -5.94 19.27
C53 CDL MA . 20.63 -4.88 18.44
C54 CDL MA . 20.54 -5.34 16.96
C55 CDL MA . 19.85 -4.23 16.09
C56 CDL MA . 20.91 -3.52 15.19
C57 CDL MA . 20.18 -2.60 14.14
C58 CDL MA . 19.72 -1.30 14.83
C59 CDL MA . 19.48 -0.18 13.74
C60 CDL MA . 19.52 1.23 14.43
C61 CDL MA . 19.17 2.35 13.37
C62 CDL MA . 17.74 2.93 13.66
C63 CDL MA . 17.18 3.62 12.38
CB6 CDL MA . 23.51 -8.64 22.08
OB8 CDL MA . 24.73 -8.59 21.35
CB7 CDL MA . 25.86 -8.16 22.13
OB9 CDL MA . 25.90 -8.40 23.29
C71 CDL MA . 27.03 -7.39 21.46
C72 CDL MA . 26.97 -5.89 21.86
C73 CDL MA . 26.99 -4.99 20.58
C74 CDL MA . 25.53 -4.88 20.02
C75 CDL MA . 25.45 -3.72 18.98
C76 CDL MA . 23.94 -3.39 18.71
C77 CDL MA . 23.78 -1.86 18.43
C78 CDL MA . 24.04 -1.57 16.90
C79 CDL MA . 23.46 -0.18 16.52
FE HEA NA . 47.11 -1.19 -3.82
CHA HEA NA . 45.50 1.28 -5.67
CHB HEA NA . 50.05 0.64 -3.68
CHC HEA NA . 48.65 -3.71 -2.06
CHD HEA NA . 44.15 -2.99 -3.77
NA HEA NA . 47.72 0.46 -4.71
C1A HEA NA . 46.81 1.52 -5.12
C2A HEA NA . 47.41 2.85 -5.14
C3A HEA NA . 48.72 2.65 -4.58
C4A HEA NA . 48.85 1.23 -4.23
CMA HEA NA . 49.65 3.73 -4.37
OMA HEA NA . 50.67 3.49 -3.81
CAA HEA NA . 46.82 4.12 -5.60
CBA HEA NA . 47.37 4.27 -6.98
CGA HEA NA . 46.51 5.20 -7.74
O1A HEA NA . 47.07 5.95 -8.54
O2A HEA NA . 45.30 5.21 -7.55
NB HEA NA . 49.02 -1.49 -3.02
C1B HEA NA . 50.08 -0.67 -3.04
C2B HEA NA . 51.29 -1.17 -2.38
C3B HEA NA . 50.87 -2.47 -1.91
C4B HEA NA . 49.48 -2.54 -2.34
CMB HEA NA . 52.61 -0.52 -2.22
NC HEA NA . 46.49 -3.03 -3.05
C1C HEA NA . 47.23 -3.92 -2.37
C2C HEA NA . 46.55 -5.14 -1.94
C3C HEA NA . 45.22 -4.91 -2.47
C4C HEA NA . 45.30 -3.61 -3.13
CMC HEA NA . 47.09 -6.29 -1.18
CAC HEA NA . 44.05 -5.79 -2.34
CBC HEA NA . 44.21 -7.03 -1.97
ND HEA NA . 45.17 -0.91 -4.57
C1D HEA NA . 44.11 -1.70 -4.47
C2D HEA NA . 42.89 -1.21 -5.11
C3D HEA NA . 43.31 0.07 -5.66
C4D HEA NA . 44.69 0.13 -5.27
CMD HEA NA . 41.54 -1.86 -5.18
CAD HEA NA . 42.63 1.12 -6.45
CBD HEA NA . 41.14 1.05 -6.22
CGD HEA NA . 40.55 2.25 -6.86
O1D HEA NA . 41.21 3.29 -6.88
O2D HEA NA . 39.42 2.17 -7.33
C11 HEA NA . 51.68 -3.42 -1.17
O11 HEA NA . 50.95 -3.92 -0.06
C12 HEA NA . 52.08 -4.58 -2.03
C13 HEA NA . 53.39 -5.09 -1.46
C14 HEA NA . 53.64 -6.49 -1.90
C15 HEA NA . 54.87 -6.76 -2.26
C16 HEA NA . 55.24 -8.13 -2.72
C17 HEA NA . 56.02 -8.89 -1.67
C18 HEA NA . 57.41 -8.32 -1.48
C19 HEA NA . 58.52 -8.91 -1.93
C20 HEA NA . 59.85 -8.27 -1.70
C21 HEA NA . 60.12 -7.32 -2.86
C22 HEA NA . 60.77 -6.06 -2.36
C23 HEA NA . 60.84 -4.90 -3.03
C24 HEA NA . 60.27 -4.69 -4.40
C25 HEA NA . 61.53 -3.77 -2.34
C26 HEA NA . 55.84 -5.65 -2.23
C27 HEA NA . 58.46 -10.19 -2.68
FE HEA OA . 36.92 -5.73 -12.13
CHA HEA OA . 36.82 -2.29 -12.50
CHB HEA OA . 37.27 -6.23 -15.56
CHC HEA OA . 36.72 -9.10 -11.72
CHD HEA OA . 37.28 -5.31 -8.74
NA HEA OA . 36.80 -4.52 -13.71
C1A HEA OA . 37.14 -3.08 -13.67
C2A HEA OA . 37.78 -2.59 -14.90
C3A HEA OA . 37.85 -3.77 -15.70
C4A HEA OA . 37.36 -4.91 -14.98
CMA HEA OA . 38.44 -3.83 -17.03
OMA HEA OA . 37.73 -4.23 -17.89
CAA HEA OA . 38.22 -1.23 -15.28
CBA HEA OA . 37.12 -0.24 -15.07
CGA HEA OA . 37.22 0.82 -16.10
O1A HEA OA . 37.12 0.51 -17.28
O2A HEA OA . 37.42 1.99 -15.78
NB HEA OA . 36.94 -7.40 -13.46
C1B HEA OA . 37.13 -7.43 -14.78
C2B HEA OA . 37.09 -8.72 -15.41
C3B HEA OA . 36.93 -9.60 -14.27
C4B HEA OA . 36.88 -8.68 -13.12
CMB HEA OA . 37.20 -9.06 -16.86
NC HEA OA . 36.94 -7.05 -10.46
C1C HEA OA . 36.97 -8.36 -10.48
C2C HEA OA . 37.07 -8.96 -9.14
C3C HEA OA . 37.22 -7.78 -8.31
C4C HEA OA . 37.18 -6.69 -9.21
CMC HEA OA . 37.04 -10.38 -8.73
CAC HEA OA . 37.39 -7.62 -6.86
CBC HEA OA . 37.24 -8.59 -6.02
ND HEA OA . 36.96 -4.06 -10.81
C1D HEA OA . 37.17 -4.07 -9.51
C2D HEA OA . 37.20 -2.74 -8.89
C3D HEA OA . 37.08 -1.89 -10.05
C4D HEA OA . 37.00 -2.79 -11.15
CMD HEA OA . 37.36 -2.32 -7.48
CAD HEA OA . 37.05 -0.43 -10.17
CBD HEA OA . 35.63 0.03 -10.15
CGD HEA OA . 35.67 1.39 -10.67
O1D HEA OA . 36.34 1.60 -11.67
O2D HEA OA . 35.08 2.25 -10.09
C11 HEA OA . 36.81 -11.04 -14.28
O11 HEA OA . 37.17 -11.45 -12.99
C12 HEA OA . 35.33 -11.27 -14.40
C13 HEA OA . 34.92 -12.54 -15.11
C14 HEA OA . 34.03 -13.26 -14.15
C15 HEA OA . 32.88 -13.81 -14.47
C16 HEA OA . 32.32 -13.78 -15.83
C17 HEA OA . 30.82 -13.97 -15.68
C18 HEA OA . 30.46 -15.39 -16.00
C19 HEA OA . 29.19 -15.70 -16.19
C20 HEA OA . 28.15 -14.64 -16.06
C21 HEA OA . 26.78 -15.29 -15.97
C22 HEA OA . 26.09 -14.79 -14.73
C23 HEA OA . 24.80 -14.96 -14.53
C24 HEA OA . 23.99 -15.66 -15.56
C25 HEA OA . 24.17 -14.43 -13.28
C26 HEA OA . 32.06 -14.52 -13.43
C27 HEA OA . 28.78 -17.09 -16.52
CU CU PA . 46.21 1.66 -1.44
C1 CDL QA . 16.42 -30.16 0.16
O1 CDL QA . 16.39 -31.57 0.00
CA2 CDL QA . 17.32 -29.80 1.32
OA2 CDL QA . 18.50 -30.66 1.31
PA1 CDL QA . 19.83 -30.18 2.05
OA3 CDL QA . 19.44 -29.33 3.22
OA4 CDL QA . 20.72 -31.39 2.26
OA5 CDL QA . 20.53 -29.23 0.96
CA3 CDL QA . 21.98 -29.13 0.92
CA4 CDL QA . 22.39 -28.04 -0.05
OA6 CDL QA . 21.78 -26.78 0.38
CA5 CDL QA . 22.52 -25.96 1.15
OA7 CDL QA . 23.02 -26.33 2.18
C11 CDL QA . 22.65 -24.58 0.58
C12 CDL QA . 22.67 -23.51 1.63
C13 CDL QA . 22.96 -22.14 1.03
C14 CDL QA . 21.77 -21.48 0.39
C15 CDL QA . 21.72 -19.98 0.58
C16 CDL QA . 20.33 -19.40 0.57
C17 CDL QA . 20.26 -17.95 0.98
C18 CDL QA . 19.09 -17.19 0.39
C19 CDL QA . 18.02 -16.83 1.38
C20 CDL QA . 16.67 -16.53 0.77
C21 CDL QA . 15.53 -17.33 1.37
CA6 CDL QA . 21.98 -28.32 -1.47
OA8 CDL QA . 23.10 -28.04 -2.34
CA7 CDL QA . 22.95 -28.36 -3.63
OA9 CDL QA . 23.08 -29.47 -4.05
C31 CDL QA . 22.61 -27.15 -4.45
C32 CDL QA . 23.65 -26.79 -5.45
C33 CDL QA . 24.55 -25.66 -4.99
C34 CDL QA . 24.72 -24.55 -6.00
C35 CDL QA . 26.14 -24.35 -6.46
C36 CDL QA . 26.57 -22.91 -6.55
C37 CDL QA . 28.06 -22.69 -6.39
C38 CDL QA . 28.44 -21.91 -5.15
C39 CDL QA . 29.73 -22.35 -4.52
C40 CDL QA . 29.72 -22.30 -3.01
C41 CDL QA . 30.81 -23.11 -2.35
C42 CDL QA . 30.51 -23.54 -0.94
CB2 CDL QA . 15.01 -29.63 0.31
OB2 CDL QA . 15.03 -28.46 1.17
PB2 CDL QA . 13.69 -27.58 1.32
OB3 CDL QA . 13.64 -27.05 2.72
OB4 CDL QA . 12.54 -28.39 0.79
OB5 CDL QA . 13.94 -26.35 0.32
CB3 CDL QA . 14.70 -26.57 -0.90
CB4 CDL QA . 14.86 -25.27 -1.64
OB6 CDL QA . 15.70 -25.48 -2.81
CB5 CDL QA . 15.12 -25.89 -3.94
OB7 CDL QA . 14.85 -27.05 -4.14
C51 CDL QA . 14.86 -24.77 -4.91
C52 CDL QA . 15.51 -24.98 -6.25
C53 CDL QA . 15.70 -23.67 -7.00
C54 CDL QA . 16.91 -22.88 -6.58
C55 CDL QA . 17.32 -21.83 -7.57
C56 CDL QA . 16.98 -20.41 -7.14
C57 CDL QA . 17.88 -19.35 -7.72
C58 CDL QA . 18.19 -18.21 -6.79
C59 CDL QA . 19.66 -17.90 -6.66
C60 CDL QA . 20.22 -18.11 -5.27
C61 CDL QA . 21.36 -17.18 -4.92
C62 CDL QA . 21.14 -16.37 -3.67
C63 CDL QA . 21.12 -14.87 -3.89
CB6 CDL QA . 15.44 -24.15 -0.81
OB8 CDL QA . 15.05 -22.88 -1.39
CB7 CDL QA . 13.80 -22.51 -1.16
OB9 CDL QA . 13.10 -23.00 -0.31
C71 CDL QA . 13.39 -21.39 -2.09
C72 CDL QA . 13.64 -20.02 -1.51
C73 CDL QA . 12.98 -18.92 -2.33
C74 CDL QA . 13.61 -17.57 -2.17
C75 CDL QA . 12.71 -16.42 -2.53
C76 CDL QA . 13.44 -15.20 -3.07
C77 CDL QA . 14.77 -14.94 -2.40
C78 CDL QA . 15.43 -13.65 -2.84
C79 CDL QA . 16.82 -13.84 -3.40
CA CA RA . 32.88 -0.14 -28.45
C1 TRD SA . 51.12 -6.32 -30.87
C2 TRD SA . 51.47 -6.71 -29.45
C3 TRD SA . 50.92 -8.05 -29.05
C4 TRD SA . 51.21 -8.43 -27.62
C5 TRD SA . 50.56 -9.72 -27.18
C6 TRD SA . 50.76 -10.05 -25.72
C7 TRD SA . 49.93 -11.21 -25.22
C8 TRD SA . 50.19 -11.59 -23.78
C9 TRD SA . 49.28 -12.67 -23.27
C10 TRD SA . 49.81 -13.37 -22.02
C11 TRD SA . 49.07 -14.63 -21.66
C12 TRD SA . 49.69 -15.42 -20.54
C13 TRD SA . 48.98 -16.73 -20.26
C1 TRD TA . 52.76 -3.79 -27.51
C2 TRD TA . 53.37 -4.89 -26.67
C3 TRD TA . 52.66 -5.13 -25.36
C4 TRD TA . 53.34 -6.10 -24.44
C5 TRD TA . 52.80 -6.11 -23.03
C6 TRD TA . 53.58 -6.97 -22.07
C7 TRD TA . 53.07 -6.94 -20.66
C8 TRD TA . 53.85 -6.04 -19.73
C9 TRD TA . 53.55 -6.25 -18.27
C10 TRD TA . 54.44 -5.46 -17.33
C11 TRD TA . 54.19 -5.73 -15.87
C12 TRD TA . 55.01 -4.88 -14.93
C13 TRD TA . 54.75 -5.15 -13.47
MG MG UA . 42.11 9.61 -8.53
CU CU VA . 36.26 15.63 -16.84
CU CU WA . 36.52 13.24 -16.77
C1 TRD XA . 58.99 -3.09 -28.35
C2 TRD XA . 58.06 -3.90 -27.50
C3 TRD XA . 58.70 -4.48 -26.26
C4 TRD XA . 57.78 -5.29 -25.39
C5 TRD XA . 58.42 -5.82 -24.13
C6 TRD XA . 57.51 -6.68 -23.28
C7 TRD XA . 58.11 -7.09 -21.96
C8 TRD XA . 57.20 -7.95 -21.12
C9 TRD XA . 57.71 -8.23 -19.73
C10 TRD XA . 56.78 -9.04 -18.87
C11 TRD XA . 57.24 -9.23 -17.44
C12 TRD XA . 56.29 -10.01 -16.58
C13 TRD XA . 56.78 -10.20 -15.16
P 9YF YA . 10.78 1.05 -20.66
O1 9YF YA . 9.79 1.48 -21.68
O2 9YF YA . 12.33 1.48 -21.35
O3 9YF YA . 12.54 -0.17 -23.60
O4 9YF YA . 14.29 0.58 -25.65
C 9YF YA . 11.82 -2.58 -19.60
O 9YF YA . 10.57 -0.71 -20.65
C1 9YF YA . 11.65 -1.53 -20.78
C10 9YF YA . 10.07 -5.62 -17.64
C11 9YF YA . 10.41 -7.09 -17.28
C12 9YF YA . 10.63 -7.37 -15.78
C13 9YF YA . 9.70 -8.45 -15.17
C14 9YF YA . 10.34 -9.40 -14.15
C15 9YF YA . 9.37 -10.40 -13.51
C16 9YF YA . 9.22 -10.20 -11.98
C17 9YF YA . 8.30 -11.25 -11.31
C18 9YF YA . 8.82 -11.76 -9.95
C19 9YF YA . 7.90 -11.35 -8.78
C2 9YF YA . 12.47 1.98 -22.62
C20 9YF YA . 7.80 -9.83 -8.58
C21 9YF YA . 6.51 -9.42 -7.86
C22 9YF YA . 6.71 -8.22 -6.94
C23 9YF YA . 5.39 -7.56 -6.58
C24 9YF YA . 12.65 -1.91 -18.45
C25 9YF YA . 13.13 -3.45 -16.71
C26 9YF YA . 14.14 -4.22 -15.87
C27 9YF YA . 13.74 -4.34 -14.38
C28 9YF YA . 13.30 -5.75 -13.91
C29 9YF YA . 12.68 -5.82 -12.48
C3 9YF YA . 13.29 0.98 -23.50
C30 9YF YA . 13.08 -7.01 -11.57
C31 9YF YA . 12.02 -7.46 -10.51
C32 9YF YA . 12.42 -7.29 -9.02
C33 9YF YA . 11.41 -6.55 -8.06
C34 9YF YA . 9.99 -6.82 -8.58
C35 9YF YA . 11.46 -6.98 -6.56
C36 9YF YA . 10.61 -6.12 -5.59
C37 9YF YA . 11.30 -5.85 -4.21
C38 9YF YA . 10.61 -6.53 -3.01
C39 9YF YA . 9.42 -5.77 -2.37
C4 9YF YA . 13.52 1.51 -24.96
C40 9YF YA . 9.31 -5.91 -0.84
C41 9YF YA . 7.88 -6.20 -0.34
C42 9YF YA . 7.78 -7.53 0.43
C43 9YF YA . 8.27 -8.73 -0.38
C5 9YF YA . 14.26 2.85 -24.91
C6 9YF YA . 13.48 3.87 -24.04
C7 9YF YA . 13.30 3.30 -22.59
C8 9YF YA . 9.81 -3.88 -19.51
C9 9YF YA . 10.25 -5.29 -19.12
O10 9YF YA . 8.86 -3.63 -20.23
O11 9YF YA . 13.57 -2.84 -17.85
O12 9YF YA . 11.96 -3.35 -16.38
O5 9YF YA . 15.53 2.64 -24.36
O6 9YF YA . 12.19 4.09 -24.52
O7 9YF YA . 12.55 4.23 -21.90
O8 9YF YA . 10.93 1.37 -19.22
O9 9YF YA . 10.58 -2.90 -18.99
C21 9XX ZA . 18.93 -5.72 -14.12
C23 9XX ZA . 17.95 -6.11 -11.84
C6 9XX ZA . 16.85 -10.16 -12.87
C7 9XX ZA . 17.44 -9.99 -14.27
C8 9XX ZA . 18.85 -10.56 -14.30
C11 9XX ZA . 20.34 -9.66 -16.63
C13 9XX ZA . 21.63 -8.24 -18.25
C14 9XX ZA . 20.44 -7.40 -18.70
C15 9XX ZA . 20.94 -6.02 -19.13
C16 9XX ZA . 19.14 -4.65 -19.75
C17 9XX ZA . 17.90 -4.18 -18.98
O 9XX ZA . 20.18 -4.89 -18.85
C10 9XX ZA . 19.16 -10.61 -16.78
C12 9XX ZA . 21.15 -9.66 -17.92
C18 9XX ZA . 18.18 -3.84 -16.64
C19 9XX ZA . 18.00 -5.34 -16.40
C20 9XX ZA . 17.65 -5.62 -14.94
C22 9XX ZA . 18.76 -6.72 -12.99
C24 9XX ZA . 18.37 -6.79 -10.53
C25 9XX ZA . 17.32 -6.54 -9.45
C26 9XX ZA . 17.95 -6.76 -8.07
C27 9XX ZA . 16.88 -7.19 -7.07
C28 9XX ZA . 16.31 -8.55 -7.49
C29 9XX ZA . 15.24 -8.99 -6.50
C30 9XX ZA . 14.87 -10.45 -6.80
C36 9XX ZA . 15.77 -6.16 -7.02
C37 9XX ZA . 16.98 -3.43 -19.93
C5 9XX ZA . 15.40 -9.69 -12.87
C9 9XX ZA . 19.01 -11.46 -15.52
O1 9XX ZA . 18.31 -3.34 -17.94
O2 9XX ZA . 18.23 -3.11 -15.72
O6 9XX ZA . 21.96 -5.91 -19.72
C4 9XX ZA . 14.55 -10.68 -12.07
C3 9XX ZA . 15.05 -10.76 -10.63
C2 9XX ZA . 14.86 -12.18 -10.11
C1 9XX ZA . 13.39 -12.59 -10.25
C31 9XX ZA . 13.49 -10.77 -6.23
C32 9XX ZA . 13.12 -12.21 -6.61
C33 9XX ZA . 11.63 -12.44 -6.39
C34 9XX ZA . 11.36 -12.55 -4.89
C35 9XX ZA . 9.89 -12.93 -4.67
C 9XX ZA . 13.23 -14.05 -9.84
C1 PLM AB . 20.18 1.03 -16.68
O2 PLM AB . 19.85 1.63 -17.74
C2 PLM AB . 20.82 -0.40 -16.85
C3 PLM AB . 22.20 -0.43 -17.53
C4 PLM AB . 22.99 -1.72 -17.26
C5 PLM AB . 22.33 -2.99 -17.83
C6 PLM AB . 22.92 -4.30 -17.30
C7 PLM AB . 22.55 -4.59 -15.83
C8 PLM AB . 22.91 -6.01 -15.37
C9 PLM AB . 22.37 -6.36 -13.98
CA PLM AB . 22.52 -7.84 -13.61
C1 PLM BB . -5.04 -11.56 -29.82
O2 PLM BB . -5.78 -10.84 -30.55
C2 PLM BB . -5.71 -12.83 -29.18
C3 PLM BB . -4.92 -13.49 -28.05
C4 PLM BB . -5.65 -14.66 -27.37
C5 PLM BB . -4.91 -15.22 -26.14
C6 PLM BB . -5.72 -16.24 -25.34
C7 PLM BB . -5.10 -16.57 -23.96
C8 PLM BB . -6.05 -17.33 -23.02
C9 PLM BB . -5.57 -17.39 -21.56
CA PLM BB . -6.57 -18.02 -20.60
C21 9XX CB . -8.07 -16.79 -35.13
C23 9XX CB . -8.41 -17.63 -32.80
C6 9XX CB . -15.11 -14.98 -26.45
C7 9XX CB . -14.42 -15.86 -27.51
C8 9XX CB . -15.26 -15.87 -28.78
C11 9XX CB . -13.98 -16.15 -32.35
C13 9XX CB . -13.42 -15.10 -34.56
C14 9XX CB . -14.00 -14.64 -35.89
C15 9XX CB . -12.99 -13.78 -36.65
C16 9XX CB . -11.16 -12.33 -36.76
C17 9XX CB . -9.70 -12.57 -36.38
O 9XX CB . -11.98 -13.10 -35.95
C10 9XX CB . -15.04 -16.07 -31.26
C12 9XX CB . -14.55 -15.62 -33.66
C18 9XX CB . -8.10 -13.83 -37.56
C19 9XX CB . -8.57 -15.13 -36.90
C20 9XX CB . -7.49 -15.66 -35.96
C22 9XX CB . -7.60 -16.68 -33.68
C24 9XX CB . -8.09 -17.38 -31.33
C25 9XX CB . -8.98 -18.27 -30.47
C26 9XX CB . -8.81 -17.91 -29.00
C27 9XX CB . -9.60 -18.88 -28.14
C28 9XX CB . -9.60 -18.41 -26.68
C29 9XX CB . -11.02 -18.04 -26.26
C30 9XX CB . -11.85 -19.31 -26.12
C36 9XX CB . -8.95 -20.27 -28.21
C37 9XX CB . -9.18 -11.42 -35.52
C5 9XX CB . -14.14 -14.71 -25.31
C9 9XX CB . -14.44 -16.48 -29.92
O1 9XX CB . -8.91 -12.69 -37.53
O2 9XX CB . -7.04 -13.80 -38.10
O6 9XX CB . -13.05 -13.69 -37.82
CHA HEM DB . -44.50 5.87 -0.53
CHB HEM DB . -46.83 4.06 3.32
CHC HEM DB . -43.26 0.86 3.94
CHD HEM DB . -40.80 2.82 0.25
C1A HEM DB . -45.48 5.59 0.39
C2A HEM DB . -46.84 6.11 0.36
C3A HEM DB . -47.49 5.60 1.42
C4A HEM DB . -46.56 4.76 2.16
CMA HEM DB . -48.95 5.88 1.80
CAA HEM DB . -47.42 7.05 -0.70
CBA HEM DB . -47.95 6.23 -1.87
CGA HEM DB . -48.24 7.15 -3.03
O1A HEM DB . -48.93 6.71 -3.98
O2A HEM DB . -47.77 8.32 -3.00
C1B HEM DB . -46.06 3.06 3.85
C2B HEM DB . -46.33 2.32 5.07
C3B HEM DB . -45.36 1.43 5.25
C4B HEM DB . -44.42 1.58 4.15
CMB HEM DB . -47.55 2.52 5.99
CAB HEM DB . -45.30 0.45 6.45
CBB HEM DB . -44.29 -0.40 6.65
C1C HEM DB . -42.27 1.13 3.02
C2C HEM DB . -40.99 0.47 2.95
C3C HEM DB . -40.29 0.98 1.94
C4C HEM DB . -41.12 2.03 1.32
CMC HEM DB . -40.50 -0.66 3.88
CAC HEM DB . -38.87 0.52 1.56
CBC HEM DB . -38.19 1.03 0.53
C1D HEM DB . -41.56 3.85 -0.27
C2D HEM DB . -41.17 4.77 -1.32
C3D HEM DB . -42.19 5.61 -1.52
C4D HEM DB . -43.27 5.25 -0.62
CMD HEM DB . -39.82 4.80 -2.05
CAD HEM DB . -42.24 6.77 -2.54
CBD HEM DB . -42.74 6.24 -3.87
CGD HEM DB . -43.75 7.19 -4.44
O1D HEM DB . -44.12 8.17 -3.75
O2D HEM DB . -44.22 6.95 -5.59
NA HEM DB . -45.34 4.78 1.50
NB HEM DB . -44.89 2.58 3.32
NC HEM DB . -42.32 2.07 2.02
ND HEM DB . -42.85 4.17 0.12
FE HEM DB . -43.87 3.37 1.73
C1 CDL EB . -36.20 -23.32 23.27
O1 CDL EB . -36.65 -24.67 23.47
CA2 CDL EB . -36.92 -22.41 24.24
OA2 CDL EB . -38.34 -22.72 24.24
PA1 CDL EB . -39.29 -22.07 25.34
OA3 CDL EB . -40.69 -22.58 25.13
OA4 CDL EB . -38.64 -22.22 26.69
OA5 CDL EB . -39.27 -20.51 24.96
CA3 CDL EB . -39.19 -19.52 26.02
CA4 CDL EB . -38.84 -18.17 25.43
OA6 CDL EB . -37.46 -18.20 24.97
CA5 CDL EB . -37.23 -18.52 23.69
OA7 CDL EB . -37.39 -19.63 23.25
C11 CDL EB . -36.76 -17.35 22.87
C12 CDL EB . -35.99 -17.75 21.65
C13 CDL EB . -36.21 -16.79 20.49
C14 CDL EB . -35.52 -17.20 19.21
C15 CDL EB . -36.03 -16.51 17.97
C16 CDL EB . -36.32 -15.05 18.16
C17 CDL EB . -36.85 -14.35 16.92
C18 CDL EB . -36.25 -12.98 16.68
C19 CDL EB . -36.95 -11.87 17.40
C20 CDL EB . -36.29 -10.52 17.28
C21 CDL EB . -35.64 -10.01 18.53
C22 CDL EB . -35.45 -8.52 18.59
CA6 CDL EB . -39.01 -17.02 26.40
OA8 CDL EB . -38.67 -15.79 25.73
CA7 CDL EB . -39.61 -15.29 24.93
OA9 CDL EB . -40.64 -15.84 24.69
C31 CDL EB . -39.18 -13.96 24.36
C32 CDL EB . -38.54 -14.06 23.01
C33 CDL EB . -38.68 -12.79 22.20
C34 CDL EB . -37.65 -11.73 22.54
C35 CDL EB . -38.23 -10.47 23.14
CB2 CDL EB . -36.39 -22.94 21.83
OB2 CDL EB . -37.67 -23.42 21.36
PB2 CDL EB . -37.76 -24.25 19.98
OB3 CDL EB . -36.65 -25.26 19.98
OB4 CDL EB . -39.18 -24.70 19.79
OB5 CDL EB . -37.43 -23.13 18.88
CB3 CDL EB . -36.33 -23.34 17.96
CB4 CDL EB . -36.77 -23.07 16.55
OB6 CDL EB . -36.03 -23.93 15.64
CB5 CDL EB . -36.35 -23.88 14.33
OB7 CDL EB . -37.48 -23.82 13.94
C51 CDL EB . -35.14 -23.90 13.44
C52 CDL EB . -35.33 -24.70 12.19
C53 CDL EB . -34.02 -25.11 11.55
C54 CDL EB . -33.97 -24.89 10.06
C55 CDL EB . -33.22 -25.96 9.30
C56 CDL EB . -31.72 -25.79 9.29
C57 CDL EB . -31.10 -25.84 7.91
C58 CDL EB . -30.42 -24.56 7.49
C59 CDL EB . -29.62 -24.67 6.22
C60 CDL EB . -29.49 -23.37 5.46
C61 CDL EB . -28.74 -22.30 6.21
C62 CDL EB . -29.54 -21.03 6.42
CB6 CDL EB . -36.59 -21.63 16.12
OB8 CDL EB . -37.76 -21.19 15.42
CB7 CDL EB . -38.52 -20.29 16.04
OB9 CDL EB . -38.41 -20.04 17.21
C71 CDL EB . -39.51 -19.66 15.09
C72 CDL EB . -40.09 -18.39 15.62
C73 CDL EB . -41.18 -17.84 14.72
C74 CDL EB . -41.63 -16.44 15.07
C75 CDL EB . -40.65 -15.36 14.68
C76 CDL EB . -41.00 -14.66 13.38
C77 CDL EB . -40.00 -13.61 12.96
C78 CDL EB . -40.29 -12.97 11.63
C79 CDL EB . -40.49 -11.47 11.70
C80 CDL EB . -40.28 -10.76 10.39
C81 CDL EB . -41.54 -10.27 9.72
C82 CDL EB . -41.68 -10.67 8.27
C83 CDL EB . -41.78 -12.16 8.05
C1 CDL FB . -67.41 -14.92 21.75
O1 CDL FB . -67.58 -15.06 23.16
CA2 CDL FB . -68.45 -13.94 21.22
OA2 CDL FB . -68.40 -12.72 22.02
PA1 CDL FB . -69.78 -11.98 22.38
OA3 CDL FB . -70.91 -12.97 22.19
OA4 CDL FB . -69.60 -11.29 23.71
OA5 CDL FB . -69.91 -10.86 21.24
CA3 CDL FB . -68.88 -9.83 21.14
CA4 CDL FB . -69.49 -8.57 20.55
OA6 CDL FB . -68.87 -7.42 21.18
CA5 CDL FB . -67.99 -6.70 20.45
OA7 CDL FB . -67.17 -7.23 19.74
C11 CDL FB . -68.15 -5.22 20.62
C12 CDL FB . -68.45 -4.51 19.33
C13 CDL FB . -68.25 -3.00 19.44
C14 CDL FB . -68.31 -2.27 18.12
C15 CDL FB . -68.03 -0.79 18.23
C16 CDL FB . -69.23 0.09 18.03
C17 CDL FB . -68.91 1.55 17.90
C18 CDL FB . -69.41 2.19 16.63
C19 CDL FB . -70.24 3.44 16.85
C20 CDL FB . -70.96 3.93 15.62
C21 CDL FB . -70.38 5.19 15.04
CA6 CDL FB . -70.99 -8.48 20.73
OA8 CDL FB . -71.30 -8.65 22.13
CA7 CDL FB . -71.21 -7.57 22.89
OA9 CDL FB . -70.34 -7.39 23.70
C31 CDL FB . -72.33 -6.60 22.59
C32 CDL FB . -71.88 -5.17 22.57
C33 CDL FB . -72.79 -4.30 21.72
C34 CDL FB . -72.05 -3.38 20.78
C35 CDL FB . -72.28 -1.91 21.03
C36 CDL FB . -72.26 -1.05 19.80
C37 CDL FB . -73.17 0.15 19.86
C38 CDL FB . -73.62 0.66 18.51
C39 CDL FB . -75.09 0.47 18.24
C40 CDL FB . -75.72 1.59 17.43
C41 CDL FB . -75.03 1.87 16.12
C42 CDL FB . -75.19 3.29 15.64
CB2 CDL FB . -67.48 -16.28 21.09
OB2 CDL FB . -67.03 -16.18 19.72
PB2 CDL FB . -68.13 -16.15 18.54
OB3 CDL FB . -69.46 -15.80 19.14
OB4 CDL FB . -67.98 -17.41 17.73
OB5 CDL FB . -67.65 -14.92 17.63
CB3 CDL FB . -68.26 -13.61 17.82
CB4 CDL FB . -67.36 -12.54 17.26
OB6 CDL FB . -67.02 -11.61 18.31
CB5 CDL FB . -65.75 -11.58 18.74
OB7 CDL FB . -65.08 -12.57 18.85
C51 CDL FB . -65.26 -10.19 19.04
C52 CDL FB . -64.09 -9.77 18.22
C53 CDL FB . -64.45 -8.74 17.17
C54 CDL FB . -63.31 -7.86 16.74
C55 CDL FB . -63.63 -6.92 15.61
C56 CDL FB . -63.84 -5.48 16.02
C57 CDL FB . -63.73 -4.48 14.89
C58 CDL FB . -64.03 -3.06 15.30
C59 CDL FB . -63.71 -2.04 14.23
C60 CDL FB . -62.85 -0.89 14.72
C61 CDL FB . -62.93 0.34 13.85
C62 CDL FB . -61.58 0.94 13.51
C63 CDL FB . -61.27 0.99 12.04
CB6 CDL FB . -67.97 -11.77 16.10
OB8 CDL FB . -68.87 -10.77 16.64
CB7 CDL FB . -68.86 -9.59 16.03
OB9 CDL FB . -68.54 -9.45 14.87
C71 CDL FB . -69.29 -8.49 16.95
C72 CDL FB . -68.48 -7.24 16.79
C73 CDL FB . -68.96 -6.37 15.65
C74 CDL FB . -67.95 -5.35 15.16
C75 CDL FB . -68.51 -4.33 14.21
C76 CDL FB . -67.91 -2.95 14.36
C77 CDL FB . -68.69 -1.86 13.68
C78 CDL FB . -67.94 -0.55 13.55
C79 CDL FB . -67.72 -0.11 12.12
CHA HEM GB . -51.08 -11.35 18.23
CHB HEM GB . -49.49 -9.34 14.11
CHC HEM GB . -50.24 -4.94 16.01
CHD HEM GB . -51.01 -6.99 20.32
C1A HEM GB . -50.67 -11.20 16.92
C2A HEM GB . -50.55 -12.24 15.92
C3A HEM GB . -50.12 -11.68 14.79
C4A HEM GB . -49.93 -10.27 15.02
CMA HEM GB . -49.86 -12.42 13.45
CAA HEM GB . -50.89 -13.74 16.09
CBA HEM GB . -52.34 -13.95 16.50
CGA HEM GB . -53.27 -13.11 15.66
O1A HEM GB . -52.99 -12.93 14.44
O2A HEM GB . -54.30 -12.65 16.19
C1B HEM GB . -49.45 -7.98 14.31
C2B HEM GB . -48.75 -7.01 13.48
C3B HEM GB . -48.95 -5.80 13.98
C4B HEM GB . -49.78 -5.94 15.16
CMB HEM GB . -47.92 -7.35 12.22
CAB HEM GB . -48.35 -4.51 13.37
CBB HEM GB . -48.55 -3.30 13.88
C1C HEM GB . -50.62 -5.12 17.33
C2C HEM GB . -51.20 -4.11 18.20
C3C HEM GB . -51.42 -4.69 19.40
C4C HEM GB . -50.96 -6.06 19.31
CMC HEM GB . -51.50 -2.67 17.75
CAC HEM GB . -52.02 -4.09 20.70
CBC HEM GB . -52.37 -2.82 20.87
C1D HEM GB . -51.10 -8.35 20.15
C2D HEM GB . -51.34 -9.34 21.18
C3D HEM GB . -51.36 -10.54 20.59
C4D HEM GB . -51.14 -10.36 19.18
CMD HEM GB . -51.54 -9.05 22.68
CAD HEM GB . -51.59 -11.89 21.31
CBD HEM GB . -53.08 -12.09 21.53
CGD HEM GB . -53.31 -13.41 22.23
O1D HEM GB . -52.32 -14.15 22.44
O2D HEM GB . -54.48 -13.72 22.56
NA HEM GB . -50.28 -10.01 16.34
NB HEM GB . -50.07 -7.29 15.32
NC HEM GB . -50.48 -6.29 18.04
ND HEM GB . -50.98 -9.01 18.94
FE HEM GB . -50.47 -8.14 17.14
C5 MQ9 HB . -48.38 -16.76 14.94
C5M MQ9 HB . -46.96 -16.85 15.42
C4 MQ9 HB . -49.44 -17.31 15.82
O4 MQ9 HB . -49.18 -17.62 16.98
C3 MQ9 HB . -50.81 -17.47 15.29
C2 MQ9 HB . -51.13 -16.99 14.02
C1 MQ9 HB . -50.09 -16.32 13.20
O1 MQ9 HB . -50.36 -15.88 12.09
C6 MQ9 HB . -48.71 -16.18 13.74
C3A MQ9 HB . -51.79 -18.10 16.06
C3B MQ9 HB . -53.07 -18.23 15.55
C3C MQ9 HB . -53.39 -17.77 14.29
C3D MQ9 HB . -52.41 -17.14 13.52
C7 MQ9 HB . -47.69 -15.41 12.95
C8 MQ9 HB . -46.80 -16.28 12.09
C9 MQ9 HB . -46.69 -16.25 10.78
C10 MQ9 HB . -45.48 -15.73 10.07
C11 MQ9 HB . -47.79 -16.76 9.89
C12 MQ9 HB . -47.79 -18.27 9.73
C13 MQ9 HB . -46.56 -18.79 9.06
C14 MQ9 HB . -46.18 -20.05 8.88
C15 MQ9 HB . -45.57 -20.89 9.96
C16 MQ9 HB . -46.35 -20.74 7.56
C17 MQ9 HB . -46.51 -19.78 6.40
C18 MQ9 HB . -46.49 -20.47 5.07
C19 MQ9 HB . -46.42 -19.93 3.85
C20 MQ9 HB . -46.66 -18.47 3.58
C21 MQ9 HB . -46.07 -20.76 2.65
C22 MQ9 HB . -47.27 -21.13 1.80
C23 MQ9 HB . -47.04 -22.36 0.97
C24 MQ9 HB . -47.75 -23.48 0.96
C25 MQ9 HB . -47.63 -24.54 2.02
C26 MQ9 HB . -48.74 -23.77 -0.12
C27 MQ9 HB . -50.07 -23.08 0.06
C28 MQ9 HB . -50.25 -21.90 -0.86
C29 MQ9 HB . -49.71 -21.71 -2.05
C30 MQ9 HB . -49.17 -22.82 -2.91
C31 MQ9 HB . -49.61 -20.33 -2.65
C32 MQ9 HB . -48.63 -19.43 -1.91
C33 MQ9 HB . -48.21 -18.25 -2.72
C34 MQ9 HB . -47.82 -17.06 -2.29
C35 MQ9 HB . -47.88 -16.62 -0.86
C36 MQ9 HB . -47.27 -16.03 -3.24
C37 MQ9 HB . -47.20 -14.64 -2.64
C38 MQ9 HB . -46.38 -13.69 -3.47
C39 MQ9 HB . -46.15 -12.40 -3.27
C40 MQ9 HB . -46.38 -11.72 -1.95
C41 MQ9 HB . -45.65 -11.52 -4.37
C42 MQ9 HB . -46.20 -10.10 -4.32
C43 MQ9 HB . -45.59 -9.19 -5.33
C44 MQ9 HB . -45.41 -7.88 -5.25
C45 MQ9 HB . -45.71 -7.07 -4.04
C46 MQ9 HB . -44.88 -7.10 -6.42
C47 MQ9 HB . -45.77 -5.95 -6.85
C48 MQ9 HB . -46.40 -6.16 -8.19
C49 MQ9 HB . -45.81 -6.26 -9.37
C50 MQ9 HB . -44.42 -5.75 -9.61
C51 MQ9 HB . -46.46 -6.88 -10.56
C5 MQ9 IB . -43.90 15.87 16.76
C5M MQ9 IB . -42.46 15.80 17.19
C4 MQ9 IB . -44.21 15.60 15.34
O4 MQ9 IB . -43.34 15.16 14.58
C3 MQ9 IB . -45.57 15.87 14.82
C2 MQ9 IB . -46.56 16.35 15.69
C1 MQ9 IB . -46.25 16.57 17.12
O1 MQ9 IB . -47.06 17.09 17.87
C6 MQ9 IB . -44.92 16.17 17.64
C3A MQ9 IB . -45.88 15.67 13.48
C3B MQ9 IB . -47.15 15.93 13.02
C3C MQ9 IB . -48.13 16.40 13.87
C3D MQ9 IB . -47.84 16.60 15.20
C7 MQ9 IB . -44.70 16.09 19.13
C8 MQ9 IB . -44.82 14.69 19.68
C9 MQ9 IB . -45.84 14.18 20.34
C10 MQ9 IB . -46.56 14.90 21.44
C11 MQ9 IB . -46.37 12.81 20.03
C12 MQ9 IB . -45.51 11.68 20.56
C13 MQ9 IB . -46.03 11.12 21.85
C14 MQ9 IB . -45.61 10.03 22.50
C15 MQ9 IB . -44.74 8.99 21.89
C16 MQ9 IB . -45.99 9.79 23.93
C17 MQ9 IB . -46.11 8.32 24.27
C18 MQ9 IB . -45.43 7.97 25.56
C19 MQ9 IB . -45.15 6.77 26.04
C20 MQ9 IB . -45.73 6.22 27.31
C21 MQ9 IB . -44.21 5.84 25.33
C22 MQ9 IB . -43.08 5.33 26.19
C23 MQ9 IB . -42.67 3.93 25.85
C24 MQ9 IB . -42.55 2.89 26.68
C25 MQ9 IB . -41.67 1.71 26.41
C26 MQ9 IB . -43.34 2.83 27.96
C27 MQ9 IB . -43.07 1.56 28.76
C28 MQ9 IB . -44.31 1.00 29.39
C29 MQ9 IB . -44.79 1.23 30.61
C30 MQ9 IB . -45.76 2.33 30.94
C31 MQ9 IB . -44.38 0.37 31.78
C32 MQ9 IB . -45.13 0.69 33.06
C33 MQ9 IB . -45.23 -0.49 33.97
C34 MQ9 IB . -45.86 -0.56 35.15
C35 MQ9 IB . -46.75 0.51 35.68
C36 MQ9 IB . -45.70 -1.76 36.04
C37 MQ9 IB . -46.99 -2.22 36.67
C38 MQ9 IB . -46.89 -3.58 37.30
C39 MQ9 IB . -46.44 -4.70 36.77
C40 MQ9 IB . -47.30 -5.63 35.97
C41 MQ9 IB . -45.02 -5.15 36.92
C42 MQ9 IB . -44.48 -4.97 38.33
C43 MQ9 IB . -44.72 -6.17 39.20
C44 MQ9 IB . -45.61 -6.31 40.17
C45 MQ9 IB . -46.32 -7.59 40.48
C46 MQ9 IB . -46.00 -5.15 41.05
C47 MQ9 IB . -46.04 -5.50 42.52
C48 MQ9 IB . -47.38 -5.99 42.97
C49 MQ9 IB . -47.97 -5.81 44.14
C50 MQ9 IB . -47.69 -4.63 45.02
C51 MQ9 IB . -48.97 -6.78 44.69
FE1 FES JB . -55.88 26.01 10.23
FE2 FES JB . -55.75 28.39 8.23
S1 FES JB . -57.41 27.40 9.36
S2 FES JB . -54.40 26.69 8.70
P 9YF KB . -25.90 27.78 15.89
O1 9YF KB . -24.42 27.84 16.12
O2 9YF KB . -26.10 26.49 14.74
O3 9YF KB . -25.33 26.10 12.08
O4 9YF KB . -24.64 23.49 11.27
C 9YF KB . -25.50 26.58 19.65
O 9YF KB . -26.46 27.29 17.49
C1 9YF KB . -25.81 27.73 18.61
C10 9YF KB . -25.71 22.49 20.25
C11 9YF KB . -25.27 21.22 21.03
C12 9YF KB . -26.42 20.34 21.55
C13 9YF KB . -26.19 19.72 22.94
C14 9YF KB . -27.06 20.24 24.09
C15 9YF KB . -27.73 19.16 24.95
C16 9YF KB . -27.28 19.19 26.43
C17 9YF KB . -25.86 19.76 26.63
C18 9YF KB . -25.57 20.17 28.09
C19 9YF KB . -24.82 21.50 28.19
C2 9YF KB . -25.08 25.64 14.39
C20 9YF KB . -25.64 22.71 27.71
C21 9YF KB . -25.02 23.38 26.48
C22 9YF KB . -24.63 24.84 26.73
C23 9YF KB . -23.83 24.98 28.02
C24 9YF KB . -26.87 25.96 20.14
C25 9YF KB . -27.45 26.73 22.32
C26 9YF KB . -28.61 26.10 23.09
C27 9YF KB . -28.19 24.82 23.87
C28 9YF KB . -28.83 23.48 23.40
C29 9YF KB . -30.40 23.50 23.32
C3 9YF KB . -25.37 25.03 12.97
C30 9YF KB . -31.07 22.36 22.49
C31 9YF KB . -32.58 22.60 22.12
C32 9YF KB . -33.63 21.72 22.86
C33 9YF KB . -34.12 20.41 22.13
C34 9YF KB . -35.66 20.39 22.18
C35 9YF KB . -33.70 20.29 20.62
C36 9YF KB . -34.41 19.18 19.79
C37 9YF KB . -33.52 17.96 19.43
C38 9YF KB . -34.31 16.66 19.13
C39 9YF KB . -34.76 15.84 20.37
C4 9YF KB . -24.27 24.01 12.50
C40 9YF KB . -36.16 16.21 20.91
C41 9YF KB . -37.23 15.12 20.68
C42 9YF KB . -37.87 14.64 22.00
C43 9YF KB . -38.86 13.50 21.79
C5 9YF KB . -24.17 22.88 13.53
C6 9YF KB . -23.88 23.44 14.94
C7 9YF KB . -25.02 24.42 15.37
C8 9YF KB . -24.23 24.54 19.81
C9 9YF KB . -24.58 23.11 19.41
O10 9YF KB . -23.48 24.85 20.72
O11 9YF KB . -27.60 26.89 20.96
O12 9YF KB . -26.42 27.10 22.85
O5 9YF KB . -25.39 22.19 13.54
O6 9YF KB . -22.71 24.18 14.97
O7 9YF KB . -24.67 24.91 16.61
O8 9YF KB . -26.88 28.80 15.48
O9 9YF KB . -24.84 25.49 19.04
O IZL LB . -38.48 31.74 27.66
C10 IZL LB . -37.50 32.00 28.24
C11 IZL LB . -36.33 30.47 26.76
C12 IZL LB . -36.10 31.08 25.33
C13 IZL LB . -34.59 32.43 24.11
C14 IZL LB . -35.30 34.75 24.43
C15 IZL LB . -36.66 35.43 24.79
C16 IZL LB . -37.53 35.54 23.52
C17 IZL LB . -36.87 36.53 22.53
C18 IZL LB . -35.51 35.94 22.06
C19 IZL LB . -34.82 36.79 19.90
C20 IZL LB . -35.36 39.07 19.97
C21 IZL LB . -36.53 40.06 19.67
C22 IZL LB . -38.47 40.66 21.02
C23 IZL LB . -40.21 40.51 19.38
C24 IZL LB . -41.01 41.18 18.18
C25 IZL LB . -39.58 42.84 17.12
C26 IZL LB . -38.35 41.78 15.45
C27 IZL LB . -37.13 41.62 16.44
C28 IZL LB . -38.19 43.03 14.59
C29 IZL LB . -38.42 44.36 15.43
C30 IZL LB . -39.61 44.27 16.44
C31 IZL LB . -40.17 46.53 17.33
C32 IZL LB . -40.90 48.24 18.89
C33 IZL LB . -42.41 48.22 18.40
C34 IZL LB . -40.08 49.38 18.22
C35 IZL LB . -39.85 49.10 16.68
C36 IZL LB . -39.48 47.61 16.35
C37 IZL LB . -41.20 39.94 20.39
C38 IZL LB . -40.41 39.08 21.41
C39 IZL LB . -39.31 39.95 22.12
C40 IZL LB . -34.03 39.57 19.36
C41 IZL LB . -32.93 38.50 19.64
C42 IZL LB . -33.43 37.05 19.26
C43 IZL LB . -34.56 35.60 23.27
C44 IZL LB . -31.20 34.27 25.61
C45 IZL LB . -31.14 32.83 26.41
C46 IZL LB . -32.47 32.60 27.19
C47 IZL LB . -32.99 32.34 29.50
C48 IZL LB . -32.68 30.81 29.46
C49 IZL LB . -32.98 30.10 30.83
C50 IZL LB . -34.50 29.83 31.16
C51 IZL LB . -35.27 28.89 30.16
C52 IZL LB . -35.04 27.36 30.33
C53 IZL LB . -33.59 26.84 30.05
C54 IZL LB . -32.73 26.48 31.30
C55 IZL LB . -33.16 25.20 32.10
C56 IZL LB . -32.18 23.98 32.02
C57 IZL LB . -31.40 23.95 30.69
C58 IZL LB . -32.89 22.61 32.23
C59 IZL LB . -31.94 21.49 32.67
C60 IZL LB . -31.03 30.42 25.88
C61 IZL LB . -32.17 29.43 25.44
C62 IZL LB . -31.70 27.92 25.33
C63 IZL LB . -32.78 26.84 24.92
C64 IZL LB . -33.82 26.41 26.01
C65 IZL LB . -33.46 25.16 26.87
C66 IZL LB . -34.63 24.53 27.70
C7 IZL LB . -39.02 31.31 30.78
C71 IZL LB . -34.66 31.48 22.84
C72 IZL LB . -36.01 30.70 22.86
C73 IZL LB . -36.16 30.01 24.24
C8 IZL LB . -37.81 32.30 30.81
C9 IZL LB . -37.46 32.98 29.43
O1 IZL LB . -36.31 31.40 27.79
O10 IZL LB . -39.28 41.31 20.06
O11 IZL LB . -40.71 42.53 17.92
O12 IZL LB . -39.55 41.87 16.14
O13 IZL LB . -36.03 42.25 15.85
O14 IZL LB . -39.17 42.97 13.62
O15 IZL LB . -37.28 44.69 16.17
O16 IZL LB . -39.45 45.30 17.42
O17 IZL LB . -40.25 47.00 18.65
O18 IZL LB . -43.18 48.84 19.40
O19 IZL LB . -38.86 49.43 18.87
O2 IZL LB . -34.84 31.71 25.27
O20 IZL LB . -40.97 49.47 15.94
O21 IZL LB . -39.88 47.30 15.05
O22 IZL LB . -42.08 39.18 19.65
O23 IZL LB . -41.27 38.55 22.34
O24 IZL LB . -39.87 40.90 22.93
O25 IZL LB . -33.81 40.77 20.00
O26 IZL LB . -31.84 38.86 18.90
O27 IZL LB . -33.62 36.97 17.90
O28 IZL LB . -33.50 34.93 22.79
O29 IZL LB . -31.22 34.90 21.81
O3 IZL LB . -35.56 33.43 23.99
O30 IZL LB . -31.81 36.66 23.64
O31 IZL LB . -31.17 34.18 24.26
O32 IZL LB . -32.51 33.16 28.50
O33 IZL LB . -33.61 32.82 30.38
O34 IZL LB . -31.03 31.75 25.41
O35 IZL LB . -30.17 30.09 26.61
O36 IZL LB . -33.59 30.60 22.90
O37 IZL LB . -35.99 29.75 21.88
O38 IZL LB . -37.37 29.42 24.35
O4 IZL LB . -37.35 34.63 25.68
O5 IZL LB . -38.79 36.02 23.82
O6 IZL LB . -37.66 36.67 21.43
O7 IZL LB . -34.81 36.88 21.29
O8 IZL LB . -35.66 37.79 19.46
O9 IZL LB . -37.70 39.71 20.34
P IZL LB . -31.85 35.31 23.10
C1 IZL LB . -38.70 29.80 30.51
C2 IZL LB . -39.05 28.80 31.65
C3 IZL LB . -40.57 28.68 32.00
C4 IZL LB . -41.38 27.59 31.22
C5 IZL LB . -41.15 26.12 31.68
C6 IZL LB . -39.90 25.41 31.10
C67 IZL LB . -38.76 25.20 32.12
C68 IZL LB . -34.40 23.11 28.30
C69 IZL LB . -34.25 21.96 27.25
C70 IZL LB . -34.90 20.61 27.63
C74 IZL LB . -36.39 20.72 27.99
P 7PH MB . -33.77 -17.04 44.60
O12 7PH MB . -35.08 -16.84 45.31
O13 7PH MB . -33.38 -18.49 44.63
O14 7PH MB . -32.69 -16.21 45.25
O11 7PH MB . -33.92 -16.55 43.02
C1 7PH MB . -34.33 -15.25 42.75
C2 7PH MB . -34.31 -15.02 41.25
C3 7PH MB . -35.73 -15.03 40.70
O31 7PH MB . -36.05 -16.28 40.16
O32 7PH MB . -34.40 -17.15 38.91
C31 7PH MB . -35.42 -16.55 38.94
C32 7PH MB . -36.05 -16.07 37.63
C33 7PH MB . -35.20 -16.55 36.45
C34 7PH MB . -35.32 -15.57 35.29
C35 7PH MB . -33.92 -15.04 34.94
C36 7PH MB . -33.73 -15.06 33.42
C37 7PH MB . -34.12 -13.71 32.83
C38 7PH MB . -32.97 -13.15 32.02
C39 7PH MB . -31.85 -12.70 32.96
C3A 7PH MB . -30.65 -12.23 32.14
C3B 7PH MB . -29.61 -11.61 33.08
C3C 7PH MB . -28.37 -11.21 32.28
O21 7PH MB . -33.72 -13.80 40.94
O22 7PH MB . -31.58 -14.28 41.47
C21 7PH MB . -32.35 -13.87 40.66
C22 7PH MB . -31.83 -13.41 39.30
C23 7PH MB . -32.80 -12.37 38.73
C24 7PH MB . -32.13 -11.61 37.59
C25 7PH MB . -33.14 -10.64 36.99
C26 7PH MB . -32.42 -9.41 36.43
C27 7PH MB . -33.34 -8.20 36.53
C28 7PH MB . -32.95 -7.16 35.49
C29 7PH MB . -33.25 -7.70 34.10
C2A 7PH MB . -33.61 -6.55 33.16
C2B 7PH MB . -34.74 -5.72 33.76
C2C 7PH MB . -35.18 -4.67 32.75
C2D 7PH MB . -36.23 -3.76 33.38
C2E 7PH MB . -36.82 -2.84 32.32
P 7PH NB . -29.63 -13.29 46.03
O12 7PH NB . -30.83 -13.99 45.44
O13 7PH NB . -28.71 -14.31 46.68
O14 7PH NB . -30.09 -12.29 47.06
O11 7PH NB . -28.80 -12.51 44.83
C1 7PH NB . -29.49 -11.55 44.08
C2 7PH NB . -28.53 -10.91 43.07
C3 7PH NB . -28.80 -11.48 41.69
O31 7PH NB . -27.67 -11.30 40.88
O32 7PH NB . -29.05 -10.90 39.17
C31 7PH NB . -27.95 -11.11 39.53
C32 7PH NB . -26.81 -11.20 38.51
C33 7PH NB . -27.21 -10.46 37.23
C34 7PH NB . -26.08 -10.54 36.21
C35 7PH NB . -24.79 -10.05 36.85
C36 7PH NB . -23.62 -10.26 35.88
C37 7PH NB . -22.32 -9.87 36.57
C38 7PH NB . -21.18 -9.87 35.56
C39 7PH NB . -19.95 -9.19 36.19
C3A 7PH NB . -19.14 -8.51 35.09
C3B 7PH NB . -18.21 -7.48 35.74
C3C 7PH NB . -17.52 -6.66 34.64
O21 7PH NB . -28.74 -9.53 43.05
O22 7PH NB . -27.19 -9.33 44.65
C21 7PH NB . -27.91 -8.79 43.87
C22 7PH NB . -27.92 -7.26 43.78
C23 7PH NB . -26.87 -6.81 42.75
C24 7PH NB . -27.57 -6.34 41.48
C25 7PH NB . -27.01 -4.98 41.08
C26 7PH NB . -25.90 -5.14 40.04
C27 7PH NB . -24.91 -3.98 40.20
C28 7PH NB . -23.53 -4.40 39.70
C29 7PH NB . -22.46 -3.81 40.61
C2A 7PH NB . -22.41 -2.30 40.44
C2B 7PH NB . -21.93 -1.95 39.03
C2C 7PH NB . -21.93 -0.43 38.85
C2D 7PH NB . -21.49 -0.09 37.44
C2E 7PH NB . -22.50 -0.64 36.43
C1 PLM OB . -59.85 31.09 26.59
O2 PLM OB . -58.99 31.95 26.26
C2 PLM OB . -59.39 29.96 27.57
C3 PLM OB . -60.32 28.75 27.69
C4 PLM OB . -59.77 27.62 28.57
C5 PLM OB . -60.64 26.35 28.55
C6 PLM OB . -60.01 25.14 29.25
C7 PLM OB . -60.74 23.82 28.99
C8 PLM OB . -59.94 22.57 29.41
C9 PLM OB . -60.52 21.26 28.86
CA PLM OB . -59.67 20.03 29.16
C21 9XX PB . -57.37 33.91 35.02
C23 9XX PB . -57.29 31.43 34.94
C6 9XX PB . -50.75 25.86 30.64
C7 9XX PB . -51.47 26.58 31.79
C8 9XX PB . -50.55 27.67 32.35
C11 9XX PB . -51.63 30.99 33.86
C13 9XX PB . -51.93 33.47 33.68
C14 9XX PB . -51.21 34.81 33.81
C15 9XX PB . -52.06 35.93 33.23
C16 9XX PB . -53.70 36.78 31.78
C17 9XX PB . -55.21 36.48 31.75
O 9XX PB . -53.03 35.65 32.26
C10 9XX PB . -50.63 29.91 33.46
C12 9XX PB . -50.93 32.34 33.92
C18 9XX PB . -56.86 37.26 33.22
C19 9XX PB . -56.57 36.12 34.19
C20 9XX PB . -57.77 35.16 34.24
C22 9XX PB . -57.93 32.68 34.33
C24 9XX PB . -57.66 30.20 34.13
C25 9XX PB . -56.94 28.98 34.70
C26 9XX PB . -57.16 27.78 33.78
C27 9XX PB . -56.54 26.53 34.42
C28 9XX PB . -56.58 25.38 33.43
C29 9XX PB . -55.16 24.97 33.05
C30 9XX PB . -54.49 24.29 34.23
C36 9XX PB . -57.35 26.16 35.66
C37 9XX PB . -55.64 36.17 30.31
C5 9XX PB . -51.75 25.01 29.88
C9 9XX PB . -51.36 28.58 33.28
O1 9XX PB . -55.92 37.58 32.22
O2 9XX PB . -57.86 37.87 33.30
O6 9XX PB . -51.91 37.04 33.60
#